data_9IIU
#
_entry.id   9IIU
#
_cell.length_a   1.00
_cell.length_b   1.00
_cell.length_c   1.00
_cell.angle_alpha   90.00
_cell.angle_beta   90.00
_cell.angle_gamma   90.00
#
_symmetry.space_group_name_H-M   'P 1'
#
loop_
_entity.id
_entity.type
_entity.pdbx_description
1 polymer 'Photosystem II protein D1'
2 polymer 'Photosystem II CP47 reaction center protein'
3 polymer 'Photosystem II CP43 reaction center protein'
4 polymer 'Photosystem II D2 protein'
5 polymer 'Cytochrome b559 subunit alpha'
6 polymer 'Cytochrome b559 subunit beta'
7 polymer 'PDZ domain-containing protein'
8 polymer 'Photosystem II reaction center protein H'
9 polymer 'Photosystem II reaction center protein I'
10 polymer 'Photosystem II reaction center protein J'
11 polymer 'Photosystem II reaction center protein K'
12 polymer 'Photosystem II reaction center protein L'
13 polymer 'Photosystem II reaction center protein M'
14 polymer 'Photosystem II reaction center protein T'
15 polymer 'Photosystem II reaction center protein Psb30'
16 polymer 'Chloroplast photosystem II subunit X'
17 polymer 'Photosystem II reaction center protein Z'
18 non-polymer 'FE (II) ION'
19 non-polymer 'CHLOROPHYLL A'
20 non-polymer 'PHEOPHYTIN A'
21 non-polymer BETA-CAROTENE
22 non-polymer 1,2-DI-O-ACYL-3-O-[6-DEOXY-6-SULFO-ALPHA-D-GLUCOPYRANOSYL]-SN-GLYCEROL
23 non-polymer 1,2-DISTEAROYL-MONOGALACTOSYL-DIGLYCERIDE
24 non-polymer 1,2-DIPALMITOYL-PHOSPHATIDYL-GLYCEROLE
25 non-polymer 'DIGALACTOSYL DIACYL GLYCEROL (DGDG)'
26 non-polymer DODECYL-ALPHA-D-MALTOSIDE
27 non-polymer 'BICARBONATE ION'
28 non-polymer 2,3-DIMETHYL-5-(3,7,11,15,19,23,27,31,35-NONAMETHYL-2,6,10,14,18,22,26,30,34-HEXATRIACONTANONAENYL-2,5-CYCLOHEXADIENE-1,4-DIONE-2,3-DIMETHYL-5-SOLANESYL-1,4-BENZOQUINONE
29 non-polymer 'PROTOPORPHYRIN IX CONTAINING FE'
30 water water
#
loop_
_entity_poly.entity_id
_entity_poly.type
_entity_poly.pdbx_seq_one_letter_code
_entity_poly.pdbx_strand_id
1 'polypeptide(L)'
;NSSLWARFCEWITSTENRLYIGWFGVIMIPCLLTATSVFIIAFIAAPPVDIDGIREPVSGSLLYGNNIITGAVIPTSNAI
GLHFYPIWEAASLDEWLYNGGPYQLIVCHFLLGVYCYMGREWELSFRLGMRPWIAVAYSAPVAAASAVFLVYPIGQGSFS
DGMPLGISGTFNFMIVFQAEHNILMHPFHMLGVAGVFGGSLFSAMHGSLVTSSLIRETTENESANEGYRFGQEEETYNIV
AAHGYFGRLIFQYASFNNSRSLHFFLAAWPVIGIWFTALGLSTMAFNLNGFNFNQSVVDSQGRVLNTWADIINRANLGME
VMHERN
;
A
2 'polypeptide(L)'
;GLPWYRVHTVVINDPGRLISVHLMHTALVSGWAGSMALFEISVFDPSDPVLNPMWRQGMFVLPFMTRLGITQSWGGWTIS
GETATNPGIWSYEGVAAAHIILSGALFLASVWHWTYWDLELFRDPRTGKTALDLPKIFGIHLFLSGLLCFGFGAFHVTGV
FGPGIWVSDPYGLTGRVQPVAPSWGADGFDPYNPGGIASHHIAAGILGVLAGLFHLCVRPSIRLYFGLSMGSIETVLSSS
IAAVFWAAFVVAGTMWYGSAATPIELFGPTRYQWDQGFFQQEIQKRVQASLAEGASLSDAWSRIPEKLAFYDYIGNNPAK
GGLFRTGAMNSGDGIAVGWLGHASFKDQEGRELFVRRMPTFFETFPVLLLDKDGIVRADVPFRKAESKYSIEQVGVSVTF
YGGELDGLTFTDPATVKKYARKAQLGEIFEFDRSTLQSDGVFRSSPRGWFTFGHVCFALLFFFGHIWHGARTIFRDVFAG
;
B
3 'polypeptide(L)'
;GGRDQETTGFAWWSGNARLINLSGKLLGAHVAHAGLIVFWAGAMNLFEVSHFVPEKPMYEQGLILLPHIATLGYGVGPGG
EIIDTFPYFVSGVLHLISSAVLGFGGVYHSLIGPETLEESYPFFGYVWKDKNKMTNILGYHLIMLGLGAWLLVWKAMYFG
GVYDTWAPGGGDVRVITNPTTNAAVIFGYLVKSPFGGDGWICSVDNMEDIIGGHIWIGTLEILGGIWHIYTTPWPWARRA
FVWSGEAYLSYSLGAIGVMGFIACCMSWFNNTAYPSEFYGPTGPEASQSQAFTFLVRDQRLGANVASAQGPTGLGKYLMR
SPTGEIIFGGETMRFWDFRGPWLEPLRGPNGLDLNKLKNDIQPWQERRAAEYMTHAPLGSLNSVGGVATEINAVNFVSPR
SWLACSHFCLGFFFFIGHLWHAGRARAAAAGFEKGIDRFDEPVLSMRPLD
;
C
4 'polypeptide(L)'
;AIGTYQEKRTWFDDADDWLRQDRFVFVGWSGLLLFPCAYFALGGWLTGTTFVTSWYTHGLATSYLEGCNFLTAAVSTPAN
SMAHSLLFVWGPEAQGDFTRWCQLGGLWAFVALHGAFGLIGFMLRQFEIARSVNLRPYNAIAFSAPIAVFVSVFLIYPLG
QSGWFFAPSFGVAAIFRFILFFQGFHNWTLNPFHMMGVAGVLGAALLCAIHGATVENTLFEDGDGANTFRAFNPTQAEET
YSMVTANRFWSQIFGVAFSNKRWLHFFMLLVPVTGLWMSAIGVVGLALNLRAYDFVSQEIRAAEDPEFETFYTKNILLNE
GIRAWMAAQDQPHERLVFPEEVLPRGNAL
;
D
5 'polypeptide(L)' RPFSDILTSIRYWVIHSITVPALFIAGWLFVSTGLAYDVFGTPRPNEYFTEDRQEAPLITDRFNALEQVKKLSGN E
6 'polypeptide(L)' IFTVRWLAIHGIAVPTIFFLGAITAMQFIQR F
7 'polypeptide(L)'
;SEAEYIELDLPKPLGFKFARGNDGGAYIIEVNPKAGNIDARVQPGDKIVEISASFGSEVWKAENFGQIMYAIRTRSGTVY
MKLKKNYGDLSALEEEGLDAAEKQWKKERAGGNYGAGTKEIQARNYVQRKENERKRREMFDDALAKFKENDIQGALVEFE
NIIAMEPRNFVGDNFSRNTPIYKVTQYNIACCYSMLDQVEEAIKSLDAAMLSGFDNYDQIRRDKNLSKARANPKFQAVLD
KYDEPVVNWNAVKATFGA
;
G
8 'polypeptide(L)' FQEPGLVTPLGTLLRPLNSEAGKVLPGWGTTVLMAVFILLFAAFLLIILEIYNSSLILDDVSMSWETLAK H
9 'polypeptide(L)' MLTLKIFVYTVVTFFVCLFIFGFLSNDPARNPGK I
10 'polypeptide(L)' IPLWLVGTVVGTLAIGLLAVFFYGSYVGLGSS J
11 'polypeptide(L)' KLPEAYAPFAPIVDVLPVIPVFFILLAFVWQAAVSFR K
12 'polypeptide(L)' PNPNKQVVELNRTSLYWGLLLIFVLAVLFSSYIFN L
13 'polypeptide(L)' NIYGLTATALFIIIPTSFLLILYVKTA M
14 'polypeptide(L)' MEALVYTFLLVGTLGIIFFSIFFR T
15 'polypeptide(L)' NIELALTLVSLVLVVSAGPLVVVLLSARGGNL V
16 'polypeptide(L)' AVTPSLKNFLGSLIAGATVLGGIALAITAVSK X
17 'polypeptide(L)' MTSILQVALLALIFVSFALVVGVPVVFATPNGWTDNKGAVFSGLSLWLLLVFVVGILNSFV Z
#
loop_
_chem_comp.id
_chem_comp.type
_chem_comp.name
_chem_comp.formula
BCR non-polymer BETA-CAROTENE 'C40 H56'
BCT non-polymer 'BICARBONATE ION' 'C H O3 -1'
CLA non-polymer 'CHLOROPHYLL A' 'C55 H72 Mg N4 O5'
DGD saccharide 'DIGALACTOSYL DIACYL GLYCEROL (DGDG)' 'C51 H96 O15'
FE2 non-polymer 'FE (II) ION' 'Fe 2'
HEM non-polymer 'PROTOPORPHYRIN IX CONTAINING FE' 'C34 H32 Fe N4 O4'
LHG non-polymer 1,2-DIPALMITOYL-PHOSPHATIDYL-GLYCEROLE 'C38 H75 O10 P'
LMG non-polymer 1,2-DISTEAROYL-MONOGALACTOSYL-DIGLYCERIDE 'C45 H86 O10'
LMU D-saccharide DODECYL-ALPHA-D-MALTOSIDE 'C24 H46 O11'
PHO non-polymer 'PHEOPHYTIN A' 'C55 H74 N4 O5'
PL9 non-polymer 2,3-DIMETHYL-5-(3,7,11,15,19,23,27,31,35-NONAMETHYL-2,6,10,14,18,22,26,30,34-HEXATRIACONTANONAENYL-2,5-CYCLOHEXADIENE-1,4-DIONE-2,3-DIMETHYL-5-SOLANESYL-1,4-BENZOQUINONE 'C53 H80 O2'
SQD non-polymer 1,2-DI-O-ACYL-3-O-[6-DEOXY-6-SULFO-ALPHA-D-GLUCOPYRANOSYL]-SN-GLYCEROL 'C41 H78 O12 S'
#
# COMPACT_ATOMS: atom_id res chain seq x y z
N ASN A 1 34.16 23.07 5.41
CA ASN A 1 35.11 22.39 6.29
C ASN A 1 36.21 23.34 6.75
N SER A 2 36.63 23.16 7.99
CA SER A 2 37.81 23.83 8.55
C SER A 2 37.75 25.34 8.37
N SER A 3 36.55 25.91 8.24
CA SER A 3 36.42 27.34 8.01
C SER A 3 36.39 28.08 9.34
N LEU A 4 37.27 29.07 9.48
CA LEU A 4 37.34 29.90 10.68
C LEU A 4 37.46 29.02 11.93
N TRP A 5 38.56 28.27 11.99
CA TRP A 5 38.83 27.38 13.12
C TRP A 5 37.79 26.26 13.19
N ALA A 6 37.44 25.72 12.01
CA ALA A 6 36.50 24.61 11.89
C ALA A 6 35.13 24.94 12.46
N ARG A 7 34.79 26.23 12.55
CA ARG A 7 33.49 26.59 13.09
C ARG A 7 32.36 26.13 12.17
N PHE A 8 32.58 26.23 10.86
CA PHE A 8 31.56 25.76 9.92
C PHE A 8 31.34 24.26 10.06
N CYS A 9 32.43 23.49 10.19
CA CYS A 9 32.30 22.05 10.38
C CYS A 9 31.58 21.74 11.68
N GLU A 10 31.89 22.47 12.74
CA GLU A 10 31.21 22.27 14.01
C GLU A 10 29.71 22.57 13.89
N TRP A 11 29.36 23.63 13.17
CA TRP A 11 27.96 24.02 13.07
C TRP A 11 27.17 23.05 12.21
N ILE A 12 27.77 22.59 11.10
CA ILE A 12 27.05 21.67 10.21
C ILE A 12 26.72 20.38 10.95
N THR A 13 27.69 19.84 11.68
CA THR A 13 27.48 18.63 12.46
C THR A 13 26.85 18.91 13.82
N SER A 14 26.68 20.17 14.19
CA SER A 14 26.07 20.48 15.48
C SER A 14 24.67 19.92 15.56
N THR A 15 24.37 19.26 16.69
CA THR A 15 23.05 18.71 16.93
C THR A 15 22.15 19.68 17.70
N GLU A 16 22.65 20.86 18.06
CA GLU A 16 21.85 21.84 18.76
C GLU A 16 20.90 22.61 17.84
N ASN A 17 21.10 22.51 16.53
CA ASN A 17 20.16 23.13 15.59
C ASN A 17 18.80 22.47 15.73
N ARG A 18 17.75 23.28 15.53
CA ARG A 18 16.39 22.74 15.63
C ARG A 18 16.16 21.65 14.60
N LEU A 19 16.71 21.82 13.39
CA LEU A 19 16.71 20.80 12.36
C LEU A 19 18.16 20.44 12.06
N TYR A 20 18.52 19.19 12.30
CA TYR A 20 19.89 18.74 12.09
C TYR A 20 20.26 18.85 10.61
N ILE A 21 21.27 19.66 10.30
CA ILE A 21 21.70 19.82 8.92
C ILE A 21 22.52 18.61 8.48
N GLY A 22 23.69 18.44 9.07
CA GLY A 22 24.54 17.32 8.70
C GLY A 22 25.22 17.49 7.36
N TRP A 23 26.25 16.69 7.12
CA TRP A 23 26.99 16.81 5.86
C TRP A 23 26.15 16.35 4.67
N PHE A 24 25.25 15.39 4.87
CA PHE A 24 24.27 15.08 3.84
C PHE A 24 23.28 16.22 3.67
N GLY A 25 22.95 16.91 4.75
CA GLY A 25 22.10 18.08 4.63
C GLY A 25 22.75 19.19 3.84
N VAL A 26 24.08 19.23 3.82
CA VAL A 26 24.77 20.25 3.02
C VAL A 26 24.33 20.16 1.57
N ILE A 27 23.98 18.97 1.09
CA ILE A 27 23.50 18.81 -0.29
C ILE A 27 21.98 18.75 -0.33
N MET A 28 21.35 18.23 0.72
CA MET A 28 19.90 18.15 0.72
C MET A 28 19.27 19.54 0.74
N ILE A 29 19.69 20.38 1.70
CA ILE A 29 19.03 21.67 1.88
C ILE A 29 19.07 22.51 0.61
N PRO A 30 20.22 22.69 -0.06
CA PRO A 30 20.19 23.45 -1.31
C PRO A 30 19.38 22.77 -2.39
N CYS A 31 19.57 21.46 -2.59
CA CYS A 31 18.82 20.75 -3.62
C CYS A 31 17.32 20.81 -3.33
N LEU A 32 16.92 20.47 -2.10
CA LEU A 32 15.50 20.45 -1.78
C LEU A 32 14.90 21.85 -1.84
N LEU A 33 15.65 22.86 -1.39
CA LEU A 33 15.12 24.22 -1.45
C LEU A 33 14.97 24.70 -2.88
N THR A 34 15.94 24.39 -3.75
CA THR A 34 15.83 24.76 -5.14
C THR A 34 14.63 24.07 -5.78
N ALA A 35 14.47 22.77 -5.52
CA ALA A 35 13.33 22.04 -6.06
C ALA A 35 12.02 22.61 -5.54
N THR A 36 11.96 22.95 -4.25
CA THR A 36 10.74 23.50 -3.67
C THR A 36 10.40 24.85 -4.30
N SER A 37 11.40 25.73 -4.41
CA SER A 37 11.14 27.05 -4.97
C SER A 37 10.71 26.95 -6.42
N VAL A 38 11.40 26.13 -7.22
CA VAL A 38 11.05 26.03 -8.63
C VAL A 38 9.68 25.38 -8.78
N PHE A 39 9.36 24.38 -7.95
CA PHE A 39 8.05 23.74 -8.02
C PHE A 39 6.94 24.72 -7.66
N ILE A 40 7.14 25.49 -6.58
CA ILE A 40 6.12 26.46 -6.19
C ILE A 40 5.92 27.49 -7.29
N ILE A 41 7.02 27.98 -7.85
CA ILE A 41 6.93 29.01 -8.88
C ILE A 41 6.23 28.46 -10.13
N ALA A 42 6.63 27.26 -10.56
CA ALA A 42 6.04 26.67 -11.76
C ALA A 42 4.56 26.37 -11.56
N PHE A 43 4.20 25.82 -10.40
CA PHE A 43 2.80 25.55 -10.11
C PHE A 43 1.99 26.84 -10.10
N ILE A 44 2.51 27.88 -9.45
CA ILE A 44 1.78 29.14 -9.37
C ILE A 44 1.66 29.77 -10.75
N ALA A 45 2.78 29.86 -11.47
CA ALA A 45 2.79 30.55 -12.76
C ALA A 45 3.89 29.97 -13.63
N ALA A 46 3.51 29.41 -14.78
CA ALA A 46 4.45 28.91 -15.76
C ALA A 46 3.71 28.75 -17.07
N PRO A 47 4.31 29.08 -18.21
CA PRO A 47 3.60 28.98 -19.49
C PRO A 47 3.25 27.53 -19.80
N PRO A 48 2.25 27.30 -20.64
CA PRO A 48 1.89 25.91 -20.96
C PRO A 48 3.05 25.19 -21.63
N VAL A 49 3.11 23.88 -21.39
CA VAL A 49 4.21 23.04 -21.83
C VAL A 49 3.70 22.07 -22.88
N ASP A 50 4.49 21.88 -23.94
CA ASP A 50 4.23 20.80 -24.89
C ASP A 50 4.73 19.51 -24.26
N ILE A 51 3.85 18.82 -23.53
CA ILE A 51 4.23 17.54 -22.96
C ILE A 51 4.66 16.58 -24.05
N ASP A 52 4.08 16.71 -25.25
CA ASP A 52 4.56 16.03 -26.44
C ASP A 52 4.83 17.06 -27.52
N GLY A 53 5.78 16.75 -28.39
CA GLY A 53 6.21 17.69 -29.41
C GLY A 53 5.22 17.92 -30.52
N ILE A 54 3.97 17.46 -30.35
CA ILE A 54 2.90 17.74 -31.31
C ILE A 54 2.48 19.21 -31.28
N ARG A 55 3.07 20.02 -30.41
CA ARG A 55 2.74 21.44 -30.30
C ARG A 55 1.33 21.64 -29.77
N GLU A 56 0.99 20.88 -28.71
CA GLU A 56 -0.25 21.06 -27.97
C GLU A 56 0.13 21.56 -26.58
N PRO A 57 0.07 22.87 -26.32
CA PRO A 57 0.61 23.38 -25.05
C PRO A 57 -0.28 23.07 -23.84
N VAL A 58 -0.09 21.87 -23.26
CA VAL A 58 -0.75 21.54 -22.01
C VAL A 58 -0.36 22.56 -20.96
N SER A 59 -1.33 23.04 -20.20
CA SER A 59 -1.12 24.06 -19.17
C SER A 59 -1.38 23.47 -17.79
N GLY A 60 -0.46 23.74 -16.86
CA GLY A 60 -0.56 23.23 -15.51
C GLY A 60 -0.34 24.28 -14.44
N SER A 61 -0.26 25.55 -14.83
CA SER A 61 -0.04 26.63 -13.90
C SER A 61 -1.37 27.14 -13.35
N LEU A 62 -1.36 27.53 -12.07
CA LEU A 62 -2.58 28.03 -11.45
C LEU A 62 -3.08 29.29 -12.17
N LEU A 63 -2.17 30.21 -12.51
CA LEU A 63 -2.58 31.42 -13.20
C LEU A 63 -3.18 31.13 -14.57
N TYR A 64 -2.85 29.98 -15.15
CA TYR A 64 -3.40 29.60 -16.46
C TYR A 64 -4.66 28.76 -16.33
N GLY A 65 -5.64 29.29 -15.58
CA GLY A 65 -6.94 28.66 -15.48
C GLY A 65 -6.92 27.27 -14.89
N ASN A 66 -6.21 27.08 -13.78
CA ASN A 66 -6.14 25.81 -13.08
C ASN A 66 -6.39 26.01 -11.60
N ASN A 67 -6.68 24.92 -10.92
CA ASN A 67 -6.83 24.89 -9.47
C ASN A 67 -5.76 23.99 -8.88
N ILE A 68 -5.78 23.84 -7.55
CA ILE A 68 -4.79 23.01 -6.88
C ILE A 68 -4.87 21.58 -7.37
N ILE A 69 -6.08 21.05 -7.50
CA ILE A 69 -6.25 19.66 -7.91
C ILE A 69 -5.75 19.48 -9.35
N THR A 70 -6.17 20.36 -10.25
CA THR A 70 -5.77 20.24 -11.65
C THR A 70 -4.34 20.72 -11.89
N GLY A 71 -3.90 21.73 -11.14
CA GLY A 71 -2.59 22.30 -11.40
C GLY A 71 -1.50 21.26 -11.28
N ALA A 72 -0.48 21.40 -12.12
CA ALA A 72 0.64 20.47 -12.12
C ALA A 72 1.82 21.12 -12.80
N VAL A 73 3.00 20.51 -12.60
CA VAL A 73 4.19 20.86 -13.36
C VAL A 73 4.30 19.83 -14.48
N ILE A 74 4.09 20.27 -15.72
CA ILE A 74 3.96 19.35 -16.83
C ILE A 74 5.29 18.64 -17.05
N PRO A 75 5.30 17.34 -17.38
CA PRO A 75 6.57 16.69 -17.74
C PRO A 75 7.24 17.38 -18.91
N THR A 76 8.52 17.08 -19.09
CA THR A 76 9.31 17.71 -20.13
C THR A 76 8.82 17.28 -21.51
N SER A 77 9.04 18.15 -22.49
CA SER A 77 8.55 17.88 -23.83
C SER A 77 9.15 16.60 -24.39
N ASN A 78 8.33 15.83 -25.11
CA ASN A 78 8.79 14.59 -25.71
C ASN A 78 9.90 14.83 -26.72
N ALA A 79 9.97 16.03 -27.31
CA ALA A 79 11.05 16.34 -28.22
C ALA A 79 12.39 16.29 -27.49
N ILE A 80 12.45 16.81 -26.26
CA ILE A 80 13.67 16.73 -25.47
C ILE A 80 14.01 15.27 -25.19
N GLY A 81 13.00 14.46 -24.89
CA GLY A 81 13.26 13.07 -24.56
C GLY A 81 14.05 12.98 -23.27
N LEU A 82 15.11 12.16 -23.29
CA LEU A 82 15.97 11.99 -22.14
C LEU A 82 17.12 12.99 -22.10
N HIS A 83 17.18 13.92 -23.06
CA HIS A 83 18.27 14.87 -23.10
C HIS A 83 18.26 15.75 -21.85
N PHE A 84 19.46 16.11 -21.41
CA PHE A 84 19.59 17.01 -20.28
C PHE A 84 19.23 18.43 -20.72
N TYR A 85 18.24 19.03 -20.05
CA TYR A 85 17.68 20.32 -20.45
C TYR A 85 17.68 21.28 -19.26
N PRO A 86 18.83 21.78 -18.87
CA PRO A 86 18.90 22.89 -17.91
C PRO A 86 18.65 24.20 -18.64
N ILE A 87 18.66 25.29 -17.87
CA ILE A 87 18.31 26.59 -18.43
C ILE A 87 19.29 27.00 -19.51
N TRP A 88 20.59 26.73 -19.31
CA TRP A 88 21.61 27.24 -20.20
C TRP A 88 21.63 26.57 -21.57
N GLU A 89 20.92 25.46 -21.76
CA GLU A 89 20.83 24.86 -23.08
C GLU A 89 19.71 25.45 -23.94
N ALA A 90 18.62 25.89 -23.32
CA ALA A 90 17.53 26.47 -24.09
C ALA A 90 17.94 27.80 -24.69
N ALA A 91 17.42 28.09 -25.88
CA ALA A 91 17.73 29.35 -26.54
C ALA A 91 17.31 30.54 -25.69
N SER A 92 16.23 30.40 -24.92
CA SER A 92 15.75 31.48 -24.07
C SER A 92 14.97 30.87 -22.92
N LEU A 93 14.75 31.67 -21.88
CA LEU A 93 13.98 31.20 -20.73
C LEU A 93 12.57 30.81 -21.15
N ASP A 94 11.98 31.57 -22.08
CA ASP A 94 10.65 31.22 -22.56
C ASP A 94 10.65 29.86 -23.25
N GLU A 95 11.66 29.58 -24.06
CA GLU A 95 11.76 28.27 -24.70
C GLU A 95 11.97 27.18 -23.67
N TRP A 96 12.79 27.45 -22.65
CA TRP A 96 13.02 26.47 -21.59
C TRP A 96 11.71 26.12 -20.89
N LEU A 97 10.93 27.14 -20.53
CA LEU A 97 9.66 26.89 -19.86
C LEU A 97 8.65 26.21 -20.79
N TYR A 98 8.69 26.54 -22.08
CA TYR A 98 7.75 25.99 -23.04
C TYR A 98 8.00 24.52 -23.31
N ASN A 99 9.21 24.03 -23.08
CA ASN A 99 9.55 22.63 -23.30
C ASN A 99 9.50 21.81 -22.01
N GLY A 100 9.12 22.41 -20.89
CA GLY A 100 9.00 21.67 -19.64
C GLY A 100 10.29 21.44 -18.89
N GLY A 101 11.28 22.34 -19.04
CA GLY A 101 12.52 22.26 -18.28
C GLY A 101 12.37 22.30 -16.77
N PRO A 102 11.44 23.10 -16.24
CA PRO A 102 11.24 23.09 -14.78
C PRO A 102 10.99 21.71 -14.22
N TYR A 103 10.37 20.83 -15.00
CA TYR A 103 10.14 19.47 -14.52
C TYR A 103 11.45 18.73 -14.28
N GLN A 104 12.37 18.79 -15.24
CA GLN A 104 13.68 18.16 -15.02
C GLN A 104 14.42 18.82 -13.86
N LEU A 105 14.37 20.15 -13.77
CA LEU A 105 15.04 20.81 -12.66
C LEU A 105 14.52 20.28 -11.33
N ILE A 106 13.20 20.28 -11.18
CA ILE A 106 12.58 19.83 -9.93
C ILE A 106 12.89 18.37 -9.67
N VAL A 107 12.77 17.51 -10.70
CA VAL A 107 12.94 16.08 -10.50
C VAL A 107 14.37 15.77 -10.08
N CYS A 108 15.35 16.35 -10.79
CA CYS A 108 16.74 16.09 -10.46
C CYS A 108 17.07 16.57 -9.06
N HIS A 109 16.72 17.83 -8.74
CA HIS A 109 17.04 18.36 -7.44
C HIS A 109 16.34 17.58 -6.34
N PHE A 110 15.08 17.17 -6.59
CA PHE A 110 14.31 16.46 -5.57
C PHE A 110 14.84 15.06 -5.35
N LEU A 111 15.25 14.37 -6.42
CA LEU A 111 15.82 13.04 -6.25
C LEU A 111 17.13 13.11 -5.47
N LEU A 112 17.99 14.09 -5.79
CA LEU A 112 19.19 14.26 -5.01
C LEU A 112 18.85 14.59 -3.55
N GLY A 113 17.80 15.39 -3.35
CA GLY A 113 17.42 15.75 -2.00
C GLY A 113 16.95 14.56 -1.19
N VAL A 114 16.15 13.68 -1.78
CA VAL A 114 15.65 12.52 -1.03
C VAL A 114 16.78 11.53 -0.77
N TYR A 115 17.71 11.38 -1.72
CA TYR A 115 18.88 10.54 -1.45
C TYR A 115 19.68 11.08 -0.28
N CYS A 116 19.97 12.38 -0.30
CA CYS A 116 20.64 12.99 0.84
C CYS A 116 19.78 12.98 2.10
N TYR A 117 18.47 12.80 1.95
CA TYR A 117 17.60 12.67 3.11
C TYR A 117 17.78 11.30 3.78
N MET A 118 17.84 10.23 2.98
CA MET A 118 18.28 8.96 3.55
C MET A 118 19.64 9.12 4.21
N GLY A 119 20.53 9.87 3.59
CA GLY A 119 21.83 10.09 4.18
C GLY A 119 21.76 10.79 5.53
N ARG A 120 20.92 11.82 5.64
CA ARG A 120 20.74 12.51 6.92
C ARG A 120 20.13 11.59 7.96
N GLU A 121 19.19 10.74 7.55
CA GLU A 121 18.62 9.78 8.48
C GLU A 121 19.70 8.88 9.05
N TRP A 122 20.60 8.39 8.19
CA TRP A 122 21.73 7.62 8.70
C TRP A 122 22.61 8.46 9.62
N GLU A 123 22.87 9.72 9.23
CA GLU A 123 23.78 10.56 10.00
C GLU A 123 23.26 10.77 11.41
N LEU A 124 21.97 11.03 11.56
CA LEU A 124 21.43 11.24 12.90
C LEU A 124 21.12 9.93 13.60
N SER A 125 21.03 8.81 12.88
CA SER A 125 21.04 7.52 13.56
C SER A 125 22.39 7.26 14.21
N PHE A 126 23.47 7.64 13.51
CA PHE A 126 24.81 7.43 14.05
C PHE A 126 25.12 8.44 15.15
N ARG A 127 24.70 9.69 14.97
CA ARG A 127 25.02 10.74 15.95
C ARG A 127 24.36 10.46 17.29
N LEU A 128 23.09 10.04 17.27
CA LEU A 128 22.36 9.77 18.50
C LEU A 128 22.65 8.38 19.06
N GLY A 129 23.48 7.59 18.38
CA GLY A 129 23.86 6.30 18.90
C GLY A 129 22.75 5.28 18.89
N MET A 130 22.18 5.04 17.71
CA MET A 130 21.16 4.03 17.55
C MET A 130 21.42 3.28 16.24
N ARG A 131 20.60 2.26 15.99
CA ARG A 131 20.86 1.34 14.89
C ARG A 131 20.39 1.96 13.58
N PRO A 132 21.27 2.19 12.59
CA PRO A 132 20.88 2.99 11.42
C PRO A 132 20.21 2.22 10.28
N TRP A 133 18.91 1.97 10.44
CA TRP A 133 18.12 1.35 9.38
C TRP A 133 16.81 2.09 9.14
N ILE A 134 16.63 3.28 9.71
CA ILE A 134 15.51 4.12 9.29
C ILE A 134 15.73 4.57 7.85
N ALA A 135 16.99 4.75 7.45
CA ALA A 135 17.29 5.05 6.05
C ALA A 135 16.87 3.90 5.15
N VAL A 136 17.09 2.66 5.59
CA VAL A 136 16.68 1.51 4.78
C VAL A 136 15.18 1.50 4.58
N ALA A 137 14.43 1.79 5.65
CA ALA A 137 12.97 1.86 5.53
C ALA A 137 12.56 3.01 4.62
N TYR A 138 13.21 4.16 4.75
CA TYR A 138 12.88 5.31 3.90
C TYR A 138 13.26 5.07 2.45
N SER A 139 14.15 4.11 2.18
CA SER A 139 14.52 3.80 0.80
C SER A 139 13.32 3.35 -0.02
N ALA A 140 12.23 2.91 0.63
CA ALA A 140 11.06 2.45 -0.13
C ALA A 140 10.36 3.61 -0.83
N PRO A 141 9.87 4.62 -0.13
CA PRO A 141 9.29 5.77 -0.86
C PRO A 141 10.27 6.43 -1.79
N VAL A 142 11.56 6.48 -1.42
CA VAL A 142 12.56 7.04 -2.33
C VAL A 142 12.69 6.15 -3.57
N ALA A 143 12.65 4.84 -3.38
CA ALA A 143 12.71 3.94 -4.53
C ALA A 143 11.53 4.16 -5.46
N ALA A 144 10.33 4.31 -4.91
CA ALA A 144 9.16 4.56 -5.74
C ALA A 144 9.25 5.92 -6.44
N ALA A 145 9.75 6.94 -5.74
CA ALA A 145 9.92 8.25 -6.35
C ALA A 145 10.89 8.17 -7.52
N SER A 146 12.02 7.47 -7.34
CA SER A 146 12.96 7.30 -8.43
C SER A 146 12.33 6.53 -9.59
N ALA A 147 11.54 5.50 -9.27
CA ALA A 147 10.92 4.71 -10.33
C ALA A 147 9.96 5.54 -11.15
N VAL A 148 9.16 6.40 -10.51
CA VAL A 148 8.17 7.18 -11.23
C VAL A 148 8.76 8.42 -11.89
N PHE A 149 9.87 8.95 -11.37
CA PHE A 149 10.46 10.18 -11.87
C PHE A 149 11.70 9.97 -12.72
N LEU A 150 12.46 8.91 -12.49
CA LEU A 150 13.72 8.69 -13.19
C LEU A 150 13.76 7.40 -13.98
N VAL A 151 13.39 6.28 -13.35
CA VAL A 151 13.53 4.99 -14.04
C VAL A 151 12.54 4.86 -15.17
N TYR A 152 11.29 5.30 -14.95
CA TYR A 152 10.31 5.22 -16.02
C TYR A 152 10.67 6.08 -17.22
N PRO A 153 11.11 7.33 -17.07
CA PRO A 153 11.68 8.04 -18.23
C PRO A 153 12.82 7.31 -18.89
N ILE A 154 13.71 6.68 -18.12
CA ILE A 154 14.85 5.99 -18.71
C ILE A 154 14.37 4.83 -19.59
N GLY A 155 13.45 4.03 -19.07
CA GLY A 155 12.95 2.90 -19.83
C GLY A 155 12.14 3.34 -21.05
N GLN A 156 11.29 4.34 -20.88
CA GLN A 156 10.46 4.83 -21.97
C GLN A 156 11.21 5.78 -22.88
N GLY A 157 12.43 6.17 -22.53
CA GLY A 157 13.24 7.00 -23.41
C GLY A 157 12.86 8.46 -23.47
N SER A 158 11.98 8.92 -22.58
CA SER A 158 11.58 10.32 -22.59
C SER A 158 11.11 10.72 -21.20
N PHE A 159 11.46 11.93 -20.79
CA PHE A 159 10.96 12.46 -19.52
C PHE A 159 9.51 12.90 -19.62
N SER A 160 8.93 12.97 -20.82
CA SER A 160 7.51 13.24 -20.95
C SER A 160 6.66 12.17 -20.30
N ASP A 161 7.20 10.96 -20.12
CA ASP A 161 6.46 9.86 -19.53
C ASP A 161 6.56 9.80 -18.01
N GLY A 162 7.40 10.65 -17.41
CA GLY A 162 7.45 10.70 -15.96
C GLY A 162 6.16 11.23 -15.37
N MET A 163 5.96 10.94 -14.09
CA MET A 163 4.72 11.36 -13.44
C MET A 163 4.69 12.88 -13.36
N PRO A 164 3.62 13.54 -13.82
CA PRO A 164 3.53 14.99 -13.62
C PRO A 164 3.48 15.34 -12.14
N LEU A 165 4.08 16.47 -11.80
CA LEU A 165 4.09 16.95 -10.41
C LEU A 165 2.76 17.63 -10.12
N GLY A 166 1.71 16.82 -10.04
CA GLY A 166 0.38 17.33 -9.75
C GLY A 166 -0.51 16.20 -9.28
N ILE A 167 -1.76 16.56 -9.01
CA ILE A 167 -2.74 15.60 -8.50
C ILE A 167 -3.50 15.01 -9.67
N SER A 168 -4.19 15.87 -10.44
CA SER A 168 -4.82 15.39 -11.66
C SER A 168 -3.78 14.85 -12.63
N GLY A 169 -2.59 15.46 -12.64
CA GLY A 169 -1.51 14.89 -13.43
C GLY A 169 -1.11 13.51 -12.96
N THR A 170 -1.09 13.30 -11.64
CA THR A 170 -0.80 11.98 -11.11
C THR A 170 -1.86 10.97 -11.56
N PHE A 171 -3.13 11.35 -11.50
CA PHE A 171 -4.18 10.44 -11.94
C PHE A 171 -4.06 10.13 -13.42
N ASN A 172 -3.75 11.14 -14.23
CA ASN A 172 -3.57 10.91 -15.66
C ASN A 172 -2.39 9.99 -15.93
N PHE A 173 -1.29 10.19 -15.20
CA PHE A 173 -0.14 9.30 -15.35
C PHE A 173 -0.51 7.87 -14.98
N MET A 174 -1.26 7.70 -13.90
CA MET A 174 -1.67 6.35 -13.50
C MET A 174 -2.58 5.71 -14.52
N ILE A 175 -3.53 6.49 -15.07
CA ILE A 175 -4.45 5.95 -16.07
C ILE A 175 -3.68 5.54 -17.33
N VAL A 176 -2.78 6.41 -17.79
CA VAL A 176 -1.93 6.08 -18.94
C VAL A 176 -1.10 4.84 -18.66
N PHE A 177 -0.55 4.73 -17.46
CA PHE A 177 0.34 3.64 -17.14
C PHE A 177 -0.42 2.32 -17.11
N GLN A 178 -1.65 2.33 -16.59
CA GLN A 178 -2.49 1.15 -16.65
C GLN A 178 -2.86 0.82 -18.09
N ALA A 179 -3.09 1.84 -18.91
CA ALA A 179 -3.42 1.61 -20.31
C ALA A 179 -2.28 0.90 -21.03
N GLU A 180 -1.05 1.33 -20.78
CA GLU A 180 0.09 0.86 -21.57
C GLU A 180 0.76 -0.37 -21.00
N HIS A 181 0.66 -0.60 -19.68
CA HIS A 181 1.43 -1.65 -19.03
C HIS A 181 0.59 -2.57 -18.14
N ASN A 182 -0.71 -2.34 -18.02
CA ASN A 182 -1.59 -3.17 -17.20
C ASN A 182 -1.02 -3.31 -15.78
N ILE A 183 -0.91 -2.16 -15.11
CA ILE A 183 -0.28 -2.13 -13.79
C ILE A 183 -1.06 -3.01 -12.81
N LEU A 184 -2.38 -3.01 -12.90
CA LEU A 184 -3.18 -3.70 -11.90
C LEU A 184 -2.88 -5.20 -11.87
N MET A 185 -2.63 -5.79 -13.03
CA MET A 185 -2.45 -7.24 -13.13
C MET A 185 -1.02 -7.68 -12.90
N HIS A 186 -0.07 -6.75 -12.72
CA HIS A 186 1.31 -7.15 -12.51
C HIS A 186 1.52 -7.63 -11.07
N PRO A 187 2.15 -8.79 -10.87
CA PRO A 187 2.27 -9.32 -9.51
C PRO A 187 3.01 -8.41 -8.55
N PHE A 188 3.93 -7.57 -9.04
CA PHE A 188 4.66 -6.68 -8.13
C PHE A 188 3.77 -5.55 -7.63
N HIS A 189 2.95 -4.96 -8.50
CA HIS A 189 2.02 -3.95 -8.02
C HIS A 189 0.93 -4.58 -7.15
N MET A 190 0.53 -5.81 -7.48
CA MET A 190 -0.38 -6.52 -6.59
C MET A 190 0.23 -6.71 -5.22
N LEU A 191 1.51 -7.07 -5.18
CA LEU A 191 2.22 -7.20 -3.91
C LEU A 191 2.35 -5.86 -3.21
N GLY A 192 2.51 -4.77 -3.96
CA GLY A 192 2.55 -3.46 -3.34
C GLY A 192 1.23 -3.02 -2.76
N VAL A 193 0.13 -3.32 -3.45
CA VAL A 193 -1.19 -3.06 -2.89
C VAL A 193 -1.38 -3.88 -1.63
N ALA A 194 -0.95 -5.14 -1.66
CA ALA A 194 -0.98 -5.95 -0.44
C ALA A 194 -0.15 -5.29 0.65
N GLY A 195 1.02 -4.75 0.30
CA GLY A 195 1.86 -4.11 1.28
C GLY A 195 1.21 -2.89 1.90
N VAL A 196 0.59 -2.06 1.09
CA VAL A 196 -0.04 -0.83 1.61
C VAL A 196 -1.27 -1.17 2.43
N PHE A 197 -2.12 -2.08 1.94
CA PHE A 197 -3.30 -2.48 2.70
C PHE A 197 -2.91 -3.12 4.02
N GLY A 198 -1.90 -4.02 4.00
CA GLY A 198 -1.44 -4.61 5.23
C GLY A 198 -0.76 -3.60 6.14
N GLY A 199 -0.10 -2.60 5.58
CA GLY A 199 0.47 -1.56 6.41
C GLY A 199 -0.61 -0.79 7.16
N SER A 200 -1.68 -0.41 6.47
CA SER A 200 -2.80 0.23 7.14
C SER A 200 -3.44 -0.72 8.15
N LEU A 201 -3.58 -1.98 7.78
CA LEU A 201 -4.20 -2.97 8.66
C LEU A 201 -3.40 -3.11 9.95
N PHE A 202 -2.08 -3.27 9.84
CA PHE A 202 -1.26 -3.46 11.02
C PHE A 202 -1.09 -2.17 11.80
N SER A 203 -1.10 -1.02 11.13
CA SER A 203 -1.10 0.24 11.85
C SER A 203 -2.35 0.35 12.72
N ALA A 204 -3.52 0.04 12.14
CA ALA A 204 -4.75 0.10 12.91
C ALA A 204 -4.74 -0.91 14.05
N MET A 205 -4.31 -2.15 13.79
CA MET A 205 -4.28 -3.15 14.85
C MET A 205 -3.32 -2.78 15.95
N HIS A 206 -2.12 -2.31 15.59
CA HIS A 206 -1.14 -1.93 16.60
C HIS A 206 -1.65 -0.76 17.42
N GLY A 207 -2.21 0.26 16.78
CA GLY A 207 -2.76 1.38 17.52
C GLY A 207 -3.85 0.95 18.47
N SER A 208 -4.80 0.14 17.99
CA SER A 208 -5.91 -0.28 18.83
C SER A 208 -5.41 -1.14 19.99
N LEU A 209 -4.53 -2.11 19.71
CA LEU A 209 -4.06 -3.01 20.75
C LEU A 209 -3.26 -2.27 21.81
N VAL A 210 -2.37 -1.36 21.40
CA VAL A 210 -1.57 -0.64 22.37
C VAL A 210 -2.43 0.34 23.15
N THR A 211 -3.38 1.01 22.48
CA THR A 211 -4.26 1.93 23.18
C THR A 211 -5.11 1.20 24.22
N SER A 212 -5.64 0.03 23.87
CA SER A 212 -6.45 -0.73 24.82
C SER A 212 -5.58 -1.29 25.94
N SER A 213 -4.35 -1.70 25.62
CA SER A 213 -3.47 -2.27 26.63
C SER A 213 -3.00 -1.22 27.63
N LEU A 214 -2.82 0.02 27.18
CA LEU A 214 -2.31 1.10 28.04
C LEU A 214 -3.42 1.55 28.99
N ILE A 215 -3.74 0.65 29.93
CA ILE A 215 -4.72 1.00 30.96
C ILE A 215 -4.14 2.05 31.90
N ARG A 216 -2.84 1.97 32.19
CA ARG A 216 -2.19 2.93 33.07
C ARG A 216 -2.07 4.29 32.38
N ALA A 242 -2.84 -7.78 25.85
CA ALA A 242 -2.53 -7.61 24.43
C ALA A 242 -2.36 -8.97 23.75
N HIS A 243 -1.38 -9.73 24.23
CA HIS A 243 -1.08 -11.02 23.61
C HIS A 243 -2.27 -11.97 23.72
N GLY A 244 -2.91 -12.03 24.89
CA GLY A 244 -4.06 -12.91 25.05
C GLY A 244 -5.23 -12.52 24.15
N TYR A 245 -5.49 -11.22 24.03
CA TYR A 245 -6.60 -10.77 23.20
C TYR A 245 -6.39 -11.20 21.75
N PHE A 246 -5.22 -10.89 21.19
CA PHE A 246 -4.95 -11.26 19.80
C PHE A 246 -4.91 -12.78 19.65
N GLY A 247 -4.39 -13.48 20.65
CA GLY A 247 -4.35 -14.93 20.58
C GLY A 247 -5.74 -15.54 20.47
N ARG A 248 -6.67 -15.07 21.30
CA ARG A 248 -8.02 -15.62 21.24
C ARG A 248 -8.76 -15.12 20.01
N LEU A 249 -8.44 -13.93 19.51
CA LEU A 249 -9.11 -13.36 18.36
C LEU A 249 -8.84 -14.19 17.11
N ILE A 250 -7.57 -14.28 16.70
CA ILE A 250 -7.20 -15.06 15.54
C ILE A 250 -6.84 -16.48 15.98
N PHE A 251 -7.21 -17.46 15.16
CA PHE A 251 -7.15 -18.86 15.58
C PHE A 251 -5.72 -19.39 15.58
N GLN A 252 -4.83 -18.80 14.78
CA GLN A 252 -3.44 -19.21 14.74
C GLN A 252 -2.58 -18.44 15.75
N TYR A 253 -3.20 -17.59 16.56
CA TYR A 253 -2.49 -16.78 17.55
C TYR A 253 -1.49 -15.86 16.84
N ALA A 254 -0.61 -15.21 17.60
CA ALA A 254 0.34 -14.24 17.06
C ALA A 254 1.76 -14.77 17.28
N SER A 255 2.52 -14.92 16.20
CA SER A 255 3.91 -15.34 16.32
C SER A 255 4.76 -14.26 16.96
N PHE A 256 4.44 -12.99 16.70
CA PHE A 256 5.23 -11.87 17.21
C PHE A 256 4.74 -11.50 18.61
N ASN A 257 4.91 -12.47 19.53
CA ASN A 257 4.56 -12.22 20.92
C ASN A 257 5.41 -11.11 21.51
N ASN A 258 6.71 -11.10 21.21
CA ASN A 258 7.59 -10.05 21.69
C ASN A 258 7.42 -8.79 20.85
N SER A 259 7.44 -7.63 21.52
CA SER A 259 7.15 -6.38 20.82
C SER A 259 8.20 -6.07 19.77
N ARG A 260 9.45 -6.48 19.98
CA ARG A 260 10.49 -6.19 19.01
C ARG A 260 10.18 -6.84 17.66
N SER A 261 9.75 -8.11 17.68
CA SER A 261 9.41 -8.78 16.44
C SER A 261 8.18 -8.14 15.79
N LEU A 262 7.20 -7.75 16.60
CA LEU A 262 6.02 -7.08 16.06
C LEU A 262 6.41 -5.80 15.33
N HIS A 263 7.28 -5.01 15.95
CA HIS A 263 7.67 -3.74 15.34
C HIS A 263 8.53 -3.96 14.10
N PHE A 264 9.38 -5.00 14.10
CA PHE A 264 10.11 -5.31 12.88
C PHE A 264 9.15 -5.72 11.76
N PHE A 265 8.10 -6.47 12.11
CA PHE A 265 7.11 -6.85 11.11
C PHE A 265 6.41 -5.61 10.55
N LEU A 266 6.07 -4.67 11.43
CA LEU A 266 5.47 -3.42 10.99
C LEU A 266 6.40 -2.69 10.04
N ALA A 267 7.70 -2.66 10.35
CA ALA A 267 8.66 -2.02 9.45
C ALA A 267 8.74 -2.75 8.12
N ALA A 268 8.79 -4.08 8.16
CA ALA A 268 9.14 -4.86 6.98
C ALA A 268 8.00 -4.92 5.98
N TRP A 269 6.77 -5.13 6.45
CA TRP A 269 5.67 -5.38 5.51
C TRP A 269 5.48 -4.23 4.54
N PRO A 270 5.16 -3.00 4.98
CA PRO A 270 5.01 -1.91 4.00
C PRO A 270 6.29 -1.62 3.25
N VAL A 271 7.44 -1.73 3.91
CA VAL A 271 8.69 -1.36 3.28
C VAL A 271 8.98 -2.26 2.09
N ILE A 272 8.88 -3.57 2.28
CA ILE A 272 9.18 -4.48 1.17
C ILE A 272 8.05 -4.47 0.16
N GLY A 273 6.80 -4.24 0.58
CA GLY A 273 5.74 -4.08 -0.39
C GLY A 273 5.99 -2.92 -1.33
N ILE A 274 6.41 -1.78 -0.79
CA ILE A 274 6.70 -0.62 -1.63
C ILE A 274 7.98 -0.84 -2.43
N TRP A 275 8.97 -1.53 -1.86
CA TRP A 275 10.14 -1.91 -2.66
C TRP A 275 9.71 -2.68 -3.89
N PHE A 276 8.81 -3.64 -3.72
CA PHE A 276 8.40 -4.47 -4.84
C PHE A 276 7.52 -3.73 -5.83
N THR A 277 6.66 -2.81 -5.39
CA THR A 277 5.90 -2.06 -6.39
C THR A 277 6.81 -1.10 -7.15
N ALA A 278 7.78 -0.50 -6.48
CA ALA A 278 8.75 0.35 -7.18
C ALA A 278 9.53 -0.47 -8.19
N LEU A 279 9.92 -1.69 -7.82
CA LEU A 279 10.63 -2.55 -8.75
C LEU A 279 9.72 -2.97 -9.92
N GLY A 280 8.45 -3.24 -9.63
CA GLY A 280 7.53 -3.55 -10.71
C GLY A 280 7.44 -2.42 -11.72
N LEU A 281 7.29 -1.19 -11.23
CA LEU A 281 7.26 -0.04 -12.12
C LEU A 281 8.57 0.09 -12.89
N SER A 282 9.70 -0.16 -12.22
CA SER A 282 10.98 -0.11 -12.90
C SER A 282 11.03 -1.13 -14.03
N THR A 283 10.46 -2.32 -13.82
CA THR A 283 10.45 -3.33 -14.87
C THR A 283 9.55 -2.90 -16.03
N MET A 284 8.38 -2.35 -15.73
CA MET A 284 7.51 -1.88 -16.82
C MET A 284 8.15 -0.72 -17.58
N ALA A 285 9.01 0.04 -16.92
CA ALA A 285 9.77 1.06 -17.64
C ALA A 285 10.47 0.46 -18.85
N PHE A 286 11.01 -0.75 -18.67
CA PHE A 286 11.68 -1.49 -19.74
C PHE A 286 10.73 -2.44 -20.47
N ASN A 287 9.45 -2.11 -20.51
CA ASN A 287 8.46 -2.82 -21.33
C ASN A 287 8.34 -4.28 -20.91
N LEU A 288 8.03 -4.47 -19.63
CA LEU A 288 7.69 -5.78 -19.08
C LEU A 288 6.36 -5.59 -18.35
N ASN A 289 5.27 -5.71 -19.09
CA ASN A 289 3.95 -5.33 -18.59
C ASN A 289 3.42 -6.37 -17.62
N GLY A 290 2.21 -6.12 -17.12
CA GLY A 290 1.55 -7.04 -16.22
C GLY A 290 0.99 -8.24 -16.96
N PHE A 291 0.37 -9.13 -16.18
CA PHE A 291 -0.17 -10.36 -16.74
C PHE A 291 -1.17 -10.04 -17.85
N ASN A 292 -1.03 -10.75 -18.97
CA ASN A 292 -1.89 -10.60 -20.13
C ASN A 292 -2.68 -11.89 -20.31
N PHE A 293 -3.89 -11.93 -19.76
CA PHE A 293 -4.76 -13.10 -19.87
C PHE A 293 -5.88 -12.87 -20.89
N ASN A 294 -5.58 -12.15 -21.97
CA ASN A 294 -6.56 -11.94 -23.02
C ASN A 294 -6.75 -13.22 -23.82
N GLN A 295 -8.01 -13.60 -24.03
CA GLN A 295 -8.35 -14.83 -24.75
C GLN A 295 -7.73 -16.06 -24.09
N SER A 296 -7.56 -16.00 -22.77
CA SER A 296 -7.00 -17.14 -22.05
C SER A 296 -7.89 -18.36 -22.17
N VAL A 297 -9.20 -18.17 -22.02
CA VAL A 297 -10.17 -19.25 -22.07
C VAL A 297 -10.93 -19.15 -23.39
N VAL A 298 -11.09 -20.29 -24.07
CA VAL A 298 -11.70 -20.33 -25.38
C VAL A 298 -12.74 -21.45 -25.42
N ASP A 299 -13.65 -21.35 -26.38
CA ASP A 299 -14.67 -22.36 -26.60
C ASP A 299 -14.05 -23.59 -27.27
N SER A 300 -14.87 -24.63 -27.40
CA SER A 300 -14.41 -25.83 -28.11
C SER A 300 -14.10 -25.52 -29.57
N GLN A 301 -14.95 -24.70 -30.21
CA GLN A 301 -14.72 -24.31 -31.60
C GLN A 301 -13.64 -23.23 -31.73
N GLY A 302 -13.13 -22.70 -30.62
CA GLY A 302 -12.13 -21.67 -30.65
C GLY A 302 -12.65 -20.27 -30.39
N ARG A 303 -13.96 -20.11 -30.21
CA ARG A 303 -14.51 -18.79 -29.91
C ARG A 303 -13.99 -18.31 -28.56
N VAL A 304 -13.60 -17.03 -28.51
CA VAL A 304 -13.08 -16.46 -27.28
C VAL A 304 -14.22 -16.25 -26.29
N LEU A 305 -14.03 -16.72 -25.06
CA LEU A 305 -14.98 -16.52 -23.98
C LEU A 305 -14.45 -15.42 -23.08
N ASN A 306 -15.26 -14.40 -22.86
CA ASN A 306 -14.79 -13.25 -22.09
C ASN A 306 -14.64 -13.61 -20.61
N THR A 307 -13.69 -12.93 -19.97
CA THR A 307 -13.49 -13.01 -18.53
C THR A 307 -13.40 -11.60 -17.98
N TRP A 308 -13.01 -11.45 -16.72
CA TRP A 308 -12.73 -10.12 -16.21
C TRP A 308 -11.43 -9.57 -16.81
N ALA A 309 -10.53 -10.46 -17.22
CA ALA A 309 -9.27 -10.02 -17.80
C ALA A 309 -9.50 -9.22 -19.07
N ASP A 310 -10.37 -9.71 -19.96
CA ASP A 310 -10.55 -8.98 -21.21
C ASP A 310 -11.49 -7.79 -21.07
N ILE A 311 -12.30 -7.72 -20.00
CA ILE A 311 -13.01 -6.48 -19.73
C ILE A 311 -12.01 -5.42 -19.27
N ILE A 312 -11.04 -5.82 -18.43
CA ILE A 312 -9.94 -4.92 -18.12
C ILE A 312 -9.21 -4.53 -19.39
N ASN A 313 -9.08 -5.47 -20.33
CA ASN A 313 -8.43 -5.17 -21.61
C ASN A 313 -9.23 -4.14 -22.41
N ARG A 314 -10.55 -4.25 -22.41
CA ARG A 314 -11.38 -3.26 -23.10
C ARG A 314 -11.20 -1.89 -22.48
N ALA A 315 -11.19 -1.83 -21.14
CA ALA A 315 -10.91 -0.56 -20.48
C ALA A 315 -9.55 -0.03 -20.90
N ASN A 316 -8.53 -0.89 -20.91
CA ASN A 316 -7.20 -0.48 -21.31
C ASN A 316 -7.18 0.01 -22.75
N LEU A 317 -7.96 -0.62 -23.62
CA LEU A 317 -8.05 -0.17 -25.01
C LEU A 317 -8.62 1.23 -25.07
N GLY A 318 -9.66 1.51 -24.27
CA GLY A 318 -10.21 2.85 -24.24
C GLY A 318 -9.19 3.87 -23.78
N MET A 319 -8.49 3.56 -22.68
CA MET A 319 -7.46 4.47 -22.19
C MET A 319 -6.37 4.67 -23.23
N GLU A 320 -5.95 3.60 -23.90
CA GLU A 320 -4.87 3.69 -24.87
C GLU A 320 -5.27 4.57 -26.05
N VAL A 321 -6.45 4.31 -26.62
CA VAL A 321 -6.86 5.08 -27.80
C VAL A 321 -7.07 6.54 -27.43
N MET A 322 -7.61 6.82 -26.24
CA MET A 322 -7.86 8.21 -25.87
C MET A 322 -6.57 8.91 -25.47
N HIS A 323 -5.56 8.17 -25.02
CA HIS A 323 -4.28 8.79 -24.71
C HIS A 323 -3.62 9.36 -25.97
N GLU A 324 -3.64 8.59 -27.05
CA GLU A 324 -2.85 8.92 -28.24
C GLU A 324 -3.51 10.11 -28.94
N ARG A 325 -3.31 11.30 -28.35
CA ARG A 325 -3.94 12.49 -28.91
C ARG A 325 -3.47 12.74 -30.33
N ASN A 326 -2.20 12.50 -30.61
CA ASN A 326 -1.67 12.62 -31.97
C ASN A 326 -1.93 14.02 -32.55
N GLY B 1 -8.84 18.84 32.88
CA GLY B 1 -9.96 19.40 32.15
C GLY B 1 -10.43 18.50 31.02
N LEU B 2 -11.70 18.60 30.68
CA LEU B 2 -12.25 17.78 29.61
C LEU B 2 -11.66 18.19 28.27
N PRO B 3 -11.22 17.25 27.42
CA PRO B 3 -10.82 17.63 26.07
C PRO B 3 -11.96 18.28 25.30
N TRP B 4 -11.62 18.79 24.11
CA TRP B 4 -12.63 19.46 23.29
C TRP B 4 -13.74 18.49 22.90
N TYR B 5 -13.40 17.24 22.60
CA TYR B 5 -14.38 16.25 22.18
C TYR B 5 -15.13 15.62 23.34
N ARG B 6 -14.66 15.77 24.57
CA ARG B 6 -15.29 15.18 25.74
C ARG B 6 -16.12 16.18 26.53
N VAL B 7 -16.15 17.44 26.12
CA VAL B 7 -16.68 18.51 26.98
C VAL B 7 -18.15 18.25 27.31
N HIS B 8 -18.95 17.89 26.31
CA HIS B 8 -20.37 17.67 26.55
C HIS B 8 -20.60 16.55 27.55
N THR B 9 -19.65 15.63 27.72
CA THR B 9 -19.80 14.60 28.73
C THR B 9 -20.03 15.17 30.12
N VAL B 10 -19.82 16.49 30.31
CA VAL B 10 -20.09 17.12 31.60
C VAL B 10 -21.55 16.95 32.00
N VAL B 11 -22.46 16.83 31.03
CA VAL B 11 -23.89 16.81 31.32
C VAL B 11 -24.41 15.37 31.46
N ILE B 12 -23.51 14.40 31.63
CA ILE B 12 -23.95 13.01 31.74
C ILE B 12 -24.72 12.78 33.04
N ASN B 13 -24.17 13.27 34.16
CA ASN B 13 -24.70 12.98 35.48
C ASN B 13 -25.69 14.03 36.00
N ASP B 14 -26.04 15.02 35.18
CA ASP B 14 -26.99 16.06 35.57
C ASP B 14 -28.25 15.90 34.72
N PRO B 15 -29.28 15.20 35.21
CA PRO B 15 -30.50 15.07 34.41
C PRO B 15 -31.14 16.41 34.06
N GLY B 16 -31.12 17.38 34.97
CA GLY B 16 -31.69 18.68 34.65
C GLY B 16 -30.95 19.38 33.53
N ARG B 17 -29.62 19.38 33.61
CA ARG B 17 -28.83 19.96 32.53
C ARG B 17 -28.95 19.13 31.26
N LEU B 18 -29.19 17.83 31.39
CA LEU B 18 -29.46 17.02 30.21
C LEU B 18 -30.75 17.46 29.53
N ILE B 19 -31.80 17.71 30.32
CA ILE B 19 -33.01 18.30 29.78
C ILE B 19 -32.70 19.62 29.09
N SER B 20 -31.85 20.44 29.73
CA SER B 20 -31.53 21.74 29.16
C SER B 20 -30.87 21.61 27.79
N VAL B 21 -29.88 20.72 27.67
CA VAL B 21 -29.16 20.59 26.40
C VAL B 21 -30.05 19.97 25.34
N HIS B 22 -30.87 18.98 25.72
CA HIS B 22 -31.79 18.41 24.75
C HIS B 22 -32.80 19.45 24.28
N LEU B 23 -33.29 20.29 25.20
CA LEU B 23 -34.20 21.37 24.82
C LEU B 23 -33.51 22.35 23.88
N MET B 24 -32.24 22.67 24.16
CA MET B 24 -31.51 23.57 23.28
C MET B 24 -31.37 22.98 21.88
N HIS B 25 -31.05 21.69 21.80
CA HIS B 25 -30.92 21.06 20.48
C HIS B 25 -32.26 21.05 19.76
N THR B 26 -33.35 20.76 20.48
CA THR B 26 -34.68 20.77 19.87
C THR B 26 -35.03 22.17 19.40
N ALA B 27 -34.68 23.20 20.18
CA ALA B 27 -34.93 24.57 19.77
C ALA B 27 -34.13 24.91 18.51
N LEU B 28 -32.87 24.48 18.46
CA LEU B 28 -32.06 24.74 17.28
C LEU B 28 -32.67 24.07 16.05
N VAL B 29 -33.15 22.83 16.21
CA VAL B 29 -33.72 22.11 15.07
C VAL B 29 -35.01 22.78 14.61
N SER B 30 -35.88 23.15 15.55
CA SER B 30 -37.12 23.82 15.18
C SER B 30 -36.85 25.17 14.51
N GLY B 31 -35.87 25.92 15.03
CA GLY B 31 -35.50 27.17 14.41
C GLY B 31 -34.96 26.97 13.01
N TRP B 32 -34.17 25.92 12.81
CA TRP B 32 -33.71 25.60 11.47
C TRP B 32 -34.88 25.29 10.55
N ALA B 33 -35.85 24.52 11.04
CA ALA B 33 -37.02 24.20 10.22
C ALA B 33 -37.74 25.47 9.81
N GLY B 34 -37.99 26.35 10.77
CA GLY B 34 -38.70 27.59 10.46
C GLY B 34 -37.94 28.49 9.51
N SER B 35 -36.65 28.68 9.78
CA SER B 35 -35.84 29.54 8.92
C SER B 35 -35.73 28.97 7.51
N MET B 36 -35.55 27.64 7.40
CA MET B 36 -35.50 27.02 6.09
C MET B 36 -36.81 27.17 5.36
N ALA B 37 -37.94 26.98 6.04
CA ALA B 37 -39.23 27.18 5.40
C ALA B 37 -39.39 28.60 4.90
N LEU B 38 -39.00 29.58 5.73
CA LEU B 38 -39.09 30.98 5.30
C LEU B 38 -38.21 31.23 4.08
N PHE B 39 -36.98 30.71 4.10
CA PHE B 39 -36.07 30.92 2.98
C PHE B 39 -36.61 30.30 1.70
N GLU B 40 -37.11 29.07 1.80
CA GLU B 40 -37.64 28.39 0.62
C GLU B 40 -38.85 29.11 0.07
N ILE B 41 -39.76 29.56 0.96
CA ILE B 41 -40.92 30.32 0.50
C ILE B 41 -40.47 31.61 -0.18
N SER B 42 -39.42 32.24 0.37
CA SER B 42 -38.92 33.47 -0.23
C SER B 42 -38.40 33.22 -1.63
N VAL B 43 -37.68 32.11 -1.84
CA VAL B 43 -37.06 31.82 -3.13
C VAL B 43 -37.94 30.93 -4.01
N PHE B 44 -39.16 30.63 -3.56
CA PHE B 44 -40.04 29.76 -4.33
C PHE B 44 -40.65 30.50 -5.51
N ASP B 45 -40.94 29.75 -6.58
CA ASP B 45 -41.51 30.28 -7.82
C ASP B 45 -42.72 29.43 -8.18
N PRO B 46 -43.89 29.72 -7.60
CA PRO B 46 -45.07 28.89 -7.86
C PRO B 46 -45.79 29.21 -9.15
N SER B 47 -45.18 29.97 -10.06
CA SER B 47 -45.87 30.33 -11.30
C SER B 47 -46.18 29.10 -12.15
N ASP B 48 -45.24 28.17 -12.25
CA ASP B 48 -45.35 27.00 -13.12
C ASP B 48 -45.21 25.73 -12.29
N PRO B 49 -46.32 25.18 -11.78
CA PRO B 49 -46.22 23.91 -11.03
C PRO B 49 -46.05 22.69 -11.91
N VAL B 50 -46.12 22.83 -13.23
CA VAL B 50 -46.02 21.69 -14.14
C VAL B 50 -44.56 21.47 -14.52
N LEU B 51 -43.95 22.47 -15.15
CA LEU B 51 -42.58 22.37 -15.63
C LEU B 51 -41.55 22.93 -14.65
N ASN B 52 -41.98 23.60 -13.58
CA ASN B 52 -41.07 24.11 -12.56
C ASN B 52 -41.66 23.84 -11.18
N PRO B 53 -41.76 22.58 -10.78
CA PRO B 53 -42.25 22.26 -9.44
C PRO B 53 -41.18 22.52 -8.40
N MET B 54 -41.51 22.21 -7.14
CA MET B 54 -40.59 22.47 -6.05
C MET B 54 -39.28 21.69 -6.22
N TRP B 55 -39.37 20.41 -6.58
CA TRP B 55 -38.17 19.61 -6.70
C TRP B 55 -37.24 20.14 -7.79
N ARG B 56 -37.79 20.81 -8.80
CA ARG B 56 -36.94 21.48 -9.78
C ARG B 56 -36.32 22.76 -9.21
N GLN B 57 -36.89 23.29 -8.13
CA GLN B 57 -36.38 24.49 -7.49
C GLN B 57 -35.52 24.17 -6.28
N GLY B 58 -35.13 22.91 -6.11
CA GLY B 58 -34.22 22.53 -5.05
C GLY B 58 -34.75 22.84 -3.66
N MET B 59 -36.01 22.51 -3.42
CA MET B 59 -36.64 22.76 -2.13
C MET B 59 -36.63 21.50 -1.29
N PHE B 60 -36.04 21.59 -0.09
CA PHE B 60 -35.87 20.45 0.80
C PHE B 60 -36.99 20.31 1.80
N VAL B 61 -37.36 21.39 2.48
CA VAL B 61 -38.41 21.30 3.50
C VAL B 61 -39.80 21.49 2.90
N LEU B 62 -39.91 22.22 1.79
CA LEU B 62 -41.23 22.44 1.19
C LEU B 62 -41.92 21.15 0.81
N PRO B 63 -41.24 20.15 0.21
CA PRO B 63 -41.93 18.87 -0.06
C PRO B 63 -42.51 18.23 1.20
N PHE B 64 -41.83 18.32 2.34
CA PHE B 64 -42.34 17.71 3.55
C PHE B 64 -43.51 18.50 4.12
N MET B 65 -43.45 19.84 4.02
CA MET B 65 -44.58 20.65 4.45
C MET B 65 -45.81 20.34 3.62
N THR B 66 -45.66 20.22 2.30
CA THR B 66 -46.80 19.99 1.44
C THR B 66 -47.24 18.53 1.39
N ARG B 67 -46.39 17.61 1.86
CA ARG B 67 -46.77 16.20 1.87
C ARG B 67 -47.95 15.96 2.79
N LEU B 68 -47.98 16.62 3.94
CA LEU B 68 -48.95 16.34 4.98
C LEU B 68 -50.13 17.29 5.01
N GLY B 69 -50.19 18.27 4.10
CA GLY B 69 -51.39 19.07 3.96
C GLY B 69 -51.20 20.55 3.68
N ILE B 70 -50.01 21.08 3.95
CA ILE B 70 -49.77 22.52 3.81
C ILE B 70 -49.61 22.80 2.31
N THR B 71 -50.69 23.26 1.67
CA THR B 71 -50.69 23.62 0.26
C THR B 71 -50.79 25.12 0.03
N GLN B 72 -51.61 25.81 0.81
CA GLN B 72 -51.83 27.24 0.63
C GLN B 72 -50.67 28.03 1.23
N SER B 73 -50.59 29.31 0.85
CA SER B 73 -49.56 30.21 1.33
C SER B 73 -50.18 31.57 1.63
N TRP B 74 -49.55 32.31 2.54
CA TRP B 74 -49.98 33.67 2.85
C TRP B 74 -49.70 34.64 1.72
N GLY B 75 -48.92 34.24 0.71
CA GLY B 75 -48.64 35.08 -0.42
C GLY B 75 -49.72 35.12 -1.47
N GLY B 76 -50.83 34.41 -1.25
CA GLY B 76 -51.92 34.38 -2.21
C GLY B 76 -51.82 33.31 -3.27
N TRP B 77 -50.99 32.30 -3.06
CA TRP B 77 -50.82 31.22 -4.03
C TRP B 77 -50.89 29.88 -3.31
N THR B 78 -51.45 28.88 -3.99
CA THR B 78 -51.42 27.50 -3.53
C THR B 78 -50.34 26.74 -4.30
N ILE B 79 -50.04 25.53 -3.82
CA ILE B 79 -48.98 24.74 -4.41
C ILE B 79 -49.36 24.15 -5.76
N SER B 80 -50.64 24.15 -6.11
CA SER B 80 -51.09 23.67 -7.41
C SER B 80 -51.09 24.75 -8.48
N GLY B 81 -50.61 25.96 -8.15
CA GLY B 81 -50.56 27.06 -9.09
C GLY B 81 -51.78 27.95 -9.12
N GLU B 82 -52.84 27.59 -8.39
CA GLU B 82 -54.05 28.40 -8.36
C GLU B 82 -53.86 29.52 -7.34
N THR B 83 -54.94 30.24 -7.04
CA THR B 83 -54.91 31.34 -6.08
C THR B 83 -55.55 30.89 -4.77
N ALA B 84 -54.83 31.09 -3.68
CA ALA B 84 -55.30 30.70 -2.34
C ALA B 84 -56.09 31.88 -1.77
N THR B 85 -57.40 31.89 -2.03
CA THR B 85 -58.26 32.97 -1.54
C THR B 85 -58.25 32.99 -0.01
N ASN B 86 -58.38 31.83 0.62
CA ASN B 86 -58.37 31.72 2.08
C ASN B 86 -57.18 30.88 2.50
N PRO B 87 -56.06 31.47 2.92
CA PRO B 87 -54.88 30.66 3.26
C PRO B 87 -55.04 29.95 4.58
N GLY B 88 -55.72 30.58 5.54
CA GLY B 88 -55.89 30.00 6.85
C GLY B 88 -54.67 30.22 7.73
N ILE B 89 -54.79 29.76 8.97
CA ILE B 89 -53.70 29.92 9.92
C ILE B 89 -52.53 29.00 9.54
N TRP B 90 -52.82 27.78 9.14
CA TRP B 90 -51.79 26.79 8.84
C TRP B 90 -51.43 26.89 7.36
N SER B 91 -50.33 27.56 7.08
CA SER B 91 -49.78 27.67 5.74
C SER B 91 -48.27 27.47 5.82
N TYR B 92 -47.58 27.60 4.69
CA TYR B 92 -46.12 27.51 4.70
C TYR B 92 -45.52 28.57 5.62
N GLU B 93 -45.93 29.83 5.43
CA GLU B 93 -45.47 30.89 6.31
C GLU B 93 -45.98 30.66 7.73
N GLY B 94 -47.23 30.22 7.87
CA GLY B 94 -47.75 29.94 9.19
C GLY B 94 -46.99 28.84 9.91
N VAL B 95 -46.68 27.77 9.19
CA VAL B 95 -45.92 26.66 9.77
C VAL B 95 -44.52 27.12 10.15
N ALA B 96 -43.89 27.91 9.28
CA ALA B 96 -42.55 28.40 9.59
C ALA B 96 -42.56 29.30 10.82
N ALA B 97 -43.56 30.18 10.93
CA ALA B 97 -43.67 31.04 12.09
C ALA B 97 -43.92 30.22 13.35
N ALA B 98 -44.76 29.19 13.25
CA ALA B 98 -45.00 28.32 14.39
C ALA B 98 -43.71 27.64 14.83
N HIS B 99 -42.92 27.16 13.87
CA HIS B 99 -41.66 26.50 14.21
C HIS B 99 -40.69 27.48 14.86
N ILE B 100 -40.63 28.72 14.36
CA ILE B 100 -39.74 29.72 14.97
C ILE B 100 -40.18 30.03 16.39
N ILE B 101 -41.49 30.21 16.60
CA ILE B 101 -41.99 30.49 17.94
C ILE B 101 -41.68 29.32 18.87
N LEU B 102 -41.85 28.10 18.38
CA LEU B 102 -41.50 26.93 19.19
C LEU B 102 -40.02 26.90 19.51
N SER B 103 -39.18 27.27 18.54
CA SER B 103 -37.75 27.31 18.80
C SER B 103 -37.42 28.30 19.91
N GLY B 104 -38.03 29.48 19.87
CA GLY B 104 -37.80 30.45 20.93
C GLY B 104 -38.29 29.97 22.28
N ALA B 105 -39.48 29.38 22.32
CA ALA B 105 -40.02 28.88 23.59
C ALA B 105 -39.14 27.77 24.15
N LEU B 106 -38.67 26.86 23.29
CA LEU B 106 -37.79 25.79 23.74
C LEU B 106 -36.45 26.34 24.19
N PHE B 107 -35.95 27.41 23.56
CA PHE B 107 -34.72 28.04 24.04
C PHE B 107 -34.91 28.61 25.44
N LEU B 108 -36.04 29.28 25.67
CA LEU B 108 -36.31 29.79 27.01
C LEU B 108 -36.41 28.66 28.02
N ALA B 109 -37.08 27.57 27.65
CA ALA B 109 -37.18 26.42 28.55
C ALA B 109 -35.81 25.82 28.82
N SER B 110 -34.96 25.76 27.80
CA SER B 110 -33.60 25.26 28.00
C SER B 110 -32.84 26.13 28.99
N VAL B 111 -32.97 27.45 28.87
CA VAL B 111 -32.31 28.35 29.81
C VAL B 111 -32.82 28.10 31.22
N TRP B 112 -34.13 27.98 31.37
CA TRP B 112 -34.71 27.75 32.70
C TRP B 112 -34.19 26.44 33.29
N HIS B 113 -34.21 25.37 32.51
CA HIS B 113 -33.76 24.08 33.02
C HIS B 113 -32.27 24.08 33.32
N TRP B 114 -31.49 24.85 32.55
CA TRP B 114 -30.07 24.98 32.87
C TRP B 114 -29.88 25.66 34.22
N THR B 115 -30.61 26.75 34.47
CA THR B 115 -30.43 27.47 35.72
C THR B 115 -30.88 26.64 36.91
N TYR B 116 -32.10 26.10 36.85
CA TYR B 116 -32.66 25.30 37.94
C TYR B 116 -32.49 23.82 37.60
N TRP B 117 -31.26 23.35 37.75
CA TRP B 117 -30.90 21.97 37.44
C TRP B 117 -31.02 21.03 38.64
N ASP B 118 -31.26 21.56 39.84
CA ASP B 118 -31.22 20.79 41.08
C ASP B 118 -32.62 20.37 41.52
N LEU B 119 -33.49 20.06 40.57
CA LEU B 119 -34.85 19.69 40.90
C LEU B 119 -34.87 18.37 41.68
N GLU B 120 -35.76 18.29 42.67
CA GLU B 120 -35.88 17.08 43.47
C GLU B 120 -36.44 15.91 42.68
N LEU B 121 -37.05 16.17 41.51
CA LEU B 121 -37.63 15.08 40.72
C LEU B 121 -36.56 14.07 40.31
N PHE B 122 -35.36 14.55 40.00
CA PHE B 122 -34.29 13.67 39.55
C PHE B 122 -33.57 12.97 40.70
N ARG B 123 -33.81 13.38 41.94
CA ARG B 123 -33.15 12.76 43.09
C ARG B 123 -33.90 11.51 43.51
N ASP B 124 -33.17 10.42 43.72
CA ASP B 124 -33.79 9.18 44.13
C ASP B 124 -34.40 9.35 45.53
N PRO B 125 -35.68 9.02 45.73
CA PRO B 125 -36.29 9.26 47.05
C PRO B 125 -35.60 8.50 48.17
N ARG B 126 -35.10 7.29 47.93
CA ARG B 126 -34.49 6.49 48.97
C ARG B 126 -32.97 6.63 49.03
N THR B 127 -32.30 6.71 47.88
CA THR B 127 -30.85 6.80 47.85
C THR B 127 -30.35 8.22 48.05
N GLY B 128 -31.09 9.21 47.56
CA GLY B 128 -30.72 10.60 47.76
C GLY B 128 -29.75 11.18 46.76
N LYS B 129 -29.54 10.51 45.62
CA LYS B 129 -28.65 11.00 44.58
C LYS B 129 -29.40 11.03 43.25
N THR B 130 -28.90 11.88 42.34
CA THR B 130 -29.54 12.06 41.05
C THR B 130 -29.53 10.75 40.26
N ALA B 131 -30.71 10.16 40.08
CA ALA B 131 -30.85 8.91 39.34
C ALA B 131 -32.10 8.98 38.47
N LEU B 132 -31.99 8.48 37.25
CA LEU B 132 -33.10 8.42 36.31
C LEU B 132 -33.58 6.98 36.22
N ASP B 133 -34.88 6.77 36.47
CA ASP B 133 -35.48 5.45 36.36
C ASP B 133 -35.73 5.17 34.89
N LEU B 134 -34.67 4.76 34.20
CA LEU B 134 -34.72 4.68 32.75
C LEU B 134 -35.80 3.74 32.22
N PRO B 135 -36.02 2.54 32.78
CA PRO B 135 -37.12 1.70 32.26
C PRO B 135 -38.48 2.38 32.30
N LYS B 136 -38.79 3.08 33.39
CA LYS B 136 -40.10 3.72 33.48
C LYS B 136 -40.16 5.00 32.64
N ILE B 137 -39.06 5.74 32.53
CA ILE B 137 -39.01 6.86 31.61
C ILE B 137 -39.28 6.39 30.19
N PHE B 138 -38.66 5.26 29.83
CA PHE B 138 -38.93 4.67 28.52
C PHE B 138 -40.38 4.26 28.37
N GLY B 139 -40.96 3.68 29.42
CA GLY B 139 -42.36 3.31 29.35
C GLY B 139 -43.23 4.52 29.08
N ILE B 140 -42.99 5.61 29.81
CA ILE B 140 -43.77 6.83 29.60
C ILE B 140 -43.61 7.32 28.17
N HIS B 141 -42.38 7.40 27.70
CA HIS B 141 -42.13 8.00 26.39
C HIS B 141 -42.63 7.10 25.26
N LEU B 142 -42.56 5.78 25.43
CA LEU B 142 -43.12 4.88 24.42
C LEU B 142 -44.64 4.95 24.42
N PHE B 143 -45.26 5.10 25.59
CA PHE B 143 -46.70 5.30 25.64
C PHE B 143 -47.09 6.56 24.89
N LEU B 144 -46.35 7.65 25.12
CA LEU B 144 -46.63 8.89 24.40
C LEU B 144 -46.42 8.73 22.91
N SER B 145 -45.35 8.05 22.51
CA SER B 145 -45.07 7.85 21.10
C SER B 145 -46.17 7.04 20.43
N GLY B 146 -46.63 5.98 21.10
CA GLY B 146 -47.72 5.19 20.54
C GLY B 146 -49.01 5.97 20.46
N LEU B 147 -49.32 6.76 21.49
CA LEU B 147 -50.53 7.56 21.46
C LEU B 147 -50.49 8.55 20.32
N LEU B 148 -49.35 9.24 20.13
CA LEU B 148 -49.25 10.22 19.05
C LEU B 148 -49.25 9.54 17.69
N CYS B 149 -48.63 8.37 17.59
CA CYS B 149 -48.66 7.63 16.33
C CYS B 149 -50.08 7.24 15.95
N PHE B 150 -50.84 6.73 16.93
CA PHE B 150 -52.24 6.41 16.66
C PHE B 150 -53.03 7.65 16.28
N GLY B 151 -52.78 8.77 16.98
CA GLY B 151 -53.48 9.99 16.63
C GLY B 151 -53.19 10.44 15.22
N PHE B 152 -51.91 10.39 14.82
CA PHE B 152 -51.54 10.77 13.46
C PHE B 152 -52.17 9.84 12.44
N GLY B 153 -52.19 8.53 12.72
CA GLY B 153 -52.72 7.59 11.76
C GLY B 153 -54.23 7.60 11.66
N ALA B 154 -54.92 7.98 12.72
CA ALA B 154 -56.38 7.90 12.77
C ALA B 154 -57.08 9.25 12.67
N PHE B 155 -56.34 10.37 12.72
CA PHE B 155 -56.98 11.68 12.67
C PHE B 155 -56.35 12.56 11.61
N HIS B 156 -55.05 12.39 11.33
CA HIS B 156 -54.39 13.20 10.32
C HIS B 156 -54.38 12.52 8.96
N VAL B 157 -53.77 11.34 8.88
CA VAL B 157 -53.66 10.67 7.58
C VAL B 157 -55.03 10.27 7.05
N THR B 158 -55.89 9.72 7.92
CA THR B 158 -57.21 9.28 7.48
C THR B 158 -58.16 10.44 7.21
N GLY B 159 -57.82 11.66 7.63
CA GLY B 159 -58.68 12.79 7.40
C GLY B 159 -59.90 12.87 8.29
N VAL B 160 -60.00 12.01 9.31
CA VAL B 160 -61.13 12.08 10.23
C VAL B 160 -61.16 13.43 10.93
N PHE B 161 -60.00 13.88 11.40
CA PHE B 161 -59.84 15.21 11.98
C PHE B 161 -58.55 15.84 11.49
N GLY B 162 -58.29 15.73 10.18
CA GLY B 162 -57.09 16.24 9.59
C GLY B 162 -57.20 16.41 8.10
N PRO B 163 -56.14 16.93 7.47
CA PRO B 163 -56.18 17.16 6.02
C PRO B 163 -55.89 15.93 5.18
N GLY B 164 -55.34 14.88 5.77
CA GLY B 164 -54.95 13.71 5.00
C GLY B 164 -53.47 13.77 4.66
N ILE B 165 -53.08 13.15 3.54
CA ILE B 165 -51.70 13.21 3.07
C ILE B 165 -51.71 13.34 1.55
N TRP B 166 -50.53 13.59 0.99
CA TRP B 166 -50.39 13.77 -0.45
C TRP B 166 -50.46 12.41 -1.14
N VAL B 167 -51.51 12.22 -1.94
CA VAL B 167 -51.68 11.01 -2.75
C VAL B 167 -51.80 11.44 -4.19
N SER B 168 -51.14 10.69 -5.08
CA SER B 168 -51.11 11.01 -6.50
C SER B 168 -51.23 9.74 -7.32
N ASP B 169 -51.60 9.92 -8.58
CA ASP B 169 -51.67 8.83 -9.51
C ASP B 169 -50.25 8.30 -9.78
N PRO B 170 -50.11 7.07 -10.30
CA PRO B 170 -48.77 6.48 -10.41
C PRO B 170 -47.77 7.34 -11.15
N TYR B 171 -48.21 8.10 -12.14
CA TYR B 171 -47.32 8.94 -12.95
C TYR B 171 -47.22 10.36 -12.41
N GLY B 172 -47.83 10.64 -11.26
CA GLY B 172 -47.69 11.95 -10.64
C GLY B 172 -48.20 13.09 -11.48
N LEU B 173 -49.30 12.87 -12.19
CA LEU B 173 -49.91 13.93 -13.00
C LEU B 173 -50.88 14.75 -12.16
N THR B 174 -51.88 14.10 -11.57
CA THR B 174 -52.86 14.74 -10.71
C THR B 174 -52.70 14.16 -9.31
N GLY B 175 -52.12 14.95 -8.41
CA GLY B 175 -51.94 14.54 -7.03
C GLY B 175 -52.33 15.64 -6.07
N ARG B 176 -53.01 15.28 -4.98
CA ARG B 176 -53.50 16.27 -4.04
C ARG B 176 -53.42 15.72 -2.63
N VAL B 177 -53.64 16.61 -1.66
CA VAL B 177 -53.79 16.20 -0.28
C VAL B 177 -55.20 15.67 -0.10
N GLN B 178 -55.31 14.38 0.19
CA GLN B 178 -56.60 13.72 0.34
C GLN B 178 -56.63 12.90 1.62
N PRO B 179 -57.81 12.66 2.18
CA PRO B 179 -57.93 11.64 3.22
C PRO B 179 -57.55 10.28 2.66
N VAL B 180 -56.94 9.47 3.52
CA VAL B 180 -56.37 8.19 3.12
C VAL B 180 -56.99 7.12 4.01
N ALA B 181 -58.01 6.44 3.49
CA ALA B 181 -58.63 5.36 4.24
C ALA B 181 -57.62 4.24 4.45
N PRO B 182 -57.51 3.69 5.66
CA PRO B 182 -56.49 2.67 5.90
C PRO B 182 -56.78 1.39 5.14
N SER B 183 -55.72 0.70 4.74
CA SER B 183 -55.80 -0.59 4.06
C SER B 183 -55.24 -1.65 4.97
N TRP B 184 -56.11 -2.52 5.48
CA TRP B 184 -55.72 -3.52 6.46
C TRP B 184 -55.29 -4.84 5.84
N GLY B 185 -55.44 -5.01 4.53
CA GLY B 185 -55.05 -6.24 3.87
C GLY B 185 -53.56 -6.30 3.63
N ALA B 186 -53.15 -7.29 2.84
CA ALA B 186 -51.75 -7.42 2.47
C ALA B 186 -51.28 -6.19 1.69
N ASP B 187 -52.15 -5.59 0.89
CA ASP B 187 -51.78 -4.39 0.15
C ASP B 187 -51.39 -3.24 1.07
N GLY B 188 -51.78 -3.31 2.35
CA GLY B 188 -51.33 -2.29 3.28
C GLY B 188 -49.81 -2.24 3.40
N PHE B 189 -49.13 -3.35 3.13
CA PHE B 189 -47.68 -3.40 3.13
C PHE B 189 -47.08 -3.11 1.77
N ASP B 190 -47.90 -2.82 0.77
CA ASP B 190 -47.38 -2.32 -0.48
C ASP B 190 -46.83 -0.93 -0.25
N PRO B 191 -45.54 -0.68 -0.46
CA PRO B 191 -44.99 0.64 -0.09
C PRO B 191 -45.65 1.79 -0.84
N TYR B 192 -46.09 1.56 -2.07
CA TYR B 192 -46.74 2.59 -2.88
C TYR B 192 -48.24 2.65 -2.62
N ASN B 193 -48.72 2.11 -1.50
CA ASN B 193 -50.13 2.16 -1.15
C ASN B 193 -50.32 3.19 -0.05
N PRO B 194 -50.94 4.35 -0.31
CA PRO B 194 -51.09 5.34 0.77
C PRO B 194 -51.86 4.82 1.96
N GLY B 195 -52.89 4.00 1.75
CA GLY B 195 -53.61 3.43 2.88
C GLY B 195 -52.71 2.64 3.80
N GLY B 196 -51.60 2.13 3.28
CA GLY B 196 -50.64 1.45 4.12
C GLY B 196 -50.11 2.33 5.23
N ILE B 197 -49.87 3.61 4.93
CA ILE B 197 -49.34 4.52 5.93
C ILE B 197 -50.33 4.71 7.07
N ALA B 198 -51.60 4.94 6.73
CA ALA B 198 -52.62 5.15 7.76
C ALA B 198 -52.80 3.90 8.61
N SER B 199 -52.94 2.74 7.95
CA SER B 199 -53.10 1.50 8.69
C SER B 199 -51.90 1.23 9.57
N HIS B 200 -50.70 1.47 9.05
CA HIS B 200 -49.48 1.29 9.84
C HIS B 200 -49.52 2.16 11.07
N HIS B 201 -49.82 3.45 10.90
CA HIS B 201 -49.75 4.34 12.05
C HIS B 201 -50.80 3.97 13.09
N ILE B 202 -51.99 3.57 12.65
CA ILE B 202 -53.01 3.15 13.62
C ILE B 202 -52.53 1.93 14.40
N ALA B 203 -52.07 0.89 13.68
CA ALA B 203 -51.67 -0.34 14.36
C ALA B 203 -50.45 -0.12 15.24
N ALA B 204 -49.47 0.61 14.74
CA ALA B 204 -48.26 0.86 15.50
C ALA B 204 -48.52 1.73 16.71
N GLY B 205 -49.45 2.69 16.61
CA GLY B 205 -49.82 3.46 17.78
C GLY B 205 -50.52 2.62 18.83
N ILE B 206 -51.40 1.73 18.39
CA ILE B 206 -52.06 0.83 19.35
C ILE B 206 -51.03 -0.03 20.06
N LEU B 207 -50.12 -0.64 19.29
CA LEU B 207 -49.11 -1.47 19.93
C LEU B 207 -48.15 -0.64 20.76
N GLY B 208 -47.91 0.61 20.38
CA GLY B 208 -47.04 1.47 21.15
C GLY B 208 -47.63 1.81 22.51
N VAL B 209 -48.93 2.12 22.55
CA VAL B 209 -49.56 2.39 23.84
C VAL B 209 -49.58 1.11 24.67
N LEU B 210 -49.84 -0.04 24.05
CA LEU B 210 -49.81 -1.29 24.80
C LEU B 210 -48.43 -1.54 25.38
N ALA B 211 -47.37 -1.34 24.59
CA ALA B 211 -46.01 -1.58 25.07
C ALA B 211 -45.61 -0.55 26.11
N GLY B 212 -46.07 0.69 25.98
CA GLY B 212 -45.80 1.68 27.01
C GLY B 212 -46.43 1.30 28.33
N LEU B 213 -47.69 0.86 28.30
CA LEU B 213 -48.33 0.37 29.51
C LEU B 213 -47.57 -0.81 30.08
N PHE B 214 -47.10 -1.72 29.23
CA PHE B 214 -46.34 -2.86 29.72
C PHE B 214 -45.07 -2.41 30.42
N HIS B 215 -44.26 -1.58 29.76
CA HIS B 215 -43.00 -1.14 30.36
C HIS B 215 -43.23 -0.28 31.60
N LEU B 216 -44.40 0.34 31.72
CA LEU B 216 -44.75 1.05 32.95
C LEU B 216 -45.06 0.06 34.07
N CYS B 217 -45.85 -0.97 33.78
CA CYS B 217 -46.34 -1.88 34.79
C CYS B 217 -45.45 -3.09 35.03
N VAL B 218 -44.40 -3.27 34.24
CA VAL B 218 -43.50 -4.43 34.37
C VAL B 218 -42.08 -3.92 34.48
N ARG B 219 -41.39 -4.34 35.54
CA ARG B 219 -40.00 -3.95 35.75
C ARG B 219 -39.07 -4.86 34.96
N PRO B 220 -37.90 -4.36 34.56
CA PRO B 220 -36.96 -5.21 33.83
C PRO B 220 -36.39 -6.30 34.72
N SER B 221 -36.08 -7.44 34.11
CA SER B 221 -35.45 -8.52 34.84
C SER B 221 -34.02 -8.15 35.21
N ILE B 222 -33.59 -8.62 36.37
CA ILE B 222 -32.25 -8.27 36.86
C ILE B 222 -31.19 -8.72 35.88
N ARG B 223 -31.38 -9.90 35.29
CA ARG B 223 -30.41 -10.39 34.31
C ARG B 223 -30.30 -9.44 33.11
N LEU B 224 -31.45 -9.02 32.57
CA LEU B 224 -31.43 -8.04 31.50
C LEU B 224 -30.96 -6.68 31.98
N TYR B 225 -31.33 -6.31 33.22
CA TYR B 225 -30.93 -5.01 33.74
C TYR B 225 -29.42 -4.88 33.77
N PHE B 226 -28.71 -5.93 34.22
CA PHE B 226 -27.25 -5.87 34.27
C PHE B 226 -26.63 -6.19 32.91
N GLY B 227 -27.29 -7.01 32.09
CA GLY B 227 -26.73 -7.30 30.77
C GLY B 227 -26.70 -6.09 29.87
N LEU B 228 -27.77 -5.31 29.85
CA LEU B 228 -27.86 -4.13 29.01
C LEU B 228 -27.49 -2.85 29.74
N SER B 229 -27.05 -2.94 31.00
CA SER B 229 -26.64 -1.77 31.77
C SER B 229 -27.78 -0.75 31.85
N MET B 230 -29.00 -1.24 32.08
CA MET B 230 -30.17 -0.39 32.00
C MET B 230 -30.12 0.77 32.98
N GLY B 231 -29.31 0.67 34.03
CA GLY B 231 -29.14 1.78 34.95
C GLY B 231 -28.25 2.90 34.42
N SER B 232 -27.57 2.68 33.30
CA SER B 232 -26.69 3.66 32.70
C SER B 232 -27.42 4.43 31.60
N ILE B 233 -27.04 5.70 31.45
CA ILE B 233 -27.64 6.52 30.39
C ILE B 233 -26.95 6.27 29.06
N GLU B 234 -25.69 5.84 29.06
CA GLU B 234 -24.96 5.70 27.81
C GLU B 234 -25.42 4.48 27.02
N THR B 235 -25.89 3.44 27.69
CA THR B 235 -26.49 2.33 26.95
C THR B 235 -27.77 2.80 26.26
N VAL B 236 -28.53 3.67 26.92
CA VAL B 236 -29.71 4.25 26.29
C VAL B 236 -29.29 5.07 25.07
N LEU B 237 -28.19 5.82 25.19
CA LEU B 237 -27.71 6.60 24.07
C LEU B 237 -27.32 5.69 22.91
N SER B 238 -26.60 4.61 23.19
CA SER B 238 -26.18 3.70 22.13
C SER B 238 -27.37 3.04 21.46
N SER B 239 -28.36 2.59 22.24
CA SER B 239 -29.53 1.96 21.65
C SER B 239 -30.36 2.96 20.85
N SER B 240 -30.46 4.19 21.34
CA SER B 240 -31.18 5.22 20.61
C SER B 240 -30.50 5.53 19.29
N ILE B 241 -29.17 5.59 19.29
CA ILE B 241 -28.44 5.79 18.04
C ILE B 241 -28.64 4.60 17.12
N ALA B 242 -28.73 3.40 17.68
CA ALA B 242 -29.01 2.21 16.86
C ALA B 242 -30.34 2.36 16.13
N ALA B 243 -31.39 2.64 16.90
CA ALA B 243 -32.70 2.85 16.29
C ALA B 243 -32.66 4.00 15.30
N VAL B 244 -31.87 5.03 15.60
CA VAL B 244 -31.88 6.23 14.76
C VAL B 244 -31.23 5.95 13.42
N PHE B 245 -30.08 5.26 13.37
CA PHE B 245 -29.53 5.03 12.04
C PHE B 245 -30.25 3.89 11.33
N TRP B 246 -30.91 2.99 12.05
CA TRP B 246 -31.83 2.08 11.38
C TRP B 246 -32.93 2.86 10.66
N ALA B 247 -33.53 3.82 11.36
CA ALA B 247 -34.55 4.65 10.73
C ALA B 247 -33.96 5.47 9.58
N ALA B 248 -32.73 5.94 9.73
CA ALA B 248 -32.09 6.71 8.68
C ALA B 248 -31.91 5.88 7.42
N PHE B 249 -31.42 4.65 7.58
CA PHE B 249 -31.27 3.77 6.42
C PHE B 249 -32.61 3.47 5.79
N VAL B 250 -33.63 3.19 6.62
CA VAL B 250 -34.94 2.84 6.07
C VAL B 250 -35.51 4.02 5.29
N VAL B 251 -35.43 5.22 5.86
CA VAL B 251 -36.02 6.39 5.21
C VAL B 251 -35.23 6.76 3.96
N ALA B 252 -33.91 6.63 4.00
CA ALA B 252 -33.11 6.90 2.80
C ALA B 252 -33.46 5.93 1.70
N GLY B 253 -33.62 4.64 2.03
CA GLY B 253 -34.04 3.68 1.02
C GLY B 253 -35.43 3.97 0.48
N THR B 254 -36.35 4.36 1.37
CA THR B 254 -37.70 4.69 0.92
C THR B 254 -37.68 5.90 -0.02
N MET B 255 -36.89 6.91 0.32
CA MET B 255 -36.80 8.09 -0.54
C MET B 255 -36.17 7.74 -1.88
N TRP B 256 -35.11 6.93 -1.87
CA TRP B 256 -34.40 6.63 -3.11
C TRP B 256 -35.23 5.73 -4.01
N TYR B 257 -35.88 4.72 -3.44
CA TYR B 257 -36.68 3.78 -4.20
C TYR B 257 -38.12 4.24 -4.41
N GLY B 258 -38.55 5.31 -3.73
CA GLY B 258 -39.90 5.81 -3.89
C GLY B 258 -40.91 5.02 -3.09
N SER B 259 -41.99 5.68 -2.68
CA SER B 259 -43.07 5.05 -1.94
C SER B 259 -44.23 6.03 -1.87
N ALA B 260 -45.29 5.62 -1.17
CA ALA B 260 -46.42 6.52 -0.99
C ALA B 260 -46.08 7.70 -0.10
N ALA B 261 -45.03 7.60 0.71
CA ALA B 261 -44.60 8.67 1.59
C ALA B 261 -43.63 9.63 0.93
N THR B 262 -43.24 9.39 -0.32
CA THR B 262 -42.33 10.26 -1.06
C THR B 262 -42.88 10.46 -2.46
N PRO B 263 -43.95 11.25 -2.60
CA PRO B 263 -44.60 11.38 -3.90
C PRO B 263 -43.68 11.99 -4.96
N ILE B 264 -43.93 11.61 -6.21
CA ILE B 264 -43.12 12.11 -7.32
C ILE B 264 -43.27 13.62 -7.43
N GLU B 265 -44.49 14.13 -7.30
CA GLU B 265 -44.75 15.55 -7.52
C GLU B 265 -44.05 16.44 -6.50
N LEU B 266 -43.57 15.88 -5.39
CA LEU B 266 -42.91 16.64 -4.36
C LEU B 266 -41.40 16.49 -4.38
N PHE B 267 -40.91 15.25 -4.44
CA PHE B 267 -39.47 14.99 -4.40
C PHE B 267 -38.88 14.70 -5.77
N GLY B 268 -39.69 14.70 -6.83
CA GLY B 268 -39.20 14.49 -8.17
C GLY B 268 -39.18 13.02 -8.54
N PRO B 269 -38.91 12.73 -9.81
CA PRO B 269 -38.91 11.33 -10.26
C PRO B 269 -37.77 10.54 -9.64
N THR B 270 -37.97 9.23 -9.61
CA THR B 270 -36.96 8.31 -9.11
C THR B 270 -35.99 7.92 -10.22
N ARG B 271 -34.80 7.45 -9.81
CA ARG B 271 -33.83 6.96 -10.77
C ARG B 271 -34.35 5.74 -11.52
N TYR B 272 -34.99 4.82 -10.79
CA TYR B 272 -35.44 3.57 -11.39
C TYR B 272 -36.68 3.74 -12.25
N GLN B 273 -37.32 4.91 -12.22
CA GLN B 273 -38.36 5.19 -13.19
C GLN B 273 -37.75 5.50 -14.55
N TRP B 274 -36.64 6.23 -14.58
CA TRP B 274 -35.94 6.48 -15.84
C TRP B 274 -35.25 5.21 -16.33
N ASP B 275 -34.62 4.46 -15.42
CA ASP B 275 -33.89 3.26 -15.83
C ASP B 275 -34.83 2.26 -16.48
N GLN B 276 -36.01 2.06 -15.90
CA GLN B 276 -36.97 1.09 -16.39
C GLN B 276 -37.94 1.68 -17.41
N GLY B 277 -37.76 2.94 -17.78
CA GLY B 277 -38.65 3.56 -18.76
C GLY B 277 -40.09 3.61 -18.31
N PHE B 278 -40.31 3.92 -17.04
CA PHE B 278 -41.68 3.97 -16.52
C PHE B 278 -42.51 5.02 -17.26
N PHE B 279 -42.02 6.25 -17.30
CA PHE B 279 -42.74 7.31 -17.99
C PHE B 279 -42.71 7.11 -19.50
N GLN B 280 -41.60 6.62 -20.03
CA GLN B 280 -41.55 6.31 -21.46
C GLN B 280 -42.57 5.25 -21.83
N GLN B 281 -42.66 4.19 -21.02
CA GLN B 281 -43.65 3.15 -21.29
C GLN B 281 -45.07 3.70 -21.21
N GLU B 282 -45.35 4.53 -20.20
CA GLU B 282 -46.69 5.09 -20.08
C GLU B 282 -47.02 5.98 -21.27
N ILE B 283 -46.07 6.83 -21.68
CA ILE B 283 -46.32 7.74 -22.79
C ILE B 283 -46.55 6.95 -24.08
N GLN B 284 -45.73 5.92 -24.31
CA GLN B 284 -45.91 5.10 -25.50
C GLN B 284 -47.24 4.38 -25.48
N LYS B 285 -47.65 3.89 -24.31
CA LYS B 285 -48.96 3.25 -24.21
C LYS B 285 -50.08 4.22 -24.54
N ARG B 286 -50.00 5.44 -23.99
CA ARG B 286 -51.03 6.44 -24.28
C ARG B 286 -51.06 6.78 -25.77
N VAL B 287 -49.89 6.95 -26.38
CA VAL B 287 -49.83 7.31 -27.79
C VAL B 287 -50.40 6.19 -28.65
N GLN B 288 -50.05 4.94 -28.34
CA GLN B 288 -50.58 3.82 -29.10
C GLN B 288 -52.09 3.72 -28.94
N ALA B 289 -52.60 3.94 -27.72
CA ALA B 289 -54.04 3.91 -27.52
C ALA B 289 -54.73 5.01 -28.33
N SER B 290 -54.15 6.21 -28.34
CA SER B 290 -54.73 7.29 -29.13
C SER B 290 -54.71 6.97 -30.61
N LEU B 291 -53.60 6.41 -31.10
CA LEU B 291 -53.50 6.08 -32.52
C LEU B 291 -54.50 5.00 -32.90
N ALA B 292 -54.71 4.02 -32.02
CA ALA B 292 -55.68 2.96 -32.32
C ALA B 292 -57.08 3.54 -32.52
N GLU B 293 -57.37 4.67 -31.90
CA GLU B 293 -58.66 5.35 -32.11
C GLU B 293 -58.76 6.03 -33.46
N GLY B 294 -57.66 6.11 -34.22
CA GLY B 294 -57.66 6.75 -35.52
C GLY B 294 -57.12 8.16 -35.54
N ALA B 295 -56.65 8.68 -34.41
CA ALA B 295 -56.12 10.03 -34.38
C ALA B 295 -54.76 10.09 -35.06
N SER B 296 -54.41 11.29 -35.52
CA SER B 296 -53.12 11.49 -36.17
C SER B 296 -52.00 11.47 -35.13
N LEU B 297 -50.76 11.36 -35.63
CA LEU B 297 -49.62 11.38 -34.74
C LEU B 297 -49.52 12.69 -33.96
N SER B 298 -49.72 13.82 -34.65
CA SER B 298 -49.69 15.10 -33.96
C SER B 298 -50.82 15.19 -32.93
N ASP B 299 -52.03 14.77 -33.31
CA ASP B 299 -53.13 14.78 -32.36
C ASP B 299 -52.88 13.82 -31.21
N ALA B 300 -52.36 12.62 -31.51
CA ALA B 300 -52.12 11.64 -30.46
C ALA B 300 -51.09 12.14 -29.45
N TRP B 301 -50.01 12.76 -29.94
CA TRP B 301 -48.99 13.28 -29.04
C TRP B 301 -49.41 14.56 -28.33
N SER B 302 -50.32 15.33 -28.93
CA SER B 302 -50.80 16.53 -28.26
C SER B 302 -51.59 16.20 -26.99
N ARG B 303 -52.21 15.01 -26.95
CA ARG B 303 -52.96 14.62 -25.76
C ARG B 303 -52.04 14.32 -24.57
N ILE B 304 -50.77 14.03 -24.81
CA ILE B 304 -49.84 13.71 -23.74
C ILE B 304 -49.63 14.97 -22.90
N PRO B 305 -49.89 14.95 -21.59
CA PRO B 305 -49.63 16.15 -20.78
C PRO B 305 -48.16 16.50 -20.78
N GLU B 306 -47.88 17.80 -20.70
CA GLU B 306 -46.49 18.25 -20.64
C GLU B 306 -45.80 17.75 -19.39
N LYS B 307 -46.56 17.55 -18.31
CA LYS B 307 -45.96 17.07 -17.06
C LYS B 307 -45.39 15.66 -17.25
N LEU B 308 -46.12 14.78 -17.93
CA LEU B 308 -45.62 13.42 -18.15
C LEU B 308 -44.33 13.45 -18.97
N ALA B 309 -44.30 14.26 -20.04
CA ALA B 309 -43.10 14.37 -20.84
C ALA B 309 -41.94 14.92 -20.01
N PHE B 310 -42.23 15.89 -19.14
CA PHE B 310 -41.18 16.43 -18.27
C PHE B 310 -40.62 15.36 -17.35
N TYR B 311 -41.48 14.50 -16.80
CA TYR B 311 -40.98 13.41 -15.99
C TYR B 311 -40.09 12.49 -16.81
N ASP B 312 -40.43 12.28 -18.08
CA ASP B 312 -39.64 11.43 -18.97
C ASP B 312 -38.48 12.24 -19.55
N TYR B 313 -37.52 12.53 -18.67
CA TYR B 313 -36.37 13.34 -19.04
C TYR B 313 -35.26 13.07 -18.02
N ILE B 314 -34.07 12.76 -18.52
CA ILE B 314 -33.00 12.32 -17.62
C ILE B 314 -32.51 13.45 -16.72
N GLY B 315 -32.76 14.71 -17.09
CA GLY B 315 -32.36 15.79 -16.20
C GLY B 315 -33.07 15.72 -14.86
N ASN B 316 -34.32 15.28 -14.86
CA ASN B 316 -35.06 15.08 -13.62
C ASN B 316 -34.62 13.82 -12.87
N ASN B 317 -33.80 12.99 -13.47
CA ASN B 317 -33.28 11.80 -12.79
C ASN B 317 -32.41 12.25 -11.62
N PRO B 318 -32.70 11.83 -10.38
CA PRO B 318 -31.86 12.27 -9.26
C PRO B 318 -30.43 11.79 -9.34
N ALA B 319 -30.15 10.74 -10.11
CA ALA B 319 -28.82 10.15 -10.18
C ALA B 319 -27.99 10.69 -11.33
N LYS B 320 -28.20 11.95 -11.71
CA LYS B 320 -27.36 12.62 -12.70
C LYS B 320 -26.62 13.82 -12.14
N GLY B 321 -26.90 14.22 -10.91
CA GLY B 321 -26.23 15.37 -10.32
C GLY B 321 -24.82 15.05 -9.90
N GLY B 322 -24.15 16.08 -9.37
CA GLY B 322 -22.79 15.94 -8.89
C GLY B 322 -22.71 16.18 -7.40
N LEU B 323 -21.64 15.68 -6.78
CA LEU B 323 -21.48 15.85 -5.34
C LEU B 323 -21.34 17.32 -4.97
N PHE B 324 -20.64 18.10 -5.79
CA PHE B 324 -20.43 19.52 -5.55
C PHE B 324 -21.13 20.39 -6.57
N ARG B 325 -22.03 19.82 -7.39
CA ARG B 325 -22.90 20.61 -8.26
C ARG B 325 -24.03 21.15 -7.39
N THR B 326 -23.73 22.23 -6.69
CA THR B 326 -24.66 22.77 -5.71
C THR B 326 -25.83 23.47 -6.40
N GLY B 327 -26.95 23.53 -5.69
CA GLY B 327 -28.10 24.29 -6.13
C GLY B 327 -29.22 23.40 -6.65
N ALA B 328 -30.29 24.07 -7.06
CA ALA B 328 -31.46 23.40 -7.60
C ALA B 328 -31.21 22.95 -9.02
N MET B 329 -32.08 22.05 -9.51
CA MET B 329 -31.98 21.63 -10.90
C MET B 329 -32.08 22.81 -11.86
N ASN B 330 -32.85 23.84 -11.48
CA ASN B 330 -32.99 25.00 -12.33
C ASN B 330 -31.66 25.66 -12.64
N SER B 331 -30.69 25.51 -11.76
CA SER B 331 -29.33 26.02 -11.98
C SER B 331 -28.47 25.06 -12.80
N GLY B 332 -29.03 23.93 -13.23
CA GLY B 332 -28.30 22.97 -14.03
C GLY B 332 -28.65 23.09 -15.49
N ASP B 333 -29.55 22.22 -15.96
CA ASP B 333 -30.00 22.31 -17.34
C ASP B 333 -30.80 23.58 -17.62
N GLY B 334 -31.25 24.28 -16.58
CA GLY B 334 -31.98 25.52 -16.73
C GLY B 334 -33.47 25.33 -16.46
N ILE B 335 -34.13 26.46 -16.20
CA ILE B 335 -35.57 26.43 -15.95
C ILE B 335 -36.28 26.03 -17.23
N ALA B 336 -37.20 25.07 -17.12
CA ALA B 336 -37.92 24.55 -18.27
C ALA B 336 -39.06 25.49 -18.64
N VAL B 337 -39.07 25.96 -19.88
CA VAL B 337 -40.10 26.87 -20.35
C VAL B 337 -41.26 26.12 -20.98
N GLY B 338 -40.98 25.18 -21.87
CA GLY B 338 -42.03 24.46 -22.55
C GLY B 338 -41.53 23.15 -23.11
N TRP B 339 -42.45 22.39 -23.69
CA TRP B 339 -42.16 21.09 -24.28
C TRP B 339 -42.15 21.22 -25.80
N LEU B 340 -41.03 20.89 -26.42
CA LEU B 340 -40.93 20.98 -27.88
C LEU B 340 -41.81 19.94 -28.55
N GLY B 341 -41.86 18.74 -28.01
CA GLY B 341 -42.61 17.64 -28.60
C GLY B 341 -41.73 16.43 -28.85
N HIS B 342 -42.39 15.31 -29.13
CA HIS B 342 -41.66 14.08 -29.41
C HIS B 342 -40.99 14.18 -30.78
N ALA B 343 -39.71 13.81 -30.82
CA ALA B 343 -38.91 13.89 -32.04
C ALA B 343 -38.86 12.50 -32.68
N SER B 344 -39.49 12.36 -33.84
CA SER B 344 -39.42 11.14 -34.62
C SER B 344 -38.39 11.34 -35.72
N PHE B 345 -37.39 10.47 -35.76
CA PHE B 345 -36.31 10.55 -36.74
C PHE B 345 -36.56 9.54 -37.85
N LYS B 346 -36.72 10.03 -39.07
CA LYS B 346 -36.96 9.20 -40.25
C LYS B 346 -35.79 9.35 -41.20
N ASP B 347 -35.21 8.22 -41.60
CA ASP B 347 -34.09 8.23 -42.53
C ASP B 347 -34.59 8.46 -43.96
N GLN B 348 -33.66 8.58 -44.90
CA GLN B 348 -34.02 8.84 -46.28
C GLN B 348 -34.88 7.72 -46.84
N GLU B 349 -34.54 6.46 -46.51
CA GLU B 349 -35.31 5.34 -47.03
C GLU B 349 -36.76 5.40 -46.57
N GLY B 350 -36.98 5.73 -45.30
CA GLY B 350 -38.33 5.83 -44.76
C GLY B 350 -38.47 5.19 -43.40
N ARG B 351 -37.45 4.46 -42.95
CA ARG B 351 -37.51 3.81 -41.66
C ARG B 351 -37.52 4.84 -40.53
N GLU B 352 -38.20 4.49 -39.44
CA GLU B 352 -38.25 5.33 -38.26
C GLU B 352 -37.10 4.95 -37.33
N LEU B 353 -36.39 5.96 -36.84
CA LEU B 353 -35.22 5.78 -35.99
C LEU B 353 -35.49 6.35 -34.61
N PHE B 354 -35.07 5.61 -33.59
CA PHE B 354 -35.22 6.01 -32.19
C PHE B 354 -33.84 6.21 -31.58
N VAL B 355 -33.63 7.35 -30.92
CA VAL B 355 -32.36 7.64 -30.30
C VAL B 355 -32.18 6.74 -29.08
N ARG B 356 -31.01 6.12 -28.96
CA ARG B 356 -30.69 5.31 -27.80
C ARG B 356 -30.53 6.23 -26.60
N ARG B 357 -31.45 6.13 -25.64
CA ARG B 357 -31.45 7.05 -24.51
C ARG B 357 -30.23 6.85 -23.63
N MET B 358 -29.84 7.91 -22.95
CA MET B 358 -28.65 7.89 -22.12
C MET B 358 -28.88 7.05 -20.88
N PRO B 359 -28.11 5.98 -20.65
CA PRO B 359 -28.20 5.29 -19.36
C PRO B 359 -27.75 6.19 -18.23
N THR B 360 -28.28 5.93 -17.04
CA THR B 360 -28.04 6.83 -15.92
C THR B 360 -26.56 7.01 -15.61
N PHE B 361 -25.75 5.98 -15.89
CA PHE B 361 -24.33 6.06 -15.54
C PHE B 361 -23.59 7.09 -16.40
N PHE B 362 -23.83 7.09 -17.70
CA PHE B 362 -23.01 7.85 -18.63
C PHE B 362 -23.33 9.34 -18.55
N GLU B 363 -22.30 10.16 -18.44
CA GLU B 363 -22.47 11.60 -18.52
C GLU B 363 -22.46 12.07 -19.97
N THR B 364 -21.48 11.63 -20.75
CA THR B 364 -21.46 11.79 -22.19
C THR B 364 -21.62 10.42 -22.82
N PHE B 365 -22.55 10.31 -23.77
CA PHE B 365 -22.95 9.05 -24.36
C PHE B 365 -23.02 9.22 -25.87
N PRO B 366 -22.60 8.21 -26.65
CA PRO B 366 -22.74 8.33 -28.10
C PRO B 366 -24.19 8.49 -28.51
N VAL B 367 -24.41 9.32 -29.53
CA VAL B 367 -25.74 9.58 -30.06
C VAL B 367 -25.99 8.55 -31.15
N LEU B 368 -26.79 7.53 -30.85
CA LEU B 368 -27.06 6.42 -31.75
C LEU B 368 -28.53 6.44 -32.15
N LEU B 369 -28.79 6.56 -33.44
CA LEU B 369 -30.14 6.46 -34.00
C LEU B 369 -30.34 5.01 -34.43
N LEU B 370 -31.09 4.26 -33.62
CA LEU B 370 -31.31 2.84 -33.83
C LEU B 370 -32.52 2.63 -34.73
N ASP B 371 -32.84 1.36 -34.98
CA ASP B 371 -34.00 0.96 -35.75
C ASP B 371 -35.01 0.29 -34.81
N LYS B 372 -36.09 -0.23 -35.39
CA LYS B 372 -37.01 -1.07 -34.61
C LYS B 372 -36.28 -2.29 -34.07
N ASP B 373 -35.49 -2.94 -34.92
CA ASP B 373 -34.75 -4.14 -34.53
C ASP B 373 -33.54 -3.84 -33.67
N GLY B 374 -33.22 -2.57 -33.42
CA GLY B 374 -32.08 -2.21 -32.61
C GLY B 374 -30.79 -2.00 -33.36
N ILE B 375 -30.78 -2.18 -34.68
CA ILE B 375 -29.56 -1.95 -35.46
C ILE B 375 -29.27 -0.46 -35.49
N VAL B 376 -27.98 -0.12 -35.44
CA VAL B 376 -27.57 1.28 -35.42
C VAL B 376 -27.60 1.83 -36.84
N ARG B 377 -28.73 2.41 -37.25
CA ARG B 377 -28.86 2.92 -38.60
C ARG B 377 -28.11 4.23 -38.79
N ALA B 378 -27.94 5.02 -37.73
CA ALA B 378 -27.19 6.25 -37.84
C ALA B 378 -26.60 6.60 -36.48
N ASP B 379 -25.76 7.63 -36.47
CA ASP B 379 -25.19 8.16 -35.23
C ASP B 379 -24.50 9.47 -35.57
N VAL B 380 -23.79 10.03 -34.59
CA VAL B 380 -22.97 11.21 -34.79
C VAL B 380 -21.53 10.80 -34.53
N PRO B 381 -20.58 11.11 -35.42
CA PRO B 381 -19.20 10.71 -35.17
C PRO B 381 -18.64 11.43 -33.95
N PHE B 382 -17.67 10.80 -33.30
CA PHE B 382 -17.07 11.38 -32.10
C PHE B 382 -16.28 12.62 -32.52
N ARG B 383 -16.87 13.79 -32.32
CA ARG B 383 -16.25 15.04 -32.71
C ARG B 383 -15.86 14.98 -34.19
N LYS B 384 -14.59 15.23 -34.51
CA LYS B 384 -14.13 15.19 -35.90
C LYS B 384 -13.60 13.81 -36.27
N ALA B 385 -14.42 12.78 -36.04
CA ALA B 385 -14.06 11.42 -36.38
C ALA B 385 -14.58 11.06 -37.78
N GLU B 386 -14.02 9.99 -38.33
CA GLU B 386 -14.46 9.52 -39.64
C GLU B 386 -15.92 9.12 -39.59
N SER B 387 -16.68 9.57 -40.58
CA SER B 387 -18.12 9.39 -40.63
C SER B 387 -18.47 8.32 -41.65
N LYS B 388 -19.27 7.34 -41.23
CA LYS B 388 -19.80 6.31 -42.12
C LYS B 388 -21.32 6.25 -42.11
N TYR B 389 -21.94 6.49 -40.96
CA TYR B 389 -23.39 6.55 -40.83
C TYR B 389 -23.79 7.84 -40.12
N SER B 390 -23.06 8.92 -40.37
CA SER B 390 -23.33 10.17 -39.70
C SER B 390 -24.67 10.75 -40.14
N ILE B 391 -25.12 11.77 -39.43
CA ILE B 391 -26.38 12.43 -39.78
C ILE B 391 -26.28 13.06 -41.16
N GLU B 392 -25.14 13.66 -41.48
CA GLU B 392 -24.96 14.27 -42.79
C GLU B 392 -25.09 13.24 -43.90
N GLN B 393 -24.51 12.05 -43.72
CA GLN B 393 -24.53 11.03 -44.77
C GLN B 393 -25.90 10.37 -44.88
N VAL B 394 -26.38 9.78 -43.79
CA VAL B 394 -27.67 9.12 -43.82
C VAL B 394 -28.79 10.12 -44.09
N GLY B 395 -28.59 11.37 -43.70
CA GLY B 395 -29.58 12.41 -43.98
C GLY B 395 -30.91 12.19 -43.29
N VAL B 396 -30.88 11.80 -42.01
CA VAL B 396 -32.12 11.58 -41.28
C VAL B 396 -32.77 12.93 -40.96
N SER B 397 -34.09 12.96 -40.95
CA SER B 397 -34.87 14.16 -40.71
C SER B 397 -35.69 13.97 -39.44
N VAL B 398 -35.86 15.06 -38.68
CA VAL B 398 -36.53 15.02 -37.40
C VAL B 398 -37.86 15.75 -37.52
N THR B 399 -38.95 15.07 -37.21
CA THR B 399 -40.29 15.66 -37.21
C THR B 399 -40.81 15.69 -35.79
N PHE B 400 -41.36 16.82 -35.38
CA PHE B 400 -41.80 17.01 -34.00
C PHE B 400 -43.31 16.90 -33.92
N TYR B 401 -43.78 16.03 -33.04
CA TYR B 401 -45.20 15.83 -32.80
C TYR B 401 -45.55 16.34 -31.41
N GLY B 402 -46.56 17.21 -31.33
CA GLY B 402 -46.98 17.77 -30.08
C GLY B 402 -46.06 18.87 -29.59
N GLY B 403 -46.47 19.51 -28.50
CA GLY B 403 -45.64 20.54 -27.90
C GLY B 403 -45.56 21.79 -28.76
N GLU B 404 -44.52 22.58 -28.47
CA GLU B 404 -44.33 23.84 -29.19
C GLU B 404 -44.05 23.61 -30.67
N LEU B 405 -43.24 22.60 -30.98
CA LEU B 405 -42.81 22.34 -32.35
C LEU B 405 -43.70 21.31 -33.06
N ASP B 406 -44.97 21.25 -32.70
CA ASP B 406 -45.87 20.28 -33.32
C ASP B 406 -45.95 20.51 -34.82
N GLY B 407 -45.86 19.42 -35.58
CA GLY B 407 -45.98 19.49 -37.02
C GLY B 407 -44.90 20.31 -37.69
N LEU B 408 -43.66 20.17 -37.22
CA LEU B 408 -42.51 20.85 -37.83
C LEU B 408 -41.44 19.82 -38.12
N THR B 409 -40.91 19.86 -39.35
CA THR B 409 -39.89 18.92 -39.80
C THR B 409 -38.61 19.68 -40.14
N PHE B 410 -37.49 19.15 -39.67
CA PHE B 410 -36.17 19.71 -39.96
C PHE B 410 -35.32 18.66 -40.63
N THR B 411 -34.75 19.01 -41.79
CA THR B 411 -33.83 18.14 -42.51
C THR B 411 -32.40 18.65 -42.48
N ASP B 412 -32.16 19.83 -41.94
CA ASP B 412 -30.80 20.36 -41.86
C ASP B 412 -29.94 19.43 -41.00
N PRO B 413 -28.80 18.94 -41.51
CA PRO B 413 -28.02 18.00 -40.69
C PRO B 413 -27.62 18.53 -39.33
N ALA B 414 -27.27 19.82 -39.24
CA ALA B 414 -26.89 20.39 -37.96
C ALA B 414 -28.05 20.40 -36.98
N THR B 415 -29.23 20.82 -37.44
CA THR B 415 -30.39 20.86 -36.56
C THR B 415 -30.79 19.46 -36.11
N VAL B 416 -30.78 18.50 -37.03
CA VAL B 416 -31.14 17.12 -36.67
C VAL B 416 -30.12 16.55 -35.69
N LYS B 417 -28.84 16.86 -35.89
CA LYS B 417 -27.81 16.41 -34.98
C LYS B 417 -28.02 16.98 -33.58
N LYS B 418 -28.31 18.28 -33.51
CA LYS B 418 -28.57 18.90 -32.21
C LYS B 418 -29.77 18.27 -31.53
N TYR B 419 -30.85 18.05 -32.29
CA TYR B 419 -32.05 17.50 -31.68
C TYR B 419 -31.89 16.05 -31.28
N ALA B 420 -31.06 15.29 -32.00
CA ALA B 420 -30.75 13.93 -31.56
C ALA B 420 -29.92 13.95 -30.28
N ARG B 421 -28.94 14.84 -30.20
CA ARG B 421 -28.16 14.97 -28.98
C ARG B 421 -29.04 15.36 -27.80
N LYS B 422 -30.07 16.18 -28.05
CA LYS B 422 -30.99 16.55 -26.98
C LYS B 422 -31.96 15.42 -26.65
N ALA B 423 -32.38 14.65 -27.65
CA ALA B 423 -33.36 13.59 -27.45
C ALA B 423 -32.77 12.35 -26.79
N GLN B 424 -31.46 12.16 -26.87
CA GLN B 424 -30.87 11.04 -26.15
C GLN B 424 -31.07 11.17 -24.65
N LEU B 425 -31.36 12.37 -24.16
CA LEU B 425 -31.65 12.60 -22.75
C LEU B 425 -33.09 12.27 -22.37
N GLY B 426 -33.93 11.94 -23.35
CA GLY B 426 -35.35 11.71 -23.10
C GLY B 426 -36.21 12.62 -23.97
N GLU B 427 -37.28 13.13 -23.37
CA GLU B 427 -38.10 14.11 -24.06
C GLU B 427 -37.35 15.42 -24.23
N ILE B 428 -37.48 16.03 -25.39
CA ILE B 428 -36.76 17.28 -25.70
C ILE B 428 -37.54 18.44 -25.09
N PHE B 429 -36.84 19.26 -24.30
CA PHE B 429 -37.45 20.38 -23.61
C PHE B 429 -36.62 21.64 -23.82
N GLU B 430 -37.29 22.78 -23.79
CA GLU B 430 -36.65 24.07 -23.92
C GLU B 430 -36.34 24.62 -22.53
N PHE B 431 -35.11 25.06 -22.33
CA PHE B 431 -34.67 25.60 -21.05
C PHE B 431 -34.08 26.98 -21.28
N ASP B 432 -34.38 27.91 -20.37
CA ASP B 432 -33.83 29.27 -20.41
C ASP B 432 -32.76 29.36 -19.31
N ARG B 433 -31.50 29.14 -19.70
CA ARG B 433 -30.40 29.20 -18.76
C ARG B 433 -30.03 30.62 -18.35
N SER B 434 -30.54 31.63 -19.07
CA SER B 434 -30.18 33.01 -18.75
C SER B 434 -30.81 33.50 -17.45
N THR B 435 -31.92 32.91 -17.03
CA THR B 435 -32.60 33.38 -15.83
C THR B 435 -31.71 33.22 -14.59
N LEU B 436 -31.05 32.08 -14.46
CA LEU B 436 -30.22 31.78 -13.28
C LEU B 436 -28.76 31.53 -13.64
N GLN B 437 -28.35 31.86 -14.86
CA GLN B 437 -26.97 31.61 -15.31
C GLN B 437 -26.63 30.13 -15.13
N SER B 438 -27.56 29.27 -15.54
CA SER B 438 -27.41 27.84 -15.34
C SER B 438 -26.16 27.32 -16.03
N ASP B 439 -25.46 26.40 -15.38
CA ASP B 439 -24.19 25.89 -15.86
C ASP B 439 -24.33 24.85 -16.96
N GLY B 440 -25.52 24.31 -17.17
CA GLY B 440 -25.73 23.28 -18.17
C GLY B 440 -25.39 21.87 -17.71
N VAL B 441 -25.02 21.69 -16.44
CA VAL B 441 -24.71 20.38 -15.89
C VAL B 441 -25.84 19.98 -14.97
N PHE B 442 -26.28 18.72 -15.09
CA PHE B 442 -27.41 18.25 -14.29
C PHE B 442 -27.06 18.28 -12.80
N ARG B 443 -28.10 18.42 -11.98
CA ARG B 443 -27.95 18.49 -10.54
C ARG B 443 -28.99 17.57 -9.89
N SER B 444 -28.66 17.10 -8.69
CA SER B 444 -29.46 16.07 -8.05
C SER B 444 -30.76 16.63 -7.48
N SER B 445 -31.74 15.75 -7.34
CA SER B 445 -33.04 16.10 -6.82
C SER B 445 -33.00 16.22 -5.31
N PRO B 446 -34.02 16.85 -4.70
CA PRO B 446 -34.17 16.72 -3.25
C PRO B 446 -34.28 15.28 -2.81
N ARG B 447 -34.83 14.41 -3.66
CA ARG B 447 -34.81 12.98 -3.39
C ARG B 447 -33.37 12.47 -3.27
N GLY B 448 -32.53 12.77 -4.27
CA GLY B 448 -31.16 12.31 -4.24
C GLY B 448 -30.35 12.92 -3.11
N TRP B 449 -30.54 14.22 -2.87
CA TRP B 449 -29.79 14.87 -1.80
C TRP B 449 -30.21 14.33 -0.43
N PHE B 450 -31.52 14.13 -0.23
CA PHE B 450 -31.99 13.51 1.01
C PHE B 450 -31.36 12.14 1.19
N THR B 451 -31.35 11.33 0.13
CA THR B 451 -30.76 9.99 0.22
C THR B 451 -29.28 10.07 0.58
N PHE B 452 -28.54 10.94 -0.11
CA PHE B 452 -27.11 11.07 0.19
C PHE B 452 -26.88 11.47 1.63
N GLY B 453 -27.54 12.54 2.07
CA GLY B 453 -27.34 13.01 3.42
C GLY B 453 -27.70 11.97 4.46
N HIS B 454 -28.83 11.30 4.27
CA HIS B 454 -29.31 10.37 5.30
C HIS B 454 -28.54 9.06 5.30
N VAL B 455 -28.05 8.58 4.16
CA VAL B 455 -27.20 7.39 4.18
C VAL B 455 -25.86 7.71 4.82
N CYS B 456 -25.29 8.89 4.50
CA CYS B 456 -24.04 9.28 5.16
C CYS B 456 -24.24 9.40 6.66
N PHE B 457 -25.33 10.03 7.08
CA PHE B 457 -25.61 10.15 8.50
C PHE B 457 -25.89 8.80 9.13
N ALA B 458 -26.49 7.87 8.39
CA ALA B 458 -26.73 6.54 8.93
C ALA B 458 -25.42 5.80 9.16
N LEU B 459 -24.47 5.91 8.23
CA LEU B 459 -23.17 5.29 8.46
C LEU B 459 -22.44 5.93 9.64
N LEU B 460 -22.46 7.26 9.70
CA LEU B 460 -21.80 7.95 10.81
C LEU B 460 -22.45 7.57 12.14
N PHE B 461 -23.77 7.46 12.18
CA PHE B 461 -24.44 7.08 13.41
C PHE B 461 -24.27 5.60 13.71
N PHE B 462 -24.00 4.77 12.71
CA PHE B 462 -23.56 3.41 13.02
C PHE B 462 -22.23 3.44 13.75
N PHE B 463 -21.30 4.28 13.31
CA PHE B 463 -20.04 4.42 14.04
C PHE B 463 -20.30 4.94 15.45
N GLY B 464 -21.19 5.92 15.58
CA GLY B 464 -21.50 6.47 16.88
C GLY B 464 -22.11 5.43 17.81
N HIS B 465 -23.01 4.60 17.28
CA HIS B 465 -23.57 3.51 18.06
C HIS B 465 -22.49 2.54 18.49
N ILE B 466 -21.56 2.22 17.59
CA ILE B 466 -20.45 1.34 17.96
C ILE B 466 -19.67 1.95 19.12
N TRP B 467 -19.30 3.23 18.99
CA TRP B 467 -18.50 3.88 20.01
C TRP B 467 -19.22 3.92 21.36
N HIS B 468 -20.51 4.27 21.34
CA HIS B 468 -21.23 4.42 22.60
C HIS B 468 -21.58 3.08 23.22
N GLY B 469 -21.84 2.05 22.41
CA GLY B 469 -21.96 0.71 22.96
C GLY B 469 -20.67 0.24 23.59
N ALA B 470 -19.54 0.55 22.96
CA ALA B 470 -18.25 0.26 23.57
C ALA B 470 -18.12 0.96 24.91
N ARG B 471 -18.44 2.25 24.94
CA ARG B 471 -18.28 3.02 26.18
C ARG B 471 -19.18 2.49 27.29
N THR B 472 -20.43 2.17 26.97
CA THR B 472 -21.35 1.73 28.02
C THR B 472 -21.04 0.31 28.48
N ILE B 473 -20.70 -0.59 27.54
CA ILE B 473 -20.36 -1.95 27.94
C ILE B 473 -19.04 -1.97 28.69
N PHE B 474 -18.08 -1.15 28.26
CA PHE B 474 -16.73 -1.12 28.83
C PHE B 474 -16.53 0.07 29.76
N ARG B 475 -17.58 0.48 30.48
CA ARG B 475 -17.43 1.59 31.42
C ARG B 475 -16.44 1.25 32.52
N ASP B 476 -16.33 -0.03 32.88
CA ASP B 476 -15.41 -0.41 33.95
C ASP B 476 -13.96 -0.10 33.58
N VAL B 477 -13.58 -0.38 32.33
CA VAL B 477 -12.19 -0.18 31.93
C VAL B 477 -11.97 1.21 31.34
N PHE B 478 -13.00 1.81 30.73
CA PHE B 478 -12.87 3.18 30.25
C PHE B 478 -12.65 4.17 31.38
N ALA B 479 -13.03 3.81 32.60
CA ALA B 479 -12.81 4.67 33.77
C ALA B 479 -12.71 3.76 34.99
N GLY B 480 -11.50 3.56 35.48
CA GLY B 480 -11.27 2.70 36.63
C GLY B 480 -12.06 3.12 37.85
N GLY C 1 28.59 -29.20 12.75
CA GLY C 1 29.33 -28.14 13.42
C GLY C 1 28.81 -26.76 13.08
N GLY C 2 27.49 -26.62 13.05
CA GLY C 2 26.84 -25.37 12.73
C GLY C 2 26.65 -24.43 13.89
N ARG C 3 27.14 -24.76 15.09
CA ARG C 3 26.97 -23.90 16.24
C ARG C 3 25.49 -23.61 16.48
N ASP C 4 25.18 -22.52 17.18
CA ASP C 4 23.80 -22.19 17.50
C ASP C 4 23.73 -20.71 17.87
N GLN C 5 22.50 -20.23 18.11
CA GLN C 5 22.30 -18.80 18.35
C GLN C 5 23.02 -18.34 19.60
N GLU C 6 22.96 -19.13 20.68
CA GLU C 6 23.51 -18.68 21.96
C GLU C 6 25.01 -18.48 21.88
N THR C 7 25.73 -19.40 21.23
CA THR C 7 27.18 -19.33 21.20
C THR C 7 27.71 -18.32 20.19
N THR C 8 26.88 -17.86 19.25
CA THR C 8 27.30 -16.88 18.25
C THR C 8 26.51 -15.59 18.28
N GLY C 9 25.31 -15.56 18.84
CA GLY C 9 24.49 -14.37 18.88
C GLY C 9 23.73 -14.08 17.59
N PHE C 10 23.77 -14.98 16.62
CA PHE C 10 23.07 -14.81 15.35
C PHE C 10 22.10 -15.96 15.16
N ALA C 11 20.85 -15.64 14.86
CA ALA C 11 19.84 -16.66 14.68
C ALA C 11 20.01 -17.34 13.32
N TRP C 12 19.14 -18.31 13.04
CA TRP C 12 19.24 -19.03 11.77
C TRP C 12 18.97 -18.11 10.59
N TRP C 13 18.02 -17.19 10.73
CA TRP C 13 17.73 -16.24 9.66
C TRP C 13 18.87 -15.24 9.46
N SER C 14 19.84 -15.19 10.36
CA SER C 14 21.10 -14.46 10.16
C SER C 14 22.28 -15.42 10.23
N GLY C 15 22.04 -16.68 9.84
CA GLY C 15 23.02 -17.72 10.11
C GLY C 15 24.37 -17.45 9.50
N ASN C 16 24.40 -17.02 8.24
CA ASN C 16 25.67 -16.77 7.57
C ASN C 16 26.51 -15.72 8.29
N ALA C 17 25.88 -14.86 9.09
CA ALA C 17 26.63 -13.86 9.84
C ALA C 17 27.61 -14.51 10.82
N ARG C 18 27.39 -15.76 11.19
CA ARG C 18 28.31 -16.47 12.06
C ARG C 18 29.64 -16.79 11.38
N LEU C 19 29.72 -16.60 10.06
CA LEU C 19 30.93 -16.89 9.31
C LEU C 19 31.86 -15.69 9.18
N ILE C 20 31.54 -14.55 9.81
CA ILE C 20 32.35 -13.35 9.64
C ILE C 20 33.76 -13.62 10.12
N ASN C 21 33.90 -14.23 11.29
CA ASN C 21 35.20 -14.48 11.90
C ASN C 21 35.73 -15.89 11.65
N LEU C 22 34.99 -16.72 10.92
CA LEU C 22 35.44 -18.07 10.56
C LEU C 22 35.97 -17.99 9.14
N SER C 23 37.28 -17.74 9.03
CA SER C 23 37.88 -17.52 7.72
C SER C 23 37.74 -18.74 6.83
N GLY C 24 38.03 -19.93 7.36
CA GLY C 24 37.97 -21.12 6.53
C GLY C 24 36.55 -21.47 6.10
N LYS C 25 35.60 -21.42 7.03
CA LYS C 25 34.22 -21.71 6.67
C LYS C 25 33.67 -20.65 5.73
N LEU C 26 34.06 -19.38 5.95
CA LEU C 26 33.65 -18.33 5.03
C LEU C 26 34.19 -18.56 3.63
N LEU C 27 35.46 -18.97 3.54
CA LEU C 27 36.04 -19.27 2.24
C LEU C 27 35.33 -20.44 1.58
N GLY C 28 34.99 -21.47 2.37
CA GLY C 28 34.24 -22.59 1.83
C GLY C 28 32.89 -22.17 1.28
N ALA C 29 32.19 -21.31 2.03
CA ALA C 29 30.91 -20.80 1.54
C ALA C 29 31.08 -20.01 0.26
N HIS C 30 32.12 -19.17 0.19
CA HIS C 30 32.35 -18.39 -1.01
C HIS C 30 32.65 -19.28 -2.21
N VAL C 31 33.46 -20.31 -2.02
CA VAL C 31 33.79 -21.20 -3.12
C VAL C 31 32.57 -22.00 -3.55
N ALA C 32 31.76 -22.44 -2.59
CA ALA C 32 30.52 -23.13 -2.94
C ALA C 32 29.58 -22.22 -3.72
N HIS C 33 29.52 -20.94 -3.35
CA HIS C 33 28.67 -20.02 -4.09
C HIS C 33 29.20 -19.75 -5.49
N ALA C 34 30.52 -19.66 -5.64
CA ALA C 34 31.09 -19.56 -6.98
C ALA C 34 30.75 -20.80 -7.79
N GLY C 35 30.81 -21.97 -7.16
CA GLY C 35 30.37 -23.18 -7.82
C GLY C 35 28.92 -23.11 -8.24
N LEU C 36 28.08 -22.50 -7.41
CA LEU C 36 26.68 -22.29 -7.78
C LEU C 36 26.55 -21.40 -9.01
N ILE C 37 27.31 -20.29 -9.04
CA ILE C 37 27.24 -19.38 -10.17
C ILE C 37 27.63 -20.11 -11.44
N VAL C 38 28.74 -20.85 -11.40
CA VAL C 38 29.20 -21.55 -12.58
C VAL C 38 28.24 -22.68 -12.94
N PHE C 39 27.63 -23.32 -11.94
CA PHE C 39 26.64 -24.35 -12.21
C PHE C 39 25.48 -23.77 -13.00
N TRP C 40 24.97 -22.62 -12.56
CA TRP C 40 23.87 -22.00 -13.30
C TRP C 40 24.32 -21.60 -14.69
N ALA C 41 25.53 -21.05 -14.82
CA ALA C 41 26.02 -20.68 -16.15
C ALA C 41 25.99 -21.88 -17.09
N GLY C 42 26.60 -22.99 -16.67
CA GLY C 42 26.65 -24.16 -17.53
C GLY C 42 25.29 -24.76 -17.77
N ALA C 43 24.47 -24.85 -16.72
CA ALA C 43 23.15 -25.46 -16.85
C ALA C 43 22.27 -24.67 -17.80
N MET C 44 22.28 -23.34 -17.69
CA MET C 44 21.45 -22.53 -18.58
C MET C 44 22.01 -22.49 -19.99
N ASN C 45 23.33 -22.52 -20.15
CA ASN C 45 23.89 -22.62 -21.49
C ASN C 45 23.43 -23.91 -22.16
N LEU C 46 23.50 -25.03 -21.44
CA LEU C 46 23.05 -26.30 -21.98
C LEU C 46 21.55 -26.30 -22.23
N PHE C 47 20.78 -25.72 -21.31
CA PHE C 47 19.33 -25.64 -21.47
C PHE C 47 18.96 -24.88 -22.73
N GLU C 48 19.57 -23.71 -22.93
CA GLU C 48 19.27 -22.91 -24.11
C GLU C 48 19.73 -23.61 -25.38
N VAL C 49 20.91 -24.23 -25.35
CA VAL C 49 21.38 -24.96 -26.53
C VAL C 49 20.41 -26.08 -26.88
N SER C 50 19.95 -26.81 -25.86
CA SER C 50 18.95 -27.85 -26.09
C SER C 50 17.65 -27.25 -26.63
N HIS C 51 17.36 -26.02 -26.27
CA HIS C 51 16.15 -25.32 -26.73
C HIS C 51 16.48 -24.21 -27.70
N PHE C 52 17.49 -24.43 -28.55
CA PHE C 52 17.95 -23.44 -29.53
C PHE C 52 17.90 -24.05 -30.91
N VAL C 53 17.17 -23.40 -31.82
CA VAL C 53 17.12 -23.76 -33.23
C VAL C 53 17.94 -22.73 -33.99
N PRO C 54 19.01 -23.13 -34.70
CA PRO C 54 19.87 -22.12 -35.33
C PRO C 54 19.16 -21.22 -36.32
N GLU C 55 18.13 -21.70 -37.01
CA GLU C 55 17.51 -20.89 -38.06
C GLU C 55 16.87 -19.64 -37.49
N LYS C 56 16.23 -19.73 -36.32
CA LYS C 56 15.60 -18.57 -35.73
C LYS C 56 16.63 -17.69 -35.03
N PRO C 57 16.38 -16.38 -34.95
CA PRO C 57 17.27 -15.52 -34.15
C PRO C 57 17.21 -15.89 -32.68
N MET C 58 18.30 -15.60 -31.97
CA MET C 58 18.36 -15.95 -30.55
C MET C 58 17.28 -15.21 -29.76
N TYR C 59 17.08 -13.92 -30.03
CA TYR C 59 16.10 -13.15 -29.27
C TYR C 59 14.69 -13.66 -29.48
N GLU C 60 14.41 -14.32 -30.62
CA GLU C 60 13.09 -14.91 -30.82
C GLU C 60 12.84 -16.11 -29.94
N GLN C 61 13.89 -16.67 -29.33
CA GLN C 61 13.78 -17.88 -28.51
C GLN C 61 14.06 -17.62 -27.04
N GLY C 62 14.16 -16.37 -26.62
CA GLY C 62 14.38 -16.06 -25.23
C GLY C 62 15.67 -16.62 -24.67
N LEU C 63 16.75 -16.52 -25.43
CA LEU C 63 18.07 -17.00 -25.01
C LEU C 63 18.89 -15.84 -24.47
N ILE C 64 19.48 -16.03 -23.30
CA ILE C 64 20.23 -14.99 -22.61
C ILE C 64 21.73 -15.24 -22.71
N LEU C 65 22.17 -16.48 -22.42
CA LEU C 65 23.60 -16.78 -22.48
C LEU C 65 24.07 -16.90 -23.92
N LEU C 66 23.31 -17.57 -24.78
CA LEU C 66 23.72 -17.75 -26.17
C LEU C 66 24.10 -16.45 -26.84
N PRO C 67 23.34 -15.35 -26.70
CA PRO C 67 23.85 -14.06 -27.17
C PRO C 67 25.19 -13.68 -26.58
N HIS C 68 25.43 -13.98 -25.30
CA HIS C 68 26.68 -13.60 -24.67
C HIS C 68 27.86 -14.36 -25.30
N ILE C 69 27.70 -15.65 -25.55
CA ILE C 69 28.77 -16.39 -26.22
C ILE C 69 28.93 -15.89 -27.65
N ALA C 70 27.82 -15.67 -28.36
CA ALA C 70 27.91 -15.28 -29.75
C ALA C 70 28.59 -13.93 -29.92
N THR C 71 28.39 -13.01 -28.97
CA THR C 71 29.04 -11.70 -29.06
C THR C 71 30.55 -11.83 -29.07
N LEU C 72 31.10 -12.94 -28.59
CA LEU C 72 32.53 -13.21 -28.64
C LEU C 72 32.95 -13.87 -29.95
N GLY C 73 32.04 -13.99 -30.92
CA GLY C 73 32.38 -14.56 -32.20
C GLY C 73 32.51 -16.05 -32.22
N TYR C 74 31.77 -16.76 -31.37
CA TYR C 74 31.83 -18.21 -31.28
C TYR C 74 30.67 -18.80 -32.08
N GLY C 75 30.98 -19.45 -33.19
CA GLY C 75 29.95 -20.12 -33.98
C GLY C 75 28.91 -19.18 -34.54
N VAL C 76 29.33 -18.00 -35.02
CA VAL C 76 28.42 -17.04 -35.63
C VAL C 76 29.09 -16.48 -36.88
N GLY C 77 28.33 -16.41 -37.98
CA GLY C 77 28.84 -15.93 -39.24
C GLY C 77 28.39 -14.52 -39.53
N PRO C 78 28.63 -14.05 -40.75
CA PRO C 78 28.22 -12.69 -41.11
C PRO C 78 26.71 -12.52 -41.00
N GLY C 79 26.30 -11.32 -40.58
CA GLY C 79 24.90 -11.01 -40.43
C GLY C 79 24.23 -11.62 -39.22
N GLY C 80 25.00 -12.18 -38.29
CA GLY C 80 24.44 -12.82 -37.12
C GLY C 80 23.99 -14.25 -37.33
N GLU C 81 24.15 -14.79 -38.53
CA GLU C 81 23.78 -16.18 -38.77
C GLU C 81 24.69 -17.11 -37.99
N ILE C 82 24.14 -18.26 -37.60
CA ILE C 82 24.83 -19.22 -36.74
C ILE C 82 25.44 -20.29 -37.63
N ILE C 83 26.75 -20.48 -37.52
CA ILE C 83 27.44 -21.50 -38.30
C ILE C 83 27.29 -22.87 -37.65
N ASP C 84 27.59 -22.96 -36.36
CA ASP C 84 27.46 -24.20 -35.61
C ASP C 84 27.23 -23.87 -34.14
N THR C 85 26.51 -24.76 -33.47
CA THR C 85 26.16 -24.59 -32.06
C THR C 85 27.15 -25.28 -31.12
N PHE C 86 28.17 -25.95 -31.65
CA PHE C 86 29.11 -26.64 -30.78
C PHE C 86 29.83 -25.73 -29.80
N PRO C 87 30.29 -24.53 -30.19
CA PRO C 87 30.97 -23.66 -29.21
C PRO C 87 30.13 -23.39 -27.97
N TYR C 88 28.82 -23.17 -28.16
CA TYR C 88 27.95 -22.91 -27.01
C TYR C 88 27.83 -24.14 -26.13
N PHE C 89 27.70 -25.32 -26.74
CA PHE C 89 27.58 -26.55 -25.96
C PHE C 89 28.85 -26.79 -25.16
N VAL C 90 30.03 -26.62 -25.78
CA VAL C 90 31.27 -26.87 -25.07
C VAL C 90 31.45 -25.84 -23.97
N SER C 91 31.03 -24.59 -24.20
CA SER C 91 31.08 -23.59 -23.14
C SER C 91 30.25 -24.03 -21.95
N GLY C 92 29.01 -24.46 -22.20
CA GLY C 92 28.15 -24.91 -21.12
C GLY C 92 28.71 -26.10 -20.38
N VAL C 93 29.27 -27.07 -21.12
CA VAL C 93 29.79 -28.27 -20.49
C VAL C 93 31.01 -27.96 -19.66
N LEU C 94 31.93 -27.16 -20.19
CA LEU C 94 33.10 -26.77 -19.42
C LEU C 94 32.69 -26.03 -18.17
N HIS C 95 31.70 -25.14 -18.28
CA HIS C 95 31.19 -24.47 -17.09
C HIS C 95 30.65 -25.47 -16.08
N LEU C 96 29.91 -26.47 -16.54
CA LEU C 96 29.32 -27.43 -15.61
C LEU C 96 30.41 -28.25 -14.90
N ILE C 97 31.43 -28.70 -15.61
CA ILE C 97 32.48 -29.49 -14.97
C ILE C 97 33.29 -28.61 -14.01
N SER C 98 33.64 -27.40 -14.43
CA SER C 98 34.33 -26.49 -13.52
C SER C 98 33.48 -26.20 -12.30
N SER C 99 32.16 -26.12 -12.48
CA SER C 99 31.26 -25.94 -11.35
C SER C 99 31.29 -27.14 -10.42
N ALA C 100 31.41 -28.34 -10.99
CA ALA C 100 31.56 -29.53 -10.14
C ALA C 100 32.80 -29.43 -9.29
N VAL C 101 33.92 -29.03 -9.91
CA VAL C 101 35.17 -28.88 -9.16
C VAL C 101 35.00 -27.82 -8.07
N LEU C 102 34.41 -26.67 -8.43
CA LEU C 102 34.24 -25.59 -7.47
C LEU C 102 33.31 -25.98 -6.34
N GLY C 103 32.26 -26.75 -6.64
CA GLY C 103 31.35 -27.19 -5.60
C GLY C 103 32.00 -28.16 -4.64
N PHE C 104 32.81 -29.09 -5.17
CA PHE C 104 33.56 -29.98 -4.28
C PHE C 104 34.50 -29.16 -3.40
N GLY C 105 35.15 -28.15 -3.98
CA GLY C 105 36.02 -27.30 -3.17
C GLY C 105 35.25 -26.54 -2.11
N GLY C 106 34.07 -26.04 -2.45
CA GLY C 106 33.28 -25.27 -1.50
C GLY C 106 32.75 -26.12 -0.36
N VAL C 107 32.33 -27.35 -0.66
CA VAL C 107 31.99 -28.27 0.41
C VAL C 107 33.17 -28.49 1.33
N TYR C 108 34.37 -28.60 0.74
CA TYR C 108 35.58 -28.52 1.55
C TYR C 108 35.77 -27.09 2.03
N HIS C 109 36.54 -26.95 3.11
CA HIS C 109 36.73 -25.69 3.82
C HIS C 109 35.49 -25.29 4.61
N SER C 110 34.36 -25.97 4.39
CA SER C 110 33.11 -25.62 5.06
C SER C 110 32.59 -26.77 5.92
N LEU C 111 32.44 -27.97 5.35
CA LEU C 111 31.96 -29.10 6.14
C LEU C 111 33.09 -29.64 7.02
N ILE C 112 34.20 -30.06 6.41
CA ILE C 112 35.39 -30.46 7.13
C ILE C 112 36.59 -29.74 6.53
N GLY C 113 37.46 -29.25 7.40
CA GLY C 113 38.60 -28.46 6.99
C GLY C 113 38.92 -27.44 8.07
N PRO C 114 39.95 -26.64 7.85
CA PRO C 114 40.29 -25.63 8.86
C PRO C 114 39.20 -24.60 9.01
N GLU C 115 38.52 -24.58 10.15
CA GLU C 115 37.45 -23.60 10.37
C GLU C 115 38.02 -22.19 10.36
N THR C 116 39.08 -21.96 11.12
CA THR C 116 39.82 -20.70 11.11
C THR C 116 41.24 -21.02 10.68
N LEU C 117 41.57 -20.70 9.43
CA LEU C 117 42.87 -21.01 8.85
C LEU C 117 43.89 -19.90 9.07
N GLU C 118 43.73 -19.10 10.12
CA GLU C 118 44.64 -17.99 10.36
C GLU C 118 46.04 -18.49 10.71
N GLU C 119 46.14 -19.55 11.49
CA GLU C 119 47.41 -20.06 11.99
C GLU C 119 47.96 -21.22 11.18
N SER C 120 47.10 -22.12 10.70
CA SER C 120 47.58 -23.25 9.93
C SER C 120 48.15 -22.79 8.58
N TYR C 121 47.50 -21.81 7.95
CA TYR C 121 47.91 -21.31 6.64
C TYR C 121 48.01 -19.79 6.72
N PRO C 122 49.13 -19.27 7.24
CA PRO C 122 49.22 -17.81 7.42
C PRO C 122 49.07 -17.03 6.13
N PHE C 123 49.47 -17.60 4.99
CA PHE C 123 49.33 -16.89 3.73
C PHE C 123 47.86 -16.61 3.42
N PHE C 124 46.99 -17.58 3.67
CA PHE C 124 45.56 -17.43 3.41
C PHE C 124 44.80 -16.86 4.60
N GLY C 125 45.43 -16.73 5.75
CA GLY C 125 44.75 -16.18 6.91
C GLY C 125 44.63 -14.68 6.81
N TYR C 126 43.51 -14.16 7.31
CA TYR C 126 43.25 -12.73 7.29
C TYR C 126 42.37 -12.36 8.47
N VAL C 127 42.61 -11.18 9.02
CA VAL C 127 41.74 -10.57 10.02
C VAL C 127 41.20 -9.28 9.41
N TRP C 128 39.89 -9.09 9.51
CA TRP C 128 39.25 -7.97 8.82
C TRP C 128 39.94 -6.65 9.12
N LYS C 129 40.33 -6.44 10.39
CA LYS C 129 41.03 -5.21 10.74
C LYS C 129 42.45 -5.17 10.16
N ASP C 130 42.99 -6.30 9.73
CA ASP C 130 44.33 -6.34 9.17
C ASP C 130 44.33 -5.72 7.78
N LYS C 131 44.63 -4.42 7.70
CA LYS C 131 44.53 -3.72 6.42
C LYS C 131 45.47 -4.31 5.38
N ASN C 132 46.70 -4.66 5.79
CA ASN C 132 47.68 -5.14 4.83
C ASN C 132 47.22 -6.42 4.15
N LYS C 133 46.67 -7.37 4.92
CA LYS C 133 46.27 -8.64 4.32
C LYS C 133 45.01 -8.49 3.48
N MET C 134 44.08 -7.64 3.91
CA MET C 134 42.91 -7.38 3.09
C MET C 134 43.31 -6.75 1.76
N THR C 135 44.26 -5.82 1.78
CA THR C 135 44.78 -5.27 0.53
C THR C 135 45.51 -6.33 -0.28
N ASN C 136 46.18 -7.28 0.37
CA ASN C 136 46.82 -8.36 -0.36
C ASN C 136 45.77 -9.17 -1.14
N ILE C 137 44.69 -9.54 -0.47
CA ILE C 137 43.62 -10.29 -1.13
C ILE C 137 43.02 -9.46 -2.26
N LEU C 138 42.76 -8.19 -1.99
CA LEU C 138 42.22 -7.30 -3.01
C LEU C 138 43.13 -7.24 -4.22
N GLY C 139 44.44 -7.15 -4.00
CA GLY C 139 45.37 -7.07 -5.11
C GLY C 139 45.44 -8.36 -5.89
N TYR C 140 45.39 -9.50 -5.21
CA TYR C 140 45.32 -10.77 -5.91
C TYR C 140 44.12 -10.80 -6.84
N HIS C 141 42.96 -10.37 -6.34
CA HIS C 141 41.75 -10.42 -7.16
C HIS C 141 41.77 -9.36 -8.26
N LEU C 142 42.43 -8.22 -8.02
CA LEU C 142 42.61 -7.25 -9.09
C LEU C 142 43.49 -7.83 -10.19
N ILE C 143 44.53 -8.58 -9.82
CA ILE C 143 45.35 -9.23 -10.84
C ILE C 143 44.52 -10.22 -11.62
N MET C 144 43.68 -11.00 -10.93
CA MET C 144 42.82 -11.95 -11.63
C MET C 144 41.88 -11.24 -12.60
N LEU C 145 41.26 -10.14 -12.17
CA LEU C 145 40.34 -9.43 -13.04
C LEU C 145 41.06 -8.79 -14.23
N GLY C 146 42.26 -8.25 -14.00
CA GLY C 146 43.04 -7.73 -15.10
C GLY C 146 43.41 -8.82 -16.09
N LEU C 147 43.74 -10.01 -15.58
CA LEU C 147 44.03 -11.13 -16.47
C LEU C 147 42.80 -11.53 -17.27
N GLY C 148 41.62 -11.47 -16.65
CA GLY C 148 40.40 -11.75 -17.40
C GLY C 148 40.13 -10.74 -18.50
N ALA C 149 40.32 -9.45 -18.18
CA ALA C 149 40.14 -8.42 -19.20
C ALA C 149 41.14 -8.60 -20.33
N TRP C 150 42.39 -8.92 -20.01
CA TRP C 150 43.38 -9.15 -21.04
C TRP C 150 43.09 -10.43 -21.82
N LEU C 151 42.44 -11.40 -21.18
CA LEU C 151 41.99 -12.58 -21.92
C LEU C 151 40.93 -12.21 -22.93
N LEU C 152 39.99 -11.35 -22.55
CA LEU C 152 39.03 -10.84 -23.53
C LEU C 152 39.75 -10.11 -24.66
N VAL C 153 40.75 -9.29 -24.32
CA VAL C 153 41.50 -8.57 -25.34
C VAL C 153 42.17 -9.52 -26.31
N TRP C 154 42.80 -10.57 -25.77
CA TRP C 154 43.45 -11.56 -26.63
C TRP C 154 42.42 -12.29 -27.50
N LYS C 155 41.26 -12.60 -26.94
CA LYS C 155 40.20 -13.23 -27.73
C LYS C 155 39.79 -12.33 -28.88
N ALA C 156 39.65 -11.03 -28.63
CA ALA C 156 39.22 -10.11 -29.68
C ALA C 156 40.30 -9.90 -30.73
N MET C 157 41.56 -9.82 -30.30
CA MET C 157 42.65 -9.42 -31.20
C MET C 157 43.37 -10.62 -31.81
N TYR C 158 43.95 -11.47 -30.96
CA TYR C 158 44.84 -12.55 -31.39
C TYR C 158 44.13 -13.89 -31.43
N PHE C 159 42.85 -13.90 -31.81
CA PHE C 159 42.06 -15.12 -31.87
C PHE C 159 41.06 -14.97 -33.01
N GLY C 160 40.03 -15.81 -33.03
CA GLY C 160 39.03 -15.73 -34.08
C GLY C 160 38.42 -14.34 -34.21
N GLY C 161 38.34 -13.60 -33.11
CA GLY C 161 37.85 -12.24 -33.10
C GLY C 161 36.60 -12.11 -32.27
N VAL C 162 36.00 -10.92 -32.34
CA VAL C 162 34.78 -10.60 -31.63
C VAL C 162 33.73 -10.21 -32.66
N TYR C 163 32.46 -10.42 -32.32
CA TYR C 163 31.37 -10.15 -33.25
C TYR C 163 31.15 -8.64 -33.32
N ASP C 164 31.70 -8.01 -34.36
CA ASP C 164 31.47 -6.60 -34.61
C ASP C 164 30.18 -6.48 -35.41
N THR C 165 29.16 -5.87 -34.80
CA THR C 165 27.89 -5.64 -35.48
C THR C 165 27.91 -4.40 -36.35
N TRP C 166 29.00 -3.63 -36.33
CA TRP C 166 29.12 -2.40 -37.11
C TRP C 166 29.94 -2.60 -38.37
N ALA C 167 30.32 -3.83 -38.70
CA ALA C 167 31.02 -4.08 -39.93
C ALA C 167 30.09 -3.85 -41.12
N PRO C 168 30.63 -3.49 -42.29
CA PRO C 168 29.76 -3.21 -43.44
C PRO C 168 28.96 -4.44 -43.82
N GLY C 169 27.76 -4.19 -44.35
CA GLY C 169 26.86 -5.27 -44.69
C GLY C 169 26.34 -6.03 -43.49
N GLY C 170 25.96 -5.33 -42.43
CA GLY C 170 25.45 -5.96 -41.23
C GLY C 170 26.51 -6.08 -40.16
N GLY C 171 27.00 -7.29 -39.93
CA GLY C 171 28.05 -7.53 -38.96
C GLY C 171 28.68 -8.87 -39.21
N ASP C 172 29.78 -9.11 -38.50
CA ASP C 172 30.50 -10.38 -38.65
C ASP C 172 31.55 -10.47 -37.55
N VAL C 173 32.19 -11.65 -37.47
CA VAL C 173 33.26 -11.88 -36.50
C VAL C 173 34.50 -11.19 -37.04
N ARG C 174 34.80 -10.00 -36.52
CA ARG C 174 35.94 -9.21 -36.96
C ARG C 174 37.08 -9.36 -35.96
N VAL C 175 38.30 -9.34 -36.48
CA VAL C 175 39.50 -9.38 -35.66
C VAL C 175 39.96 -7.95 -35.42
N ILE C 176 39.99 -7.54 -34.17
CA ILE C 176 40.37 -6.17 -33.82
C ILE C 176 41.88 -6.04 -33.92
N THR C 177 42.33 -5.08 -34.73
CA THR C 177 43.76 -4.88 -34.98
C THR C 177 44.34 -3.68 -34.27
N ASN C 178 43.62 -2.56 -34.22
CA ASN C 178 44.11 -1.32 -33.61
C ASN C 178 43.07 -0.80 -32.64
N PRO C 179 42.90 -1.45 -31.48
CA PRO C 179 41.97 -0.92 -30.48
C PRO C 179 42.40 0.47 -30.03
N THR C 180 41.40 1.32 -29.79
CA THR C 180 41.66 2.72 -29.48
C THR C 180 42.19 2.82 -28.06
N THR C 181 43.52 2.92 -27.93
CA THR C 181 44.17 3.08 -26.65
C THR C 181 44.32 4.55 -26.24
N ASN C 182 43.78 5.47 -27.03
CA ASN C 182 43.85 6.89 -26.69
C ASN C 182 43.17 7.13 -25.35
N ALA C 183 43.94 7.66 -24.39
CA ALA C 183 43.40 7.86 -23.06
C ALA C 183 42.22 8.82 -23.07
N ALA C 184 42.33 9.90 -23.84
CA ALA C 184 41.25 10.88 -23.89
C ALA C 184 39.95 10.25 -24.39
N VAL C 185 40.03 9.46 -25.46
CA VAL C 185 38.83 8.80 -25.97
C VAL C 185 38.28 7.84 -24.93
N ILE C 186 39.15 7.09 -24.27
CA ILE C 186 38.70 6.07 -23.31
C ILE C 186 37.96 6.73 -22.15
N PHE C 187 38.51 7.82 -21.61
CA PHE C 187 37.94 8.44 -20.42
C PHE C 187 36.86 9.46 -20.73
N GLY C 188 36.71 9.89 -21.98
CA GLY C 188 35.58 10.72 -22.34
C GLY C 188 34.26 9.99 -22.15
N TYR C 189 34.28 8.66 -22.26
CA TYR C 189 33.09 7.87 -21.98
C TYR C 189 32.66 8.04 -20.53
N LEU C 190 33.61 8.04 -19.60
CA LEU C 190 33.29 8.36 -18.22
C LEU C 190 32.79 9.80 -18.10
N VAL C 191 33.53 10.74 -18.68
CA VAL C 191 33.17 12.14 -18.55
C VAL C 191 31.81 12.43 -19.19
N LYS C 192 31.38 11.61 -20.14
CA LYS C 192 30.10 11.85 -20.82
C LYS C 192 28.95 11.77 -19.82
N SER C 193 27.98 12.68 -19.99
CA SER C 193 26.85 12.71 -19.09
C SER C 193 25.98 11.46 -19.25
N PRO C 194 25.29 11.04 -18.19
CA PRO C 194 24.46 9.84 -18.30
C PRO C 194 23.06 10.12 -18.82
N PHE C 195 22.85 11.29 -19.43
CA PHE C 195 21.55 11.69 -19.92
C PHE C 195 21.45 11.42 -21.42
N GLY C 196 20.31 11.73 -21.99
CA GLY C 196 20.11 11.51 -23.42
C GLY C 196 21.18 12.19 -24.24
N GLY C 197 21.54 11.55 -25.35
CA GLY C 197 22.65 12.02 -26.14
C GLY C 197 23.95 11.34 -25.75
N ASP C 198 24.72 11.99 -24.87
CA ASP C 198 26.01 11.45 -24.45
C ASP C 198 25.88 9.99 -24.00
N GLY C 199 25.10 9.75 -22.95
CA GLY C 199 24.77 8.41 -22.53
C GLY C 199 25.80 7.68 -21.70
N TRP C 200 26.96 8.30 -21.42
CA TRP C 200 27.98 7.67 -20.59
C TRP C 200 28.49 6.42 -21.32
N ILE C 201 29.11 5.48 -20.61
CA ILE C 201 29.76 4.34 -21.27
C ILE C 201 28.78 3.48 -22.05
N CYS C 202 27.47 3.64 -21.82
CA CYS C 202 26.47 2.93 -22.60
C CYS C 202 26.41 3.39 -24.05
N SER C 203 27.17 4.43 -24.42
CA SER C 203 27.14 4.99 -25.76
C SER C 203 28.34 4.55 -26.61
N VAL C 204 29.06 3.52 -26.18
CA VAL C 204 30.12 2.98 -27.04
C VAL C 204 29.51 2.54 -28.36
N ASP C 205 30.18 2.89 -29.46
CA ASP C 205 29.63 2.69 -30.79
C ASP C 205 30.58 1.93 -31.71
N ASN C 206 31.52 1.18 -31.16
CA ASN C 206 32.40 0.34 -31.96
C ASN C 206 33.21 -0.57 -31.05
N MET C 207 33.47 -1.78 -31.53
CA MET C 207 34.26 -2.73 -30.76
C MET C 207 35.68 -2.24 -30.54
N GLU C 208 36.18 -1.33 -31.40
CA GLU C 208 37.50 -0.78 -31.18
C GLU C 208 37.58 -0.08 -29.83
N ASP C 209 36.59 0.74 -29.52
CA ASP C 209 36.58 1.43 -28.22
C ASP C 209 36.45 0.45 -27.08
N ILE C 210 35.62 -0.58 -27.23
CA ILE C 210 35.44 -1.56 -26.16
C ILE C 210 36.74 -2.27 -25.87
N ILE C 211 37.43 -2.73 -26.91
CA ILE C 211 38.67 -3.48 -26.69
C ILE C 211 39.77 -2.55 -26.19
N GLY C 212 39.81 -1.30 -26.64
CA GLY C 212 40.77 -0.36 -26.09
C GLY C 212 40.53 -0.09 -24.62
N GLY C 213 39.27 0.11 -24.24
CA GLY C 213 38.95 0.29 -22.83
C GLY C 213 39.28 -0.94 -22.02
N HIS C 214 39.12 -2.13 -22.60
CA HIS C 214 39.45 -3.35 -21.88
C HIS C 214 40.96 -3.49 -21.72
N ILE C 215 41.72 -3.09 -22.73
CA ILE C 215 43.18 -3.03 -22.57
C ILE C 215 43.53 -2.11 -21.42
N TRP C 216 42.94 -0.91 -21.41
CA TRP C 216 43.25 0.06 -20.36
C TRP C 216 42.87 -0.47 -18.99
N ILE C 217 41.70 -1.09 -18.87
CA ILE C 217 41.23 -1.56 -17.57
C ILE C 217 42.05 -2.76 -17.11
N GLY C 218 42.41 -3.65 -18.03
CA GLY C 218 43.28 -4.76 -17.65
C GLY C 218 44.62 -4.28 -17.14
N THR C 219 45.24 -3.35 -17.86
CA THR C 219 46.52 -2.80 -17.42
C THR C 219 46.38 -2.11 -16.08
N LEU C 220 45.33 -1.29 -15.93
CA LEU C 220 45.13 -0.55 -14.68
C LEU C 220 44.89 -1.52 -13.52
N GLU C 221 44.12 -2.57 -13.76
CA GLU C 221 43.83 -3.53 -12.69
C GLU C 221 45.07 -4.32 -12.32
N ILE C 222 45.92 -4.66 -13.29
CA ILE C 222 47.18 -5.32 -12.96
C ILE C 222 48.04 -4.40 -12.11
N LEU C 223 48.20 -3.14 -12.55
CA LEU C 223 49.01 -2.20 -11.78
C LEU C 223 48.45 -2.01 -10.38
N GLY C 224 47.13 -1.89 -10.26
CA GLY C 224 46.52 -1.77 -8.95
C GLY C 224 46.71 -3.01 -8.10
N GLY C 225 46.72 -4.19 -8.71
CA GLY C 225 46.93 -5.40 -7.95
C GLY C 225 48.33 -5.47 -7.36
N ILE C 226 49.35 -5.22 -8.19
CA ILE C 226 50.70 -5.19 -7.65
C ILE C 226 50.87 -4.03 -6.67
N TRP C 227 50.16 -2.93 -6.87
CA TRP C 227 50.24 -1.82 -5.92
C TRP C 227 49.65 -2.21 -4.57
N HIS C 228 48.50 -2.87 -4.57
CA HIS C 228 47.84 -3.22 -3.32
C HIS C 228 48.55 -4.36 -2.60
N ILE C 229 49.16 -5.27 -3.36
CA ILE C 229 49.90 -6.35 -2.72
C ILE C 229 51.11 -5.80 -1.98
N TYR C 230 51.72 -4.75 -2.51
CA TYR C 230 52.96 -4.20 -1.96
C TYR C 230 52.74 -2.92 -1.15
N THR C 231 51.50 -2.56 -0.82
CA THR C 231 51.23 -1.31 -0.13
C THR C 231 50.14 -1.51 0.92
N THR C 232 50.16 -0.61 1.91
CA THR C 232 49.19 -0.47 2.98
C THR C 232 48.43 0.85 2.78
N PRO C 233 47.14 0.91 3.11
CA PRO C 233 46.40 2.16 2.86
C PRO C 233 46.99 3.35 3.59
N TRP C 234 46.88 4.52 2.97
CA TRP C 234 47.41 5.74 3.53
C TRP C 234 46.63 6.12 4.79
N PRO C 235 47.19 7.00 5.63
CA PRO C 235 46.45 7.43 6.83
C PRO C 235 45.07 7.97 6.53
N TRP C 236 44.91 8.73 5.44
CA TRP C 236 43.59 9.22 5.09
C TRP C 236 42.67 8.06 4.72
N ALA C 237 43.19 7.05 4.02
CA ALA C 237 42.38 5.87 3.71
C ALA C 237 42.01 5.12 4.98
N ARG C 238 42.96 4.96 5.90
CA ARG C 238 42.67 4.29 7.16
C ARG C 238 41.69 5.09 8.02
N ARG C 239 41.58 6.39 7.79
CA ARG C 239 40.70 7.25 8.58
C ARG C 239 39.32 7.39 7.97
N ALA C 240 39.20 7.23 6.64
CA ALA C 240 37.95 7.51 5.93
C ALA C 240 37.11 6.25 5.68
N PHE C 241 37.56 5.08 6.14
CA PHE C 241 36.85 3.83 5.89
C PHE C 241 36.72 3.03 7.17
N VAL C 242 35.62 2.30 7.28
CA VAL C 242 35.44 1.31 8.34
C VAL C 242 36.09 0.02 7.90
N TRP C 243 36.95 -0.53 8.74
CA TRP C 243 37.75 -1.72 8.40
C TRP C 243 37.18 -2.90 9.16
N SER C 244 36.19 -3.55 8.56
CA SER C 244 35.58 -4.75 9.10
C SER C 244 34.99 -5.53 7.95
N GLY C 245 34.71 -6.81 8.20
CA GLY C 245 34.17 -7.66 7.14
C GLY C 245 32.88 -7.12 6.58
N GLU C 246 31.97 -6.69 7.45
CA GLU C 246 30.70 -6.16 6.97
C GLU C 246 30.89 -4.81 6.28
N ALA C 247 31.91 -4.04 6.67
CA ALA C 247 32.19 -2.80 5.95
C ALA C 247 32.64 -3.07 4.52
N TYR C 248 33.53 -4.05 4.34
CA TYR C 248 33.96 -4.42 2.99
C TYR C 248 32.78 -4.97 2.19
N LEU C 249 31.93 -5.76 2.84
CA LEU C 249 30.73 -6.25 2.17
C LEU C 249 29.83 -5.10 1.75
N SER C 250 29.72 -4.07 2.59
CA SER C 250 28.91 -2.90 2.27
C SER C 250 29.46 -2.19 1.05
N TYR C 251 30.78 -1.99 1.02
CA TYR C 251 31.41 -1.32 -0.10
C TYR C 251 31.18 -2.11 -1.38
N SER C 252 31.39 -3.43 -1.32
CA SER C 252 31.17 -4.27 -2.49
C SER C 252 29.72 -4.23 -2.93
N LEU C 253 28.79 -4.24 -1.97
CA LEU C 253 27.37 -4.19 -2.32
C LEU C 253 27.02 -2.89 -3.01
N GLY C 254 27.53 -1.76 -2.52
CA GLY C 254 27.24 -0.50 -3.18
C GLY C 254 27.80 -0.46 -4.60
N ALA C 255 29.05 -0.87 -4.75
CA ALA C 255 29.66 -0.88 -6.08
C ALA C 255 28.93 -1.83 -7.02
N ILE C 256 28.53 -2.99 -6.52
CA ILE C 256 27.91 -3.99 -7.37
C ILE C 256 26.48 -3.62 -7.70
N GLY C 257 25.79 -2.89 -6.82
CA GLY C 257 24.48 -2.36 -7.17
C GLY C 257 24.57 -1.28 -8.23
N VAL C 258 25.57 -0.40 -8.11
CA VAL C 258 25.81 0.57 -9.18
C VAL C 258 26.09 -0.15 -10.49
N MET C 259 26.90 -1.21 -10.44
CA MET C 259 27.20 -1.98 -11.64
C MET C 259 25.96 -2.67 -12.19
N GLY C 260 25.07 -3.11 -11.31
CA GLY C 260 23.83 -3.72 -11.77
C GLY C 260 22.95 -2.73 -12.51
N PHE C 261 22.81 -1.52 -11.97
CA PHE C 261 22.08 -0.48 -12.69
C PHE C 261 22.73 -0.18 -14.03
N ILE C 262 24.07 -0.12 -14.05
CA ILE C 262 24.78 0.17 -15.29
C ILE C 262 24.51 -0.93 -16.32
N ALA C 263 24.55 -2.19 -15.88
CA ALA C 263 24.27 -3.30 -16.78
C ALA C 263 22.85 -3.24 -17.30
N CYS C 264 21.89 -2.92 -16.43
CA CYS C 264 20.51 -2.76 -16.88
C CYS C 264 20.42 -1.74 -18.00
N CYS C 265 20.96 -0.54 -17.78
CA CYS C 265 20.84 0.50 -18.79
C CYS C 265 21.61 0.16 -20.06
N MET C 266 22.78 -0.46 -19.92
CA MET C 266 23.57 -0.79 -21.11
C MET C 266 22.92 -1.89 -21.93
N SER C 267 22.30 -2.88 -21.27
CA SER C 267 21.56 -3.91 -21.97
C SER C 267 20.30 -3.36 -22.61
N TRP C 268 19.68 -2.35 -21.98
CA TRP C 268 18.48 -1.77 -22.57
C TRP C 268 18.80 -0.86 -23.75
N PHE C 269 19.94 -0.17 -23.71
CA PHE C 269 20.26 0.84 -24.71
C PHE C 269 21.35 0.41 -25.67
N ASN C 270 22.49 -0.08 -25.16
CA ASN C 270 23.64 -0.36 -26.01
C ASN C 270 23.31 -1.47 -26.99
N ASN C 271 23.84 -1.34 -28.22
CA ASN C 271 23.67 -2.37 -29.23
C ASN C 271 24.97 -2.63 -29.99
N THR C 272 26.11 -2.49 -29.31
CA THR C 272 27.39 -2.97 -29.83
C THR C 272 28.00 -4.05 -28.94
N ALA C 273 28.05 -3.82 -27.63
CA ALA C 273 28.35 -4.89 -26.69
C ALA C 273 27.18 -5.84 -26.50
N TYR C 274 25.99 -5.44 -26.95
CA TYR C 274 24.78 -6.25 -26.91
C TYR C 274 24.17 -6.23 -28.30
N PRO C 275 24.78 -6.92 -29.27
CA PRO C 275 24.33 -6.80 -30.65
C PRO C 275 22.86 -7.14 -30.80
N SER C 276 22.15 -6.31 -31.56
CA SER C 276 20.72 -6.53 -31.76
C SER C 276 20.43 -7.80 -32.56
N GLU C 277 21.44 -8.38 -33.22
CA GLU C 277 21.25 -9.64 -33.92
C GLU C 277 20.99 -10.79 -32.97
N PHE C 278 21.43 -10.68 -31.72
CA PHE C 278 21.26 -11.73 -30.72
C PHE C 278 20.30 -11.33 -29.62
N TYR C 279 20.50 -10.17 -28.99
CA TYR C 279 19.64 -9.72 -27.91
C TYR C 279 18.35 -9.09 -28.40
N GLY C 280 18.20 -8.91 -29.71
CA GLY C 280 17.01 -8.29 -30.26
C GLY C 280 17.14 -6.78 -30.34
N PRO C 281 16.17 -6.13 -30.96
CA PRO C 281 16.26 -4.68 -31.12
C PRO C 281 16.11 -3.95 -29.80
N THR C 282 16.91 -2.92 -29.62
CA THR C 282 16.71 -1.97 -28.54
C THR C 282 15.37 -1.26 -28.74
N GLY C 283 14.74 -0.89 -27.63
CA GLY C 283 13.45 -0.23 -27.69
C GLY C 283 13.48 0.96 -28.62
N PRO C 284 14.42 1.88 -28.38
CA PRO C 284 14.68 2.93 -29.38
C PRO C 284 14.94 2.37 -30.77
N GLU C 285 15.71 1.28 -30.85
CA GLU C 285 15.98 0.67 -32.15
C GLU C 285 14.70 0.13 -32.77
N ALA C 286 13.84 -0.49 -31.97
CA ALA C 286 12.59 -1.02 -32.50
C ALA C 286 11.71 0.10 -33.04
N SER C 287 11.58 1.20 -32.29
CA SER C 287 10.75 2.31 -32.76
C SER C 287 11.33 2.94 -34.03
N GLN C 288 12.64 3.15 -34.06
CA GLN C 288 13.25 3.74 -35.24
C GLN C 288 13.15 2.82 -36.44
N SER C 289 13.25 1.50 -36.22
CA SER C 289 13.08 0.56 -37.32
C SER C 289 11.65 0.56 -37.83
N GLN C 290 10.66 0.67 -36.92
CA GLN C 290 9.28 0.80 -37.35
C GLN C 290 9.11 2.01 -38.25
N ALA C 291 9.62 3.17 -37.80
CA ALA C 291 9.49 4.38 -38.60
C ALA C 291 10.20 4.24 -39.93
N PHE C 292 11.40 3.65 -39.93
CA PHE C 292 12.17 3.52 -41.16
C PHE C 292 11.49 2.60 -42.16
N THR C 293 10.95 1.47 -41.69
CA THR C 293 10.31 0.54 -42.60
C THR C 293 8.98 1.11 -43.12
N PHE C 294 8.26 1.85 -42.28
CA PHE C 294 7.09 2.55 -42.80
C PHE C 294 7.49 3.57 -43.86
N LEU C 295 8.59 4.29 -43.62
CA LEU C 295 9.06 5.26 -44.61
C LEU C 295 9.36 4.60 -45.94
N VAL C 296 10.14 3.52 -45.92
CA VAL C 296 10.52 2.88 -47.19
C VAL C 296 9.30 2.26 -47.86
N ARG C 297 8.40 1.65 -47.08
CA ARG C 297 7.21 1.06 -47.67
C ARG C 297 6.33 2.11 -48.34
N ASP C 298 6.14 3.26 -47.69
CA ASP C 298 5.35 4.30 -48.29
C ASP C 298 6.06 4.96 -49.47
N GLN C 299 7.39 4.97 -49.47
CA GLN C 299 8.13 5.48 -50.60
C GLN C 299 8.07 4.53 -51.79
N ARG C 300 7.90 3.24 -51.53
CA ARG C 300 7.82 2.27 -52.63
C ARG C 300 6.62 2.56 -53.53
N LEU C 301 5.48 2.88 -52.95
CA LEU C 301 4.29 3.22 -53.72
C LEU C 301 4.32 4.68 -54.12
N LEU C 314 8.12 13.49 -47.92
CA LEU C 314 9.14 13.31 -46.90
C LEU C 314 8.62 13.72 -45.52
N GLY C 315 7.67 14.66 -45.51
CA GLY C 315 7.14 15.16 -44.26
C GLY C 315 6.33 14.15 -43.47
N LYS C 316 5.97 13.02 -44.09
CA LYS C 316 5.16 12.03 -43.39
C LYS C 316 5.92 11.44 -42.20
N TYR C 317 7.21 11.14 -42.39
CA TYR C 317 7.99 10.44 -41.37
C TYR C 317 9.33 11.11 -41.10
N LEU C 318 9.47 12.39 -41.42
CA LEU C 318 10.69 13.13 -41.16
C LEU C 318 10.37 14.51 -40.61
N MET C 319 11.17 14.96 -39.64
CA MET C 319 11.00 16.28 -39.06
C MET C 319 12.38 16.77 -38.63
N ARG C 320 12.42 17.93 -37.97
CA ARG C 320 13.66 18.56 -37.53
C ARG C 320 13.82 18.38 -36.04
N SER C 321 15.02 17.94 -35.63
CA SER C 321 15.33 17.77 -34.22
C SER C 321 15.43 19.14 -33.55
N PRO C 322 15.28 19.19 -32.22
CA PRO C 322 15.50 20.46 -31.52
C PRO C 322 16.89 21.03 -31.78
N THR C 323 17.91 20.17 -31.88
CA THR C 323 19.24 20.63 -32.26
C THR C 323 19.23 21.15 -33.70
N GLY C 324 18.56 20.45 -34.60
CA GLY C 324 18.45 20.88 -35.98
C GLY C 324 18.53 19.74 -36.99
N GLU C 325 18.94 18.56 -36.54
CA GLU C 325 19.11 17.44 -37.46
C GLU C 325 17.75 16.94 -37.97
N ILE C 326 17.80 16.22 -39.08
CA ILE C 326 16.61 15.57 -39.64
C ILE C 326 16.46 14.22 -38.96
N ILE C 327 15.31 14.00 -38.32
CA ILE C 327 15.04 12.80 -37.55
C ILE C 327 13.69 12.23 -37.99
N PHE C 328 13.40 11.03 -37.52
CA PHE C 328 12.12 10.40 -37.81
C PHE C 328 11.01 11.08 -37.03
N GLY C 329 9.86 11.24 -37.68
CA GLY C 329 8.73 11.92 -37.07
C GLY C 329 7.85 10.98 -36.27
N GLY C 330 6.88 11.58 -35.59
CA GLY C 330 5.98 10.83 -34.74
C GLY C 330 6.54 10.63 -33.35
N GLU C 331 5.88 9.76 -32.60
CA GLU C 331 6.26 9.53 -31.21
C GLU C 331 7.65 8.94 -31.08
N THR C 332 8.22 8.42 -32.17
CA THR C 332 9.58 7.91 -32.14
C THR C 332 10.63 9.02 -32.16
N MET C 333 10.22 10.28 -32.27
CA MET C 333 11.19 11.37 -32.29
C MET C 333 12.01 11.41 -31.01
N ARG C 334 11.46 10.93 -29.90
CA ARG C 334 12.22 10.88 -28.66
C ARG C 334 13.44 9.97 -28.78
N PHE C 335 13.37 8.97 -29.65
CA PHE C 335 14.43 8.00 -29.86
C PHE C 335 15.39 8.41 -30.98
N TRP C 336 15.51 9.71 -31.26
CA TRP C 336 16.34 10.14 -32.37
C TRP C 336 17.83 9.97 -32.10
N ASP C 337 18.22 9.64 -30.87
CA ASP C 337 19.62 9.41 -30.55
C ASP C 337 20.07 8.00 -30.93
N PHE C 338 19.17 7.14 -31.37
CA PHE C 338 19.53 5.76 -31.69
C PHE C 338 20.51 5.72 -32.85
N ARG C 339 21.56 4.93 -32.69
CA ARG C 339 22.63 4.80 -33.69
C ARG C 339 22.82 3.31 -33.97
N GLY C 340 22.24 2.82 -35.05
CA GLY C 340 22.30 1.41 -35.38
C GLY C 340 23.13 1.14 -36.62
N PRO C 341 23.64 -0.10 -36.74
CA PRO C 341 24.43 -0.45 -37.92
C PRO C 341 23.66 -0.36 -39.21
N TRP C 342 22.35 -0.65 -39.18
CA TRP C 342 21.53 -0.64 -40.38
C TRP C 342 21.02 0.75 -40.75
N LEU C 343 21.23 1.75 -39.89
CA LEU C 343 20.72 3.10 -40.12
C LEU C 343 21.82 4.12 -40.42
N GLU C 344 23.01 3.95 -39.85
CA GLU C 344 24.09 4.91 -40.10
C GLU C 344 24.46 5.03 -41.56
N PRO C 345 24.53 3.97 -42.36
CA PRO C 345 24.96 4.15 -43.76
C PRO C 345 24.14 5.16 -44.53
N LEU C 346 22.85 5.31 -44.19
CA LEU C 346 21.99 6.30 -44.82
C LEU C 346 21.81 7.55 -43.96
N ARG C 347 22.77 7.83 -43.07
CA ARG C 347 22.73 9.00 -42.22
C ARG C 347 23.90 9.92 -42.56
N GLY C 348 23.59 11.20 -42.80
CA GLY C 348 24.60 12.18 -43.14
C GLY C 348 24.92 13.09 -41.98
N PRO C 349 25.77 14.09 -42.22
CA PRO C 349 26.10 15.03 -41.13
C PRO C 349 24.88 15.76 -40.58
N ASN C 350 23.91 16.07 -41.43
CA ASN C 350 22.68 16.72 -41.00
C ASN C 350 21.58 15.67 -40.76
N GLY C 351 21.81 14.83 -39.77
CA GLY C 351 20.88 13.75 -39.48
C GLY C 351 20.73 12.85 -40.69
N LEU C 352 19.49 12.51 -41.01
CA LEU C 352 19.19 11.66 -42.16
C LEU C 352 18.99 12.53 -43.39
N ASP C 353 19.67 12.17 -44.47
CA ASP C 353 19.58 12.89 -45.73
C ASP C 353 18.70 12.12 -46.72
N LEU C 354 17.92 12.85 -47.50
CA LEU C 354 16.93 12.23 -48.37
C LEU C 354 17.58 11.44 -49.50
N ASN C 355 18.75 11.87 -49.97
CA ASN C 355 19.37 11.21 -51.11
C ASN C 355 19.72 9.76 -50.77
N LYS C 356 20.35 9.54 -49.62
CA LYS C 356 20.69 8.17 -49.23
C LYS C 356 19.46 7.36 -48.92
N LEU C 357 18.45 7.97 -48.29
CA LEU C 357 17.19 7.28 -48.07
C LEU C 357 16.49 6.94 -49.38
N LYS C 358 16.85 7.60 -50.47
CA LYS C 358 16.28 7.32 -51.78
C LYS C 358 17.10 6.28 -52.55
N ASN C 359 18.41 6.20 -52.33
CA ASN C 359 19.26 5.35 -53.14
C ASN C 359 20.10 4.38 -52.30
N ASP C 360 20.56 4.81 -51.13
CA ASP C 360 21.53 4.02 -50.38
C ASP C 360 20.90 2.76 -49.78
N ILE C 361 19.58 2.75 -49.58
CA ILE C 361 18.93 1.68 -48.84
C ILE C 361 19.13 0.35 -49.58
N GLN C 362 19.86 -0.57 -48.97
CA GLN C 362 20.01 -1.92 -49.48
C GLN C 362 18.92 -2.83 -48.94
N PRO C 363 18.64 -3.95 -49.60
CA PRO C 363 17.57 -4.84 -49.12
C PRO C 363 17.80 -5.37 -47.72
N TRP C 364 19.06 -5.62 -47.34
CA TRP C 364 19.33 -6.18 -46.02
C TRP C 364 18.93 -5.21 -44.91
N GLN C 365 19.14 -3.91 -45.14
CA GLN C 365 18.71 -2.91 -44.16
C GLN C 365 17.20 -2.97 -43.95
N GLU C 366 16.45 -3.04 -45.05
CA GLU C 366 14.99 -3.10 -44.94
C GLU C 366 14.54 -4.37 -44.25
N ARG C 367 15.17 -5.51 -44.57
CA ARG C 367 14.79 -6.76 -43.93
C ARG C 367 15.06 -6.72 -42.43
N ARG C 368 16.23 -6.20 -42.04
CA ARG C 368 16.54 -6.09 -40.63
C ARG C 368 15.59 -5.13 -39.92
N ALA C 369 15.25 -4.03 -40.58
CA ALA C 369 14.32 -3.08 -39.98
C ALA C 369 12.95 -3.71 -39.75
N ALA C 370 12.45 -4.46 -40.74
CA ALA C 370 11.18 -5.13 -40.57
C ALA C 370 11.24 -6.16 -39.45
N GLU C 371 12.32 -6.94 -39.40
CA GLU C 371 12.46 -7.94 -38.35
C GLU C 371 12.48 -7.30 -36.97
N TYR C 372 13.18 -6.16 -36.85
CA TYR C 372 13.22 -5.46 -35.57
C TYR C 372 11.87 -4.86 -35.21
N MET C 373 11.14 -4.36 -36.22
CA MET C 373 9.80 -3.84 -35.96
C MET C 373 8.90 -4.93 -35.39
N THR C 374 8.92 -6.11 -36.00
CA THR C 374 8.05 -7.18 -35.54
C THR C 374 8.36 -7.57 -34.10
N HIS C 375 9.65 -7.71 -33.78
CA HIS C 375 10.07 -8.16 -32.45
C HIS C 375 10.52 -6.99 -31.59
N ALA C 376 9.58 -6.10 -31.29
CA ALA C 376 9.86 -5.00 -30.39
C ALA C 376 9.92 -5.53 -28.95
N PRO C 377 10.64 -4.85 -28.06
CA PRO C 377 10.80 -5.37 -26.69
C PRO C 377 9.54 -5.29 -25.85
N LEU C 378 8.40 -4.86 -26.40
CA LEU C 378 7.15 -4.89 -25.66
C LEU C 378 6.82 -6.32 -25.27
N GLY C 379 6.35 -6.50 -24.04
CA GLY C 379 6.12 -7.84 -23.54
C GLY C 379 5.30 -7.83 -22.27
N SER C 380 5.22 -9.02 -21.66
CA SER C 380 4.48 -9.19 -20.42
C SER C 380 5.03 -10.40 -19.70
N LEU C 381 4.68 -10.53 -18.41
CA LEU C 381 5.18 -11.63 -17.61
C LEU C 381 4.72 -12.99 -18.11
N ASN C 382 3.65 -13.03 -18.89
CA ASN C 382 3.20 -14.26 -19.55
C ASN C 382 4.04 -14.61 -20.76
N SER C 383 5.14 -13.90 -21.00
CA SER C 383 5.95 -14.09 -22.20
C SER C 383 5.12 -13.86 -23.46
N VAL C 384 4.23 -12.86 -23.40
CA VAL C 384 3.34 -12.50 -24.49
C VAL C 384 3.80 -11.16 -25.04
N GLY C 385 4.09 -11.11 -26.33
CA GLY C 385 4.58 -9.90 -26.95
C GLY C 385 3.48 -8.90 -27.21
N GLY C 386 3.90 -7.70 -27.60
CA GLY C 386 2.97 -6.64 -27.93
C GLY C 386 2.54 -5.84 -26.72
N VAL C 387 1.77 -4.80 -26.99
CA VAL C 387 1.28 -3.94 -25.92
C VAL C 387 0.30 -4.71 -25.04
N ALA C 388 0.07 -4.18 -23.84
CA ALA C 388 -0.86 -4.82 -22.91
C ALA C 388 -2.25 -4.98 -23.53
N THR C 389 -2.63 -4.09 -24.43
CA THR C 389 -3.92 -4.18 -25.13
C THR C 389 -3.80 -5.00 -26.40
N GLU C 390 -3.26 -6.21 -26.27
CA GLU C 390 -3.06 -7.12 -27.39
C GLU C 390 -3.51 -8.52 -27.00
N ILE C 391 -4.13 -9.22 -27.95
CA ILE C 391 -4.63 -10.57 -27.72
C ILE C 391 -3.46 -11.53 -27.61
N ASN C 392 -3.72 -12.73 -27.10
CA ASN C 392 -2.69 -13.76 -26.96
C ASN C 392 -2.52 -14.42 -28.32
N ALA C 393 -1.58 -13.89 -29.12
CA ALA C 393 -1.33 -14.39 -30.46
C ALA C 393 0.14 -14.71 -30.67
N VAL C 394 1.02 -14.02 -29.96
CA VAL C 394 2.46 -14.21 -30.07
C VAL C 394 3.03 -14.50 -28.69
N ASN C 395 4.21 -15.11 -28.68
CA ASN C 395 4.91 -15.48 -27.45
C ASN C 395 6.35 -14.98 -27.59
N PHE C 396 6.58 -13.73 -27.19
CA PHE C 396 7.92 -13.16 -27.29
C PHE C 396 8.05 -11.94 -26.39
N VAL C 397 9.05 -11.96 -25.51
CA VAL C 397 9.50 -10.79 -24.78
C VAL C 397 11.01 -10.72 -24.95
N SER C 398 11.50 -9.58 -25.44
CA SER C 398 12.88 -9.50 -25.88
C SER C 398 13.83 -9.81 -24.73
N PRO C 399 14.95 -10.48 -24.99
CA PRO C 399 15.93 -10.70 -23.90
C PRO C 399 16.45 -9.39 -23.32
N ARG C 400 16.43 -8.31 -24.09
CA ARG C 400 16.81 -7.02 -23.54
C ARG C 400 15.90 -6.62 -22.38
N SER C 401 14.60 -6.81 -22.55
CA SER C 401 13.67 -6.47 -21.47
C SER C 401 13.94 -7.31 -20.23
N TRP C 402 14.14 -8.62 -20.42
CA TRP C 402 14.39 -9.49 -19.27
C TRP C 402 15.67 -9.10 -18.56
N LEU C 403 16.75 -8.89 -19.32
CA LEU C 403 18.02 -8.51 -18.71
C LEU C 403 17.89 -7.20 -17.96
N ALA C 404 17.31 -6.19 -18.60
CA ALA C 404 17.19 -4.89 -17.95
C ALA C 404 16.34 -4.97 -16.69
N CYS C 405 15.19 -5.64 -16.76
CA CYS C 405 14.31 -5.73 -15.61
C CYS C 405 14.99 -6.47 -14.46
N SER C 406 15.52 -7.66 -14.74
CA SER C 406 16.12 -8.47 -13.68
C SER C 406 17.31 -7.77 -13.07
N HIS C 407 18.17 -7.16 -13.89
CA HIS C 407 19.37 -6.55 -13.35
C HIS C 407 19.08 -5.22 -12.66
N PHE C 408 18.05 -4.49 -13.07
CA PHE C 408 17.63 -3.34 -12.28
C PHE C 408 17.11 -3.78 -10.93
N CYS C 409 16.30 -4.84 -10.89
CA CYS C 409 15.80 -5.33 -9.61
C CYS C 409 16.97 -5.74 -8.71
N LEU C 410 17.93 -6.48 -9.27
CA LEU C 410 19.06 -6.94 -8.48
C LEU C 410 19.93 -5.77 -8.03
N GLY C 411 20.16 -4.78 -8.90
CA GLY C 411 20.95 -3.64 -8.52
C GLY C 411 20.29 -2.81 -7.43
N PHE C 412 18.97 -2.63 -7.52
CA PHE C 412 18.26 -1.91 -6.47
C PHE C 412 18.33 -2.68 -5.15
N PHE C 413 18.11 -4.00 -5.19
CA PHE C 413 18.21 -4.78 -3.97
C PHE C 413 19.61 -4.69 -3.38
N PHE C 414 20.65 -4.72 -4.21
CA PHE C 414 21.99 -4.69 -3.68
C PHE C 414 22.39 -3.30 -3.19
N PHE C 415 21.79 -2.25 -3.74
CA PHE C 415 21.96 -0.93 -3.14
C PHE C 415 21.30 -0.88 -1.76
N ILE C 416 20.11 -1.45 -1.64
CA ILE C 416 19.45 -1.54 -0.34
C ILE C 416 20.31 -2.35 0.63
N GLY C 417 20.93 -3.42 0.13
CA GLY C 417 21.83 -4.20 0.96
C GLY C 417 23.05 -3.41 1.38
N HIS C 418 23.56 -2.56 0.48
CA HIS C 418 24.64 -1.67 0.87
C HIS C 418 24.21 -0.77 2.00
N LEU C 419 23.02 -0.17 1.88
CA LEU C 419 22.53 0.70 2.95
C LEU C 419 22.47 -0.06 4.27
N TRP C 420 21.84 -1.24 4.24
CA TRP C 420 21.69 -2.03 5.47
C TRP C 420 23.05 -2.36 6.07
N HIS C 421 23.95 -2.93 5.26
CA HIS C 421 25.21 -3.41 5.79
C HIS C 421 26.12 -2.26 6.19
N ALA C 422 26.06 -1.12 5.49
CA ALA C 422 26.89 0.02 5.86
C ALA C 422 26.42 0.63 7.17
N GLY C 423 25.10 0.75 7.34
CA GLY C 423 24.59 1.17 8.63
C GLY C 423 25.03 0.24 9.74
N ARG C 424 24.91 -1.07 9.52
CA ARG C 424 25.31 -2.03 10.54
C ARG C 424 26.81 -2.00 10.80
N ALA C 425 27.61 -1.78 9.75
CA ALA C 425 29.06 -1.73 9.92
C ALA C 425 29.47 -0.51 10.72
N ARG C 426 28.88 0.65 10.43
CA ARG C 426 29.17 1.83 11.22
C ARG C 426 28.73 1.64 12.66
N ALA C 427 27.56 1.03 12.88
CA ALA C 427 27.11 0.77 14.24
C ALA C 427 28.07 -0.16 14.97
N ALA C 428 28.52 -1.23 14.30
CA ALA C 428 29.44 -2.17 14.93
C ALA C 428 30.77 -1.50 15.25
N ALA C 429 31.26 -0.65 14.34
CA ALA C 429 32.50 0.07 14.60
C ALA C 429 32.35 1.00 15.79
N ALA C 430 31.21 1.66 15.90
CA ALA C 430 30.96 2.61 16.98
C ALA C 430 30.29 1.98 18.19
N GLY C 431 29.95 0.69 18.13
CA GLY C 431 29.35 0.02 19.27
C GLY C 431 27.86 0.23 19.41
N PHE C 432 27.18 0.70 18.37
CA PHE C 432 25.73 0.88 18.39
C PHE C 432 24.97 -0.33 17.85
N GLU C 433 25.66 -1.40 17.47
CA GLU C 433 24.95 -2.55 16.89
C GLU C 433 23.98 -3.17 17.89
N LYS C 434 24.38 -3.25 19.15
CA LYS C 434 23.50 -3.85 20.16
C LYS C 434 22.26 -3.00 20.38
N GLY C 435 22.41 -1.69 20.41
CA GLY C 435 21.32 -0.79 20.67
C GLY C 435 21.81 0.46 21.37
N ILE C 436 20.90 1.12 22.06
CA ILE C 436 21.23 2.30 22.85
C ILE C 436 21.55 1.87 24.27
N ASP C 437 22.70 2.32 24.78
CA ASP C 437 23.10 1.97 26.14
C ASP C 437 22.07 2.50 27.13
N ARG C 438 21.54 1.60 27.95
CA ARG C 438 20.43 1.97 28.84
C ARG C 438 20.89 2.94 29.92
N PHE C 439 22.09 2.74 30.47
CA PHE C 439 22.54 3.56 31.58
C PHE C 439 22.64 5.03 31.18
N ASP C 440 23.19 5.30 30.00
CA ASP C 440 23.27 6.66 29.49
C ASP C 440 23.19 6.61 27.98
N GLU C 441 22.67 7.68 27.38
CA GLU C 441 22.47 7.78 25.95
C GLU C 441 23.09 9.08 25.45
N PRO C 442 23.48 9.13 24.17
CA PRO C 442 23.93 10.42 23.62
C PRO C 442 22.86 11.49 23.69
N VAL C 443 21.58 11.11 23.62
CA VAL C 443 20.51 12.09 23.65
C VAL C 443 20.39 12.70 25.04
N LEU C 444 20.52 11.88 26.08
CA LEU C 444 20.35 12.38 27.44
C LEU C 444 21.41 13.42 27.82
N SER C 445 22.50 13.50 27.06
CA SER C 445 23.55 14.48 27.31
C SER C 445 23.39 15.75 26.48
N MET C 446 22.29 15.88 25.73
CA MET C 446 22.06 17.03 24.87
C MET C 446 20.96 17.91 25.45
N ARG C 447 20.93 19.16 24.97
CA ARG C 447 19.99 20.13 25.47
C ARG C 447 18.56 19.68 25.15
N PRO C 448 17.62 19.75 26.10
CA PRO C 448 16.26 19.26 25.80
C PRO C 448 15.60 19.95 24.63
N LEU C 449 15.85 21.24 24.43
CA LEU C 449 15.23 21.97 23.32
C LEU C 449 15.80 21.45 22.02
N ASP C 450 15.00 20.66 21.30
CA ASP C 450 15.45 20.04 20.06
C ASP C 450 15.85 21.09 19.03
N ALA D 1 -27.18 -20.26 42.76
CA ALA D 1 -25.91 -20.93 42.52
C ALA D 1 -24.81 -19.90 42.23
N ILE D 2 -24.76 -19.43 40.98
CA ILE D 2 -23.79 -18.43 40.55
C ILE D 2 -24.55 -17.31 39.85
N GLY D 3 -24.26 -16.08 40.24
CA GLY D 3 -24.93 -14.94 39.64
C GLY D 3 -24.64 -13.67 40.41
N THR D 4 -25.44 -12.64 40.15
CA THR D 4 -25.24 -11.35 40.80
C THR D 4 -25.57 -11.44 42.29
N TYR D 5 -26.82 -11.75 42.62
CA TYR D 5 -27.27 -11.88 44.01
C TYR D 5 -28.04 -13.19 44.13
N GLN D 6 -27.31 -14.29 44.36
CA GLN D 6 -27.88 -15.60 44.58
C GLN D 6 -28.97 -15.93 43.55
N GLU D 7 -28.54 -15.97 42.30
CA GLU D 7 -29.43 -16.28 41.18
C GLU D 7 -29.32 -17.75 40.83
N LYS D 8 -30.46 -18.42 40.71
CA LYS D 8 -30.46 -19.84 40.39
C LYS D 8 -29.87 -20.09 39.01
N ARG D 9 -29.09 -21.16 38.89
CA ARG D 9 -28.49 -21.52 37.62
C ARG D 9 -29.57 -21.82 36.59
N THR D 10 -29.41 -21.26 35.39
CA THR D 10 -30.32 -21.48 34.28
C THR D 10 -29.53 -22.01 33.10
N TRP D 11 -30.26 -22.38 32.04
CA TRP D 11 -29.59 -22.87 30.83
C TRP D 11 -28.66 -21.83 30.24
N PHE D 12 -29.06 -20.55 30.28
CA PHE D 12 -28.23 -19.51 29.70
C PHE D 12 -26.87 -19.45 30.37
N ASP D 13 -26.82 -19.63 31.69
CA ASP D 13 -25.54 -19.61 32.38
C ASP D 13 -24.63 -20.73 31.89
N ASP D 14 -25.18 -21.93 31.73
CA ASP D 14 -24.39 -23.05 31.22
C ASP D 14 -23.89 -22.77 29.81
N ALA D 15 -24.78 -22.25 28.94
CA ALA D 15 -24.38 -21.96 27.57
C ALA D 15 -23.29 -20.91 27.53
N ASP D 16 -23.42 -19.86 28.33
CA ASP D 16 -22.41 -18.81 28.38
C ASP D 16 -21.09 -19.36 28.90
N ASP D 17 -21.15 -20.21 29.92
CA ASP D 17 -19.91 -20.79 30.46
C ASP D 17 -19.22 -21.64 29.40
N TRP D 18 -19.98 -22.45 28.66
CA TRP D 18 -19.35 -23.28 27.64
C TRP D 18 -18.79 -22.45 26.49
N LEU D 19 -19.53 -21.44 26.05
CA LEU D 19 -19.12 -20.67 24.89
C LEU D 19 -17.89 -19.80 25.17
N ARG D 20 -17.59 -19.53 26.43
CA ARG D 20 -16.48 -18.65 26.80
C ARG D 20 -15.30 -19.40 27.39
N GLN D 21 -15.28 -20.73 27.27
CA GLN D 21 -14.17 -21.51 27.80
C GLN D 21 -12.88 -21.15 27.06
N ASP D 22 -11.76 -21.21 27.79
CA ASP D 22 -10.44 -20.88 27.23
C ASP D 22 -9.87 -22.13 26.54
N ARG D 23 -10.56 -22.54 25.48
CA ARG D 23 -10.10 -23.64 24.65
C ARG D 23 -9.16 -23.08 23.57
N PHE D 24 -8.85 -23.89 22.56
CA PHE D 24 -7.92 -23.45 21.52
C PHE D 24 -8.50 -22.26 20.76
N VAL D 25 -9.81 -22.26 20.52
CA VAL D 25 -10.48 -21.22 19.77
C VAL D 25 -11.59 -20.63 20.64
N PHE D 26 -11.56 -19.31 20.81
CA PHE D 26 -12.62 -18.64 21.54
C PHE D 26 -13.86 -18.56 20.67
N VAL D 27 -14.91 -19.28 21.06
CA VAL D 27 -16.16 -19.29 20.30
C VAL D 27 -16.98 -18.08 20.70
N GLY D 28 -17.36 -18.00 21.98
CA GLY D 28 -18.14 -16.88 22.46
C GLY D 28 -19.54 -16.86 21.86
N TRP D 29 -20.41 -16.01 22.41
CA TRP D 29 -21.75 -15.90 21.85
C TRP D 29 -21.73 -15.37 20.43
N SER D 30 -20.86 -14.40 20.16
CA SER D 30 -20.71 -13.90 18.79
C SER D 30 -20.19 -14.96 17.83
N GLY D 31 -19.60 -16.04 18.35
CA GLY D 31 -19.15 -17.11 17.49
C GLY D 31 -20.28 -17.74 16.72
N LEU D 32 -21.45 -17.88 17.35
CA LEU D 32 -22.59 -18.48 16.67
C LEU D 32 -22.97 -17.72 15.42
N LEU D 33 -22.70 -16.42 15.38
CA LEU D 33 -22.96 -15.62 14.19
C LEU D 33 -21.76 -15.52 13.27
N LEU D 34 -20.54 -15.55 13.83
CA LEU D 34 -19.35 -15.38 13.00
C LEU D 34 -19.01 -16.66 12.24
N PHE D 35 -18.88 -17.76 12.97
CA PHE D 35 -18.34 -18.98 12.37
C PHE D 35 -19.23 -19.52 11.25
N PRO D 36 -20.54 -19.70 11.44
CA PRO D 36 -21.36 -20.13 10.30
C PRO D 36 -21.29 -19.14 9.14
N CYS D 37 -21.48 -17.86 9.42
CA CYS D 37 -21.54 -16.86 8.36
C CYS D 37 -20.21 -16.72 7.65
N ALA D 38 -19.12 -16.57 8.41
CA ALA D 38 -17.81 -16.42 7.78
C ALA D 38 -17.41 -17.69 7.02
N TYR D 39 -17.65 -18.85 7.63
CA TYR D 39 -17.32 -20.11 6.97
C TYR D 39 -18.07 -20.25 5.67
N PHE D 40 -19.37 -19.92 5.67
CA PHE D 40 -20.16 -20.06 4.46
C PHE D 40 -19.81 -19.00 3.43
N ALA D 41 -19.40 -17.81 3.86
CA ALA D 41 -18.93 -16.81 2.89
C ALA D 41 -17.67 -17.29 2.18
N LEU D 42 -16.69 -17.76 2.96
CA LEU D 42 -15.46 -18.28 2.35
C LEU D 42 -15.76 -19.47 1.46
N GLY D 43 -16.61 -20.39 1.93
CA GLY D 43 -16.94 -21.55 1.12
C GLY D 43 -17.66 -21.19 -0.16
N GLY D 44 -18.60 -20.24 -0.08
CA GLY D 44 -19.29 -19.80 -1.27
C GLY D 44 -18.36 -19.16 -2.27
N TRP D 45 -17.44 -18.31 -1.80
CA TRP D 45 -16.48 -17.73 -2.74
C TRP D 45 -15.61 -18.79 -3.38
N LEU D 46 -15.12 -19.74 -2.58
CA LEU D 46 -14.24 -20.77 -3.14
C LEU D 46 -14.99 -21.65 -4.14
N THR D 47 -16.23 -22.02 -3.82
CA THR D 47 -17.03 -22.80 -4.75
C THR D 47 -17.30 -22.02 -6.03
N GLY D 48 -17.64 -20.74 -5.90
CA GLY D 48 -17.92 -19.94 -7.09
C GLY D 48 -16.69 -19.78 -7.97
N THR D 49 -15.53 -19.58 -7.36
CA THR D 49 -14.30 -19.48 -8.12
C THR D 49 -13.93 -20.81 -8.75
N THR D 50 -14.28 -21.92 -8.11
CA THR D 50 -13.92 -23.23 -8.62
C THR D 50 -14.88 -23.73 -9.69
N PHE D 51 -16.18 -23.76 -9.38
CA PHE D 51 -17.15 -24.44 -10.23
C PHE D 51 -18.15 -23.49 -10.88
N VAL D 52 -18.86 -22.68 -10.09
CA VAL D 52 -19.99 -21.92 -10.65
C VAL D 52 -19.50 -20.96 -11.73
N THR D 53 -20.33 -20.75 -12.73
CA THR D 53 -20.00 -19.94 -13.90
C THR D 53 -20.67 -18.57 -13.82
N SER D 54 -20.20 -17.67 -14.68
CA SER D 54 -20.77 -16.34 -14.83
C SER D 54 -21.33 -16.13 -16.23
N TRP D 55 -21.50 -17.22 -16.98
CA TRP D 55 -21.88 -17.10 -18.39
C TRP D 55 -23.26 -16.47 -18.53
N TYR D 56 -24.22 -16.88 -17.70
CA TYR D 56 -25.60 -16.44 -17.85
C TYR D 56 -25.90 -15.12 -17.14
N THR D 57 -24.97 -14.61 -16.33
CA THR D 57 -25.15 -13.32 -15.67
C THR D 57 -24.39 -12.21 -16.37
N HIS D 58 -23.07 -12.36 -16.50
CA HIS D 58 -22.22 -11.34 -17.10
C HIS D 58 -21.74 -11.70 -18.50
N GLY D 59 -22.10 -12.86 -19.02
CA GLY D 59 -21.55 -13.31 -20.27
C GLY D 59 -20.05 -13.58 -20.19
N LEU D 60 -19.59 -14.07 -19.04
CA LEU D 60 -18.18 -14.35 -18.82
C LEU D 60 -18.01 -15.77 -18.33
N ALA D 61 -16.83 -16.33 -18.56
CA ALA D 61 -16.43 -17.64 -18.07
C ALA D 61 -15.35 -17.40 -17.02
N THR D 62 -15.77 -17.24 -15.77
CA THR D 62 -14.89 -16.85 -14.68
C THR D 62 -14.98 -17.89 -13.55
N SER D 63 -14.16 -18.92 -13.65
CA SER D 63 -14.02 -19.92 -12.61
C SER D 63 -12.89 -20.87 -13.01
N TYR D 64 -12.39 -21.61 -12.03
CA TYR D 64 -11.31 -22.56 -12.32
C TYR D 64 -11.79 -23.67 -13.25
N LEU D 65 -13.03 -24.10 -13.10
CA LEU D 65 -13.56 -25.15 -13.97
C LEU D 65 -13.59 -24.70 -15.43
N GLU D 66 -13.98 -23.45 -15.67
CA GLU D 66 -14.09 -22.95 -17.04
C GLU D 66 -12.74 -22.64 -17.67
N GLY D 67 -11.70 -22.45 -16.87
CA GLY D 67 -10.37 -22.23 -17.41
C GLY D 67 -9.67 -21.00 -16.88
N CYS D 68 -10.29 -20.31 -15.92
CA CYS D 68 -9.69 -19.12 -15.32
C CYS D 68 -8.78 -19.51 -14.17
N ASN D 69 -7.76 -18.70 -13.93
CA ASN D 69 -6.81 -18.92 -12.86
C ASN D 69 -7.26 -18.14 -11.62
N PHE D 70 -6.37 -18.03 -10.63
CA PHE D 70 -6.72 -17.33 -9.41
C PHE D 70 -7.05 -15.86 -9.68
N LEU D 71 -6.27 -15.22 -10.55
CA LEU D 71 -6.47 -13.80 -10.80
C LEU D 71 -7.80 -13.53 -11.49
N THR D 72 -8.13 -14.32 -12.50
CA THR D 72 -9.32 -14.07 -13.31
C THR D 72 -10.57 -14.78 -12.80
N ALA D 73 -10.46 -15.65 -11.80
CA ALA D 73 -11.63 -16.30 -11.23
C ALA D 73 -12.34 -15.36 -10.29
N ALA D 74 -13.67 -15.44 -10.27
CA ALA D 74 -14.47 -14.56 -9.44
C ALA D 74 -15.88 -15.14 -9.30
N VAL D 75 -16.58 -14.64 -8.28
CA VAL D 75 -18.00 -14.93 -8.10
C VAL D 75 -18.74 -13.71 -8.63
N SER D 76 -19.12 -13.77 -9.90
CA SER D 76 -19.70 -12.61 -10.56
C SER D 76 -21.03 -12.24 -9.92
N THR D 77 -21.32 -10.95 -9.93
CA THR D 77 -22.57 -10.45 -9.39
C THR D 77 -23.74 -10.92 -10.25
N PRO D 78 -24.95 -10.92 -9.69
CA PRO D 78 -26.12 -11.31 -10.48
C PRO D 78 -26.30 -10.39 -11.67
N ALA D 79 -27.14 -10.84 -12.61
CA ALA D 79 -27.46 -10.02 -13.77
C ALA D 79 -28.23 -8.77 -13.33
N ASN D 80 -28.14 -7.74 -14.17
CA ASN D 80 -28.90 -6.52 -13.89
C ASN D 80 -30.39 -6.76 -13.88
N SER D 81 -30.86 -7.82 -14.54
CA SER D 81 -32.28 -8.14 -14.52
C SER D 81 -32.76 -8.46 -13.11
N MET D 82 -31.91 -9.07 -12.30
CA MET D 82 -32.29 -9.42 -10.94
C MET D 82 -32.46 -8.19 -10.06
N ALA D 83 -31.92 -7.05 -10.47
CA ALA D 83 -32.04 -5.79 -9.73
C ALA D 83 -31.47 -6.03 -8.32
N HIS D 84 -32.18 -5.69 -7.25
CA HIS D 84 -31.67 -5.83 -5.90
C HIS D 84 -32.25 -7.06 -5.19
N SER D 85 -32.72 -8.05 -5.94
CA SER D 85 -33.19 -9.28 -5.32
C SER D 85 -32.06 -9.95 -4.56
N LEU D 86 -32.33 -10.36 -3.32
CA LEU D 86 -31.32 -11.05 -2.53
C LEU D 86 -31.01 -12.43 -3.06
N LEU D 87 -31.84 -12.96 -3.96
CA LEU D 87 -31.57 -14.23 -4.64
C LEU D 87 -31.39 -15.36 -3.64
N PHE D 88 -32.43 -15.58 -2.84
CA PHE D 88 -32.46 -16.76 -1.99
C PHE D 88 -32.63 -18.01 -2.86
N VAL D 89 -32.18 -19.14 -2.32
CA VAL D 89 -32.40 -20.41 -3.02
C VAL D 89 -33.89 -20.67 -3.17
N TRP D 90 -34.70 -20.10 -2.29
CA TRP D 90 -36.15 -20.28 -2.29
C TRP D 90 -36.89 -19.08 -2.87
N GLY D 91 -36.18 -18.11 -3.44
CA GLY D 91 -36.80 -16.90 -3.92
C GLY D 91 -37.68 -17.14 -5.13
N PRO D 92 -38.39 -16.09 -5.59
CA PRO D 92 -39.26 -16.26 -6.77
C PRO D 92 -38.49 -16.61 -8.03
N GLU D 93 -37.19 -16.32 -8.08
CA GLU D 93 -36.32 -16.74 -9.16
C GLU D 93 -35.35 -17.79 -8.62
N ALA D 94 -35.16 -18.86 -9.39
CA ALA D 94 -34.44 -20.04 -8.91
C ALA D 94 -35.13 -20.61 -7.66
N GLN D 95 -36.38 -21.03 -7.85
CA GLN D 95 -37.24 -21.47 -6.76
C GLN D 95 -36.78 -22.85 -6.29
N GLY D 96 -35.68 -22.85 -5.55
CA GLY D 96 -35.15 -24.06 -4.95
C GLY D 96 -34.17 -24.83 -5.81
N ASP D 97 -33.99 -24.44 -7.07
CA ASP D 97 -33.03 -25.11 -7.93
C ASP D 97 -31.65 -24.56 -7.66
N PHE D 98 -30.83 -25.35 -6.96
CA PHE D 98 -29.48 -24.89 -6.62
C PHE D 98 -28.66 -24.65 -7.87
N THR D 99 -28.77 -25.52 -8.87
CA THR D 99 -28.02 -25.35 -10.10
C THR D 99 -28.34 -24.01 -10.76
N ARG D 100 -29.64 -23.74 -10.98
CA ARG D 100 -30.03 -22.49 -11.61
C ARG D 100 -29.71 -21.30 -10.71
N TRP D 101 -29.90 -21.46 -9.40
CA TRP D 101 -29.55 -20.39 -8.47
C TRP D 101 -28.08 -20.00 -8.62
N CYS D 102 -27.20 -20.99 -8.75
CA CYS D 102 -25.81 -20.70 -9.06
C CYS D 102 -25.69 -20.02 -10.42
N GLN D 103 -26.46 -20.48 -11.41
CA GLN D 103 -26.42 -19.87 -12.73
C GLN D 103 -26.96 -18.45 -12.73
N LEU D 104 -27.96 -18.16 -11.88
CA LEU D 104 -28.50 -16.82 -11.77
C LEU D 104 -27.51 -15.82 -11.18
N GLY D 105 -26.40 -16.30 -10.62
CA GLY D 105 -25.50 -15.43 -9.90
C GLY D 105 -25.85 -15.23 -8.45
N GLY D 106 -26.84 -15.96 -7.93
CA GLY D 106 -27.21 -15.82 -6.54
C GLY D 106 -26.13 -16.22 -5.57
N LEU D 107 -25.10 -16.93 -6.05
CA LEU D 107 -23.99 -17.27 -5.17
C LEU D 107 -23.24 -16.02 -4.73
N TRP D 108 -23.17 -14.99 -5.58
CA TRP D 108 -22.58 -13.74 -5.13
C TRP D 108 -23.38 -13.13 -4.00
N ALA D 109 -24.72 -13.14 -4.10
CA ALA D 109 -25.53 -12.61 -3.02
C ALA D 109 -25.34 -13.43 -1.75
N PHE D 110 -25.26 -14.75 -1.88
CA PHE D 110 -24.98 -15.60 -0.73
C PHE D 110 -23.68 -15.19 -0.07
N VAL D 111 -22.60 -15.08 -0.85
CA VAL D 111 -21.30 -14.73 -0.29
C VAL D 111 -21.36 -13.35 0.35
N ALA D 112 -21.96 -12.39 -0.34
CA ALA D 112 -21.96 -11.01 0.16
C ALA D 112 -22.73 -10.88 1.46
N LEU D 113 -23.93 -11.46 1.53
CA LEU D 113 -24.74 -11.33 2.74
C LEU D 113 -24.12 -12.12 3.89
N HIS D 114 -23.71 -13.36 3.63
CA HIS D 114 -23.09 -14.14 4.70
C HIS D 114 -21.78 -13.50 5.15
N GLY D 115 -21.06 -12.82 4.26
CA GLY D 115 -19.86 -12.12 4.67
C GLY D 115 -20.15 -10.85 5.45
N ALA D 116 -21.23 -10.15 5.10
CA ALA D 116 -21.64 -9.01 5.90
C ALA D 116 -21.96 -9.44 7.33
N PHE D 117 -22.71 -10.53 7.47
CA PHE D 117 -23.04 -11.00 8.81
C PHE D 117 -21.82 -11.62 9.50
N GLY D 118 -20.88 -12.18 8.73
CA GLY D 118 -19.65 -12.64 9.33
C GLY D 118 -18.80 -11.48 9.84
N LEU D 119 -18.79 -10.36 9.12
CA LEU D 119 -18.09 -9.17 9.60
C LEU D 119 -18.75 -8.64 10.87
N ILE D 120 -20.09 -8.62 10.90
CA ILE D 120 -20.77 -8.23 12.12
C ILE D 120 -20.40 -9.15 13.27
N GLY D 121 -20.38 -10.46 13.01
CA GLY D 121 -20.01 -11.42 14.03
C GLY D 121 -18.58 -11.26 14.48
N PHE D 122 -17.68 -10.88 13.57
CA PHE D 122 -16.29 -10.70 13.96
C PHE D 122 -16.10 -9.44 14.79
N MET D 123 -16.83 -8.38 14.47
CA MET D 123 -16.80 -7.19 15.32
C MET D 123 -17.34 -7.51 16.70
N LEU D 124 -18.44 -8.27 16.75
CA LEU D 124 -18.97 -8.70 18.05
C LEU D 124 -17.97 -9.59 18.78
N ARG D 125 -17.23 -10.41 18.04
CA ARG D 125 -16.18 -11.23 18.66
C ARG D 125 -15.08 -10.35 19.25
N GLN D 126 -14.69 -9.29 18.54
CA GLN D 126 -13.73 -8.36 19.10
C GLN D 126 -14.26 -7.76 20.39
N PHE D 127 -15.53 -7.34 20.40
CA PHE D 127 -16.11 -6.79 21.61
C PHE D 127 -16.10 -7.81 22.74
N GLU D 128 -16.50 -9.05 22.44
CA GLU D 128 -16.58 -10.08 23.47
C GLU D 128 -15.21 -10.41 24.05
N ILE D 129 -14.20 -10.52 23.19
CA ILE D 129 -12.86 -10.84 23.68
C ILE D 129 -12.29 -9.67 24.46
N ALA D 130 -12.54 -8.43 24.01
CA ALA D 130 -12.08 -7.28 24.77
C ALA D 130 -12.70 -7.25 26.16
N ARG D 131 -14.00 -7.57 26.25
CA ARG D 131 -14.63 -7.62 27.56
C ARG D 131 -14.12 -8.79 28.39
N SER D 132 -13.72 -9.88 27.74
CA SER D 132 -13.30 -11.07 28.47
C SER D 132 -12.07 -10.77 29.32
N VAL D 133 -11.10 -10.03 28.78
CA VAL D 133 -9.86 -9.73 29.50
C VAL D 133 -9.86 -8.28 29.93
N ASN D 134 -11.01 -7.62 29.89
CA ASN D 134 -11.18 -6.28 30.43
C ASN D 134 -10.20 -5.29 29.79
N LEU D 135 -10.34 -5.13 28.47
CA LEU D 135 -9.60 -4.13 27.72
C LEU D 135 -10.58 -3.28 26.92
N ARG D 136 -10.21 -2.03 26.68
CA ARG D 136 -11.03 -1.19 25.84
C ARG D 136 -11.13 -1.81 24.44
N PRO D 137 -12.31 -1.84 23.81
CA PRO D 137 -12.47 -2.52 22.53
C PRO D 137 -12.08 -1.66 21.33
N TYR D 138 -10.92 -1.01 21.44
CA TYR D 138 -10.48 -0.14 20.36
C TYR D 138 -10.26 -0.90 19.06
N ASN D 139 -10.00 -2.21 19.13
CA ASN D 139 -9.84 -2.98 17.90
C ASN D 139 -11.16 -3.14 17.18
N ALA D 140 -12.26 -3.32 17.92
CA ALA D 140 -13.57 -3.34 17.28
C ALA D 140 -13.87 -2.01 16.62
N ILE D 141 -13.55 -0.90 17.30
CA ILE D 141 -13.79 0.41 16.73
C ILE D 141 -12.94 0.60 15.47
N ALA D 142 -11.71 0.09 15.49
CA ALA D 142 -10.87 0.14 14.29
C ALA D 142 -11.47 -0.68 13.16
N PHE D 143 -11.96 -1.87 13.47
CA PHE D 143 -12.60 -2.72 12.48
C PHE D 143 -13.89 -2.10 11.96
N SER D 144 -14.46 -1.14 12.67
CA SER D 144 -15.62 -0.42 12.14
C SER D 144 -15.30 0.21 10.78
N ALA D 145 -14.02 0.52 10.52
CA ALA D 145 -13.65 1.10 9.23
C ALA D 145 -13.80 0.10 8.10
N PRO D 146 -13.15 -1.07 8.14
CA PRO D 146 -13.39 -2.05 7.05
C PRO D 146 -14.85 -2.46 6.92
N ILE D 147 -15.59 -2.57 8.02
CA ILE D 147 -17.01 -2.87 7.92
C ILE D 147 -17.72 -1.74 7.19
N ALA D 148 -17.36 -0.49 7.49
CA ALA D 148 -17.96 0.64 6.77
C ALA D 148 -17.64 0.56 5.29
N VAL D 149 -16.40 0.24 4.95
CA VAL D 149 -16.01 0.14 3.55
C VAL D 149 -16.82 -0.94 2.85
N PHE D 150 -16.93 -2.11 3.49
CA PHE D 150 -17.66 -3.21 2.89
C PHE D 150 -19.13 -2.85 2.69
N VAL D 151 -19.76 -2.27 3.71
CA VAL D 151 -21.16 -1.92 3.61
C VAL D 151 -21.36 -0.85 2.54
N SER D 152 -20.40 0.06 2.39
CA SER D 152 -20.54 1.13 1.42
C SER D 152 -20.39 0.61 0.00
N VAL D 153 -19.39 -0.24 -0.25
CA VAL D 153 -19.05 -0.59 -1.63
C VAL D 153 -19.75 -1.86 -2.10
N PHE D 154 -20.04 -2.80 -1.20
CA PHE D 154 -20.66 -4.06 -1.59
C PHE D 154 -22.17 -4.06 -1.40
N LEU D 155 -22.69 -3.25 -0.48
CA LEU D 155 -24.12 -3.24 -0.17
C LEU D 155 -24.79 -1.91 -0.49
N ILE D 156 -24.28 -0.80 0.03
CA ILE D 156 -24.94 0.47 -0.21
C ILE D 156 -24.77 0.90 -1.65
N TYR D 157 -23.58 0.73 -2.22
CA TYR D 157 -23.37 1.19 -3.59
C TYR D 157 -24.27 0.47 -4.59
N PRO D 158 -24.32 -0.86 -4.64
CA PRO D 158 -25.28 -1.51 -5.54
C PRO D 158 -26.72 -1.16 -5.23
N LEU D 159 -27.05 -0.97 -3.95
CA LEU D 159 -28.42 -0.63 -3.59
C LEU D 159 -28.81 0.72 -4.17
N GLY D 160 -27.87 1.67 -4.20
CA GLY D 160 -28.13 2.95 -4.84
C GLY D 160 -28.13 2.88 -6.35
N GLN D 161 -27.49 1.87 -6.92
CA GLN D 161 -27.43 1.70 -8.37
C GLN D 161 -28.60 0.84 -8.84
N SER D 162 -28.55 0.42 -10.10
CA SER D 162 -29.68 -0.27 -10.72
C SER D 162 -29.82 -1.71 -10.23
N GLY D 163 -28.82 -2.27 -9.56
CA GLY D 163 -28.92 -3.64 -9.09
C GLY D 163 -27.61 -4.12 -8.51
N TRP D 164 -27.60 -5.40 -8.15
CA TRP D 164 -26.37 -6.03 -7.68
C TRP D 164 -25.34 -6.18 -8.78
N PHE D 165 -25.74 -6.04 -10.05
CA PHE D 165 -24.82 -6.27 -11.15
C PHE D 165 -23.56 -5.42 -11.03
N PHE D 166 -23.69 -4.20 -10.53
CA PHE D 166 -22.58 -3.26 -10.46
C PHE D 166 -21.86 -3.28 -9.11
N ALA D 167 -22.16 -4.27 -8.26
CA ALA D 167 -21.34 -4.50 -7.09
C ALA D 167 -20.00 -5.08 -7.52
N PRO D 168 -18.99 -5.00 -6.66
CA PRO D 168 -17.70 -5.63 -6.99
C PRO D 168 -17.79 -7.14 -6.80
N SER D 169 -17.59 -7.88 -7.88
CA SER D 169 -17.57 -9.34 -7.77
C SER D 169 -16.34 -9.78 -6.98
N PHE D 170 -16.50 -10.86 -6.23
CA PHE D 170 -15.44 -11.35 -5.35
C PHE D 170 -14.37 -12.04 -6.19
N GLY D 171 -13.46 -11.24 -6.72
CA GLY D 171 -12.35 -11.76 -7.49
C GLY D 171 -11.32 -10.68 -7.74
N VAL D 172 -10.10 -11.13 -7.98
CA VAL D 172 -9.00 -10.19 -8.19
C VAL D 172 -9.22 -9.39 -9.47
N ALA D 173 -9.32 -10.09 -10.60
CA ALA D 173 -9.56 -9.41 -11.86
C ALA D 173 -10.89 -8.68 -11.85
N ALA D 174 -11.91 -9.27 -11.23
CA ALA D 174 -13.20 -8.60 -11.16
C ALA D 174 -13.11 -7.32 -10.33
N ILE D 175 -12.31 -7.34 -9.26
CA ILE D 175 -12.13 -6.14 -8.46
C ILE D 175 -11.37 -5.08 -9.25
N PHE D 176 -10.40 -5.51 -10.07
CA PHE D 176 -9.73 -4.55 -10.95
C PHE D 176 -10.72 -3.96 -11.95
N ARG D 177 -11.64 -4.78 -12.45
CA ARG D 177 -12.69 -4.29 -13.33
C ARG D 177 -13.55 -3.25 -12.62
N PHE D 178 -13.91 -3.52 -11.37
CA PHE D 178 -14.69 -2.56 -10.59
C PHE D 178 -13.92 -1.25 -10.41
N ILE D 179 -12.62 -1.35 -10.14
CA ILE D 179 -11.80 -0.16 -9.92
C ILE D 179 -11.74 0.68 -11.21
N LEU D 180 -11.47 0.04 -12.34
CA LEU D 180 -11.44 0.77 -13.60
C LEU D 180 -12.83 1.29 -13.97
N PHE D 181 -13.89 0.58 -13.56
CA PHE D 181 -15.24 1.05 -13.80
C PHE D 181 -15.49 2.36 -13.07
N PHE D 182 -15.08 2.43 -11.81
CA PHE D 182 -15.19 3.68 -11.08
C PHE D 182 -14.35 4.77 -11.72
N GLN D 183 -13.13 4.44 -12.14
CA GLN D 183 -12.29 5.44 -12.80
C GLN D 183 -12.99 6.01 -14.02
N GLY D 184 -13.50 5.12 -14.88
CA GLY D 184 -14.09 5.57 -16.14
C GLY D 184 -15.39 6.32 -15.95
N PHE D 185 -16.24 5.87 -15.04
CA PHE D 185 -17.58 6.42 -14.93
C PHE D 185 -17.66 7.54 -13.88
N HIS D 186 -17.25 7.25 -12.65
CA HIS D 186 -17.43 8.17 -11.54
C HIS D 186 -16.28 9.15 -11.36
N ASN D 187 -15.18 8.98 -12.10
CA ASN D 187 -13.97 9.77 -11.86
C ASN D 187 -13.60 9.71 -10.38
N TRP D 188 -13.66 8.49 -9.84
CA TRP D 188 -13.52 8.29 -8.41
C TRP D 188 -12.17 8.76 -7.87
N THR D 189 -11.15 8.84 -8.73
CA THR D 189 -9.88 9.42 -8.29
C THR D 189 -10.05 10.88 -7.92
N LEU D 190 -10.80 11.63 -8.72
CA LEU D 190 -10.99 13.06 -8.48
C LEU D 190 -11.90 13.36 -7.30
N ASN D 191 -12.59 12.35 -6.77
CA ASN D 191 -13.48 12.59 -5.64
C ASN D 191 -12.65 12.97 -4.42
N PRO D 192 -12.95 14.09 -3.75
CA PRO D 192 -12.15 14.46 -2.58
C PRO D 192 -12.20 13.42 -1.47
N PHE D 193 -13.31 12.70 -1.34
CA PHE D 193 -13.40 11.67 -0.31
C PHE D 193 -12.44 10.52 -0.60
N HIS D 194 -12.33 10.11 -1.86
CA HIS D 194 -11.33 9.11 -2.20
C HIS D 194 -9.93 9.65 -1.97
N MET D 195 -9.72 10.94 -2.23
CA MET D 195 -8.42 11.54 -1.99
C MET D 195 -8.06 11.47 -0.52
N MET D 196 -9.03 11.78 0.35
CA MET D 196 -8.80 11.68 1.78
C MET D 196 -8.55 10.24 2.21
N GLY D 197 -9.28 9.29 1.60
CA GLY D 197 -9.08 7.90 1.94
C GLY D 197 -7.72 7.36 1.54
N VAL D 198 -7.27 7.70 0.33
CA VAL D 198 -5.95 7.27 -0.11
C VAL D 198 -4.86 7.96 0.72
N ALA D 199 -5.07 9.23 1.07
CA ALA D 199 -4.13 9.90 1.96
C ALA D 199 -4.06 9.17 3.30
N GLY D 200 -5.21 8.77 3.83
CA GLY D 200 -5.22 8.04 5.09
C GLY D 200 -4.54 6.69 4.99
N VAL D 201 -4.78 5.96 3.90
CA VAL D 201 -4.19 4.64 3.75
C VAL D 201 -2.68 4.73 3.59
N LEU D 202 -2.21 5.66 2.74
CA LEU D 202 -0.77 5.83 2.57
C LEU D 202 -0.13 6.36 3.84
N GLY D 203 -0.82 7.24 4.56
CA GLY D 203 -0.30 7.71 5.83
C GLY D 203 -0.23 6.61 6.87
N ALA D 204 -1.21 5.70 6.87
CA ALA D 204 -1.17 4.57 7.79
C ALA D 204 -0.02 3.63 7.44
N ALA D 205 0.21 3.39 6.15
CA ALA D 205 1.36 2.59 5.75
C ALA D 205 2.66 3.26 6.16
N LEU D 206 2.74 4.57 5.97
CA LEU D 206 3.92 5.32 6.40
C LEU D 206 4.12 5.21 7.90
N LEU D 207 3.05 5.36 8.67
CA LEU D 207 3.15 5.25 10.11
C LEU D 207 3.59 3.85 10.53
N CYS D 208 3.03 2.82 9.90
CA CYS D 208 3.45 1.47 10.19
C CYS D 208 4.95 1.29 9.96
N ALA D 209 5.42 1.67 8.76
CA ALA D 209 6.83 1.48 8.43
C ALA D 209 7.73 2.30 9.35
N ILE D 210 7.39 3.57 9.55
CA ILE D 210 8.23 4.46 10.33
C ILE D 210 8.28 4.03 11.80
N HIS D 211 7.12 3.66 12.36
CA HIS D 211 7.08 3.22 13.75
C HIS D 211 7.86 1.93 13.94
N GLY D 212 7.68 0.97 13.04
CA GLY D 212 8.44 -0.26 13.15
C GLY D 212 9.93 -0.02 13.07
N ALA D 213 10.35 0.76 12.07
CA ALA D 213 11.78 1.01 11.89
C ALA D 213 12.38 1.72 13.10
N THR D 214 11.66 2.70 13.64
CA THR D 214 12.22 3.49 14.73
C THR D 214 12.22 2.70 16.03
N VAL D 215 11.16 1.93 16.30
CA VAL D 215 11.14 1.12 17.51
C VAL D 215 12.22 0.04 17.44
N GLU D 216 12.46 -0.52 16.25
CA GLU D 216 13.52 -1.51 16.12
C GLU D 216 14.90 -0.89 16.15
N ASN D 217 15.03 0.38 15.79
CA ASN D 217 16.32 1.04 15.76
C ASN D 217 16.65 1.76 17.06
N THR D 218 15.64 2.24 17.79
CA THR D 218 15.84 2.86 19.09
C THR D 218 15.74 1.84 20.22
N LEU D 219 15.99 0.57 19.93
CA LEU D 219 15.94 -0.46 20.96
C LEU D 219 17.05 -0.26 21.98
N PHE D 220 16.79 -0.68 23.20
CA PHE D 220 17.78 -0.58 24.27
C PHE D 220 18.67 -1.82 24.30
N GLU D 221 19.92 -1.60 24.68
CA GLU D 221 20.87 -2.70 24.73
C GLU D 221 20.49 -3.68 25.83
N ASP D 222 20.58 -4.98 25.52
CA ASP D 222 20.25 -6.03 26.46
C ASP D 222 18.84 -5.86 27.02
N ALA D 237 7.74 -5.13 31.64
CA ALA D 237 7.52 -4.20 32.74
C ALA D 237 8.10 -2.82 32.42
N GLU D 238 9.13 -2.79 31.57
CA GLU D 238 9.78 -1.56 31.15
C GLU D 238 9.85 -1.50 29.63
N GLU D 239 9.76 -0.30 29.10
CA GLU D 239 9.79 -0.11 27.65
C GLU D 239 11.12 -0.59 27.09
N THR D 240 11.06 -1.21 25.91
CA THR D 240 12.25 -1.79 25.29
C THR D 240 12.94 -0.85 24.30
N TYR D 241 12.38 0.33 24.04
CA TYR D 241 12.97 1.29 23.13
C TYR D 241 12.95 2.68 23.74
N SER D 242 13.88 3.52 23.28
CA SER D 242 14.08 4.84 23.85
C SER D 242 13.12 5.83 23.19
N MET D 243 12.09 6.25 23.93
CA MET D 243 11.18 7.26 23.42
C MET D 243 11.90 8.59 23.20
N VAL D 244 12.79 8.96 24.11
CA VAL D 244 13.50 10.22 23.97
C VAL D 244 14.36 10.23 22.71
N THR D 245 15.01 9.11 22.41
CA THR D 245 15.88 9.06 21.24
C THR D 245 15.07 9.20 19.95
N ALA D 246 13.96 8.48 19.83
CA ALA D 246 13.12 8.61 18.65
C ALA D 246 12.57 10.02 18.52
N ASN D 247 12.14 10.60 19.65
CA ASN D 247 11.61 11.96 19.63
C ASN D 247 12.65 12.94 19.13
N ARG D 248 13.87 12.84 19.65
CA ARG D 248 14.94 13.74 19.20
C ARG D 248 15.25 13.52 17.74
N PHE D 249 15.33 12.26 17.30
CA PHE D 249 15.67 11.96 15.92
C PHE D 249 14.66 12.59 14.97
N TRP D 250 13.38 12.42 15.25
CA TRP D 250 12.37 12.97 14.34
C TRP D 250 12.19 14.47 14.50
N SER D 251 12.46 15.01 15.69
CA SER D 251 12.43 16.46 15.83
C SER D 251 13.52 17.11 15.00
N GLN D 252 14.70 16.50 14.94
CA GLN D 252 15.82 17.09 14.23
C GLN D 252 15.94 16.61 12.79
N ILE D 253 15.14 15.63 12.36
CA ILE D 253 15.14 15.20 10.97
C ILE D 253 13.93 15.80 10.27
N PHE D 254 12.74 15.47 10.74
CA PHE D 254 11.50 15.92 10.12
C PHE D 254 11.06 17.27 10.67
N GLY D 255 11.00 17.40 11.99
CA GLY D 255 10.58 18.64 12.63
C GLY D 255 9.52 18.41 13.68
N VAL D 256 8.75 17.33 13.52
CA VAL D 256 7.70 16.95 14.47
C VAL D 256 7.95 15.51 14.90
N ALA D 257 7.71 15.25 16.18
CA ALA D 257 7.89 13.91 16.73
C ALA D 257 6.86 13.67 17.82
N PHE D 258 6.61 12.40 18.10
CA PHE D 258 5.62 12.01 19.10
C PHE D 258 6.30 11.94 20.46
N SER D 259 5.87 12.80 21.37
CA SER D 259 6.40 12.79 22.74
C SER D 259 5.64 11.84 23.66
N ASN D 260 4.54 11.25 23.20
CA ASN D 260 3.73 10.35 24.00
C ASN D 260 3.44 9.08 23.21
N LYS D 261 3.76 7.93 23.81
CA LYS D 261 3.49 6.66 23.14
C LYS D 261 1.99 6.43 22.98
N ARG D 262 1.20 6.80 23.99
CA ARG D 262 -0.25 6.63 23.92
C ARG D 262 -0.82 7.37 22.71
N TRP D 263 -0.49 8.65 22.58
CA TRP D 263 -1.02 9.44 21.46
C TRP D 263 -0.45 8.96 20.13
N LEU D 264 0.79 8.49 20.12
CA LEU D 264 1.36 7.94 18.89
C LEU D 264 0.55 6.75 18.40
N HIS D 265 0.33 5.78 19.28
CA HIS D 265 -0.42 4.59 18.86
C HIS D 265 -1.87 4.93 18.54
N PHE D 266 -2.45 5.90 19.26
CA PHE D 266 -3.80 6.31 18.91
C PHE D 266 -3.83 6.96 17.53
N PHE D 267 -2.80 7.71 17.17
CA PHE D 267 -2.74 8.30 15.83
C PHE D 267 -2.60 7.22 14.77
N MET D 268 -1.78 6.21 15.04
CA MET D 268 -1.69 5.07 14.12
C MET D 268 -3.05 4.40 13.96
N LEU D 269 -3.82 4.29 15.04
CA LEU D 269 -5.17 3.77 14.94
C LEU D 269 -6.06 4.69 14.12
N LEU D 270 -5.94 6.00 14.33
CA LEU D 270 -6.91 6.96 13.81
C LEU D 270 -6.74 7.22 12.33
N VAL D 271 -5.51 7.21 11.82
CA VAL D 271 -5.26 7.58 10.43
C VAL D 271 -6.00 6.64 9.48
N PRO D 272 -5.69 5.34 9.47
CA PRO D 272 -6.38 4.45 8.51
C PRO D 272 -7.89 4.39 8.72
N VAL D 273 -8.35 4.43 9.97
CA VAL D 273 -9.78 4.38 10.23
C VAL D 273 -10.47 5.58 9.60
N THR D 274 -9.92 6.78 9.82
CA THR D 274 -10.49 7.98 9.24
C THR D 274 -10.44 7.91 7.71
N GLY D 275 -9.33 7.46 7.15
CA GLY D 275 -9.23 7.37 5.71
C GLY D 275 -10.29 6.47 5.11
N LEU D 276 -10.45 5.27 5.69
CA LEU D 276 -11.45 4.34 5.17
C LEU D 276 -12.87 4.86 5.40
N TRP D 277 -13.12 5.56 6.51
CA TRP D 277 -14.45 6.10 6.73
C TRP D 277 -14.79 7.19 5.71
N MET D 278 -13.83 8.05 5.40
CA MET D 278 -14.07 9.06 4.37
C MET D 278 -14.26 8.40 3.01
N SER D 279 -13.49 7.34 2.72
CA SER D 279 -13.72 6.58 1.50
C SER D 279 -15.14 6.02 1.46
N ALA D 280 -15.61 5.50 2.59
CA ALA D 280 -16.96 4.95 2.65
C ALA D 280 -18.01 6.03 2.38
N ILE D 281 -17.80 7.22 2.95
CA ILE D 281 -18.72 8.32 2.69
C ILE D 281 -18.72 8.68 1.21
N GLY D 282 -17.54 8.73 0.60
CA GLY D 282 -17.47 9.03 -0.82
C GLY D 282 -18.16 8.00 -1.67
N VAL D 283 -18.01 6.71 -1.34
CA VAL D 283 -18.66 5.67 -2.11
C VAL D 283 -20.17 5.69 -1.89
N VAL D 284 -20.62 6.08 -0.69
CA VAL D 284 -22.04 6.34 -0.48
C VAL D 284 -22.51 7.42 -1.44
N GLY D 285 -21.75 8.50 -1.56
CA GLY D 285 -22.10 9.53 -2.52
C GLY D 285 -22.16 9.00 -3.94
N LEU D 286 -21.19 8.16 -4.32
CA LEU D 286 -21.18 7.59 -5.66
C LEU D 286 -22.34 6.64 -5.89
N ALA D 287 -22.87 6.05 -4.81
CA ALA D 287 -24.02 5.15 -4.94
C ALA D 287 -25.18 5.83 -5.64
N LEU D 288 -25.32 7.14 -5.46
CA LEU D 288 -26.37 7.93 -6.09
C LEU D 288 -25.86 8.68 -7.31
N ASN D 289 -24.67 8.34 -7.80
CA ASN D 289 -23.99 9.08 -8.86
C ASN D 289 -23.70 10.52 -8.45
N LEU D 290 -23.72 10.81 -7.15
CA LEU D 290 -23.30 12.11 -6.63
C LEU D 290 -21.78 12.08 -6.55
N ARG D 291 -21.15 12.57 -7.62
CA ARG D 291 -19.72 12.42 -7.83
C ARG D 291 -19.11 13.76 -8.18
N ALA D 292 -17.91 14.02 -7.67
CA ALA D 292 -17.14 15.19 -8.06
C ALA D 292 -16.40 14.92 -9.38
N TYR D 293 -17.21 14.70 -10.42
CA TYR D 293 -16.65 14.27 -11.70
C TYR D 293 -15.87 15.38 -12.37
N ASP D 294 -16.45 16.59 -12.42
CA ASP D 294 -15.94 17.64 -13.30
C ASP D 294 -15.91 18.97 -12.57
N PHE D 295 -15.02 19.85 -13.04
CA PHE D 295 -15.01 21.26 -12.68
C PHE D 295 -15.69 22.00 -13.83
N VAL D 296 -16.86 22.57 -13.57
CA VAL D 296 -17.64 23.20 -14.64
C VAL D 296 -16.85 24.33 -15.27
N SER D 297 -16.10 25.10 -14.46
CA SER D 297 -15.34 26.22 -14.99
C SER D 297 -14.31 25.74 -16.01
N GLN D 298 -13.56 24.69 -15.67
CA GLN D 298 -12.57 24.17 -16.60
C GLN D 298 -13.24 23.57 -17.83
N GLU D 299 -14.39 22.92 -17.65
CA GLU D 299 -15.10 22.36 -18.79
C GLU D 299 -15.50 23.45 -19.78
N ILE D 300 -16.06 24.55 -19.28
CA ILE D 300 -16.49 25.62 -20.19
C ILE D 300 -15.27 26.31 -20.79
N ARG D 301 -14.19 26.46 -20.01
CA ARG D 301 -12.98 27.07 -20.57
C ARG D 301 -12.43 26.24 -21.71
N ALA D 302 -12.38 24.91 -21.54
CA ALA D 302 -11.91 24.04 -22.61
C ALA D 302 -12.84 24.09 -23.81
N ALA D 303 -14.16 24.09 -23.57
CA ALA D 303 -15.11 24.12 -24.68
C ALA D 303 -14.97 25.40 -25.50
N GLU D 304 -14.87 26.54 -24.83
CA GLU D 304 -14.74 27.80 -25.55
C GLU D 304 -13.37 27.95 -26.20
N ASP D 305 -12.32 27.44 -25.55
CA ASP D 305 -10.95 27.57 -26.04
C ASP D 305 -10.42 26.20 -26.43
N PRO D 306 -10.43 25.83 -27.72
CA PRO D 306 -9.89 24.51 -28.11
C PRO D 306 -8.44 24.31 -27.73
N GLU D 307 -7.63 25.38 -27.78
CA GLU D 307 -6.21 25.23 -27.49
C GLU D 307 -5.97 24.92 -26.02
N PHE D 308 -6.85 25.38 -25.14
CA PHE D 308 -6.68 25.13 -23.71
C PHE D 308 -6.77 23.63 -23.42
N GLU D 309 -5.81 23.13 -22.64
CA GLU D 309 -5.78 21.72 -22.29
C GLU D 309 -4.95 21.54 -21.03
N THR D 310 -5.44 20.71 -20.13
CA THR D 310 -4.76 20.43 -18.87
C THR D 310 -4.82 18.94 -18.61
N PHE D 311 -4.26 18.51 -17.48
CA PHE D 311 -4.31 17.11 -17.12
C PHE D 311 -5.72 16.70 -16.68
N TYR D 312 -6.51 17.65 -16.19
CA TYR D 312 -7.88 17.33 -15.84
C TYR D 312 -8.72 17.03 -17.08
N THR D 313 -8.60 17.85 -18.12
CA THR D 313 -9.33 17.58 -19.36
C THR D 313 -8.88 16.26 -19.97
N LYS D 314 -7.58 15.98 -19.91
CA LYS D 314 -7.08 14.71 -20.39
C LYS D 314 -7.66 13.55 -19.58
N ASN D 315 -7.80 13.74 -18.26
CA ASN D 315 -8.42 12.72 -17.43
C ASN D 315 -9.87 12.50 -17.83
N ILE D 316 -10.61 13.57 -18.12
CA ILE D 316 -11.99 13.44 -18.57
C ILE D 316 -12.05 12.68 -19.88
N LEU D 317 -11.12 12.97 -20.80
CA LEU D 317 -11.08 12.26 -22.06
C LEU D 317 -10.80 10.78 -21.85
N LEU D 318 -9.87 10.45 -20.96
CA LEU D 318 -9.57 9.05 -20.67
C LEU D 318 -10.77 8.35 -20.04
N ASN D 319 -11.49 9.05 -19.16
CA ASN D 319 -12.69 8.48 -18.57
C ASN D 319 -13.74 8.20 -19.63
N GLU D 320 -13.92 9.13 -20.57
CA GLU D 320 -14.85 8.91 -21.66
C GLU D 320 -14.44 7.71 -22.50
N GLY D 321 -13.14 7.58 -22.77
CA GLY D 321 -12.67 6.43 -23.51
C GLY D 321 -12.96 5.13 -22.79
N ILE D 322 -12.68 5.09 -21.49
CA ILE D 322 -12.97 3.89 -20.70
C ILE D 322 -14.46 3.55 -20.80
N ARG D 323 -15.31 4.55 -20.56
CA ARG D 323 -16.75 4.32 -20.58
C ARG D 323 -17.19 3.73 -21.91
N ALA D 324 -16.83 4.40 -23.01
CA ALA D 324 -17.35 4.01 -24.31
C ALA D 324 -16.79 2.67 -24.76
N TRP D 325 -15.51 2.42 -24.48
CA TRP D 325 -14.89 1.18 -24.94
C TRP D 325 -15.18 0.00 -24.03
N MET D 326 -15.69 0.22 -22.82
CA MET D 326 -15.96 -0.87 -21.89
C MET D 326 -17.44 -1.19 -21.75
N ALA D 327 -18.34 -0.21 -21.93
CA ALA D 327 -19.75 -0.45 -21.71
C ALA D 327 -20.31 -1.55 -22.61
N ALA D 328 -19.67 -1.82 -23.75
CA ALA D 328 -20.19 -2.84 -24.66
C ALA D 328 -20.21 -4.21 -24.00
N GLN D 329 -19.14 -4.56 -23.29
CA GLN D 329 -19.01 -5.87 -22.66
C GLN D 329 -19.31 -5.85 -21.16
N ASP D 330 -19.07 -4.72 -20.49
CA ASP D 330 -19.28 -4.65 -19.05
C ASP D 330 -20.75 -4.50 -18.67
N GLN D 331 -21.60 -4.10 -19.60
CA GLN D 331 -23.03 -3.91 -19.36
C GLN D 331 -23.83 -4.60 -20.46
N PRO D 332 -23.84 -5.94 -20.47
CA PRO D 332 -24.60 -6.64 -21.52
C PRO D 332 -26.08 -6.32 -21.50
N HIS D 333 -26.66 -6.09 -20.32
CA HIS D 333 -28.09 -5.81 -20.24
C HIS D 333 -28.48 -4.59 -21.07
N GLU D 334 -27.60 -3.60 -21.16
CA GLU D 334 -27.89 -2.43 -21.99
C GLU D 334 -27.90 -2.77 -23.48
N ARG D 335 -27.21 -3.85 -23.88
CA ARG D 335 -27.14 -4.26 -25.28
C ARG D 335 -26.62 -3.12 -26.15
N LEU D 336 -25.52 -2.52 -25.71
CA LEU D 336 -24.92 -1.41 -26.43
C LEU D 336 -24.04 -1.94 -27.56
N VAL D 337 -24.24 -1.38 -28.76
CA VAL D 337 -23.44 -1.73 -29.93
C VAL D 337 -22.93 -0.42 -30.51
N PHE D 338 -21.74 -0.01 -30.10
CA PHE D 338 -21.16 1.23 -30.60
C PHE D 338 -20.46 0.97 -31.93
N PRO D 339 -20.87 1.61 -33.02
CA PRO D 339 -20.10 1.47 -34.26
C PRO D 339 -18.71 2.06 -34.12
N GLU D 340 -17.79 1.55 -34.93
CA GLU D 340 -16.40 1.98 -34.82
C GLU D 340 -16.25 3.48 -35.02
N GLU D 341 -17.18 4.11 -35.74
CA GLU D 341 -17.05 5.53 -36.03
C GLU D 341 -17.39 6.43 -34.84
N VAL D 342 -18.12 5.91 -33.85
CA VAL D 342 -18.53 6.73 -32.71
C VAL D 342 -17.73 6.43 -31.45
N LEU D 343 -16.97 5.35 -31.43
CA LEU D 343 -16.13 5.07 -30.27
C LEU D 343 -15.07 6.16 -30.15
N PRO D 344 -14.94 6.81 -29.00
CA PRO D 344 -13.98 7.91 -28.88
C PRO D 344 -12.54 7.42 -29.08
N ARG D 345 -11.74 8.23 -29.77
CA ARG D 345 -10.36 7.91 -30.05
C ARG D 345 -9.52 9.17 -29.92
N GLY D 346 -8.24 8.98 -29.56
CA GLY D 346 -7.35 10.12 -29.43
C GLY D 346 -7.11 10.83 -30.75
N ASN D 347 -6.93 10.06 -31.82
CA ASN D 347 -6.69 10.65 -33.13
C ASN D 347 -7.93 11.34 -33.70
N ALA D 348 -9.09 11.15 -33.09
CA ALA D 348 -10.33 11.76 -33.56
C ALA D 348 -10.62 13.10 -32.89
N LEU D 349 -9.74 13.57 -32.02
CA LEU D 349 -9.96 14.84 -31.33
C LEU D 349 -9.57 16.01 -32.24
N ARG E 1 -2.43 -34.07 21.39
CA ARG E 1 -3.29 -32.91 21.58
C ARG E 1 -2.71 -31.65 20.92
N PRO E 2 -1.46 -31.31 21.24
CA PRO E 2 -0.81 -30.21 20.52
C PRO E 2 -0.43 -30.62 19.10
N PHE E 3 -0.14 -29.62 18.28
CA PHE E 3 0.15 -29.87 16.88
C PHE E 3 1.36 -30.80 16.73
N SER E 4 2.44 -30.51 17.45
CA SER E 4 3.64 -31.32 17.32
C SER E 4 3.36 -32.78 17.65
N ASP E 5 2.70 -33.04 18.78
CA ASP E 5 2.43 -34.41 19.18
C ASP E 5 1.49 -35.11 18.21
N ILE E 6 0.42 -34.44 17.80
CA ILE E 6 -0.60 -35.11 16.99
C ILE E 6 -0.07 -35.41 15.59
N LEU E 7 0.63 -34.45 14.97
CA LEU E 7 1.18 -34.71 13.64
C LEU E 7 2.39 -35.62 13.68
N THR E 8 3.16 -35.61 14.79
CA THR E 8 4.28 -36.52 14.90
C THR E 8 3.82 -37.97 15.04
N SER E 9 2.73 -38.19 15.79
CA SER E 9 2.26 -39.54 16.02
C SER E 9 1.83 -40.21 14.73
N ILE E 10 2.09 -41.52 14.64
CA ILE E 10 1.74 -42.29 13.45
C ILE E 10 0.26 -42.62 13.37
N ARG E 11 -0.48 -42.48 14.48
CA ARG E 11 -1.91 -42.75 14.45
C ARG E 11 -2.62 -41.81 13.49
N TYR E 12 -2.25 -40.53 13.50
CA TYR E 12 -2.84 -39.57 12.57
C TYR E 12 -2.56 -39.96 11.13
N TRP E 13 -1.33 -40.35 10.83
CA TRP E 13 -0.98 -40.71 9.46
C TRP E 13 -1.74 -41.95 8.99
N VAL E 14 -1.84 -42.96 9.85
CA VAL E 14 -2.53 -44.19 9.42
C VAL E 14 -4.03 -43.95 9.29
N ILE E 15 -4.65 -43.19 10.20
CA ILE E 15 -6.08 -42.96 10.07
C ILE E 15 -6.38 -42.08 8.85
N HIS E 16 -5.51 -41.12 8.55
CA HIS E 16 -5.70 -40.23 7.41
C HIS E 16 -5.00 -40.73 6.14
N SER E 17 -4.40 -41.92 6.17
CA SER E 17 -3.80 -42.46 4.96
C SER E 17 -4.85 -42.98 4.00
N ILE E 18 -6.02 -43.36 4.51
CA ILE E 18 -7.11 -43.88 3.67
C ILE E 18 -8.19 -42.84 3.43
N THR E 19 -8.11 -41.66 4.05
CA THR E 19 -9.13 -40.62 3.93
C THR E 19 -8.71 -39.50 2.99
N VAL E 20 -7.53 -38.92 3.19
CA VAL E 20 -7.08 -37.82 2.34
C VAL E 20 -7.02 -38.25 0.88
N PRO E 21 -6.38 -39.37 0.52
CA PRO E 21 -6.48 -39.83 -0.87
C PRO E 21 -7.92 -40.10 -1.29
N ALA E 22 -8.76 -40.57 -0.37
CA ALA E 22 -10.16 -40.80 -0.71
C ALA E 22 -10.85 -39.50 -1.11
N LEU E 23 -10.61 -38.42 -0.36
CA LEU E 23 -11.22 -37.14 -0.70
C LEU E 23 -10.65 -36.59 -2.00
N PHE E 24 -9.33 -36.74 -2.21
CA PHE E 24 -8.74 -36.29 -3.46
C PHE E 24 -9.35 -37.02 -4.66
N ILE E 25 -9.51 -38.34 -4.53
CA ILE E 25 -10.13 -39.11 -5.61
C ILE E 25 -11.59 -38.74 -5.78
N ALA E 26 -12.28 -38.44 -4.67
CA ALA E 26 -13.67 -38.01 -4.77
C ALA E 26 -13.79 -36.73 -5.58
N GLY E 27 -12.90 -35.76 -5.31
CA GLY E 27 -12.89 -34.56 -6.13
C GLY E 27 -12.53 -34.83 -7.58
N TRP E 28 -11.58 -35.75 -7.80
CA TRP E 28 -11.18 -36.06 -9.16
C TRP E 28 -12.34 -36.66 -9.96
N LEU E 29 -13.09 -37.59 -9.35
CA LEU E 29 -14.27 -38.13 -10.02
C LEU E 29 -15.37 -37.08 -10.15
N PHE E 30 -15.49 -36.18 -9.17
CA PHE E 30 -16.49 -35.12 -9.27
C PHE E 30 -16.24 -34.24 -10.49
N VAL E 31 -14.96 -33.97 -10.78
CA VAL E 31 -14.64 -33.11 -11.91
C VAL E 31 -14.64 -33.89 -13.22
N SER E 32 -13.89 -34.99 -13.27
CA SER E 32 -13.70 -35.69 -14.53
C SER E 32 -15.01 -36.26 -15.07
N THR E 33 -15.85 -36.81 -14.19
CA THR E 33 -17.12 -37.38 -14.63
C THR E 33 -18.08 -36.32 -15.13
N GLY E 34 -17.80 -35.04 -14.91
CA GLY E 34 -18.69 -33.98 -15.34
C GLY E 34 -19.81 -33.66 -14.38
N LEU E 35 -19.82 -34.28 -13.19
CA LEU E 35 -20.87 -33.98 -12.22
C LEU E 35 -20.81 -32.53 -11.78
N ALA E 36 -19.62 -31.92 -11.79
CA ALA E 36 -19.52 -30.50 -11.43
C ALA E 36 -20.33 -29.64 -12.39
N TYR E 37 -20.22 -29.92 -13.68
CA TYR E 37 -21.00 -29.16 -14.65
C TYR E 37 -22.50 -29.34 -14.41
N ASP E 38 -22.92 -30.57 -14.14
CA ASP E 38 -24.35 -30.84 -13.98
C ASP E 38 -24.91 -30.17 -12.73
N VAL E 39 -24.16 -30.19 -11.62
CA VAL E 39 -24.69 -29.71 -10.36
C VAL E 39 -24.54 -28.20 -10.22
N PHE E 40 -23.42 -27.63 -10.67
CA PHE E 40 -23.16 -26.21 -10.53
C PHE E 40 -23.59 -25.39 -11.75
N GLY E 41 -24.08 -26.05 -12.80
CA GLY E 41 -24.58 -25.34 -13.95
C GLY E 41 -23.53 -24.79 -14.89
N THR E 42 -22.25 -25.06 -14.63
CA THR E 42 -21.20 -24.57 -15.51
C THR E 42 -21.31 -25.25 -16.86
N PRO E 43 -21.42 -24.52 -17.97
CA PRO E 43 -21.47 -25.19 -19.27
C PRO E 43 -20.17 -25.88 -19.59
N ARG E 44 -20.26 -27.02 -20.26
CA ARG E 44 -19.08 -27.73 -20.72
C ARG E 44 -18.43 -26.96 -21.87
N PRO E 45 -17.16 -27.24 -22.16
CA PRO E 45 -16.48 -26.47 -23.22
C PRO E 45 -17.15 -26.56 -24.58
N ASN E 46 -17.96 -27.58 -24.83
CA ASN E 46 -18.60 -27.78 -26.13
C ASN E 46 -20.05 -27.30 -26.15
N GLU E 47 -20.49 -26.57 -25.11
CA GLU E 47 -21.88 -26.13 -25.05
C GLU E 47 -22.02 -24.70 -24.56
N TYR E 48 -20.97 -23.87 -24.68
CA TYR E 48 -21.10 -22.47 -24.31
C TYR E 48 -22.11 -21.75 -25.19
N PHE E 49 -22.08 -22.02 -26.50
CA PHE E 49 -23.01 -21.45 -27.45
C PHE E 49 -23.82 -22.58 -28.08
N THR E 50 -25.13 -22.41 -28.14
CA THR E 50 -26.01 -23.40 -28.75
C THR E 50 -26.26 -23.04 -30.22
N GLU E 51 -27.09 -23.85 -30.88
CA GLU E 51 -27.44 -23.55 -32.26
C GLU E 51 -28.38 -22.35 -32.35
N ASP E 52 -29.27 -22.18 -31.37
CA ASP E 52 -30.17 -21.03 -31.36
C ASP E 52 -29.45 -19.75 -30.97
N ARG E 53 -28.56 -19.83 -29.98
CA ARG E 53 -27.84 -18.68 -29.43
C ARG E 53 -26.38 -18.81 -29.80
N GLN E 54 -25.83 -17.79 -30.46
CA GLN E 54 -24.43 -17.76 -30.86
C GLN E 54 -23.68 -16.58 -30.26
N GLU E 55 -24.22 -15.97 -29.20
CA GLU E 55 -23.57 -14.88 -28.49
C GLU E 55 -23.68 -15.14 -27.00
N ALA E 56 -23.12 -14.25 -26.20
CA ALA E 56 -23.18 -14.40 -24.76
C ALA E 56 -24.62 -14.34 -24.29
N PRO E 57 -25.09 -15.28 -23.47
CA PRO E 57 -26.50 -15.27 -23.07
C PRO E 57 -26.83 -14.07 -22.20
N LEU E 58 -28.09 -13.65 -22.30
CA LEU E 58 -28.60 -12.50 -21.55
C LEU E 58 -29.94 -12.87 -20.95
N ILE E 59 -30.13 -12.56 -19.67
CA ILE E 59 -31.38 -12.85 -18.97
C ILE E 59 -32.06 -11.52 -18.66
N THR E 60 -33.30 -11.38 -19.13
CA THR E 60 -34.06 -10.15 -18.99
C THR E 60 -35.16 -10.25 -17.93
N ASP E 61 -35.89 -11.36 -17.89
CA ASP E 61 -36.96 -11.50 -16.92
C ASP E 61 -36.39 -11.58 -15.51
N ARG E 62 -37.00 -10.85 -14.58
CA ARG E 62 -36.55 -10.85 -13.19
C ARG E 62 -37.15 -12.02 -12.43
N PHE E 63 -38.47 -12.20 -12.51
CA PHE E 63 -39.15 -13.28 -11.82
C PHE E 63 -39.15 -14.57 -12.63
N ASN E 64 -39.53 -14.49 -13.91
CA ASN E 64 -39.55 -15.65 -14.80
C ASN E 64 -38.17 -15.87 -15.39
N ALA E 65 -37.18 -16.01 -14.51
CA ALA E 65 -35.79 -16.20 -14.91
C ALA E 65 -35.37 -17.67 -14.92
N LEU E 66 -36.06 -18.52 -14.16
CA LEU E 66 -35.74 -19.94 -14.20
C LEU E 66 -35.92 -20.51 -15.60
N GLU E 67 -37.08 -20.25 -16.20
CA GLU E 67 -37.34 -20.74 -17.55
C GLU E 67 -36.41 -20.07 -18.56
N GLN E 68 -36.11 -18.79 -18.37
CA GLN E 68 -35.21 -18.10 -19.29
C GLN E 68 -33.82 -18.73 -19.27
N VAL E 69 -33.29 -19.03 -18.09
CA VAL E 69 -31.98 -19.67 -18.01
C VAL E 69 -32.03 -21.09 -18.53
N LYS E 70 -33.14 -21.79 -18.30
CA LYS E 70 -33.28 -23.12 -18.87
C LYS E 70 -33.20 -23.07 -20.39
N LYS E 71 -33.88 -22.09 -21.00
CA LYS E 71 -33.83 -21.95 -22.45
C LYS E 71 -32.45 -21.53 -22.93
N LEU E 72 -31.82 -20.56 -22.24
CA LEU E 72 -30.53 -20.06 -22.68
C LEU E 72 -29.47 -21.15 -22.64
N SER E 73 -29.46 -21.96 -21.59
CA SER E 73 -28.53 -23.07 -21.50
C SER E 73 -28.91 -24.15 -22.50
N GLY E 74 -28.15 -25.25 -22.46
CA GLY E 74 -28.44 -26.35 -23.38
C GLY E 74 -29.85 -26.89 -23.20
N ASN E 75 -30.31 -26.97 -21.96
CA ASN E 75 -31.66 -27.46 -21.67
C ASN E 75 -32.71 -26.55 -22.29
N ILE F 1 -12.37 -36.08 21.50
CA ILE F 1 -12.13 -36.49 20.13
C ILE F 1 -12.86 -35.54 19.18
N PHE F 2 -14.17 -35.42 19.35
CA PHE F 2 -14.99 -34.53 18.53
C PHE F 2 -15.00 -33.13 19.15
N THR F 3 -13.81 -32.58 19.33
CA THR F 3 -13.64 -31.29 19.97
C THR F 3 -13.94 -30.15 19.00
N VAL F 4 -14.04 -28.94 19.56
CA VAL F 4 -14.31 -27.77 18.74
C VAL F 4 -13.17 -27.54 17.74
N ARG F 5 -11.93 -27.67 18.22
CA ARG F 5 -10.79 -27.54 17.30
C ARG F 5 -10.82 -28.63 16.25
N TRP F 6 -11.19 -29.85 16.62
CA TRP F 6 -11.33 -30.93 15.64
C TRP F 6 -12.36 -30.54 14.58
N LEU F 7 -13.51 -30.04 15.00
CA LEU F 7 -14.56 -29.68 14.05
C LEU F 7 -14.09 -28.56 13.13
N ALA F 8 -13.44 -27.54 13.68
CA ALA F 8 -12.97 -26.44 12.85
C ALA F 8 -11.94 -26.92 11.83
N ILE F 9 -10.96 -27.71 12.28
CA ILE F 9 -9.93 -28.20 11.37
C ILE F 9 -10.54 -29.05 10.27
N HIS F 10 -11.46 -29.95 10.63
CA HIS F 10 -12.05 -30.82 9.62
C HIS F 10 -12.92 -30.03 8.65
N GLY F 11 -13.73 -29.10 9.15
CA GLY F 11 -14.53 -28.27 8.27
C GLY F 11 -13.70 -27.44 7.32
N ILE F 12 -12.51 -27.03 7.75
CA ILE F 12 -11.64 -26.25 6.87
C ILE F 12 -10.87 -27.15 5.91
N ALA F 13 -10.59 -28.40 6.30
CA ALA F 13 -9.67 -29.24 5.56
C ALA F 13 -10.37 -30.17 4.57
N VAL F 14 -11.43 -30.86 5.00
CA VAL F 14 -12.10 -31.79 4.10
C VAL F 14 -12.58 -31.11 2.83
N PRO F 15 -13.31 -29.99 2.89
CA PRO F 15 -13.61 -29.27 1.65
C PRO F 15 -12.35 -28.78 0.96
N THR F 16 -11.31 -28.42 1.71
CA THR F 16 -10.06 -27.97 1.08
C THR F 16 -9.44 -29.09 0.26
N ILE F 17 -9.40 -30.30 0.82
CA ILE F 17 -8.83 -31.43 0.08
C ILE F 17 -9.70 -31.78 -1.12
N PHE F 18 -11.02 -31.76 -0.95
CA PHE F 18 -11.90 -32.04 -2.06
C PHE F 18 -11.71 -31.02 -3.19
N PHE F 19 -11.59 -29.75 -2.84
CA PHE F 19 -11.41 -28.71 -3.85
C PHE F 19 -10.04 -28.81 -4.51
N LEU F 20 -9.01 -29.16 -3.75
CA LEU F 20 -7.70 -29.36 -4.34
C LEU F 20 -7.72 -30.50 -5.34
N GLY F 21 -8.39 -31.61 -4.98
CA GLY F 21 -8.53 -32.70 -5.92
C GLY F 21 -9.28 -32.28 -7.18
N ALA F 22 -10.37 -31.54 -7.01
CA ALA F 22 -11.13 -31.07 -8.16
C ALA F 22 -10.28 -30.17 -9.04
N ILE F 23 -9.53 -29.25 -8.44
CA ILE F 23 -8.71 -28.32 -9.20
C ILE F 23 -7.64 -29.08 -9.98
N THR F 24 -6.97 -30.03 -9.31
CA THR F 24 -5.94 -30.81 -9.99
C THR F 24 -6.54 -31.63 -11.13
N ALA F 25 -7.75 -32.17 -10.93
CA ALA F 25 -8.39 -32.93 -11.99
C ALA F 25 -8.68 -32.05 -13.19
N MET F 26 -9.21 -30.85 -12.96
CA MET F 26 -9.52 -29.96 -14.07
C MET F 26 -8.27 -29.34 -14.69
N GLN F 27 -7.12 -29.44 -14.03
CA GLN F 27 -5.87 -29.00 -14.68
C GLN F 27 -5.64 -29.78 -15.96
N PHE F 28 -5.87 -31.10 -15.93
CA PHE F 28 -5.68 -31.97 -17.09
C PHE F 28 -6.97 -32.17 -17.88
N ILE F 29 -7.86 -31.18 -17.87
CA ILE F 29 -9.14 -31.34 -18.53
C ILE F 29 -8.99 -31.13 -20.04
N GLN F 30 -10.00 -31.52 -20.78
CA GLN F 30 -9.96 -31.43 -22.23
C GLN F 30 -9.89 -29.98 -22.68
N ARG F 31 -9.27 -29.77 -23.85
CA ARG F 31 -9.17 -28.45 -24.45
C ARG F 31 -8.31 -27.52 -23.60
N SER G 1 28.15 -0.40 60.44
CA SER G 1 28.50 0.10 59.12
C SER G 1 29.95 0.55 59.06
N GLU G 2 30.78 -0.06 59.91
CA GLU G 2 32.20 0.30 59.95
C GLU G 2 32.90 -0.12 58.67
N ALA G 3 33.89 0.68 58.27
CA ALA G 3 34.65 0.37 57.06
C ALA G 3 35.57 -0.82 57.29
N GLU G 4 35.70 -1.66 56.27
CA GLU G 4 36.58 -2.81 56.37
C GLU G 4 38.03 -2.40 56.58
N TYR G 5 38.49 -1.41 55.82
CA TYR G 5 39.87 -0.91 55.92
C TYR G 5 40.88 -2.04 55.74
N ILE G 6 40.60 -2.93 54.79
CA ILE G 6 41.50 -4.04 54.51
C ILE G 6 42.69 -3.58 53.68
N GLU G 7 43.68 -4.45 53.56
CA GLU G 7 44.90 -4.16 52.80
C GLU G 7 45.10 -5.22 51.73
N LEU G 8 45.51 -4.78 50.54
CA LEU G 8 45.75 -5.67 49.41
C LEU G 8 47.06 -5.30 48.75
N ASP G 9 47.86 -6.32 48.45
CA ASP G 9 49.15 -6.13 47.76
C ASP G 9 49.25 -7.16 46.64
N LEU G 10 49.64 -6.69 45.45
CA LEU G 10 49.81 -7.55 44.30
C LEU G 10 50.84 -6.94 43.37
N PRO G 11 51.47 -7.80 42.56
CA PRO G 11 52.49 -7.35 41.63
C PRO G 11 51.84 -6.64 40.45
N LYS G 12 52.38 -5.48 40.10
CA LYS G 12 51.86 -4.67 38.97
C LYS G 12 50.40 -4.33 39.30
N PRO G 13 49.51 -4.35 38.30
CA PRO G 13 48.09 -4.04 38.55
C PRO G 13 47.29 -4.72 37.45
N LEU G 14 46.55 -5.77 37.81
CA LEU G 14 45.76 -6.52 36.85
C LEU G 14 44.43 -6.91 37.48
N GLY G 15 43.43 -7.13 36.61
CA GLY G 15 42.09 -7.53 37.03
C GLY G 15 41.49 -6.53 38.01
N PHE G 16 41.39 -5.29 37.54
CA PHE G 16 40.80 -4.21 38.34
C PHE G 16 40.31 -3.13 37.41
N LYS G 17 39.41 -2.30 37.93
CA LYS G 17 38.88 -1.16 37.18
C LYS G 17 39.03 0.11 38.00
N PHE G 18 38.42 1.20 37.55
CA PHE G 18 38.52 2.47 38.24
C PHE G 18 37.23 3.26 38.04
N ALA G 19 36.99 4.20 38.94
CA ALA G 19 35.82 5.05 38.93
C ALA G 19 36.20 6.47 38.51
N ARG G 20 35.19 7.33 38.41
CA ARG G 20 35.40 8.70 37.96
C ARG G 20 35.97 9.54 39.08
N GLY G 21 36.50 10.71 38.70
CA GLY G 21 37.04 11.67 39.64
C GLY G 21 36.03 12.76 39.99
N ASN G 22 34.77 12.61 39.58
CA ASN G 22 33.75 13.58 39.95
C ASN G 22 33.55 13.63 41.46
N ASP G 23 33.57 12.47 42.11
CA ASP G 23 33.48 12.38 43.57
C ASP G 23 34.85 12.44 44.24
N GLY G 24 35.92 12.63 43.48
CA GLY G 24 37.27 12.72 44.04
C GLY G 24 37.63 11.45 44.81
N GLY G 25 37.22 10.30 44.28
CA GLY G 25 37.51 9.02 44.91
C GLY G 25 37.72 7.97 43.82
N ALA G 26 38.44 6.92 44.17
CA ALA G 26 38.73 5.82 43.27
C ALA G 26 38.04 4.56 43.78
N TYR G 27 37.28 3.91 42.91
CA TYR G 27 36.55 2.69 43.25
C TYR G 27 36.76 1.65 42.17
N ILE G 28 36.90 0.39 42.59
CA ILE G 28 37.10 -0.72 41.67
C ILE G 28 35.75 -1.16 41.13
N ILE G 29 35.42 -0.72 39.92
CA ILE G 29 34.11 -1.04 39.35
C ILE G 29 33.97 -2.54 39.11
N GLU G 30 35.01 -3.18 38.59
CA GLU G 30 34.95 -4.60 38.27
C GLU G 30 36.36 -5.14 38.14
N VAL G 31 36.47 -6.46 38.19
CA VAL G 31 37.75 -7.16 38.02
C VAL G 31 37.73 -7.92 36.69
N ASN G 32 38.73 -7.66 35.86
CA ASN G 32 38.79 -8.31 34.56
C ASN G 32 39.01 -9.81 34.71
N PRO G 33 38.30 -10.58 33.88
CA PRO G 33 38.42 -12.03 33.91
C PRO G 33 39.66 -12.54 33.19
N LYS G 34 40.33 -11.70 32.40
CA LYS G 34 41.53 -12.12 31.69
C LYS G 34 42.71 -12.28 32.63
N ALA G 35 42.67 -11.70 33.82
CA ALA G 35 43.77 -11.79 34.78
C ALA G 35 43.26 -12.29 36.13
N GLY G 36 44.13 -12.27 37.14
CA GLY G 36 43.80 -12.82 38.45
C GLY G 36 42.75 -11.93 39.11
N ASN G 37 41.48 -12.30 38.98
CA ASN G 37 40.38 -11.52 39.53
C ASN G 37 40.09 -11.83 40.99
N ILE G 38 40.79 -12.79 41.60
CA ILE G 38 40.57 -13.11 43.00
C ILE G 38 40.97 -11.92 43.87
N ASP G 39 40.02 -11.42 44.64
CA ASP G 39 40.27 -10.27 45.51
C ASP G 39 39.22 -10.27 46.61
N ALA G 40 39.63 -10.51 47.85
CA ALA G 40 38.69 -10.53 48.96
C ALA G 40 38.25 -9.11 49.33
N ARG G 41 39.18 -8.16 49.38
CA ARG G 41 38.88 -6.81 49.79
C ARG G 41 38.52 -5.88 48.64
N VAL G 42 38.81 -6.27 47.40
CA VAL G 42 38.54 -5.47 46.22
C VAL G 42 37.54 -6.16 45.31
N GLN G 43 36.51 -6.75 45.89
CA GLN G 43 35.47 -7.43 45.13
C GLN G 43 34.34 -6.51 44.70
N PRO G 44 34.33 -5.26 45.14
CA PRO G 44 33.28 -4.31 44.78
C PRO G 44 33.88 -2.91 44.78
N GLY G 45 33.01 -1.91 44.76
CA GLY G 45 33.45 -0.50 44.73
C GLY G 45 34.04 -0.15 46.09
N ASP G 46 35.37 -0.12 46.18
CA ASP G 46 36.08 0.17 47.40
C ASP G 46 36.83 1.49 47.26
N LYS G 47 36.58 2.42 48.18
CA LYS G 47 37.24 3.71 48.19
C LYS G 47 38.60 3.56 48.84
N ILE G 48 39.61 3.24 48.03
CA ILE G 48 40.96 3.03 48.54
C ILE G 48 41.50 4.35 49.07
N VAL G 49 41.63 4.44 50.40
CA VAL G 49 42.07 5.69 51.01
C VAL G 49 43.56 5.91 50.82
N GLU G 50 44.36 4.86 50.91
CA GLU G 50 45.81 4.96 50.86
C GLU G 50 46.37 3.98 49.84
N ILE G 51 47.47 4.39 49.19
CA ILE G 51 48.13 3.54 48.20
C ILE G 51 49.63 3.85 48.28
N SER G 52 50.39 2.94 48.88
CA SER G 52 51.83 3.14 49.02
C SER G 52 52.51 3.04 47.66
N ALA G 53 53.53 3.86 47.46
CA ALA G 53 54.32 3.86 46.24
C ALA G 53 55.61 3.10 46.47
N SER G 54 55.89 2.12 45.61
CA SER G 54 57.08 1.29 45.79
C SER G 54 58.35 2.11 45.67
N PHE G 55 58.41 3.02 44.69
CA PHE G 55 59.61 3.82 44.49
C PHE G 55 59.90 4.70 45.70
N GLY G 56 58.86 5.33 46.26
CA GLY G 56 59.03 6.19 47.42
C GLY G 56 59.07 5.35 48.70
N SER G 57 60.00 5.69 49.58
CA SER G 57 60.09 4.96 50.85
C SER G 57 58.83 5.14 51.69
N GLU G 58 58.31 6.37 51.74
CA GLU G 58 57.10 6.63 52.50
C GLU G 58 55.88 6.08 51.77
N VAL G 59 54.83 5.79 52.54
CA VAL G 59 53.58 5.26 52.01
C VAL G 59 52.57 6.39 51.86
N TRP G 60 52.15 6.64 50.62
CA TRP G 60 51.18 7.69 50.37
C TRP G 60 49.81 7.30 50.91
N LYS G 61 49.05 8.31 51.36
CA LYS G 61 47.73 8.09 51.93
C LYS G 61 46.68 9.05 51.36
N ALA G 62 46.96 9.64 50.20
CA ALA G 62 46.01 10.57 49.59
C ALA G 62 44.84 9.82 48.99
N GLU G 63 43.68 10.49 48.97
CA GLU G 63 42.46 9.92 48.41
C GLU G 63 42.16 10.42 47.00
N ASN G 64 43.02 11.26 46.43
CA ASN G 64 42.79 11.76 45.08
C ASN G 64 42.94 10.64 44.06
N PHE G 65 42.09 10.67 43.03
CA PHE G 65 42.14 9.64 42.00
C PHE G 65 43.46 9.66 41.26
N GLY G 66 43.95 10.86 40.91
CA GLY G 66 45.22 10.95 40.22
C GLY G 66 46.38 10.44 41.06
N GLN G 67 46.40 10.79 42.34
CA GLN G 67 47.45 10.29 43.23
C GLN G 67 47.48 8.77 43.25
N ILE G 68 46.32 8.14 43.46
CA ILE G 68 46.28 6.69 43.58
C ILE G 68 46.62 6.03 42.25
N MET G 69 46.14 6.58 41.12
CA MET G 69 46.48 6.01 39.83
C MET G 69 47.97 6.12 39.57
N TYR G 70 48.58 7.25 39.90
CA TYR G 70 50.02 7.40 39.76
C TYR G 70 50.75 6.37 40.62
N ALA G 71 50.31 6.21 41.87
CA ALA G 71 50.99 5.27 42.77
C ALA G 71 50.90 3.85 42.25
N ILE G 72 49.71 3.43 41.79
CA ILE G 72 49.54 2.06 41.35
C ILE G 72 50.28 1.79 40.04
N ARG G 73 50.26 2.75 39.11
CA ARG G 73 50.88 2.51 37.81
C ARG G 73 52.41 2.69 37.83
N THR G 74 52.92 3.65 38.59
CA THR G 74 54.36 3.85 38.64
C THR G 74 55.06 2.73 39.38
N ARG G 75 54.42 2.18 40.41
CA ARG G 75 55.03 1.15 41.24
C ARG G 75 54.90 -0.20 40.55
N SER G 76 56.03 -0.75 40.10
CA SER G 76 56.05 -2.07 39.49
C SER G 76 56.15 -3.19 40.51
N GLY G 77 56.42 -2.88 41.77
CA GLY G 77 56.52 -3.88 42.81
C GLY G 77 55.14 -4.19 43.38
N THR G 78 55.10 -4.96 44.47
CA THR G 78 53.81 -5.33 45.06
C THR G 78 53.05 -4.11 45.55
N VAL G 79 53.74 -3.17 46.20
CA VAL G 79 53.10 -1.99 46.77
C VAL G 79 52.02 -2.41 47.77
N TYR G 80 51.07 -1.53 48.04
CA TYR G 80 50.00 -1.84 48.97
C TYR G 80 48.88 -0.83 48.80
N MET G 81 47.64 -1.27 48.95
CA MET G 81 46.46 -0.42 48.84
C MET G 81 45.53 -0.73 49.99
N LYS G 82 45.07 0.32 50.67
CA LYS G 82 44.15 0.19 51.81
C LYS G 82 42.75 0.48 51.31
N LEU G 83 41.98 -0.59 51.09
CA LEU G 83 40.60 -0.46 50.67
C LEU G 83 39.72 -0.18 51.88
N LYS G 84 38.97 0.91 51.81
CA LYS G 84 38.10 1.35 52.92
C LYS G 84 36.63 1.13 52.57
N LYS G 85 36.33 0.04 51.89
CA LYS G 85 34.94 -0.27 51.56
C LYS G 85 34.13 -0.49 52.81
N ASN G 86 32.87 -0.04 52.79
CA ASN G 86 31.99 -0.22 53.92
C ASN G 86 31.66 -1.70 54.10
N TYR G 87 30.90 -2.01 55.15
CA TYR G 87 30.49 -3.38 55.39
C TYR G 87 29.67 -3.93 54.23
N GLY G 88 28.74 -3.11 53.72
CA GLY G 88 27.96 -3.53 52.56
C GLY G 88 28.78 -3.51 51.29
N ASP G 89 29.71 -2.56 51.18
CA ASP G 89 30.55 -2.41 49.98
C ASP G 89 29.69 -2.26 48.73
N LEU G 90 28.66 -1.43 48.82
CA LEU G 90 27.77 -1.22 47.69
C LEU G 90 28.46 -0.41 46.59
N SER G 91 27.96 -0.56 45.37
CA SER G 91 28.51 0.13 44.21
C SER G 91 28.02 1.57 44.22
N ALA G 92 28.89 2.50 44.63
CA ALA G 92 28.58 3.92 44.70
C ALA G 92 29.62 4.73 43.95
N LEU G 93 30.05 4.23 42.79
CA LEU G 93 31.05 4.95 42.00
C LEU G 93 30.53 6.31 41.56
N GLU G 94 29.28 6.37 41.10
CA GLU G 94 28.64 7.62 40.70
C GLU G 94 27.89 8.17 41.91
N GLU G 95 28.61 8.94 42.73
CA GLU G 95 28.00 9.49 43.93
C GLU G 95 26.84 10.42 43.59
N GLU G 96 27.08 11.38 42.70
CA GLU G 96 26.04 12.32 42.30
C GLU G 96 25.41 12.97 43.51
N GLY G 97 24.10 13.26 43.46
CA GLY G 97 23.36 13.81 44.60
C GLY G 97 22.34 12.81 45.14
N LEU G 98 21.44 12.31 44.29
CA LEU G 98 20.43 11.36 44.73
C LEU G 98 19.67 10.89 43.49
N ASP G 99 18.81 9.89 43.69
CA ASP G 99 17.98 9.34 42.64
C ASP G 99 16.58 9.94 42.61
N ALA G 100 16.30 10.93 43.45
CA ALA G 100 14.98 11.55 43.44
C ALA G 100 14.68 12.19 42.08
N ALA G 101 15.65 12.92 41.53
CA ALA G 101 15.47 13.51 40.21
C ALA G 101 15.32 12.44 39.14
N GLU G 102 16.14 11.39 39.21
CA GLU G 102 16.09 10.34 38.20
C GLU G 102 14.87 9.45 38.33
N LYS G 103 14.18 9.49 39.48
CA LYS G 103 13.00 8.65 39.65
C LYS G 103 11.93 9.00 38.62
N GLN G 104 11.65 10.29 38.46
CA GLN G 104 10.63 10.72 37.49
C GLN G 104 11.03 10.32 36.08
N TRP G 105 12.31 10.52 35.73
CA TRP G 105 12.75 10.18 34.38
C TRP G 105 12.65 8.69 34.12
N LYS G 106 13.01 7.86 35.10
CA LYS G 106 12.92 6.42 34.92
C LYS G 106 11.46 5.99 34.78
N LYS G 107 10.58 6.52 35.64
CA LYS G 107 9.17 6.17 35.56
C LYS G 107 8.57 6.62 34.23
N GLU G 108 9.05 7.74 33.69
CA GLU G 108 8.53 8.27 32.43
C GLU G 108 9.08 7.52 31.23
N ARG G 109 10.34 7.06 31.31
CA ARG G 109 10.93 6.27 30.23
C ARG G 109 10.36 4.87 30.17
N ALA G 110 10.04 4.28 31.34
CA ALA G 110 9.40 2.98 31.34
C ALA G 110 8.06 3.03 30.62
N GLY G 111 7.38 4.17 30.66
CA GLY G 111 6.12 4.37 29.98
C GLY G 111 6.22 4.83 28.54
N GLY G 112 7.44 4.98 28.02
CA GLY G 112 7.62 5.41 26.64
C GLY G 112 7.10 6.81 26.38
N ASN G 113 7.44 7.75 27.25
CA ASN G 113 7.04 9.15 27.09
C ASN G 113 8.25 10.05 27.27
N TYR G 114 8.21 11.20 26.61
CA TYR G 114 9.28 12.19 26.72
C TYR G 114 8.96 13.25 27.76
N GLY G 115 7.87 13.99 27.56
CA GLY G 115 7.37 14.91 28.57
C GLY G 115 8.41 15.86 29.10
N ALA G 116 8.35 16.12 30.41
CA ALA G 116 9.17 17.13 31.06
C ALA G 116 10.24 16.58 31.99
N GLY G 117 9.97 15.47 32.67
CA GLY G 117 10.99 14.90 33.54
C GLY G 117 12.24 14.50 32.77
N THR G 118 12.06 13.85 31.62
CA THR G 118 13.19 13.54 30.76
C THR G 118 13.87 14.82 30.29
N LYS G 119 13.08 15.87 30.01
CA LYS G 119 13.67 17.15 29.64
C LYS G 119 14.48 17.73 30.79
N GLU G 120 13.97 17.62 32.02
CA GLU G 120 14.70 18.14 33.17
C GLU G 120 16.03 17.40 33.33
N ILE G 121 16.01 16.07 33.21
CA ILE G 121 17.27 15.33 33.32
C ILE G 121 18.18 15.64 32.15
N GLN G 122 17.63 15.88 30.97
CA GLN G 122 18.46 16.28 29.84
C GLN G 122 19.18 17.58 30.11
N ALA G 123 18.46 18.57 30.64
CA ALA G 123 19.09 19.85 30.97
C ALA G 123 20.14 19.67 32.05
N ARG G 124 19.84 18.87 33.08
CA ARG G 124 20.79 18.62 34.16
C ARG G 124 22.06 17.98 33.60
N ASN G 125 21.92 16.97 32.75
CA ASN G 125 23.07 16.29 32.20
C ASN G 125 23.86 17.21 31.27
N TYR G 126 23.16 18.05 30.52
CA TYR G 126 23.86 18.97 29.62
C TYR G 126 24.71 19.96 30.41
N VAL G 127 24.13 20.57 31.45
CA VAL G 127 24.91 21.51 32.25
C VAL G 127 26.04 20.79 32.98
N GLN G 128 25.79 19.56 33.44
CA GLN G 128 26.83 18.79 34.11
C GLN G 128 27.98 18.50 33.16
N ARG G 129 27.68 18.11 31.92
CA ARG G 129 28.73 17.83 30.95
C ARG G 129 29.49 19.10 30.57
N LYS G 130 28.78 20.23 30.45
CA LYS G 130 29.47 21.49 30.18
C LYS G 130 30.42 21.84 31.31
N GLU G 131 29.97 21.68 32.56
CA GLU G 131 30.84 21.95 33.69
C GLU G 131 32.02 20.99 33.72
N ASN G 132 31.77 19.72 33.36
CA ASN G 132 32.86 18.74 33.32
C ASN G 132 33.90 19.13 32.28
N GLU G 133 33.45 19.57 31.10
CA GLU G 133 34.40 20.00 30.07
C GLU G 133 35.18 21.22 30.52
N ARG G 134 34.51 22.19 31.15
CA ARG G 134 35.21 23.37 31.66
C ARG G 134 36.23 22.98 32.71
N LYS G 135 35.86 22.08 33.62
CA LYS G 135 36.79 21.65 34.66
C LYS G 135 37.98 20.90 34.06
N ARG G 136 37.73 20.08 33.04
CA ARG G 136 38.82 19.36 32.39
C ARG G 136 39.77 20.33 31.70
N ARG G 137 39.23 21.35 31.03
CA ARG G 137 40.09 22.35 30.41
C ARG G 137 40.91 23.10 31.45
N GLU G 138 40.29 23.47 32.57
CA GLU G 138 41.01 24.18 33.62
C GLU G 138 42.11 23.30 34.20
N MET G 139 41.81 22.03 34.43
CA MET G 139 42.82 21.11 34.96
C MET G 139 43.95 20.92 33.96
N PHE G 140 43.63 20.83 32.67
CA PHE G 140 44.67 20.72 31.66
C PHE G 140 45.57 21.95 31.66
N ASP G 141 44.97 23.13 31.75
CA ASP G 141 45.77 24.36 31.81
C ASP G 141 46.66 24.37 33.04
N ASP G 142 46.12 23.96 34.19
CA ASP G 142 46.93 23.92 35.42
C ASP G 142 48.07 22.92 35.28
N ALA G 143 47.79 21.76 34.68
CA ALA G 143 48.83 20.75 34.50
C ALA G 143 49.92 21.26 33.56
N LEU G 144 49.55 21.95 32.50
CA LEU G 144 50.54 22.54 31.60
C LEU G 144 51.36 23.61 32.31
N ALA G 145 50.71 24.42 33.16
CA ALA G 145 51.44 25.43 33.92
C ALA G 145 52.46 24.77 34.85
N LYS G 146 52.07 23.70 35.52
CA LYS G 146 53.01 22.96 36.35
C LYS G 146 54.13 22.37 35.51
N PHE G 147 53.78 21.87 34.32
CA PHE G 147 54.79 21.43 33.36
C PHE G 147 55.82 22.52 33.11
N LYS G 148 55.37 23.75 32.93
CA LYS G 148 56.30 24.86 32.78
C LYS G 148 57.15 25.03 34.04
N GLU G 149 56.61 24.66 35.19
CA GLU G 149 57.36 24.68 36.45
C GLU G 149 58.16 23.41 36.67
N ASN G 150 58.05 22.42 35.79
CA ASN G 150 58.76 21.15 35.90
C ASN G 150 58.35 20.42 37.19
N ASP G 151 57.05 20.15 37.28
CA ASP G 151 56.46 19.36 38.36
C ASP G 151 55.73 18.20 37.70
N ILE G 152 56.46 17.11 37.44
CA ILE G 152 55.89 15.99 36.72
C ILE G 152 54.84 15.29 37.56
N GLN G 153 55.06 15.21 38.89
CA GLN G 153 54.10 14.55 39.77
C GLN G 153 52.73 15.20 39.65
N GLY G 154 52.66 16.52 39.83
CA GLY G 154 51.38 17.20 39.80
C GLY G 154 50.74 17.18 38.43
N ALA G 155 51.53 17.39 37.38
CA ALA G 155 50.99 17.39 36.03
C ALA G 155 50.41 16.01 35.68
N LEU G 156 51.14 14.94 36.01
CA LEU G 156 50.63 13.60 35.78
C LEU G 156 49.38 13.31 36.59
N VAL G 157 49.34 13.76 37.85
CA VAL G 157 48.16 13.57 38.67
C VAL G 157 46.96 14.28 38.04
N GLU G 158 47.17 15.51 37.58
CA GLU G 158 46.08 16.26 36.97
C GLU G 158 45.61 15.61 35.68
N PHE G 159 46.56 15.12 34.86
CA PHE G 159 46.17 14.46 33.62
C PHE G 159 45.37 13.19 33.89
N GLU G 160 45.79 12.40 34.88
CA GLU G 160 45.04 11.21 35.25
C GLU G 160 43.64 11.58 35.73
N ASN G 161 43.54 12.65 36.52
CA ASN G 161 42.23 13.11 36.95
C ASN G 161 41.36 13.50 35.76
N ILE G 162 41.94 14.23 34.80
CA ILE G 162 41.20 14.65 33.62
C ILE G 162 40.68 13.44 32.86
N ILE G 163 41.55 12.45 32.65
CA ILE G 163 41.12 11.23 31.98
C ILE G 163 40.11 10.45 32.81
N ALA G 164 40.06 10.69 34.11
CA ALA G 164 39.15 9.93 34.97
C ALA G 164 37.69 10.14 34.58
N MET G 165 37.26 11.40 34.46
CA MET G 165 35.85 11.68 34.19
C MET G 165 35.56 11.79 32.69
N GLU G 166 35.99 10.78 31.94
CA GLU G 166 35.66 10.71 30.54
C GLU G 166 34.18 10.38 30.40
N PRO G 167 33.37 11.19 29.70
CA PRO G 167 31.94 10.85 29.59
C PRO G 167 31.74 9.49 28.96
N ARG G 168 31.02 8.63 29.67
CA ARG G 168 30.77 7.28 29.18
C ARG G 168 29.85 7.32 27.96
N ASN G 169 30.15 6.47 26.98
CA ASN G 169 29.37 6.40 25.74
C ASN G 169 29.27 7.76 25.07
N PHE G 170 30.37 8.50 25.09
CA PHE G 170 30.39 9.82 24.48
C PHE G 170 30.24 9.71 22.96
N VAL G 171 29.52 10.66 22.38
CA VAL G 171 29.36 10.77 20.94
C VAL G 171 29.44 12.26 20.59
N GLY G 172 30.56 12.67 20.02
CA GLY G 172 30.72 14.07 19.66
C GLY G 172 29.93 14.44 18.43
N ASP G 173 29.93 15.74 18.12
CA ASP G 173 29.21 16.22 16.94
C ASP G 173 29.79 15.62 15.67
N ASN G 174 31.13 15.51 15.60
CA ASN G 174 31.82 14.96 14.45
C ASN G 174 32.10 13.47 14.61
N PHE G 175 31.26 12.75 15.36
CA PHE G 175 31.42 11.31 15.56
C PHE G 175 32.77 11.00 16.22
N SER G 176 33.20 11.86 17.14
CA SER G 176 34.49 11.68 17.77
C SER G 176 34.54 10.40 18.59
N ARG G 177 33.47 10.11 19.34
CA ARG G 177 33.41 9.01 20.29
C ARG G 177 34.42 9.14 21.42
N ASN G 178 35.04 10.31 21.55
CA ASN G 178 35.97 10.59 22.65
C ASN G 178 36.10 12.10 22.77
N THR G 179 36.20 12.59 24.00
CA THR G 179 36.35 14.02 24.20
C THR G 179 37.65 14.49 23.56
N PRO G 180 37.70 15.70 22.99
CA PRO G 180 38.96 16.17 22.40
C PRO G 180 40.10 16.19 23.40
N ILE G 181 39.82 16.44 24.67
CA ILE G 181 40.87 16.46 25.68
C ILE G 181 41.42 15.07 25.94
N TYR G 182 40.65 14.02 25.63
CA TYR G 182 41.05 12.66 25.99
C TYR G 182 42.36 12.26 25.30
N LYS G 183 42.42 12.41 23.99
CA LYS G 183 43.62 11.99 23.26
C LYS G 183 44.83 12.84 23.64
N VAL G 184 44.63 14.15 23.80
CA VAL G 184 45.73 15.02 24.17
C VAL G 184 46.28 14.64 25.54
N THR G 185 45.38 14.40 26.50
CA THR G 185 45.83 14.01 27.84
C THR G 185 46.52 12.65 27.81
N GLN G 186 46.01 11.72 27.01
CA GLN G 186 46.64 10.41 26.92
C GLN G 186 48.06 10.53 26.36
N TYR G 187 48.23 11.33 25.31
CA TYR G 187 49.58 11.54 24.77
C TYR G 187 50.48 12.22 25.79
N ASN G 188 49.94 13.19 26.53
CA ASN G 188 50.76 13.90 27.51
C ASN G 188 51.21 12.97 28.63
N ILE G 189 50.32 12.12 29.14
CA ILE G 189 50.75 11.17 30.15
C ILE G 189 51.72 10.17 29.55
N ALA G 190 51.56 9.82 28.28
CA ALA G 190 52.52 8.93 27.63
C ALA G 190 53.92 9.53 27.67
N CYS G 191 54.05 10.79 27.23
CA CYS G 191 55.37 11.42 27.20
C CYS G 191 55.93 11.61 28.61
N CYS G 192 55.07 11.99 29.56
CA CYS G 192 55.53 12.19 30.93
C CYS G 192 56.02 10.87 31.53
N TYR G 193 55.26 9.80 31.34
CA TYR G 193 55.71 8.49 31.80
C TYR G 193 57.02 8.10 31.13
N SER G 194 57.14 8.39 29.82
CA SER G 194 58.36 8.04 29.10
C SER G 194 59.57 8.72 29.71
N MET G 195 59.46 10.02 29.97
CA MET G 195 60.60 10.73 30.55
C MET G 195 60.70 10.60 32.06
N LEU G 196 59.77 9.87 32.69
CA LEU G 196 59.86 9.53 34.10
C LEU G 196 60.32 8.09 34.32
N ASP G 197 60.84 7.43 33.28
CA ASP G 197 61.42 6.09 33.31
C ASP G 197 60.37 4.98 33.31
N GLN G 198 59.08 5.30 33.27
CA GLN G 198 58.03 4.27 33.22
C GLN G 198 57.73 3.95 31.75
N VAL G 199 58.67 3.24 31.13
CA VAL G 199 58.60 3.02 29.68
C VAL G 199 57.39 2.15 29.33
N GLU G 200 57.18 1.05 30.06
CA GLU G 200 56.11 0.13 29.68
C GLU G 200 54.74 0.77 29.80
N GLU G 201 54.48 1.41 30.94
CA GLU G 201 53.21 2.10 31.12
C GLU G 201 53.09 3.27 30.15
N ALA G 202 54.21 3.91 29.81
CA ALA G 202 54.18 4.96 28.80
C ALA G 202 53.72 4.41 27.46
N ILE G 203 54.22 3.23 27.07
CA ILE G 203 53.80 2.63 25.81
C ILE G 203 52.33 2.26 25.87
N LYS G 204 51.87 1.72 27.00
CA LYS G 204 50.45 1.36 27.11
C LYS G 204 49.57 2.61 26.97
N SER G 205 49.95 3.69 27.63
CA SER G 205 49.15 4.92 27.53
C SER G 205 49.23 5.52 26.13
N LEU G 206 50.38 5.41 25.45
CA LEU G 206 50.47 5.88 24.07
C LEU G 206 49.58 5.05 23.16
N ASP G 207 49.51 3.74 23.38
CA ASP G 207 48.59 2.90 22.63
C ASP G 207 47.15 3.33 22.88
N ALA G 208 46.82 3.63 24.13
CA ALA G 208 45.48 4.14 24.43
C ALA G 208 45.20 5.45 23.71
N ALA G 209 46.20 6.34 23.68
CA ALA G 209 46.04 7.62 22.99
C ALA G 209 45.78 7.39 21.49
N MET G 210 46.56 6.53 20.87
CA MET G 210 46.39 6.26 19.45
C MET G 210 45.02 5.63 19.18
N LEU G 211 44.58 4.74 20.08
CA LEU G 211 43.27 4.13 19.91
C LEU G 211 42.17 5.19 19.90
N SER G 212 42.34 6.26 20.67
CA SER G 212 41.33 7.32 20.77
C SER G 212 41.59 8.42 19.75
N GLY G 213 41.75 8.04 18.49
CA GLY G 213 41.81 9.01 17.41
C GLY G 213 42.93 10.03 17.50
N PHE G 214 44.15 9.59 17.76
CA PHE G 214 45.32 10.45 17.74
C PHE G 214 46.04 10.26 16.41
N ASP G 215 46.23 11.35 15.68
CA ASP G 215 46.79 11.30 14.33
C ASP G 215 48.10 12.07 14.20
N ASN G 216 48.56 12.76 15.24
CA ASN G 216 49.80 13.54 15.17
C ASN G 216 51.01 12.62 15.34
N TYR G 217 51.15 11.70 14.37
CA TYR G 217 52.28 10.77 14.40
C TYR G 217 53.61 11.49 14.28
N ASP G 218 53.68 12.51 13.41
CA ASP G 218 54.93 13.23 13.21
C ASP G 218 55.42 13.84 14.52
N GLN G 219 54.50 14.31 15.36
CA GLN G 219 54.89 14.83 16.67
C GLN G 219 55.53 13.74 17.52
N ILE G 220 54.98 12.52 17.45
CA ILE G 220 55.55 11.41 18.19
C ILE G 220 56.94 11.06 17.66
N ARG G 221 57.13 11.17 16.34
CA ARG G 221 58.43 10.86 15.75
C ARG G 221 59.52 11.77 16.31
N ARG G 222 59.25 13.07 16.40
CA ARG G 222 60.20 14.03 16.95
C ARG G 222 59.64 14.51 18.29
N ASP G 223 60.13 13.91 19.37
CA ASP G 223 59.76 14.35 20.71
C ASP G 223 60.80 13.81 21.68
N LYS G 224 61.62 14.71 22.26
CA LYS G 224 62.62 14.28 23.21
C LYS G 224 61.99 13.67 24.45
N ASN G 225 60.81 14.15 24.85
CA ASN G 225 60.15 13.61 26.03
C ASN G 225 59.85 12.13 25.87
N LEU G 226 59.52 11.71 24.65
CA LEU G 226 59.25 10.31 24.35
C LEU G 226 60.51 9.54 23.99
N SER G 227 61.68 10.20 23.98
CA SER G 227 62.89 9.54 23.52
C SER G 227 63.17 8.26 24.30
N LYS G 228 63.03 8.31 25.63
CA LYS G 228 63.26 7.12 26.43
C LYS G 228 62.33 5.99 26.01
N ALA G 229 61.07 6.32 25.70
CA ALA G 229 60.13 5.30 25.26
C ALA G 229 60.59 4.67 23.95
N ARG G 230 61.25 5.44 23.09
CA ARG G 230 61.76 4.88 21.85
C ARG G 230 62.85 3.83 22.09
N ALA G 231 63.45 3.81 23.29
CA ALA G 231 64.44 2.80 23.59
C ALA G 231 63.83 1.40 23.55
N ASN G 232 62.65 1.23 24.12
CA ASN G 232 61.99 -0.07 24.12
C ASN G 232 61.50 -0.40 22.71
N PRO G 233 61.74 -1.61 22.20
CA PRO G 233 61.23 -1.95 20.86
C PRO G 233 59.72 -1.96 20.79
N LYS G 234 59.03 -2.11 21.92
CA LYS G 234 57.57 -2.08 21.90
C LYS G 234 57.03 -0.75 21.42
N PHE G 235 57.80 0.33 21.57
CA PHE G 235 57.39 1.62 21.00
C PHE G 235 57.25 1.50 19.49
N GLN G 236 58.28 0.99 18.82
CA GLN G 236 58.19 0.80 17.37
C GLN G 236 57.13 -0.23 17.02
N ALA G 237 56.95 -1.25 17.87
CA ALA G 237 55.90 -2.24 17.60
C ALA G 237 54.53 -1.59 17.57
N VAL G 238 54.20 -0.79 18.57
CA VAL G 238 52.89 -0.14 18.61
C VAL G 238 52.77 0.91 17.51
N LEU G 239 53.86 1.61 17.21
CA LEU G 239 53.83 2.57 16.11
C LEU G 239 53.50 1.89 14.79
N ASP G 240 54.11 0.73 14.53
CA ASP G 240 53.78 -0.05 13.34
C ASP G 240 52.34 -0.54 13.41
N LYS G 241 51.88 -0.95 14.59
CA LYS G 241 50.52 -1.45 14.73
C LYS G 241 49.50 -0.39 14.35
N TYR G 242 49.70 0.84 14.80
CA TYR G 242 48.77 1.93 14.52
C TYR G 242 49.18 2.78 13.34
N ASP G 243 50.43 2.72 12.90
CA ASP G 243 50.90 3.44 11.72
C ASP G 243 51.81 2.51 10.94
N GLU G 244 51.22 1.74 10.02
CA GLU G 244 52.01 0.84 9.18
C GLU G 244 52.68 1.63 8.06
N PRO G 245 53.85 1.19 7.59
CA PRO G 245 54.46 1.84 6.43
C PRO G 245 53.54 1.74 5.22
N VAL G 246 53.48 2.82 4.44
CA VAL G 246 52.62 2.84 3.27
C VAL G 246 53.08 1.83 2.24
N VAL G 247 54.38 1.78 1.97
CA VAL G 247 54.97 0.91 0.96
C VAL G 247 55.88 -0.10 1.67
N ASN G 248 55.63 -1.39 1.42
CA ASN G 248 56.44 -2.45 2.01
C ASN G 248 57.74 -2.57 1.21
N TRP G 249 58.74 -1.79 1.61
CA TRP G 249 60.03 -1.84 0.92
C TRP G 249 60.67 -3.22 1.03
N ASN G 250 60.49 -3.88 2.17
CA ASN G 250 61.03 -5.23 2.34
C ASN G 250 60.39 -6.19 1.35
N ALA G 251 59.10 -6.04 1.08
CA ALA G 251 58.42 -6.93 0.15
C ALA G 251 59.01 -6.80 -1.26
N VAL G 252 59.18 -5.58 -1.74
CA VAL G 252 59.75 -5.39 -3.06
C VAL G 252 61.20 -5.84 -3.09
N LYS G 253 61.94 -5.64 -1.99
CA LYS G 253 63.31 -6.14 -1.93
C LYS G 253 63.34 -7.66 -2.06
N ALA G 254 62.43 -8.34 -1.36
CA ALA G 254 62.39 -9.80 -1.42
C ALA G 254 62.00 -10.29 -2.81
N THR G 255 61.04 -9.61 -3.44
CA THR G 255 60.59 -10.01 -4.78
C THR G 255 61.49 -9.48 -5.89
N PHE G 256 62.51 -8.69 -5.55
CA PHE G 256 63.39 -8.15 -6.59
C PHE G 256 64.14 -9.27 -7.32
N GLY G 257 64.33 -10.41 -6.68
CA GLY G 257 65.00 -11.53 -7.30
C GLY G 257 64.03 -12.59 -7.77
N ALA G 258 63.91 -13.68 -7.01
CA ALA G 258 62.99 -14.75 -7.36
C ALA G 258 61.54 -14.25 -7.29
N PHE H 1 -26.11 14.03 49.55
CA PHE H 1 -27.24 14.65 50.24
C PHE H 1 -27.09 16.17 50.22
N GLN H 2 -26.61 16.75 51.32
CA GLN H 2 -26.42 18.19 51.43
C GLN H 2 -27.70 18.93 51.05
N GLU H 3 -27.77 19.44 49.82
CA GLU H 3 -28.93 20.22 49.39
C GLU H 3 -30.08 19.28 49.04
N PRO H 4 -31.26 19.44 49.63
CA PRO H 4 -32.37 18.53 49.30
C PRO H 4 -32.83 18.64 47.85
N GLY H 5 -32.52 19.74 47.17
CA GLY H 5 -32.95 19.95 45.81
C GLY H 5 -34.19 20.82 45.75
N LEU H 6 -34.36 21.52 44.63
CA LEU H 6 -35.49 22.42 44.48
C LEU H 6 -36.79 21.62 44.45
N VAL H 7 -37.80 22.14 45.15
CA VAL H 7 -39.12 21.51 45.24
C VAL H 7 -40.09 22.35 44.43
N THR H 8 -40.75 21.73 43.46
CA THR H 8 -41.72 22.40 42.61
C THR H 8 -42.98 21.53 42.50
N PRO H 9 -44.13 22.16 42.24
CA PRO H 9 -45.37 21.34 42.13
C PRO H 9 -45.27 20.25 41.08
N LEU H 10 -44.68 20.55 39.93
CA LEU H 10 -44.53 19.53 38.89
C LEU H 10 -43.57 18.44 39.34
N GLY H 11 -42.52 18.81 40.05
CA GLY H 11 -41.60 17.81 40.57
C GLY H 11 -42.30 16.85 41.52
N THR H 12 -43.11 17.37 42.43
CA THR H 12 -43.86 16.51 43.33
C THR H 12 -44.86 15.66 42.56
N LEU H 13 -45.50 16.23 41.53
CA LEU H 13 -46.48 15.48 40.75
C LEU H 13 -45.82 14.30 40.03
N LEU H 14 -44.63 14.51 39.47
CA LEU H 14 -43.97 13.50 38.67
C LEU H 14 -43.00 12.64 39.46
N ARG H 15 -42.80 12.91 40.75
CA ARG H 15 -41.90 12.09 41.57
C ARG H 15 -42.21 10.60 41.53
N PRO H 16 -43.46 10.15 41.68
CA PRO H 16 -43.69 8.70 41.69
C PRO H 16 -43.22 8.00 40.43
N LEU H 17 -43.19 8.71 39.29
CA LEU H 17 -42.68 8.10 38.06
C LEU H 17 -41.16 7.90 38.10
N ASN H 18 -40.45 8.61 38.96
CA ASN H 18 -39.01 8.48 39.09
C ASN H 18 -38.58 7.84 40.41
N SER H 19 -39.53 7.29 41.17
CA SER H 19 -39.23 6.70 42.47
C SER H 19 -38.85 5.23 42.40
N GLU H 20 -38.94 4.60 41.23
CA GLU H 20 -38.65 3.18 41.07
C GLU H 20 -37.32 2.95 40.36
N ALA H 21 -36.39 3.88 40.50
CA ALA H 21 -35.09 3.74 39.84
C ALA H 21 -34.32 2.57 40.43
N GLY H 22 -33.68 1.80 39.56
CA GLY H 22 -32.84 0.70 39.97
C GLY H 22 -33.55 -0.59 40.28
N LYS H 23 -34.87 -0.63 40.18
CA LYS H 23 -35.62 -1.86 40.45
C LYS H 23 -35.99 -2.54 39.13
N LEU H 25 -36.63 -6.71 39.12
CA LEU H 25 -37.45 -7.91 39.02
C LEU H 25 -36.55 -9.16 39.09
N PRO H 26 -36.82 -10.09 40.00
CA PRO H 26 -35.92 -11.22 40.19
C PRO H 26 -35.94 -12.16 39.00
N GLY H 27 -34.83 -12.89 38.83
CA GLY H 27 -34.73 -13.89 37.79
C GLY H 27 -34.67 -13.28 36.40
N TRP H 28 -35.05 -14.10 35.42
CA TRP H 28 -35.08 -13.66 34.03
C TRP H 28 -36.33 -12.87 33.69
N GLY H 29 -37.32 -12.84 34.57
CA GLY H 29 -38.52 -12.06 34.31
C GLY H 29 -39.20 -12.51 33.03
N THR H 30 -39.49 -11.55 32.16
CA THR H 30 -40.18 -11.80 30.89
C THR H 30 -39.22 -11.78 29.72
N THR H 31 -38.00 -12.28 29.90
CA THR H 31 -37.04 -12.31 28.81
C THR H 31 -37.41 -13.33 27.75
N VAL H 32 -38.11 -14.41 28.13
CA VAL H 32 -38.55 -15.38 27.14
C VAL H 32 -39.62 -14.78 26.24
N LEU H 33 -40.58 -14.05 26.83
CA LEU H 33 -41.56 -13.34 26.02
C LEU H 33 -40.89 -12.26 25.17
N MET H 34 -39.86 -11.62 25.73
CA MET H 34 -39.08 -10.66 24.96
C MET H 34 -38.45 -11.31 23.73
N ALA H 35 -37.87 -12.50 23.90
CA ALA H 35 -37.27 -13.20 22.77
C ALA H 35 -38.33 -13.62 21.76
N VAL H 36 -39.50 -14.05 22.23
CA VAL H 36 -40.57 -14.41 21.31
C VAL H 36 -40.96 -13.21 20.48
N PHE H 37 -41.08 -12.04 21.10
CA PHE H 37 -41.41 -10.83 20.37
C PHE H 37 -40.27 -10.41 19.43
N ILE H 38 -39.01 -10.63 19.84
CA ILE H 38 -37.89 -10.37 18.94
C ILE H 38 -38.05 -11.20 17.67
N LEU H 39 -38.32 -12.49 17.83
CA LEU H 39 -38.45 -13.37 16.67
C LEU H 39 -39.64 -12.97 15.81
N LEU H 40 -40.77 -12.64 16.44
CA LEU H 40 -41.94 -12.21 15.67
C LEU H 40 -41.65 -10.94 14.88
N PHE H 41 -40.96 -9.98 15.51
CA PHE H 41 -40.63 -8.74 14.82
C PHE H 41 -39.64 -8.98 13.69
N ALA H 42 -38.68 -9.89 13.90
CA ALA H 42 -37.76 -10.23 12.82
C ALA H 42 -38.49 -10.85 11.64
N ALA H 43 -39.43 -11.75 11.92
CA ALA H 43 -40.22 -12.35 10.84
C ALA H 43 -41.04 -11.28 10.12
N PHE H 44 -41.64 -10.36 10.88
CA PHE H 44 -42.42 -9.29 10.25
C PHE H 44 -41.55 -8.40 9.38
N LEU H 45 -40.35 -8.05 9.88
CA LEU H 45 -39.45 -7.22 9.10
C LEU H 45 -39.01 -7.93 7.83
N LEU H 46 -38.73 -9.23 7.92
CA LEU H 46 -38.40 -9.98 6.72
C LEU H 46 -39.56 -10.02 5.75
N ILE H 47 -40.79 -10.17 6.25
CA ILE H 47 -41.96 -10.19 5.37
C ILE H 47 -42.04 -8.87 4.60
N ILE H 48 -41.97 -7.75 5.32
CA ILE H 48 -42.11 -6.46 4.62
C ILE H 48 -40.92 -6.19 3.72
N LEU H 49 -39.72 -6.62 4.11
CA LEU H 49 -38.55 -6.42 3.27
C LEU H 49 -38.70 -7.19 1.96
N GLU H 50 -39.05 -8.47 2.05
CA GLU H 50 -39.21 -9.28 0.84
C GLU H 50 -40.36 -8.78 -0.02
N ILE H 51 -41.42 -8.25 0.61
CA ILE H 51 -42.47 -7.62 -0.17
C ILE H 51 -41.92 -6.42 -0.93
N TYR H 52 -41.14 -5.58 -0.23
CA TYR H 52 -40.55 -4.41 -0.89
C TYR H 52 -39.56 -4.84 -1.97
N ASN H 53 -38.82 -5.91 -1.71
CA ASN H 53 -37.79 -6.38 -2.64
C ASN H 53 -38.35 -7.28 -3.73
N SER H 54 -39.65 -7.52 -3.74
CA SER H 54 -40.29 -8.39 -4.72
C SER H 54 -39.82 -9.83 -4.62
N SER H 55 -39.23 -10.20 -3.48
CA SER H 55 -38.88 -11.59 -3.21
C SER H 55 -40.02 -12.35 -2.53
N LEU H 56 -41.10 -11.67 -2.16
CA LEU H 56 -42.29 -12.29 -1.58
C LEU H 56 -43.48 -11.75 -2.37
N ILE H 57 -43.80 -12.42 -3.48
CA ILE H 57 -44.87 -11.96 -4.36
C ILE H 57 -46.21 -12.37 -3.78
N LEU H 58 -47.09 -11.40 -3.55
CA LEU H 58 -48.43 -11.66 -3.05
C LEU H 58 -49.44 -11.23 -4.12
N ASP H 59 -50.55 -11.96 -4.17
CA ASP H 59 -51.59 -11.65 -5.16
C ASP H 59 -52.20 -10.28 -4.91
N ASP H 60 -52.44 -9.93 -3.65
CA ASP H 60 -53.09 -8.67 -3.33
C ASP H 60 -52.19 -7.48 -3.67
N VAL H 61 -50.90 -7.56 -3.32
CA VAL H 61 -49.98 -6.45 -3.52
C VAL H 61 -49.67 -6.34 -5.02
N SER H 62 -49.11 -5.21 -5.43
CA SER H 62 -48.69 -5.01 -6.80
C SER H 62 -47.20 -4.66 -6.87
N MET H 63 -46.70 -4.01 -5.82
CA MET H 63 -45.30 -3.61 -5.73
C MET H 63 -44.87 -2.81 -6.96
N SER H 64 -45.52 -1.66 -7.12
CA SER H 64 -45.19 -0.72 -8.18
C SER H 64 -46.00 0.53 -7.93
N TRP H 65 -45.64 1.60 -8.62
CA TRP H 65 -46.42 2.83 -8.52
C TRP H 65 -47.85 2.62 -8.96
N GLU H 66 -48.11 1.62 -9.82
CA GLU H 66 -49.45 1.43 -10.36
C GLU H 66 -50.49 1.20 -9.27
N THR H 67 -50.07 0.67 -8.11
CA THR H 67 -51.02 0.42 -7.04
C THR H 67 -51.65 1.72 -6.52
N LEU H 68 -51.02 2.86 -6.79
CA LEU H 68 -51.60 4.13 -6.38
C LEU H 68 -52.96 4.36 -7.02
N ALA H 69 -53.07 4.05 -8.31
CA ALA H 69 -54.38 4.11 -8.97
C ALA H 69 -55.25 2.93 -8.56
N LYS H 70 -54.65 1.74 -8.46
CA LYS H 70 -55.36 0.53 -8.08
C LYS H 70 -56.54 0.27 -9.00
N MET I 1 23.15 33.12 -20.53
CA MET I 1 22.98 31.67 -20.27
C MET I 1 24.30 31.04 -19.84
N LEU I 2 25.39 31.45 -20.49
CA LEU I 2 26.71 30.95 -20.12
C LEU I 2 27.07 31.39 -18.71
N THR I 3 26.74 32.63 -18.35
CA THR I 3 26.98 33.08 -16.98
C THR I 3 26.21 32.24 -15.98
N LEU I 4 24.95 31.93 -16.30
CA LEU I 4 24.16 31.05 -15.43
C LEU I 4 24.78 29.67 -15.35
N LYS I 5 25.28 29.15 -16.47
CA LYS I 5 25.93 27.85 -16.46
C LYS I 5 27.13 27.85 -15.53
N ILE I 6 27.98 28.87 -15.64
CA ILE I 6 29.17 28.93 -14.81
C ILE I 6 28.79 29.08 -13.34
N PHE I 7 27.78 29.90 -13.05
CA PHE I 7 27.35 30.09 -11.67
C PHE I 7 26.83 28.79 -11.07
N VAL I 8 26.01 28.07 -11.82
CA VAL I 8 25.45 26.82 -11.30
C VAL I 8 26.56 25.78 -11.13
N TYR I 9 27.49 25.71 -12.08
CA TYR I 9 28.61 24.78 -11.94
C TYR I 9 29.42 25.10 -10.70
N THR I 10 29.69 26.39 -10.47
CA THR I 10 30.45 26.79 -9.28
C THR I 10 29.71 26.42 -8.02
N VAL I 11 28.40 26.66 -7.98
CA VAL I 11 27.62 26.35 -6.79
C VAL I 11 27.65 24.85 -6.50
N VAL I 12 27.42 24.04 -7.54
CA VAL I 12 27.41 22.59 -7.36
C VAL I 12 28.78 22.10 -6.92
N THR I 13 29.84 22.60 -7.54
CA THR I 13 31.18 22.19 -7.15
C THR I 13 31.47 22.56 -5.71
N PHE I 14 31.08 23.76 -5.30
CA PHE I 14 31.30 24.20 -3.92
C PHE I 14 30.58 23.29 -2.95
N PHE I 15 29.32 22.99 -3.22
CA PHE I 15 28.55 22.17 -2.29
C PHE I 15 29.07 20.74 -2.24
N VAL I 16 29.44 20.17 -3.38
CA VAL I 16 29.96 18.80 -3.38
C VAL I 16 31.31 18.75 -2.68
N CYS I 17 32.14 19.78 -2.86
CA CYS I 17 33.41 19.83 -2.15
C CYS I 17 33.18 19.92 -0.65
N LEU I 18 32.22 20.75 -0.21
CA LEU I 18 31.88 20.81 1.20
C LEU I 18 31.46 19.44 1.71
N PHE I 19 30.61 18.74 0.95
CA PHE I 19 30.15 17.42 1.36
C PHE I 19 31.32 16.45 1.53
N ILE I 20 32.19 16.37 0.52
CA ILE I 20 33.27 15.40 0.55
C ILE I 20 34.25 15.72 1.67
N PHE I 21 34.67 16.98 1.78
CA PHE I 21 35.60 17.35 2.83
C PHE I 21 34.99 17.18 4.21
N GLY I 22 33.68 17.42 4.34
CA GLY I 22 33.05 17.23 5.62
C GLY I 22 33.05 15.77 6.06
N PHE I 23 32.70 14.87 5.15
CA PHE I 23 32.78 13.46 5.50
C PHE I 23 34.21 13.03 5.74
N LEU I 24 35.18 13.62 5.06
CA LEU I 24 36.57 13.33 5.38
C LEU I 24 36.97 13.88 6.75
N SER I 25 36.25 14.91 7.25
CA SER I 25 36.57 15.48 8.54
C SER I 25 36.09 14.61 9.69
N ASN I 26 34.93 13.97 9.53
CA ASN I 26 34.34 13.20 10.61
C ASN I 26 35.31 12.11 11.08
N ASP I 27 35.47 12.00 12.39
CA ASP I 27 36.38 11.02 12.94
C ASP I 27 35.91 9.60 12.61
N PRO I 28 36.83 8.67 12.40
CA PRO I 28 36.42 7.30 12.07
C PRO I 28 35.64 6.67 13.21
N ALA I 29 34.72 5.78 12.83
CA ALA I 29 33.91 5.08 13.82
C ALA I 29 34.79 4.15 14.65
N ARG I 30 34.85 4.40 15.95
CA ARG I 30 35.63 3.58 16.87
C ARG I 30 34.80 3.28 18.11
N ASN I 31 35.13 2.18 18.77
CA ASN I 31 34.43 1.76 19.97
C ASN I 31 35.23 2.18 21.19
N PRO I 32 34.75 3.14 22.00
CA PRO I 32 35.55 3.53 23.18
C PRO I 32 35.82 2.39 24.14
N GLY I 33 34.86 1.49 24.32
CA GLY I 33 35.02 0.38 25.24
C GLY I 33 35.11 -0.96 24.54
N LYS I 34 36.29 -1.57 24.56
CA LYS I 34 36.50 -2.86 23.91
C LYS I 34 37.82 -3.47 24.36
N ILE J 1 7.92 -40.18 13.36
CA ILE J 1 8.42 -39.48 12.19
C ILE J 1 8.85 -38.07 12.59
N PRO J 2 10.05 -37.64 12.19
CA PRO J 2 10.48 -36.28 12.56
C PRO J 2 9.56 -35.22 11.99
N LEU J 3 9.34 -34.16 12.77
CA LEU J 3 8.47 -33.08 12.33
C LEU J 3 9.05 -32.37 11.11
N TRP J 4 10.38 -32.18 11.08
CA TRP J 4 11.00 -31.49 9.96
C TRP J 4 10.81 -32.28 8.67
N LEU J 5 10.86 -33.60 8.75
CA LEU J 5 10.61 -34.42 7.56
C LEU J 5 9.17 -34.25 7.09
N VAL J 6 8.22 -34.17 8.02
CA VAL J 6 6.83 -33.93 7.65
C VAL J 6 6.70 -32.58 6.95
N GLY J 7 7.36 -31.55 7.48
CA GLY J 7 7.31 -30.25 6.85
C GLY J 7 7.92 -30.27 5.46
N THR J 8 9.04 -30.97 5.30
CA THR J 8 9.68 -31.09 3.99
C THR J 8 8.75 -31.78 3.00
N VAL J 9 8.09 -32.86 3.42
CA VAL J 9 7.19 -33.58 2.53
C VAL J 9 6.02 -32.70 2.15
N VAL J 10 5.44 -31.98 3.12
CA VAL J 10 4.30 -31.12 2.84
C VAL J 10 4.70 -30.02 1.86
N GLY J 11 5.87 -29.41 2.07
CA GLY J 11 6.33 -28.38 1.17
C GLY J 11 6.59 -28.91 -0.24
N THR J 12 7.16 -30.11 -0.33
CA THR J 12 7.41 -30.69 -1.65
C THR J 12 6.11 -30.97 -2.38
N LEU J 13 5.11 -31.53 -1.69
CA LEU J 13 3.81 -31.77 -2.32
C LEU J 13 3.14 -30.46 -2.72
N ALA J 14 3.26 -29.43 -1.88
CA ALA J 14 2.67 -28.14 -2.23
C ALA J 14 3.35 -27.54 -3.47
N ILE J 15 4.69 -27.66 -3.53
CA ILE J 15 5.41 -27.17 -4.71
C ILE J 15 5.00 -27.95 -5.95
N GLY J 16 4.81 -29.27 -5.81
CA GLY J 16 4.35 -30.06 -6.93
C GLY J 16 2.96 -29.64 -7.40
N LEU J 17 2.06 -29.38 -6.47
CA LEU J 17 0.73 -28.92 -6.83
C LEU J 17 0.79 -27.58 -7.54
N LEU J 18 1.63 -26.67 -7.04
CA LEU J 18 1.79 -25.37 -7.70
C LEU J 18 2.34 -25.54 -9.11
N ALA J 19 3.32 -26.43 -9.27
CA ALA J 19 3.88 -26.68 -10.60
C ALA J 19 2.82 -27.26 -11.53
N VAL J 20 1.98 -28.17 -11.03
CA VAL J 20 0.90 -28.71 -11.84
C VAL J 20 -0.08 -27.61 -12.24
N PHE J 21 -0.41 -26.72 -11.30
CA PHE J 21 -1.32 -25.62 -11.61
C PHE J 21 -0.75 -24.74 -12.70
N PHE J 22 0.53 -24.40 -12.61
CA PHE J 22 1.14 -23.54 -13.64
C PHE J 22 1.24 -24.28 -14.97
N TYR J 23 1.57 -25.58 -14.94
CA TYR J 23 1.60 -26.36 -16.17
C TYR J 23 0.25 -26.30 -16.86
N GLY J 24 -0.83 -26.51 -16.10
CA GLY J 24 -2.16 -26.34 -16.66
C GLY J 24 -2.40 -24.92 -17.14
N SER J 25 -1.82 -23.94 -16.46
CA SER J 25 -1.90 -22.56 -16.93
C SER J 25 -1.25 -22.41 -18.30
N TYR J 26 -0.32 -23.29 -18.64
CA TYR J 26 0.36 -23.22 -19.93
C TYR J 26 -0.11 -24.24 -20.95
N VAL J 27 -0.85 -25.28 -20.53
CA VAL J 27 -1.44 -26.23 -21.46
C VAL J 27 -2.85 -26.57 -20.97
N GLY J 28 -3.79 -26.65 -21.90
CA GLY J 28 -5.16 -26.98 -21.58
C GLY J 28 -6.06 -25.76 -21.54
N LEU J 29 -7.15 -25.84 -20.78
CA LEU J 29 -8.04 -24.69 -20.64
C LEU J 29 -7.29 -23.54 -20.00
N GLY J 30 -7.63 -22.32 -20.43
CA GLY J 30 -6.94 -21.16 -19.93
C GLY J 30 -5.55 -20.97 -20.49
N SER J 31 -5.23 -21.64 -21.59
CA SER J 31 -3.91 -21.56 -22.20
C SER J 31 -3.91 -20.88 -23.57
N SER J 32 -5.07 -20.71 -24.20
CA SER J 32 -5.15 -20.09 -25.52
C SER J 32 -4.34 -20.88 -26.54
N LYS K 1 19.50 -27.47 -31.24
CA LYS K 1 19.38 -28.44 -30.17
C LYS K 1 20.75 -28.94 -29.74
N LEU K 2 20.77 -29.91 -28.83
CA LEU K 2 22.03 -30.48 -28.36
C LEU K 2 22.68 -31.29 -29.48
N PRO K 3 23.98 -31.55 -29.38
CA PRO K 3 24.62 -32.43 -30.35
C PRO K 3 23.96 -33.80 -30.35
N GLU K 4 24.12 -34.52 -31.46
CA GLU K 4 23.40 -35.78 -31.63
C GLU K 4 23.78 -36.78 -30.56
N ALA K 5 25.08 -36.86 -30.23
CA ALA K 5 25.52 -37.85 -29.25
C ALA K 5 24.80 -37.67 -27.91
N TYR K 6 24.50 -36.43 -27.53
CA TYR K 6 23.81 -36.14 -26.28
C TYR K 6 22.32 -35.90 -26.48
N ALA K 7 21.79 -36.17 -27.68
CA ALA K 7 20.37 -35.92 -27.93
C ALA K 7 19.46 -36.63 -26.94
N PRO K 8 19.67 -37.91 -26.60
CA PRO K 8 18.76 -38.56 -25.65
C PRO K 8 18.79 -37.94 -24.27
N PHE K 9 19.85 -37.21 -23.92
CA PHE K 9 19.99 -36.62 -22.59
C PHE K 9 19.42 -35.21 -22.50
N ALA K 10 18.49 -34.86 -23.39
CA ALA K 10 17.80 -33.59 -23.27
C ALA K 10 17.00 -33.46 -21.97
N PRO K 11 16.20 -34.45 -21.56
CA PRO K 11 15.33 -34.22 -20.39
C PRO K 11 16.08 -33.84 -19.12
N ILE K 12 17.22 -34.49 -18.84
CA ILE K 12 17.96 -34.16 -17.62
C ILE K 12 18.41 -32.70 -17.67
N VAL K 13 18.91 -32.25 -18.83
CA VAL K 13 19.29 -30.85 -18.95
C VAL K 13 18.11 -29.95 -18.63
N ASP K 14 16.89 -30.37 -19.00
CA ASP K 14 15.72 -29.53 -18.79
C ASP K 14 15.46 -29.26 -17.32
N VAL K 15 16.05 -30.05 -16.41
CA VAL K 15 15.90 -29.81 -14.97
C VAL K 15 17.17 -29.29 -14.33
N LEU K 16 18.26 -29.14 -15.10
CA LEU K 16 19.51 -28.66 -14.49
C LEU K 16 19.40 -27.23 -13.99
N PRO K 17 18.89 -26.26 -14.75
CA PRO K 17 18.94 -24.87 -14.28
C PRO K 17 18.19 -24.60 -12.99
N VAL K 18 17.20 -25.42 -12.63
CA VAL K 18 16.39 -25.15 -11.45
C VAL K 18 17.08 -25.55 -10.16
N ILE K 19 18.28 -26.12 -10.22
CA ILE K 19 18.87 -26.73 -9.03
C ILE K 19 19.33 -25.71 -8.01
N PRO K 20 19.78 -24.50 -8.39
CA PRO K 20 20.09 -23.50 -7.33
C PRO K 20 18.93 -23.19 -6.40
N VAL K 21 17.70 -23.13 -6.94
CA VAL K 21 16.54 -22.99 -6.06
C VAL K 21 16.47 -24.17 -5.10
N PHE K 22 16.78 -25.36 -5.60
CA PHE K 22 16.82 -26.52 -4.73
C PHE K 22 17.92 -26.41 -3.69
N PHE K 23 19.04 -25.73 -4.01
CA PHE K 23 20.08 -25.52 -3.01
C PHE K 23 19.61 -24.60 -1.89
N ILE K 24 18.91 -23.51 -2.23
CA ILE K 24 18.44 -22.62 -1.16
C ILE K 24 17.39 -23.35 -0.32
N LEU K 25 16.50 -24.10 -0.97
CA LEU K 25 15.55 -24.91 -0.21
C LEU K 25 16.27 -25.97 0.63
N LEU K 26 17.42 -26.45 0.15
CA LEU K 26 18.20 -27.42 0.91
C LEU K 26 18.79 -26.78 2.16
N ALA K 27 19.26 -25.55 2.04
CA ALA K 27 19.71 -24.83 3.23
C ALA K 27 18.56 -24.70 4.23
N PHE K 28 17.38 -24.32 3.74
CA PHE K 28 16.24 -24.17 4.63
C PHE K 28 15.85 -25.48 5.30
N VAL K 29 15.81 -26.58 4.54
CA VAL K 29 15.39 -27.85 5.10
C VAL K 29 16.46 -28.40 6.05
N TRP K 30 17.73 -28.16 5.76
CA TRP K 30 18.78 -28.54 6.70
C TRP K 30 18.63 -27.78 8.01
N GLN K 31 18.31 -26.48 7.93
CA GLN K 31 18.08 -25.73 9.16
C GLN K 31 16.87 -26.28 9.91
N ALA K 32 15.82 -26.65 9.17
CA ALA K 32 14.66 -27.26 9.82
C ALA K 32 15.03 -28.55 10.52
N ALA K 33 15.86 -29.38 9.87
CA ALA K 33 16.32 -30.61 10.52
C ALA K 33 17.12 -30.29 11.77
N VAL K 34 17.98 -29.27 11.70
CA VAL K 34 18.69 -28.80 12.89
C VAL K 34 17.75 -28.19 13.92
N SER K 35 16.50 -27.93 13.55
CA SER K 35 15.49 -27.34 14.44
C SER K 35 15.76 -25.86 14.69
N PHE K 36 16.38 -25.18 13.72
CA PHE K 36 16.60 -23.73 13.79
C PHE K 36 17.39 -23.37 15.04
N ARG K 37 18.62 -23.87 15.10
CA ARG K 37 19.52 -23.58 16.21
C ARG K 37 19.94 -22.12 16.18
N PRO L 1 -24.91 26.56 41.75
CA PRO L 1 -23.53 26.35 41.34
C PRO L 1 -23.40 25.32 40.23
N ASN L 2 -22.16 24.92 39.92
CA ASN L 2 -21.88 23.93 38.87
C ASN L 2 -20.99 22.85 39.48
N PRO L 3 -21.57 21.89 40.21
CA PRO L 3 -20.74 20.85 40.84
C PRO L 3 -19.87 20.09 39.86
N ASN L 4 -20.37 19.83 38.65
CA ASN L 4 -19.62 19.13 37.61
C ASN L 4 -19.43 20.08 36.44
N LYS L 5 -18.30 20.79 36.43
CA LYS L 5 -17.91 21.64 35.32
C LYS L 5 -16.41 21.55 35.15
N GLN L 6 -15.96 21.47 33.91
CA GLN L 6 -14.54 21.40 33.59
C GLN L 6 -14.26 22.28 32.38
N VAL L 7 -13.37 23.26 32.56
CA VAL L 7 -12.97 24.10 31.43
C VAL L 7 -12.28 23.23 30.39
N VAL L 8 -12.55 23.52 29.12
CA VAL L 8 -11.95 22.75 28.04
C VAL L 8 -10.48 23.09 27.95
N GLU L 9 -9.63 22.06 27.88
CA GLU L 9 -8.20 22.22 27.73
C GLU L 9 -7.81 21.87 26.30
N LEU L 10 -7.09 22.79 25.64
CA LEU L 10 -6.65 22.60 24.25
C LEU L 10 -5.21 23.12 24.18
N ASN L 11 -4.26 22.20 24.34
CA ASN L 11 -2.86 22.58 24.37
C ASN L 11 -2.40 23.05 22.99
N ARG L 12 -1.14 23.47 22.91
CA ARG L 12 -0.60 24.01 21.67
C ARG L 12 -0.60 22.96 20.56
N THR L 13 -0.24 21.71 20.91
CA THR L 13 -0.19 20.66 19.90
C THR L 13 -1.57 20.41 19.31
N SER L 14 -2.60 20.37 20.15
CA SER L 14 -3.96 20.19 19.66
C SER L 14 -4.40 21.39 18.81
N LEU L 15 -4.00 22.60 19.21
CA LEU L 15 -4.27 23.77 18.38
C LEU L 15 -3.71 23.61 16.98
N TYR L 16 -2.42 23.25 16.89
CA TYR L 16 -1.80 23.12 15.57
C TYR L 16 -2.42 21.97 14.80
N TRP L 17 -2.80 20.90 15.50
CA TRP L 17 -3.51 19.80 14.84
C TRP L 17 -4.79 20.30 14.20
N GLY L 18 -5.60 21.04 14.96
CA GLY L 18 -6.86 21.53 14.42
C GLY L 18 -6.66 22.51 13.28
N LEU L 19 -5.71 23.43 13.42
CA LEU L 19 -5.46 24.40 12.35
C LEU L 19 -5.00 23.69 11.09
N LEU L 20 -4.09 22.71 11.22
CA LEU L 20 -3.63 21.97 10.07
C LEU L 20 -4.76 21.20 9.42
N LEU L 21 -5.61 20.57 10.22
CA LEU L 21 -6.74 19.83 9.67
C LEU L 21 -7.67 20.76 8.89
N ILE L 22 -7.99 21.92 9.47
CA ILE L 22 -8.90 22.85 8.82
C ILE L 22 -8.30 23.36 7.52
N PHE L 23 -7.02 23.74 7.55
CA PHE L 23 -6.41 24.30 6.35
C PHE L 23 -6.23 23.23 5.27
N VAL L 24 -5.93 22.00 5.66
CA VAL L 24 -5.80 20.92 4.69
C VAL L 24 -7.15 20.63 4.04
N LEU L 25 -8.21 20.55 4.84
CA LEU L 25 -9.54 20.36 4.26
C LEU L 25 -9.90 21.53 3.35
N ALA L 26 -9.50 22.74 3.72
CA ALA L 26 -9.81 23.91 2.90
C ALA L 26 -9.11 23.82 1.54
N VAL L 27 -7.80 23.53 1.55
CA VAL L 27 -7.09 23.44 0.27
C VAL L 27 -7.64 22.28 -0.57
N LEU L 28 -8.06 21.19 0.09
CA LEU L 28 -8.56 20.05 -0.66
C LEU L 28 -9.93 20.35 -1.28
N PHE L 29 -10.82 20.99 -0.53
CA PHE L 29 -12.20 21.15 -0.95
C PHE L 29 -12.50 22.48 -1.62
N SER L 30 -11.54 23.42 -1.65
CA SER L 30 -11.80 24.69 -2.33
C SER L 30 -11.96 24.48 -3.83
N SER L 31 -11.12 23.61 -4.42
CA SER L 31 -11.18 23.36 -5.85
C SER L 31 -12.54 22.80 -6.27
N TYR L 32 -13.25 22.15 -5.35
CA TYR L 32 -14.57 21.60 -5.65
C TYR L 32 -15.68 22.56 -5.28
N ILE L 33 -15.55 23.27 -4.16
CA ILE L 33 -16.57 24.24 -3.75
C ILE L 33 -16.68 25.35 -4.79
N PHE L 34 -15.53 25.89 -5.22
CA PHE L 34 -15.55 26.86 -6.31
C PHE L 34 -16.07 26.22 -7.59
N ASN L 35 -15.63 25.01 -7.89
CA ASN L 35 -16.07 24.28 -9.07
C ASN L 35 -15.77 25.06 -10.34
N ASN M 1 -17.46 32.38 -8.14
CA ASN M 1 -18.56 31.84 -7.35
C ASN M 1 -18.65 32.54 -6.00
N ILE M 2 -19.65 33.40 -5.85
CA ILE M 2 -19.84 34.12 -4.58
C ILE M 2 -20.16 33.13 -3.46
N TYR M 3 -21.03 32.16 -3.75
CA TYR M 3 -21.38 31.18 -2.72
C TYR M 3 -20.16 30.38 -2.28
N GLY M 4 -19.36 29.93 -3.24
CA GLY M 4 -18.17 29.16 -2.89
C GLY M 4 -17.15 29.97 -2.11
N LEU M 5 -16.92 31.22 -2.53
CA LEU M 5 -15.99 32.07 -1.81
C LEU M 5 -16.46 32.33 -0.39
N THR M 6 -17.76 32.62 -0.22
CA THR M 6 -18.29 32.84 1.12
C THR M 6 -18.16 31.60 1.98
N ALA M 7 -18.47 30.43 1.42
CA ALA M 7 -18.37 29.20 2.18
C ALA M 7 -16.93 28.90 2.59
N THR M 8 -15.98 29.10 1.68
CA THR M 8 -14.58 28.87 2.01
C THR M 8 -14.11 29.84 3.08
N ALA M 9 -14.50 31.12 2.97
CA ALA M 9 -14.11 32.09 3.98
C ALA M 9 -14.68 31.73 5.35
N LEU M 10 -15.95 31.33 5.39
CA LEU M 10 -16.57 30.95 6.66
C LEU M 10 -15.88 29.73 7.25
N PHE M 11 -15.58 28.73 6.41
CA PHE M 11 -14.92 27.52 6.89
C PHE M 11 -13.52 27.81 7.40
N ILE M 12 -12.83 28.78 6.80
CA ILE M 12 -11.53 29.17 7.32
C ILE M 12 -11.69 29.93 8.64
N ILE M 13 -12.74 30.74 8.75
CA ILE M 13 -12.84 31.68 9.86
C ILE M 13 -13.34 30.98 11.13
N ILE M 14 -14.55 30.44 11.08
CA ILE M 14 -15.23 30.04 12.33
C ILE M 14 -14.47 28.96 13.08
N PRO M 15 -13.94 27.90 12.46
CA PRO M 15 -13.25 26.88 13.27
C PRO M 15 -11.91 27.37 13.78
N THR M 16 -11.20 28.17 12.99
CA THR M 16 -9.96 28.77 13.46
C THR M 16 -10.21 29.66 14.67
N SER M 17 -11.26 30.49 14.62
CA SER M 17 -11.59 31.33 15.75
C SER M 17 -11.98 30.51 16.96
N PHE M 18 -12.76 29.43 16.74
CA PHE M 18 -13.15 28.56 17.85
C PHE M 18 -11.92 27.97 18.54
N LEU M 19 -11.00 27.41 17.74
CA LEU M 19 -9.80 26.82 18.31
C LEU M 19 -8.94 27.86 19.02
N LEU M 20 -8.81 29.06 18.43
CA LEU M 20 -7.99 30.10 19.03
C LEU M 20 -8.58 30.57 20.37
N ILE M 21 -9.90 30.77 20.42
CA ILE M 21 -10.51 31.18 21.68
C ILE M 21 -10.40 30.08 22.71
N LEU M 22 -10.49 28.82 22.29
CA LEU M 22 -10.24 27.72 23.22
C LEU M 22 -8.83 27.78 23.79
N TYR M 23 -7.85 28.06 22.94
CA TYR M 23 -6.47 28.17 23.41
C TYR M 23 -6.33 29.31 24.40
N VAL M 24 -6.94 30.45 24.09
CA VAL M 24 -6.89 31.60 25.00
C VAL M 24 -7.52 31.23 26.34
N LYS M 25 -8.60 30.47 26.32
CA LYS M 25 -9.22 30.03 27.57
C LYS M 25 -8.26 29.17 28.38
N THR M 26 -7.56 28.23 27.72
CA THR M 26 -6.62 27.35 28.42
C THR M 26 -5.51 27.00 27.42
N ALA M 27 -4.31 27.47 27.67
CA ALA M 27 -3.17 27.20 26.80
C ALA M 27 -2.39 25.98 27.29
N MET N 1 -8.27 36.79 -6.62
CA MET N 1 -9.21 35.89 -7.37
C MET N 1 -9.00 34.43 -6.95
N GLU N 2 -9.46 33.50 -7.78
CA GLU N 2 -9.41 32.09 -7.44
C GLU N 2 -7.98 31.63 -7.19
N ALA N 3 -7.06 31.99 -8.09
CA ALA N 3 -5.67 31.60 -7.91
C ALA N 3 -5.08 32.22 -6.66
N LEU N 4 -5.44 33.48 -6.38
CA LEU N 4 -4.90 34.15 -5.20
C LEU N 4 -5.40 33.51 -3.91
N VAL N 5 -6.68 33.11 -3.87
CA VAL N 5 -7.17 32.45 -2.66
C VAL N 5 -6.53 31.07 -2.50
N TYR N 6 -6.31 30.35 -3.61
CA TYR N 6 -5.60 29.09 -3.51
C TYR N 6 -4.20 29.30 -2.95
N THR N 7 -3.49 30.31 -3.45
CA THR N 7 -2.14 30.61 -2.96
C THR N 7 -2.18 31.01 -1.49
N PHE N 8 -3.19 31.77 -1.09
CA PHE N 8 -3.33 32.15 0.31
C PHE N 8 -3.52 30.93 1.20
N LEU N 9 -4.37 30.00 0.78
CA LEU N 9 -4.57 28.79 1.58
C LEU N 9 -3.29 27.98 1.66
N LEU N 10 -2.56 27.85 0.55
CA LEU N 10 -1.33 27.07 0.55
C LEU N 10 -0.27 27.73 1.44
N VAL N 11 -0.11 29.04 1.35
CA VAL N 11 0.89 29.70 2.17
C VAL N 11 0.49 29.69 3.64
N GLY N 12 -0.80 29.73 3.94
CA GLY N 12 -1.24 29.56 5.31
C GLY N 12 -0.91 28.17 5.84
N THR N 13 -1.10 27.15 5.01
CA THR N 13 -0.70 25.80 5.40
C THR N 13 0.80 25.73 5.65
N LEU N 14 1.60 26.36 4.79
CA LEU N 14 3.05 26.38 4.99
C LEU N 14 3.42 27.11 6.27
N GLY N 15 2.71 28.20 6.58
CA GLY N 15 2.97 28.89 7.84
C GLY N 15 2.62 28.05 9.05
N ILE N 16 1.54 27.28 8.95
CA ILE N 16 1.20 26.36 10.03
C ILE N 16 2.29 25.31 10.20
N ILE N 17 2.80 24.78 9.08
CA ILE N 17 3.93 23.86 9.12
C ILE N 17 5.11 24.49 9.86
N PHE N 18 5.47 25.72 9.47
CA PHE N 18 6.63 26.36 10.07
C PHE N 18 6.43 26.57 11.56
N PHE N 19 5.25 27.05 11.96
CA PHE N 19 4.99 27.28 13.38
C PHE N 19 5.04 25.96 14.15
N SER N 20 4.48 24.89 13.58
CA SER N 20 4.48 23.61 14.28
C SER N 20 5.89 23.07 14.45
N ILE N 21 6.73 23.17 13.42
CA ILE N 21 8.07 22.59 13.53
C ILE N 21 8.97 23.46 14.41
N PHE N 22 8.80 24.78 14.37
CA PHE N 22 9.66 25.71 15.09
C PHE N 22 9.03 26.27 16.35
N PHE N 23 7.79 26.78 16.25
CA PHE N 23 7.10 27.37 17.40
C PHE N 23 6.37 26.24 18.14
N ARG N 24 7.11 25.54 18.98
CA ARG N 24 6.55 24.44 19.76
C ARG N 24 5.73 24.98 20.93
N ASN O 1 6.05 -37.60 -23.81
CA ASN O 1 5.71 -39.00 -23.52
C ASN O 1 6.85 -39.67 -22.76
N ILE O 2 7.74 -40.36 -23.45
CA ILE O 2 8.89 -40.97 -22.78
C ILE O 2 9.84 -39.89 -22.29
N GLU O 3 10.01 -38.82 -23.06
CA GLU O 3 10.88 -37.73 -22.64
C GLU O 3 10.32 -37.05 -21.38
N LEU O 4 9.00 -36.88 -21.31
CA LEU O 4 8.40 -36.30 -20.12
C LEU O 4 8.59 -37.20 -18.91
N ALA O 5 8.46 -38.53 -19.10
CA ALA O 5 8.69 -39.45 -18.00
C ALA O 5 10.14 -39.38 -17.52
N LEU O 6 11.09 -39.31 -18.46
CA LEU O 6 12.49 -39.19 -18.07
C LEU O 6 12.74 -37.88 -17.33
N THR O 7 12.11 -36.79 -17.79
CA THR O 7 12.26 -35.52 -17.11
C THR O 7 11.71 -35.58 -15.69
N LEU O 8 10.56 -36.23 -15.51
CA LEU O 8 9.99 -36.37 -14.18
C LEU O 8 10.89 -37.22 -13.28
N VAL O 9 11.47 -38.30 -13.83
CA VAL O 9 12.37 -39.14 -13.06
C VAL O 9 13.59 -38.34 -12.62
N SER O 10 14.18 -37.57 -13.55
CA SER O 10 15.32 -36.75 -13.21
C SER O 10 14.97 -35.70 -12.17
N LEU O 11 13.79 -35.09 -12.30
CA LEU O 11 13.37 -34.07 -11.35
C LEU O 11 13.21 -34.65 -9.95
N VAL O 12 12.58 -35.82 -9.84
CA VAL O 12 12.37 -36.42 -8.52
C VAL O 12 13.71 -36.87 -7.92
N LEU O 13 14.61 -37.40 -8.76
CA LEU O 13 15.93 -37.77 -8.26
C LEU O 13 16.68 -36.54 -7.75
N VAL O 14 16.61 -35.43 -8.48
CA VAL O 14 17.24 -34.20 -8.01
C VAL O 14 16.62 -33.76 -6.69
N VAL O 15 15.29 -33.75 -6.63
CA VAL O 15 14.58 -33.28 -5.45
C VAL O 15 14.93 -34.14 -4.24
N SER O 16 15.24 -35.42 -4.46
CA SER O 16 15.62 -36.29 -3.35
C SER O 16 17.11 -36.25 -3.04
N ALA O 17 17.94 -35.75 -3.97
CA ALA O 17 19.38 -35.78 -3.76
C ALA O 17 19.81 -35.04 -2.50
N GLY O 18 19.07 -34.01 -2.10
CA GLY O 18 19.43 -33.23 -0.93
C GLY O 18 18.80 -33.77 0.35
N PRO O 19 17.48 -33.97 0.33
CA PRO O 19 16.82 -34.61 1.47
C PRO O 19 17.43 -35.95 1.83
N LEU O 20 17.91 -36.70 0.84
CA LEU O 20 18.61 -37.94 1.15
C LEU O 20 19.85 -37.66 2.00
N VAL O 21 20.61 -36.62 1.64
CA VAL O 21 21.81 -36.30 2.40
C VAL O 21 21.46 -35.88 3.81
N VAL O 22 20.45 -35.03 3.97
CA VAL O 22 20.13 -34.54 5.31
C VAL O 22 19.58 -35.66 6.18
N VAL O 23 18.75 -36.54 5.62
CA VAL O 23 18.22 -37.64 6.43
C VAL O 23 19.32 -38.63 6.78
N LEU O 24 20.26 -38.87 5.86
CA LEU O 24 21.37 -39.75 6.17
C LEU O 24 22.22 -39.17 7.30
N LEU O 25 22.48 -37.86 7.25
CA LEU O 25 23.26 -37.24 8.32
C LEU O 25 22.50 -37.27 9.64
N SER O 26 21.19 -37.02 9.61
CA SER O 26 20.41 -37.07 10.84
C SER O 26 20.41 -38.46 11.45
N ALA O 27 20.30 -39.49 10.62
CA ALA O 27 20.31 -40.86 11.13
C ALA O 27 21.74 -41.34 11.36
N ARG O 28 22.56 -41.37 10.32
CA ARG O 28 23.93 -41.84 10.42
C ARG O 28 24.84 -40.69 10.87
N GLY O 29 25.71 -40.99 11.81
CA GLY O 29 26.66 -39.99 12.31
C GLY O 29 26.08 -38.99 13.29
N GLY O 30 24.95 -38.39 12.96
CA GLY O 30 24.31 -37.44 13.84
C GLY O 30 24.88 -36.04 13.79
N ASN O 31 25.81 -35.75 12.88
CA ASN O 31 26.38 -34.41 12.79
C ASN O 31 25.35 -33.42 12.26
N LEU O 32 24.88 -33.64 11.03
CA LEU O 32 23.89 -32.78 10.42
C LEU O 32 24.37 -31.32 10.39
N ALA P 1 -49.94 -20.19 1.89
CA ALA P 1 -49.39 -20.55 0.60
C ALA P 1 -50.28 -20.05 -0.53
N VAL P 2 -50.83 -18.85 -0.36
CA VAL P 2 -51.69 -18.28 -1.40
C VAL P 2 -50.91 -18.06 -2.69
N THR P 3 -49.60 -17.85 -2.57
CA THR P 3 -48.70 -17.76 -3.72
C THR P 3 -47.53 -18.70 -3.52
N PRO P 4 -46.91 -19.18 -4.60
CA PRO P 4 -45.70 -20.01 -4.41
C PRO P 4 -44.60 -19.27 -3.67
N SER P 5 -44.47 -17.96 -3.87
CA SER P 5 -43.45 -17.19 -3.17
C SER P 5 -43.68 -17.22 -1.67
N LEU P 6 -44.93 -17.07 -1.23
CA LEU P 6 -45.22 -17.11 0.20
C LEU P 6 -44.97 -18.50 0.77
N LYS P 7 -45.34 -19.55 0.03
CA LYS P 7 -45.06 -20.90 0.49
C LYS P 7 -43.56 -21.11 0.67
N ASN P 8 -42.77 -20.69 -0.32
CA ASN P 8 -41.33 -20.83 -0.22
C ASN P 8 -40.76 -20.04 0.94
N PHE P 9 -41.26 -18.82 1.14
CA PHE P 9 -40.76 -17.98 2.23
C PHE P 9 -41.07 -18.60 3.59
N LEU P 10 -42.29 -19.12 3.76
CA LEU P 10 -42.63 -19.77 5.03
C LEU P 10 -41.80 -21.03 5.23
N GLY P 11 -41.58 -21.80 4.15
CA GLY P 11 -40.70 -22.95 4.27
C GLY P 11 -39.30 -22.56 4.70
N SER P 12 -38.79 -21.45 4.16
CA SER P 12 -37.49 -20.94 4.58
C SER P 12 -37.51 -20.52 6.04
N LEU P 13 -38.61 -19.91 6.49
CA LEU P 13 -38.71 -19.50 7.89
C LEU P 13 -38.64 -20.71 8.81
N ILE P 14 -39.40 -21.76 8.49
CA ILE P 14 -39.35 -22.96 9.33
C ILE P 14 -37.98 -23.63 9.24
N ALA P 15 -37.34 -23.59 8.07
CA ALA P 15 -36.01 -24.17 7.95
C ALA P 15 -35.00 -23.42 8.82
N GLY P 16 -35.05 -22.09 8.80
CA GLY P 16 -34.15 -21.32 9.64
C GLY P 16 -34.44 -21.49 11.12
N ALA P 17 -35.72 -21.60 11.49
CA ALA P 17 -36.07 -21.89 12.87
C ALA P 17 -35.53 -23.26 13.28
N THR P 18 -35.61 -24.24 12.38
CA THR P 18 -35.05 -25.55 12.66
C THR P 18 -33.54 -25.47 12.84
N VAL P 19 -32.86 -24.67 12.02
CA VAL P 19 -31.42 -24.52 12.17
C VAL P 19 -31.08 -23.89 13.52
N LEU P 20 -31.82 -22.85 13.90
CA LEU P 20 -31.59 -22.21 15.20
C LEU P 20 -31.84 -23.18 16.34
N GLY P 21 -32.93 -23.94 16.27
CA GLY P 21 -33.20 -24.93 17.29
C GLY P 21 -32.12 -25.99 17.37
N GLY P 22 -31.61 -26.41 16.21
CA GLY P 22 -30.55 -27.40 16.19
C GLY P 22 -29.28 -26.89 16.84
N ILE P 23 -28.88 -25.66 16.51
CA ILE P 23 -27.65 -25.12 17.10
C ILE P 23 -27.84 -24.89 18.59
N ALA P 24 -29.04 -24.45 19.00
CA ALA P 24 -29.31 -24.27 20.43
C ALA P 24 -29.24 -25.59 21.16
N LEU P 25 -29.84 -26.64 20.60
CA LEU P 25 -29.79 -27.96 21.24
C LEU P 25 -28.37 -28.49 21.26
N ALA P 26 -27.58 -28.22 20.23
CA ALA P 26 -26.20 -28.68 20.20
C ALA P 26 -25.39 -28.01 21.30
N ILE P 27 -25.51 -26.69 21.44
CA ILE P 27 -24.77 -26.00 22.49
C ILE P 27 -25.25 -26.45 23.87
N THR P 28 -26.55 -26.71 24.01
CA THR P 28 -27.08 -27.21 25.27
C THR P 28 -26.48 -28.56 25.62
N ALA P 29 -26.48 -29.49 24.67
CA ALA P 29 -25.97 -30.84 24.92
C ALA P 29 -24.47 -30.81 25.21
N VAL P 30 -23.72 -30.01 24.47
CA VAL P 30 -22.26 -29.96 24.66
C VAL P 30 -21.86 -29.12 25.87
N SER P 31 -22.77 -28.30 26.40
CA SER P 31 -22.44 -27.52 27.59
C SER P 31 -22.08 -28.42 28.77
N LYS P 32 -22.83 -29.50 28.95
CA LYS P 32 -22.56 -30.45 30.02
C LYS P 32 -22.93 -31.86 29.58
N MET Q 1 32.46 -44.43 -30.76
CA MET Q 1 31.17 -44.22 -31.46
C MET Q 1 30.14 -43.65 -30.48
N THR Q 2 28.86 -43.69 -30.87
CA THR Q 2 27.84 -42.99 -30.10
C THR Q 2 27.34 -43.79 -28.90
N SER Q 3 27.09 -45.09 -29.07
CA SER Q 3 26.54 -45.88 -27.97
C SER Q 3 27.53 -45.97 -26.82
N ILE Q 4 28.82 -46.15 -27.12
CA ILE Q 4 29.83 -46.19 -26.07
C ILE Q 4 29.85 -44.88 -25.30
N LEU Q 5 29.76 -43.75 -26.01
CA LEU Q 5 29.71 -42.45 -25.36
C LEU Q 5 28.49 -42.35 -24.46
N GLN Q 6 27.33 -42.81 -24.94
CA GLN Q 6 26.11 -42.71 -24.14
C GLN Q 6 26.23 -43.54 -22.86
N VAL Q 7 26.77 -44.76 -22.96
CA VAL Q 7 26.86 -45.59 -21.75
C VAL Q 7 27.88 -44.99 -20.78
N ALA Q 8 29.01 -44.50 -21.30
CA ALA Q 8 30.00 -43.89 -20.41
C ALA Q 8 29.44 -42.66 -19.73
N LEU Q 9 28.66 -41.87 -20.45
CA LEU Q 9 28.10 -40.65 -19.89
C LEU Q 9 26.97 -40.94 -18.90
N LEU Q 10 26.19 -42.00 -19.13
CA LEU Q 10 25.24 -42.44 -18.12
C LEU Q 10 25.94 -42.93 -16.87
N ALA Q 11 27.07 -43.63 -17.04
CA ALA Q 11 27.89 -44.01 -15.90
C ALA Q 11 28.39 -42.78 -15.16
N LEU Q 12 28.77 -41.74 -15.89
CA LEU Q 12 29.17 -40.49 -15.26
C LEU Q 12 28.02 -39.88 -14.48
N ILE Q 13 26.81 -39.93 -15.05
CA ILE Q 13 25.63 -39.44 -14.34
C ILE Q 13 25.47 -40.15 -13.01
N PHE Q 14 25.54 -41.49 -13.04
CA PHE Q 14 25.31 -42.26 -11.82
C PHE Q 14 26.43 -42.04 -10.81
N VAL Q 15 27.69 -41.97 -11.27
CA VAL Q 15 28.79 -41.73 -10.35
C VAL Q 15 28.69 -40.34 -9.74
N SER Q 16 28.24 -39.35 -10.52
CA SER Q 16 28.07 -38.01 -9.98
C SER Q 16 26.96 -37.97 -8.94
N PHE Q 17 25.86 -38.69 -9.19
CA PHE Q 17 24.81 -38.79 -8.18
C PHE Q 17 25.34 -39.45 -6.91
N ALA Q 18 26.12 -40.52 -7.06
CA ALA Q 18 26.71 -41.18 -5.91
C ALA Q 18 27.63 -40.24 -5.14
N LEU Q 19 28.42 -39.45 -5.86
CA LEU Q 19 29.30 -38.49 -5.20
C LEU Q 19 28.48 -37.43 -4.45
N VAL Q 20 27.42 -36.92 -5.09
CA VAL Q 20 26.55 -35.96 -4.42
C VAL Q 20 26.01 -36.54 -3.13
N VAL Q 21 25.61 -37.81 -3.16
CA VAL Q 21 25.06 -38.44 -1.97
C VAL Q 21 26.14 -38.66 -0.91
N GLY Q 22 27.36 -39.03 -1.33
CA GLY Q 22 28.35 -39.53 -0.42
C GLY Q 22 29.35 -38.52 0.12
N VAL Q 23 29.91 -37.68 -0.75
CA VAL Q 23 30.92 -36.72 -0.31
C VAL Q 23 30.42 -35.86 0.85
N PRO Q 24 29.19 -35.33 0.83
CA PRO Q 24 28.74 -34.53 1.98
C PRO Q 24 28.60 -35.34 3.26
N VAL Q 25 27.95 -36.51 3.18
CA VAL Q 25 27.80 -37.33 4.38
C VAL Q 25 29.16 -37.86 4.84
N VAL Q 26 30.05 -38.17 3.89
CA VAL Q 26 31.40 -38.60 4.27
C VAL Q 26 32.13 -37.49 5.01
N PHE Q 27 31.99 -36.24 4.54
CA PHE Q 27 32.71 -35.14 5.15
C PHE Q 27 32.14 -34.79 6.51
N ALA Q 28 30.81 -34.75 6.63
CA ALA Q 28 30.16 -34.21 7.82
C ALA Q 28 30.01 -35.24 8.94
N THR Q 29 29.94 -36.52 8.62
CA THR Q 29 29.78 -37.52 9.67
C THR Q 29 31.01 -37.52 10.57
N PRO Q 30 30.85 -37.72 11.89
CA PRO Q 30 32.04 -37.76 12.76
C PRO Q 30 32.99 -38.87 12.33
N ASN Q 31 34.29 -38.56 12.36
CA ASN Q 31 35.32 -39.50 11.93
C ASN Q 31 35.06 -40.01 10.52
N GLY Q 32 34.43 -39.18 9.68
CA GLY Q 32 34.06 -39.58 8.35
C GLY Q 32 35.20 -39.44 7.35
N TRP Q 33 35.77 -38.24 7.25
CA TRP Q 33 36.87 -38.04 6.33
C TRP Q 33 38.05 -38.93 6.66
N THR Q 34 38.40 -39.03 7.95
CA THR Q 34 39.44 -39.95 8.37
C THR Q 34 38.97 -41.39 8.20
N ASP Q 35 39.88 -42.24 7.71
CA ASP Q 35 39.68 -43.66 7.42
C ASP Q 35 38.89 -43.87 6.13
N ASN Q 36 38.38 -42.80 5.49
CA ASN Q 36 37.71 -42.90 4.20
C ASN Q 36 38.31 -41.98 3.16
N LYS Q 37 39.44 -41.34 3.46
CA LYS Q 37 40.08 -40.45 2.48
C LYS Q 37 40.36 -41.19 1.18
N GLY Q 38 40.84 -42.43 1.28
CA GLY Q 38 41.12 -43.19 0.07
C GLY Q 38 39.88 -43.41 -0.77
N ALA Q 39 38.76 -43.76 -0.13
CA ALA Q 39 37.55 -44.04 -0.88
C ALA Q 39 37.05 -42.79 -1.61
N VAL Q 40 36.98 -41.66 -0.91
CA VAL Q 40 36.45 -40.45 -1.53
C VAL Q 40 37.40 -39.96 -2.62
N PHE Q 41 38.71 -40.03 -2.38
CA PHE Q 41 39.66 -39.58 -3.39
C PHE Q 41 39.62 -40.51 -4.62
N SER Q 42 39.44 -41.81 -4.40
CA SER Q 42 39.29 -42.72 -5.53
C SER Q 42 38.02 -42.42 -6.31
N GLY Q 43 36.93 -42.09 -5.61
CA GLY Q 43 35.71 -41.72 -6.31
C GLY Q 43 35.88 -40.46 -7.13
N LEU Q 44 36.53 -39.44 -6.57
CA LEU Q 44 36.78 -38.21 -7.31
C LEU Q 44 37.67 -38.47 -8.52
N SER Q 45 38.71 -39.29 -8.35
CA SER Q 45 39.59 -39.63 -9.47
C SER Q 45 38.82 -40.37 -10.55
N LEU Q 46 37.95 -41.30 -10.16
CA LEU Q 46 37.15 -42.02 -11.14
C LEU Q 46 36.23 -41.06 -11.90
N TRP Q 47 35.61 -40.12 -11.18
CA TRP Q 47 34.74 -39.14 -11.84
C TRP Q 47 35.52 -38.30 -12.83
N LEU Q 48 36.69 -37.81 -12.43
CA LEU Q 48 37.50 -36.98 -13.33
C LEU Q 48 37.96 -37.76 -14.55
N LEU Q 49 38.44 -38.98 -14.34
CA LEU Q 49 38.89 -39.81 -15.46
C LEU Q 49 37.73 -40.13 -16.39
N LEU Q 50 36.55 -40.39 -15.84
CA LEU Q 50 35.40 -40.71 -16.66
C LEU Q 50 34.96 -39.50 -17.47
N VAL Q 51 35.03 -38.30 -16.89
CA VAL Q 51 34.77 -37.09 -17.65
C VAL Q 51 35.78 -36.96 -18.78
N PHE Q 52 37.05 -37.20 -18.50
CA PHE Q 52 38.08 -37.08 -19.54
C PHE Q 52 37.82 -38.06 -20.69
N VAL Q 53 37.52 -39.32 -20.37
CA VAL Q 53 37.30 -40.30 -21.43
C VAL Q 53 36.01 -39.99 -22.20
N VAL Q 54 34.98 -39.49 -21.52
CA VAL Q 54 33.77 -39.06 -22.23
C VAL Q 54 34.10 -37.94 -23.21
N GLY Q 55 34.95 -36.99 -22.78
CA GLY Q 55 35.38 -35.95 -23.70
C GLY Q 55 36.17 -36.51 -24.88
N ILE Q 56 37.02 -37.50 -24.62
CA ILE Q 56 37.78 -38.12 -25.69
C ILE Q 56 36.84 -38.76 -26.71
N LEU Q 57 35.84 -39.49 -26.21
CA LEU Q 57 34.86 -40.11 -27.11
C LEU Q 57 34.11 -39.06 -27.91
N ASN Q 58 33.72 -37.97 -27.25
CA ASN Q 58 33.04 -36.88 -27.95
C ASN Q 58 33.92 -36.33 -29.08
N SER Q 59 35.21 -36.16 -28.80
CA SER Q 59 36.13 -35.71 -29.84
C SER Q 59 36.18 -36.72 -30.99
N PHE Q 60 36.22 -38.01 -30.67
CA PHE Q 60 36.23 -39.03 -31.72
C PHE Q 60 34.95 -38.97 -32.54
N VAL Q 61 33.80 -38.80 -31.89
CA VAL Q 61 32.53 -38.72 -32.60
C VAL Q 61 32.45 -37.42 -33.38
FE FE2 R . 4.53 0.28 19.23
MG CLA S . -1.65 1.61 -7.68
CHA CLA S . 1.50 2.98 -7.21
CHB CLA S . -1.86 1.15 -4.27
CHC CLA S . -5.04 1.12 -7.95
CHD CLA S . -1.60 2.79 -11.02
NA CLA S . -0.39 1.98 -6.05
C1A CLA S . 0.89 2.54 -6.07
C2A CLA S . 1.48 2.63 -4.68
C3A CLA S . 0.54 1.73 -3.85
C4A CLA S . -0.68 1.62 -4.76
CMA CLA S . 1.16 0.38 -3.56
CAA CLA S . 1.41 4.07 -4.21
CBA CLA S . 2.20 4.28 -2.94
CGA CLA S . 3.66 4.23 -3.26
O1A CLA S . 4.32 3.30 -3.72
O2A CLA S . 4.28 5.41 -2.98
NB CLA S . -3.14 1.20 -6.38
C1B CLA S . -3.03 1.00 -5.04
C2B CLA S . -4.34 0.58 -4.47
C3B CLA S . -5.24 0.57 -5.50
C4B CLA S . -4.50 0.96 -6.72
CMB CLA S . -4.57 0.30 -3.06
CAB CLA S . -6.64 0.29 -5.51
CBB CLA S . -7.49 0.57 -4.51
NC CLA S . -3.04 1.87 -9.22
C1C CLA S . -4.37 1.54 -9.12
C2C CLA S . -5.04 1.75 -10.39
C3C CLA S . -4.10 2.30 -11.25
C4C CLA S . -2.83 2.34 -10.52
CMC CLA S . -6.46 1.51 -10.63
CAC CLA S . -4.35 2.66 -12.65
CBC CLA S . -5.29 3.85 -12.78
ND CLA S . -0.42 2.66 -8.88
C1D CLA S . -0.46 2.95 -10.27
C2D CLA S . 0.87 3.47 -10.69
C3D CLA S . 1.65 3.52 -9.55
C4D CLA S . 0.80 3.01 -8.46
CMD CLA S . 1.22 3.87 -12.04
CAD CLA S . 2.92 3.89 -8.97
OBD CLA S . 3.86 4.49 -9.48
CBD CLA S . 2.89 3.48 -7.47
CGD CLA S . 3.93 2.43 -7.20
O1D CLA S . 3.82 1.21 -7.33
O2D CLA S . 5.12 2.94 -6.77
CED CLA S . 6.17 3.04 -7.74
C1 CLA S . 5.46 5.32 -2.17
C2 CLA S . 5.79 6.71 -1.77
C3 CLA S . 5.91 7.71 -2.64
C4 CLA S . 5.74 7.58 -4.10
C5 CLA S . 6.23 9.07 -2.13
C6 CLA S . 7.69 9.44 -2.25
C7 CLA S . 7.93 10.70 -1.45
C8 CLA S . 9.38 11.16 -1.40
C9 CLA S . 10.27 10.08 -0.81
C10 CLA S . 9.64 12.44 -0.58
C11 CLA S . 8.47 13.31 -0.12
C12 CLA S . 8.52 14.68 -0.75
C13 CLA S . 7.43 15.61 -0.22
C14 CLA S . 7.23 16.75 -1.20
C15 CLA S . 7.78 16.17 1.15
C16 CLA S . 6.54 16.60 1.92
C17 CLA S . 6.94 17.49 3.08
C18 CLA S . 5.73 18.13 3.77
C19 CLA S . 5.28 17.30 4.96
C20 CLA S . 6.08 19.53 4.20
MG CLA T . -9.07 -6.86 -2.77
CHA CLA T . -5.75 -7.45 -3.52
CHB CLA T . -8.99 -9.60 -0.67
CHC CLA T . -12.05 -5.88 -1.35
CHD CLA T . -8.78 -3.68 -4.29
NA CLA T . -7.62 -8.28 -2.22
C1A CLA T . -6.29 -8.33 -2.65
C2A CLA T . -5.54 -9.51 -2.03
C3A CLA T . -6.69 -10.33 -1.39
C4A CLA T . -7.86 -9.34 -1.40
CMA CLA T . -6.99 -11.56 -2.20
CAA CLA T . -4.55 -8.99 -1.00
CBA CLA T . -5.20 -8.48 0.28
CGA CLA T . -4.33 -7.49 0.98
O1A CLA T . -4.09 -6.32 0.67
O2A CLA T . -3.77 -8.00 2.12
NB CLA T . -10.27 -7.59 -1.31
C1B CLA T . -10.10 -8.76 -0.64
C2B CLA T . -11.30 -9.07 0.17
C3B CLA T . -12.18 -8.03 -0.01
C4B CLA T . -11.54 -7.08 -0.96
CMB CLA T . -11.38 -10.25 1.02
CAB CLA T . -13.48 -7.83 0.58
CBB CLA T . -14.62 -8.21 0.03
NC CLA T . -10.21 -5.11 -2.84
C1C CLA T . -11.42 -4.95 -2.22
C2C CLA T . -11.98 -3.64 -2.55
C3C CLA T . -11.03 -2.98 -3.32
C4C CLA T . -9.91 -3.92 -3.50
CMC CLA T . -13.27 -3.11 -2.10
CAC CLA T . -11.13 -1.64 -3.90
CBC CLA T . -12.01 -1.63 -5.12
ND CLA T . -7.65 -5.75 -3.69
C1D CLA T . -7.70 -4.52 -4.39
C2D CLA T . -6.47 -4.37 -5.20
C3D CLA T . -5.70 -5.49 -4.92
C4D CLA T . -6.46 -6.28 -3.96
CMD CLA T . -6.17 -3.26 -6.10
CAD CLA T . -4.45 -6.19 -5.18
OBD CLA T . -3.54 -5.90 -5.95
CBD CLA T . -4.44 -7.45 -4.27
CGD CLA T . -4.35 -8.72 -5.08
O1D CLA T . -5.05 -9.02 -6.05
O2D CLA T . -3.38 -9.60 -4.68
CED CLA T . -3.59 -11.00 -4.88
C1 CLA T . -3.94 -7.19 3.31
C2 CLA T . -3.92 -8.13 4.46
C3 CLA T . -2.88 -8.93 4.73
C4 CLA T . -2.90 -9.86 5.89
CHA PHO U . 9.27 9.84 5.11
CHB PHO U . 5.81 11.54 2.18
CHC PHO U . 4.15 7.00 1.33
CHD PHO U . 7.53 5.19 4.35
NA PHO U . 7.39 10.42 3.71
C1A PHO U . 8.55 10.78 4.44
C2A PHO U . 8.80 12.28 4.34
C3A PHO U . 7.50 12.79 3.66
C4A PHO U . 6.87 11.49 3.16
CMA PHO U . 6.60 13.52 4.62
CAA PHO U . 10.04 12.65 3.57
CBA PHO U . 10.34 14.13 3.68
CGA PHO U . 11.12 14.65 2.51
O1A PHO U . 11.03 14.33 1.32
O2A PHO U . 12.04 15.59 2.86
NB PHO U . 5.24 9.13 2.02
C1B PHO U . 5.13 10.48 1.65
C2B PHO U . 4.09 10.56 0.58
C3B PHO U . 3.63 9.29 0.35
C4B PHO U . 4.35 8.34 1.27
CMB PHO U . 3.71 11.82 -0.04
CAB PHO U . 2.63 8.83 -0.58
CBB PHO U . 2.53 9.19 -1.85
NC PHO U . 5.96 6.41 2.87
C1C PHO U . 4.93 6.07 2.11
C2C PHO U . 4.69 4.61 2.17
C3C PHO U . 5.64 4.09 3.02
C4C PHO U . 6.47 5.24 3.49
CMC PHO U . 3.63 3.91 1.44
CAC PHO U . 5.87 2.71 3.44
CBC PHO U . 7.08 2.12 2.77
ND PHO U . 7.99 7.65 4.51
C1D PHO U . 8.27 6.31 4.85
C2D PHO U . 9.39 6.30 5.75
C3D PHO U . 9.82 7.63 5.88
C4D PHO U . 8.93 8.43 5.08
CMD PHO U . 9.98 5.12 6.39
CAD PHO U . 10.78 8.51 6.52
OBD PHO U . 11.67 8.24 7.31
CBD PHO U . 10.48 9.96 5.99
CGD PHO U . 10.26 10.86 7.17
O1D PHO U . 10.87 11.86 7.51
O2D PHO U . 9.21 10.44 7.93
CED PHO U . 8.63 11.41 8.81
C1 PHO U . 11.54 16.90 3.20
C2 PHO U . 11.31 17.64 1.93
C3 PHO U . 10.78 18.88 1.93
C4 PHO U . 10.44 19.57 3.19
C5 PHO U . 10.53 19.67 0.68
C6 PHO U . 10.40 18.85 -0.59
C7 PHO U . 9.51 19.52 -1.61
C8 PHO U . 9.80 19.07 -3.04
C9 PHO U . 11.13 19.57 -3.55
C10 PHO U . 8.69 19.56 -3.96
C11 PHO U . 8.40 18.56 -5.07
C12 PHO U . 7.60 17.40 -4.52
C13 PHO U . 6.97 16.53 -5.60
C14 PHO U . 8.04 16.02 -6.54
C15 PHO U . 5.90 17.32 -6.33
C16 PHO U . 4.70 16.46 -6.70
C17 PHO U . 3.54 16.63 -5.75
C18 PHO U . 2.23 16.27 -6.41
C19 PHO U . 2.11 14.78 -6.67
C20 PHO U . 1.08 16.74 -5.54
MG CLA V . 21.13 22.92 -8.99
CHA CLA V . 20.79 22.40 -12.39
CHB CLA V . 22.61 19.82 -8.72
CHC CLA V . 22.30 23.74 -5.86
CHD CLA V . 20.23 26.31 -9.49
NA CLA V . 21.60 21.39 -10.34
C1A CLA V . 21.37 21.36 -11.71
C2A CLA V . 21.85 20.05 -12.33
C3A CLA V . 22.09 19.16 -11.09
C4A CLA V . 22.14 20.18 -9.95
CMA CLA V . 20.96 18.18 -10.90
CAA CLA V . 23.10 20.34 -13.17
CBA CLA V . 24.43 20.06 -12.50
CGA CLA V . 25.55 20.65 -13.31
O1A CLA V . 25.53 21.03 -14.48
O2A CLA V . 26.73 20.73 -12.61
NB CLA V . 22.18 21.95 -7.55
C1B CLA V . 22.69 20.69 -7.62
C2B CLA V . 23.38 20.35 -6.35
C3B CLA V . 23.29 21.46 -5.56
C4B CLA V . 22.54 22.49 -6.31
CMB CLA V . 24.06 19.08 -6.09
CAB CLA V . 23.84 21.72 -4.25
CBB CLA V . 23.61 21.00 -3.15
NC CLA V . 21.21 24.69 -7.88
C1C CLA V . 21.67 24.79 -6.59
C2C CLA V . 21.51 26.15 -6.09
C3C CLA V . 21.00 26.89 -7.15
C4C CLA V . 20.79 25.97 -8.25
CMC CLA V . 21.90 26.62 -4.76
CAC CLA V . 20.65 28.33 -7.13
CBC CLA V . 21.78 29.19 -7.66
ND CLA V . 20.69 24.15 -10.53
C1D CLA V . 20.17 25.48 -10.57
C2D CLA V . 19.64 25.75 -11.92
C3D CLA V . 19.86 24.61 -12.67
C4D CLA V . 20.51 23.64 -11.75
CMD CLA V . 19.03 27.01 -12.33
CAD CLA V . 19.73 23.97 -13.95
OBD CLA V . 19.29 24.43 -15.00
CBD CLA V . 20.27 22.52 -13.80
CGD CLA V . 19.14 21.56 -14.11
O1D CLA V . 17.94 21.83 -14.13
O2D CLA V . 19.52 20.29 -14.37
CED CLA V . 18.59 19.27 -13.99
C1 CLA V . 27.73 19.75 -12.93
C2 CLA V . 28.57 19.60 -11.71
C3 CLA V . 29.39 18.56 -11.48
C4 CLA V . 29.53 17.43 -12.45
C5 CLA V . 30.19 18.48 -10.22
C6 CLA V . 31.69 18.33 -10.45
C7 CLA V . 32.42 18.37 -9.12
C8 CLA V . 33.84 17.82 -9.20
C9 CLA V . 34.06 16.82 -8.09
C10 CLA V . 34.91 18.91 -9.11
C11 CLA V . 34.81 19.98 -10.19
C12 CLA V . 35.23 19.48 -11.56
C13 CLA V . 35.05 20.53 -12.66
C14 CLA V . 35.83 21.80 -12.36
C15 CLA V . 33.57 20.86 -12.89
C1 BCR W . 23.40 25.25 4.77
C2 BCR W . 24.66 24.47 5.12
C3 BCR W . 25.94 24.96 4.45
C4 BCR W . 25.68 25.06 2.96
C5 BCR W . 24.65 26.13 2.82
C6 BCR W . 23.48 26.02 3.46
C7 BCR W . 22.20 26.60 2.97
C8 BCR W . 21.97 27.00 1.70
C9 BCR W . 20.64 27.49 1.26
C10 BCR W . 20.46 27.74 -0.04
C11 BCR W . 19.21 28.20 -0.65
C33 BCR W . 25.04 27.39 2.09
C31 BCR W . 23.09 26.22 5.90
C32 BCR W . 22.28 24.23 4.65
C34 BCR W . 19.55 27.68 2.31
C12 BCR W . 19.13 28.36 -1.98
C13 BCR W . 17.89 28.80 -2.66
C14 BCR W . 17.92 28.83 -4.00
C15 BCR W . 16.80 29.22 -4.87
C16 BCR W . 16.94 29.12 -6.18
C17 BCR W . 15.83 29.48 -7.07
C18 BCR W . 15.88 29.31 -8.40
C19 BCR W . 14.66 29.68 -9.16
C20 BCR W . 14.49 29.41 -10.46
C21 BCR W . 13.21 29.78 -11.09
C22 BCR W . 12.89 29.42 -12.34
C23 BCR W . 11.62 29.83 -13.00
C24 BCR W . 10.87 30.85 -12.57
C25 BCR W . 9.72 31.36 -13.38
C26 BCR W . 9.08 30.59 -14.26
C27 BCR W . 8.54 31.22 -15.50
C28 BCR W . 7.48 32.18 -14.99
C29 BCR W . 8.16 33.28 -14.19
C30 BCR W . 9.33 32.84 -13.28
C35 BCR W . 16.69 29.21 -1.83
C36 BCR W . 17.13 28.77 -9.05
C37 BCR W . 13.87 28.68 -13.20
C38 BCR W . 8.77 29.14 -14.01
C39 BCR W . 8.99 33.25 -11.86
C40 BCR W . 10.55 33.65 -13.72
O6 SQD X . 12.72 -11.66 13.88
C44 SQD X . 13.26 -12.32 12.73
C45 SQD X . 12.42 -11.96 11.51
C46 SQD X . 13.07 -12.48 10.24
O47 SQD X . 11.11 -12.50 11.60
C7 SQD X . 10.13 -11.54 12.06
O49 SQD X . 10.24 -11.06 13.17
C8 SQD X . 9.02 -11.11 11.13
C9 SQD X . 9.04 -11.97 9.87
C10 SQD X . 8.11 -11.40 8.79
C11 SQD X . 8.82 -10.32 7.97
C12 SQD X . 7.88 -9.69 6.94
C13 SQD X . 7.73 -10.55 5.69
C14 SQD X . 6.53 -10.09 4.87
C15 SQD X . 6.46 -10.81 3.54
C16 SQD X . 5.23 -10.41 2.72
C17 SQD X . 5.31 -8.99 2.16
C18 SQD X . 4.00 -8.62 1.46
C19 SQD X . 4.13 -7.26 0.79
O48 SQD X . 13.04 -13.90 10.25
C23 SQD X . 12.35 -14.62 9.19
O10 SQD X . 11.33 -14.15 8.72
C24 SQD X . 12.87 -15.94 8.69
C25 SQD X . 13.86 -15.70 7.54
C26 SQD X . 13.20 -15.08 6.32
C27 SQD X . 12.19 -16.03 5.68
C28 SQD X . 11.77 -15.52 4.31
C29 SQD X . 10.93 -16.55 3.57
C30 SQD X . 11.80 -17.64 2.96
C31 SQD X . 10.97 -18.61 2.13
C32 SQD X . 11.83 -19.65 1.42
C33 SQD X . 12.73 -18.99 0.37
C34 SQD X . 12.86 -19.85 -0.87
C35 SQD X . 13.37 -19.04 -2.05
C36 SQD X . 13.34 -19.86 -3.34
C37 SQD X . 13.77 -19.02 -4.53
C38 SQD X . 12.67 -18.08 -4.98
C1 SQD X . 13.61 -10.73 14.49
C2 SQD X . 12.76 -9.69 15.20
O2 SQD X . 11.80 -9.20 14.26
C3 SQD X . 13.62 -8.55 15.71
O3 SQD X . 13.10 -8.08 16.96
C4 SQD X . 15.08 -8.97 15.89
O4 SQD X . 15.81 -8.61 14.71
C5 SQD X . 15.26 -10.45 16.23
C6 SQD X . 14.98 -10.72 17.70
O5 SQD X . 14.45 -11.35 15.45
S SQD X . 15.31 -12.30 18.07
O7 SQD X . 16.58 -12.67 17.49
O8 SQD X . 15.38 -12.49 19.68
O9 SQD X . 14.28 -13.15 17.52
C1 LMG Y . 26.69 17.86 -19.73
O1 LMG Y . 26.81 17.46 -18.36
C2 LMG Y . 26.36 19.35 -19.77
O2 LMG Y . 25.06 19.56 -19.20
C3 LMG Y . 26.37 19.91 -21.18
O3 LMG Y . 26.35 21.34 -21.12
C4 LMG Y . 27.60 19.45 -21.96
O4 LMG Y . 28.77 20.09 -21.45
C5 LMG Y . 27.76 17.94 -21.83
O5 LMG Y . 28.76 17.68 -24.01
C6 LMG Y . 28.96 17.43 -22.62
O6 LMG Y . 27.91 17.63 -20.45
C7 LMG Y . 28.02 16.77 -18.03
C8 LMG Y . 27.82 15.97 -16.74
C9 LMG Y . 29.18 15.66 -16.11
O7 LMG Y . 27.02 16.68 -15.80
C10 LMG Y . 25.59 16.39 -15.97
O9 LMG Y . 25.19 15.92 -17.01
C11 LMG Y . 24.63 16.68 -14.84
C12 LMG Y . 24.50 15.49 -13.91
C13 LMG Y . 23.33 15.70 -12.96
C14 LMG Y . 23.27 14.62 -11.88
C15 LMG Y . 22.41 13.43 -12.27
C16 LMG Y . 20.89 13.70 -12.26
C17 LMG Y . 20.29 13.97 -10.89
C18 LMG Y . 20.17 12.72 -10.03
C19 LMG Y . 18.95 11.89 -10.41
C20 LMG Y . 18.74 10.77 -9.40
O8 LMG Y . 29.27 14.25 -15.90
C28 LMG Y . 30.39 13.70 -15.17
O10 LMG Y . 31.23 14.44 -14.70
C29 LMG Y . 30.48 12.20 -14.99
C30 LMG Y . 29.09 11.64 -14.75
C31 LMG Y . 29.16 10.17 -14.37
C32 LMG Y . 27.76 9.56 -14.26
C33 LMG Y . 27.81 8.24 -13.51
C34 LMG Y . 26.42 7.62 -13.41
C35 LMG Y . 26.38 6.57 -12.31
C36 LMG Y . 25.00 5.94 -12.19
C37 LMG Y . 24.74 5.44 -10.78
C38 LMG Y . 23.36 4.79 -10.70
C39 LMG Y . 23.05 4.24 -9.31
C40 LMG Y . 22.98 5.35 -8.26
C41 LMG Y . 22.32 4.83 -6.99
C42 LMG Y . 22.42 5.85 -5.85
C43 LMG Y . 21.70 7.14 -6.20
O1 LHG Z . 18.45 -10.75 18.62
C1 LHG Z . 19.02 -9.94 17.58
C2 LHG Z . 19.73 -10.83 16.57
O2 LHG Z . 20.80 -11.54 17.20
C3 LHG Z . 20.29 -9.97 15.44
O3 LHG Z . 19.22 -9.31 14.77
P LHG Z . 19.49 -8.10 13.75
O4 LHG Z . 20.20 -6.99 14.49
O5 LHG Z . 20.09 -8.66 12.49
O6 LHG Z . 18.00 -7.60 13.41
C4 LHG Z . 17.76 -6.23 13.15
C5 LHG Z . 16.34 -6.01 12.65
C6 LHG Z . 16.01 -4.52 12.80
O7 LHG Z . 16.23 -6.39 11.28
C7 LHG Z . 16.22 -7.83 11.04
O9 LHG Z . 16.07 -8.59 11.97
C8 LHG Z . 16.39 -8.35 9.63
C9 LHG Z . 16.33 -9.86 9.62
C10 LHG Z . 16.18 -10.42 8.21
O8 LHG Z . 15.18 -4.07 11.73
C23 LHG Z . 15.04 -2.63 11.51
O10 LHG Z . 15.81 -1.87 12.08
C24 LHG Z . 13.96 -2.10 10.59
C11 LHG Z . 14.76 -10.27 7.69
C12 LHG Z . 14.51 -11.12 6.46
C13 LHG Z . 13.05 -11.01 6.01
C14 LHG Z . 12.87 -11.57 4.60
C15 LHG Z . 11.47 -11.33 4.09
C16 LHG Z . 11.30 -11.87 2.66
C17 LHG Z . 9.91 -11.60 2.13
C25 LHG Z . 14.32 -2.43 9.15
C26 LHG Z . 13.13 -2.21 8.23
C27 LHG Z . 13.42 -2.71 6.82
C28 LHG Z . 13.25 -4.21 6.72
C29 LHG Z . 13.69 -4.72 5.37
C30 LHG Z . 13.97 -6.22 5.42
C31 LHG Z . 14.29 -6.75 4.02
C32 LHG Z . 14.59 -8.24 4.04
C33 LHG Z . 15.08 -8.72 2.69
C34 LHG Z . 13.96 -8.72 1.65
C35 LHG Z . 14.39 -9.43 0.38
C36 LHG Z . 13.20 -9.59 -0.58
C37 LHG Z . 13.61 -10.34 -1.84
MG CLA AA . -52.82 -8.10 8.70
CHA CLA AA . -56.10 -8.96 7.94
CHB CLA AA . -53.89 -6.97 11.76
CHC CLA AA . -49.56 -8.02 9.80
CHD CLA AA . -51.78 -9.90 5.82
NA CLA AA . -54.68 -7.98 9.65
C1A CLA AA . -55.93 -8.39 9.17
C2A CLA AA . -57.04 -8.12 10.17
C3A CLA AA . -56.34 -7.27 11.25
C4A CLA AA . -54.86 -7.42 10.90
CMA CLA AA . -56.78 -5.83 11.22
CAA CLA AA . -57.57 -9.43 10.74
CBA CLA AA . -59.06 -9.38 11.01
CGA CLA AA . -59.62 -10.76 10.95
O1A CLA AA . -59.92 -11.52 11.88
O2A CLA AA . -59.82 -11.20 9.67
NB CLA AA . -51.92 -7.64 10.45
C1B CLA AA . -52.52 -7.07 11.53
C2B CLA AA . -51.49 -6.51 12.45
C3B CLA AA . -50.26 -6.79 11.90
C4B CLA AA . -50.52 -7.52 10.63
CMB CLA AA . -51.82 -5.83 13.70
CAB CLA AA . -48.95 -6.51 12.40
CBB CLA AA . -47.96 -5.99 11.68
NC CLA AA . -51.01 -8.81 7.92
C1C CLA AA . -49.79 -8.62 8.52
C2C CLA AA . -48.73 -9.17 7.69
C3C CLA AA . -49.35 -9.76 6.59
C4C CLA AA . -50.78 -9.51 6.74
CMC CLA AA . -47.29 -9.15 7.99
CAC CLA AA . -48.69 -10.44 5.46
CBC CLA AA . -48.16 -9.46 4.44
ND CLA AA . -53.66 -9.16 7.20
C1D CLA AA . -53.13 -9.75 6.02
C2D CLA AA . -54.24 -10.15 5.13
C3D CLA AA . -55.41 -9.86 5.81
C4D CLA AA . -54.99 -9.27 7.10
CMD CLA AA . -54.09 -10.74 3.80
CAD CLA AA . -56.86 -9.88 5.79
OBD CLA AA . -57.61 -10.25 4.89
CBD CLA AA . -57.34 -9.34 7.16
CGD CLA AA . -58.27 -8.17 6.97
O1D CLA AA . -58.22 -7.31 6.09
O2D CLA AA . -59.26 -8.07 7.90
CED CLA AA . -59.85 -6.79 8.12
C1 CLA AA . -61.15 -11.61 9.32
C2 CLA AA . -61.15 -11.84 7.85
C3 CLA AA . -60.42 -12.76 7.20
C4 CLA AA . -60.51 -12.89 5.73
C5 CLA AA . -59.48 -13.70 7.87
C6 CLA AA . -58.04 -13.49 7.47
C7 CLA AA . -57.09 -14.07 8.51
C8 CLA AA . -55.62 -13.82 8.16
C9 CLA AA . -54.98 -15.11 7.69
C10 CLA AA . -54.88 -13.24 9.35
C11 CLA AA . -53.44 -12.90 9.03
C12 CLA AA . -52.99 -11.60 9.67
C13 CLA AA . -52.80 -11.72 11.18
C14 CLA AA . -53.88 -10.92 11.91
C15 CLA AA . -51.42 -11.24 11.61
C16 CLA AA . -51.06 -11.66 13.03
C17 CLA AA . -50.03 -10.73 13.63
C18 CLA AA . -49.69 -11.10 15.07
C19 CLA AA . -48.68 -12.23 15.13
C20 CLA AA . -49.14 -9.90 15.80
MG CLA BA . -45.89 -1.20 9.93
CHA CLA BA . -43.11 -0.49 8.01
CHB CLA BA . -47.79 -1.27 7.06
CHC CLA BA . -48.44 -2.74 11.66
CHD CLA BA . -43.74 -1.78 12.68
NA CLA BA . -45.50 -0.88 7.90
C1A CLA BA . -44.28 -0.58 7.30
C2A CLA BA . -44.43 -0.41 5.79
C3A CLA BA . -45.97 -0.32 5.62
C4A CLA BA . -46.48 -0.88 6.94
CMA CLA BA . -46.41 1.11 5.39
CAA CLA BA . -43.89 -1.61 5.05
CBA CLA BA . -43.57 -1.33 3.59
CGA CLA BA . -42.53 -0.25 3.47
O1A CLA BA . -42.65 0.96 3.63
O2A CLA BA . -41.30 -0.75 3.12
NB CLA BA . -47.75 -1.84 9.46
C1B CLA BA . -48.36 -1.77 8.24
C2B CLA BA . -49.74 -2.32 8.33
C3B CLA BA . -49.93 -2.72 9.62
C4B CLA BA . -48.66 -2.42 10.35
CMB CLA BA . -50.66 -2.39 7.18
CAB CLA BA . -51.05 -3.36 10.26
CBB CLA BA . -52.31 -2.92 10.20
NC CLA BA . -46.07 -2.06 11.83
C1C CLA BA . -47.21 -2.56 12.35
C2C CLA BA . -47.01 -2.97 13.73
C3C CLA BA . -45.65 -2.78 13.99
C4C CLA BA . -45.08 -2.17 12.80
CMC CLA BA . -48.02 -3.56 14.60
CAC CLA BA . -44.92 -3.01 15.24
CBC CLA BA . -44.88 -1.76 16.09
ND CLA BA . -43.91 -1.20 10.32
C1D CLA BA . -43.17 -1.34 11.52
C2D CLA BA . -41.76 -0.93 11.29
C3D CLA BA . -41.68 -0.61 9.95
C4D CLA BA . -43.04 -0.79 9.40
CMD CLA BA . -40.72 -0.95 12.31
CAD CLA BA . -40.83 -0.16 8.87
OBD CLA BA . -39.63 0.10 8.88
CBD CLA BA . -41.73 -0.05 7.60
CGD CLA BA . -41.73 1.35 7.06
O1D CLA BA . -42.67 2.14 7.03
O2D CLA BA . -40.54 1.76 6.55
CED CLA BA . -40.55 2.93 5.73
C1 CLA BA . -40.42 -1.05 4.21
C2 CLA BA . -39.24 -1.77 3.67
C3 CLA BA . -38.33 -2.38 4.45
C4 CLA BA . -37.19 -3.08 3.81
C5 CLA BA . -38.37 -2.40 5.94
C6 CLA BA . -37.05 -1.95 6.55
C7 CLA BA . -36.11 -3.11 6.86
C8 CLA BA . -34.69 -2.92 6.31
C9 CLA BA . -34.17 -4.21 5.73
C10 CLA BA . -33.78 -2.44 7.43
C11 CLA BA . -32.37 -2.16 6.95
C12 CLA BA . -31.58 -1.37 7.98
C13 CLA BA . -30.18 -1.92 8.15
C14 CLA BA . -29.46 -1.22 9.29
C15 CLA BA . -29.39 -1.80 6.84
C16 CLA BA . -27.91 -2.06 7.04
C17 CLA BA . -27.25 -2.58 5.78
C18 CLA BA . -27.50 -1.73 4.55
C19 CLA BA . -26.96 -0.34 4.72
C20 CLA BA . -26.85 -2.37 3.34
MG CLA CA . -44.36 7.46 11.08
CHA CLA CA . -44.21 9.27 8.13
CHB CLA CA . -42.91 4.81 9.43
CHC CLA CA . -43.66 5.96 14.10
CHD CLA CA . -45.17 10.44 12.80
NA CLA CA . -43.72 7.11 9.11
C1A CLA CA . -43.75 7.99 8.02
C2A CLA CA . -43.20 7.34 6.75
C3A CLA CA . -43.15 5.85 7.16
C4A CLA CA . -43.24 5.91 8.68
CMA CLA CA . -44.29 5.07 6.57
CAA CLA CA . -41.89 8.02 6.34
CBA CLA CA . -40.60 7.25 6.54
CGA CLA CA . -40.28 7.06 7.99
O1A CLA CA . -40.61 7.77 8.94
O2A CLA CA . -39.52 5.95 8.23
NB CLA CA . -43.49 5.72 11.64
C1B CLA CA . -42.98 4.78 10.83
C2B CLA CA . -42.49 3.63 11.62
C3B CLA CA . -42.69 3.92 12.93
C4B CLA CA . -43.34 5.27 12.97
CMB CLA CA . -41.86 2.46 10.99
CAB CLA CA . -42.37 3.19 14.13
CBB CLA CA . -42.52 1.87 14.28
NC CLA CA . -44.45 8.07 13.07
C1C CLA CA . -44.18 7.28 14.15
C2C CLA CA . -44.43 8.00 15.40
C3C CLA CA . -44.79 9.30 15.03
C4C CLA CA . -44.81 9.32 13.57
CMC CLA CA . -44.25 7.44 16.74
CAC CLA CA . -45.14 10.43 15.90
CBC CLA CA . -44.11 11.53 15.87
ND CLA CA . -44.62 9.42 10.65
C1D CLA CA . -45.09 10.50 11.43
C2D CLA CA . -45.41 11.64 10.54
C3D CLA CA . -45.08 11.22 9.26
C4D CLA CA . -44.59 9.84 9.39
CMD CLA CA . -45.93 12.91 11.02
CAD CLA CA . -45.00 11.58 7.86
OBD CLA CA . -45.27 12.64 7.31
CBD CLA CA . -44.47 10.33 7.09
CGD CLA CA . -45.48 9.88 6.07
O1D CLA CA . -45.79 8.72 5.79
O2D CLA CA . -46.12 10.89 5.43
CED CLA CA . -47.08 10.54 4.44
C1 CLA CA . -39.26 5.64 9.61
C2 CLA CA . -38.64 4.29 9.64
C3 CLA CA . -38.39 3.59 10.76
C4 CLA CA . -37.78 2.25 10.65
C5 CLA CA . -38.71 4.14 12.11
C6 CLA CA . -37.93 3.58 13.29
C7 CLA CA . -38.76 2.60 14.08
C8 CLA CA . -37.98 1.81 15.13
C9 CLA CA . -37.10 2.73 15.94
C10 CLA CA . -37.14 0.71 14.47
C11 CLA CA . -36.50 -0.21 15.48
C12 CLA CA . -35.77 -1.33 14.76
C13 CLA CA . -34.89 -2.18 15.66
C14 CLA CA . -33.79 -1.36 16.31
C15 CLA CA . -34.29 -3.32 14.86
C16 CLA CA . -34.68 -4.68 15.41
C17 CLA CA . -34.40 -5.78 14.41
C18 CLA CA . -34.37 -7.16 15.06
C19 CLA CA . -35.72 -7.53 15.63
C20 CLA CA . -33.94 -8.20 14.04
MG CLA DA . -33.11 13.81 8.76
CHA CLA DA . -36.51 13.12 8.52
CHB CLA DA . -33.78 17.09 8.00
CHC CLA DA . -30.04 14.75 10.00
CHD CLA DA . -32.71 10.64 10.35
NA CLA DA . -34.84 14.88 8.30
C1A CLA DA . -36.17 14.41 8.25
C2A CLA DA . -37.13 15.55 7.89
C3A CLA DA . -36.18 16.65 7.40
C4A CLA DA . -34.84 16.20 7.95
CMA CLA DA . -36.20 16.76 5.90
CAA CLA DA . -37.83 15.99 9.16
CBA CLA DA . -39.31 15.69 9.22
CGA CLA DA . -39.64 15.22 10.59
O1A CLA DA . -39.55 14.07 11.03
O2A CLA DA . -40.08 16.21 11.42
NB CLA DA . -32.14 15.57 9.03
C1B CLA DA . -32.51 16.76 8.48
C2B CLA DA . -31.36 17.70 8.43
C3B CLA DA . -30.29 17.05 8.99
C4B CLA DA . -30.78 15.69 9.37
CMB CLA DA . -31.46 19.06 7.90
CAB CLA DA . -28.93 17.47 9.23
CBB CLA DA . -28.53 18.73 9.40
NC CLA DA . -31.63 12.84 9.89
C1C CLA DA . -30.43 13.41 10.24
C2C CLA DA . -29.61 12.46 10.98
C3C CLA DA . -30.38 11.32 11.14
C4C CLA DA . -31.64 11.55 10.45
CMC CLA DA . -28.27 12.75 11.49
CAC CLA DA . -29.98 10.08 11.81
CBC CLA DA . -28.92 9.30 11.06
ND CLA DA . -34.23 12.18 9.19
C1D CLA DA . -33.92 10.93 9.80
C2D CLA DA . -35.10 10.05 9.68
C3D CLA DA . -36.11 10.82 9.15
C4D CLA DA . -35.53 12.16 8.93
CMD CLA DA . -35.14 8.64 10.09
CAD CLA DA . -37.48 10.87 8.69
OBD CLA DA . -38.26 9.94 8.51
CBD CLA DA . -37.82 12.36 8.42
CGD CLA DA . -38.50 12.51 7.09
O1D CLA DA . -39.14 13.48 6.67
O2D CLA DA . -38.37 11.43 6.28
CED CLA DA . -39.56 11.01 5.61
C1 CLA DA . -39.72 16.14 12.81
C2 CLA DA . -40.97 15.94 13.60
C3 CLA DA . -41.03 15.20 14.72
C4 CLA DA . -39.86 14.48 15.28
C5 CLA DA . -42.31 15.05 15.47
C6 CLA DA . -42.28 15.80 16.79
C7 CLA DA . -43.35 15.31 17.74
C8 CLA DA . -43.58 16.30 18.89
C9 CLA DA . -42.25 16.75 19.48
C10 CLA DA . -44.47 15.72 19.98
C11 CLA DA . -43.75 14.77 20.93
C12 CLA DA . -44.68 13.90 21.74
C13 CLA DA . -45.53 14.67 22.75
C14 CLA DA . -44.68 15.18 23.90
C15 CLA DA . -46.66 13.81 23.31
C16 CLA DA . -47.83 14.66 23.78
C17 CLA DA . -48.99 14.61 22.82
C18 CLA DA . -49.88 13.39 23.07
C19 CLA DA . -50.57 12.94 21.79
C20 CLA DA . -50.91 13.70 24.13
MG CLA EA . -41.92 20.01 12.75
CHA CLA EA . -41.05 19.40 9.44
CHB CLA EA . -45.21 19.53 11.91
CHC CLA EA . -42.71 19.80 16.08
CHD CLA EA . -38.49 19.80 13.59
NA CLA EA . -42.94 19.57 10.96
C1A CLA EA . -42.39 19.36 9.69
C2A CLA EA . -43.47 19.10 8.64
C3A CLA EA . -44.78 19.43 9.42
C4A CLA EA . -44.29 19.50 10.88
CMA CLA EA . -45.36 20.73 8.96
CAA CLA EA . -43.41 17.69 8.03
CBA CLA EA . -43.92 16.52 8.85
CGA CLA EA . -42.85 15.99 9.76
O1A CLA EA . -42.56 16.39 10.89
O2A CLA EA . -42.17 14.94 9.24
NB CLA EA . -43.63 19.73 13.78
C1B CLA EA . -44.88 19.60 13.28
C2B CLA EA . -45.88 19.54 14.40
C3B CLA EA . -45.16 19.62 15.57
C4B CLA EA . -43.73 19.74 15.20
CMB CLA EA . -47.32 19.39 14.23
CAB CLA EA . -45.60 19.59 16.94
CBB CLA EA . -46.58 18.81 17.42
NC CLA EA . -40.81 19.88 14.51
C1C CLA EA . -41.33 19.87 15.77
C2C CLA EA . -40.25 19.86 16.77
C3C CLA EA . -39.06 19.79 16.05
C4C CLA EA . -39.42 19.82 14.64
CMC CLA EA . -40.40 19.86 18.22
CAC CLA EA . -37.70 19.77 16.59
CBC CLA EA . -37.14 18.38 16.74
ND CLA EA . -40.16 19.71 11.81
C1D CLA EA . -38.82 19.74 12.26
C2D CLA EA . -37.90 19.70 11.10
C3D CLA EA . -38.70 19.60 9.99
C4D CLA EA . -40.10 19.58 10.49
CMD CLA EA . -36.44 19.74 11.19
CAD CLA EA . -38.76 19.50 8.54
OBD CLA EA . -37.84 19.54 7.72
CBD CLA EA . -40.25 19.34 8.15
CGD CLA EA . -40.69 20.41 7.20
O1D CLA EA . -41.56 20.34 6.33
O2D CLA EA . -40.01 21.59 7.36
CED CLA EA . -40.66 22.66 8.03
C1 CLA EA . -42.77 13.63 9.40
C2 CLA EA . -42.22 13.04 10.65
C3 CLA EA . -41.44 11.95 10.72
C4 CLA EA . -41.01 11.21 9.51
C5 CLA EA . -40.95 11.47 12.06
C6 CLA EA . -40.78 9.97 12.18
C7 CLA EA . -40.74 9.52 13.63
C8 CLA EA . -40.06 8.16 13.82
C9 CLA EA . -40.53 7.20 12.75
C10 CLA EA . -40.34 7.61 15.21
C11 CLA EA . -39.47 6.41 15.54
C12 CLA EA . -39.13 6.30 17.02
C13 CLA EA . -40.31 5.89 17.90
C14 CLA EA . -40.04 6.22 19.36
C15 CLA EA . -40.66 4.42 17.80
C16 CLA EA . -41.93 4.11 18.55
C17 CLA EA . -42.75 3.04 17.87
C18 CLA EA . -44.00 2.67 18.66
C19 CLA EA . -44.32 1.20 18.55
C20 CLA EA . -45.18 3.49 18.19
MG CLA FA . -51.76 17.24 11.83
CHA CLA FA . -52.56 20.27 10.31
CHB CLA FA . -48.46 17.83 11.06
CHC CLA FA . -50.80 14.91 14.18
CHD CLA FA . -55.02 17.21 13.24
NA CLA FA . -50.73 18.75 10.82
C1A CLA FA . -51.24 19.94 10.25
C2A CLA FA . -50.14 20.77 9.61
C3A CLA FA . -48.96 19.76 9.53
C4A CLA FA . -49.39 18.70 10.56
CMA CLA FA . -48.79 19.14 8.17
CAA CLA FA . -49.88 22.00 10.48
CBA CLA FA . -48.72 21.89 11.44
CGA CLA FA . -48.86 22.89 12.54
O1A CLA FA . -49.75 22.97 13.39
O2A CLA FA . -47.83 23.78 12.59
NB CLA FA . -49.99 16.52 12.48
C1B CLA FA . -48.76 16.83 12.01
C2B CLA FA . -47.72 15.96 12.62
C3B CLA FA . -48.37 15.14 13.49
C4B CLA FA . -49.82 15.48 13.43
CMB CLA FA . -46.30 16.08 12.30
CAB CLA FA . -47.84 14.12 14.38
CBB CLA FA . -46.66 14.18 14.99
NC CLA FA . -52.75 16.20 13.34
C1C CLA FA . -52.18 15.24 14.14
C2C CLA FA . -53.16 14.66 15.05
C3C CLA FA . -54.33 15.37 14.84
C4C CLA FA . -54.08 16.32 13.76
CMC CLA FA . -52.88 13.61 16.02
CAC CLA FA . -55.64 15.17 15.50
CBC CLA FA . -55.90 16.23 16.56
ND CLA FA . -53.45 18.36 11.75
C1D CLA FA . -54.75 18.18 12.30
C2D CLA FA . -55.67 19.18 11.71
C3D CLA FA . -54.88 19.99 10.92
C4D CLA FA . -53.50 19.46 11.02
CMD CLA FA . -57.10 19.28 11.98
CAD CLA FA . -54.84 21.14 10.02
OBD CLA FA . -55.76 21.81 9.58
CBD CLA FA . -53.35 21.40 9.68
CGD CLA FA . -53.15 21.49 8.20
O1D CLA FA . -52.38 20.84 7.48
O2D CLA FA . -53.96 22.41 7.60
CED CLA FA . -53.98 22.46 6.17
C1 CLA FA . -46.65 23.41 13.34
C2 CLA FA . -46.97 23.60 14.78
C3 CLA FA . -46.03 23.68 15.72
C4 CLA FA . -44.58 23.59 15.41
C5 CLA FA . -46.39 23.85 17.16
C6 CLA FA . -46.01 25.21 17.71
C7 CLA FA . -47.13 25.79 18.55
C8 CLA FA . -46.81 27.15 19.18
C9 CLA FA . -46.54 28.18 18.11
C10 CLA FA . -45.63 27.05 20.15
C11 CLA FA . -45.63 28.17 21.16
C12 CLA FA . -46.43 27.82 22.40
C13 CLA FA . -46.63 29.02 23.35
C14 CLA FA . -47.51 30.07 22.72
C15 CLA FA . -45.31 29.62 23.80
C16 CLA FA . -45.53 30.67 24.88
C17 CLA FA . -44.26 30.94 25.67
C18 CLA FA . -44.38 32.19 26.53
C19 CLA FA . -45.42 32.02 27.63
C20 CLA FA . -43.05 32.57 27.13
MG CLA GA . -30.29 22.43 2.18
CHA CLA GA . -30.07 24.24 -0.76
CHB CLA GA . -30.67 19.56 0.33
CHC CLA GA . -29.58 20.52 4.97
CHD CLA GA . -29.25 25.33 3.94
NA CLA GA . -30.37 22.00 0.14
C1A CLA GA . -30.25 22.89 -0.93
C2A CLA GA . -30.40 22.19 -2.29
C3A CLA GA . -30.88 20.77 -1.87
C4A CLA GA . -30.61 20.75 -0.37
CMA CLA GA . -32.34 20.56 -2.17
CAA CLA GA . -29.10 22.27 -3.10
CBA CLA GA . -28.06 21.18 -2.95
CGA CLA GA . -27.30 21.29 -1.67
O1A CLA GA . -27.65 20.90 -0.55
O2A CLA GA . -26.09 21.89 -1.81
NB CLA GA . -30.16 20.44 2.56
C1B CLA GA . -30.43 19.44 1.71
C2B CLA GA . -30.45 18.13 2.41
C3B CLA GA . -30.14 18.39 3.73
C4B CLA GA . -29.94 19.86 3.84
CMB CLA GA . -30.71 16.85 1.76
CAB CLA GA . -29.98 17.49 4.84
CBB CLA GA . -29.52 16.24 4.75
NC CLA GA . -29.59 22.86 4.11
C1C CLA GA . -29.40 21.93 5.10
C2C CLA GA . -28.95 22.60 6.32
C3C CLA GA . -28.81 23.95 6.02
C4C CLA GA . -29.23 24.10 4.64
CMC CLA GA . -28.66 21.92 7.58
CAC CLA GA . -28.39 25.03 6.91
CBC CLA GA . -27.00 25.52 6.60
ND CLA GA . -29.76 24.33 1.77
C1D CLA GA . -29.49 25.45 2.60
C2D CLA GA . -29.50 26.69 1.78
C3D CLA GA . -29.72 26.28 0.48
C4D CLA GA . -29.86 24.81 0.53
CMD CLA GA . -29.30 28.03 2.32
CAD CLA GA . -29.89 26.69 -0.90
OBD CLA GA . -29.88 27.81 -1.38
CBD CLA GA . -30.09 25.39 -1.74
CGD CLA GA . -31.38 25.43 -2.51
O1D CLA GA . -31.53 25.30 -3.73
O2D CLA GA . -32.48 25.64 -1.75
CED CLA GA . -33.43 26.60 -2.20
C1 CLA GA . -24.97 21.12 -2.31
C2 CLA GA . -24.36 20.38 -1.17
C3 CLA GA . -23.03 20.23 -1.00
C4 CLA GA . -22.02 20.81 -1.91
C5 CLA GA . -22.51 19.47 0.18
C6 CLA GA . -22.13 18.05 -0.21
C7 CLA GA . -20.62 17.83 -0.22
C8 CLA GA . -19.98 17.23 1.04
C9 CLA GA . -20.82 17.32 2.29
C10 CLA GA . -18.59 17.84 1.29
C11 CLA GA . -18.56 19.31 1.64
C12 CLA GA . -17.26 19.72 2.31
C13 CLA GA . -17.40 20.00 3.81
C14 CLA GA . -16.06 20.41 4.38
C15 CLA GA . -17.98 18.84 4.62
C16 CLA GA . -17.11 17.60 4.65
C17 CLA GA . -16.45 17.38 6.00
C18 CLA GA . -15.06 16.78 5.88
C19 CLA GA . -15.12 15.38 5.30
C20 CLA GA . -14.38 16.77 7.22
MG CLA HA . -25.57 -2.87 17.73
CHA CLA HA . -26.08 -3.17 21.15
CHB CLA HA . -22.36 -3.99 18.17
CHC CLA HA . -25.32 -3.48 14.35
CHD CLA HA . -29.09 -2.53 17.35
NA CLA HA . -24.42 -3.42 19.39
C1A CLA HA . -24.82 -3.48 20.73
C2A CLA HA . -23.67 -3.92 21.64
C3A CLA HA . -22.44 -3.84 20.68
C4A CLA HA . -23.10 -3.76 19.31
CMA CLA HA . -21.58 -2.64 20.96
CAA CLA HA . -23.91 -5.31 22.21
CBA CLA HA . -24.13 -6.42 21.19
CGA CLA HA . -25.58 -6.59 20.84
O1A CLA HA . -26.56 -6.02 21.33
O2A CLA HA . -25.79 -7.49 19.85
NB CLA HA . -24.14 -3.59 16.52
C1B CLA HA . -22.87 -3.94 16.88
C2B CLA HA . -22.07 -4.25 15.67
C3B CLA HA . -22.89 -4.11 14.58
C4B CLA HA . -24.22 -3.68 15.10
CMB CLA HA . -20.67 -4.67 15.73
CAB CLA HA . -22.66 -4.30 13.18
CBB CLA HA . -21.55 -3.93 12.53
NC CLA HA . -26.94 -2.91 16.15
C1C CLA HA . -26.60 -3.12 14.83
C2C CLA HA . -27.77 -2.99 13.98
C3C CLA HA . -28.86 -2.82 14.84
C4C CLA HA . -28.32 -2.76 16.19
CMC CLA HA . -27.77 -3.11 12.53
CAC CLA HA . -30.27 -2.64 14.48
CBC CLA HA . -30.64 -1.19 14.47
ND CLA HA . -27.22 -2.76 18.91
C1D CLA HA . -28.58 -2.53 18.62
C2D CLA HA . -29.31 -2.30 19.89
C3D CLA HA . -28.39 -2.52 20.90
C4D CLA HA . -27.12 -2.85 20.23
CMD CLA HA . -30.71 -1.93 19.97
CAD CLA HA . -28.14 -2.53 22.33
OBD CLA HA . -28.88 -2.21 23.25
CBD CLA HA . -26.69 -3.05 22.54
CGD CLA HA . -25.89 -2.14 23.42
O1D CLA HA . -25.81 -0.92 23.39
O2D CLA HA . -25.18 -2.80 24.38
CED CLA HA . -25.26 -2.31 25.73
C1 CLA HA . -25.84 -6.99 18.50
C2 CLA HA . -25.89 -8.17 17.61
C3 CLA HA . -26.01 -8.08 16.27
C4 CLA HA . -26.10 -6.78 15.58
C5 CLA HA . -26.05 -9.31 15.43
C6 CLA HA . -27.44 -9.88 15.27
C7 CLA HA . -27.53 -10.79 14.04
C8 CLA HA . -28.97 -11.10 13.65
C9 CLA HA . -29.72 -11.73 14.80
C10 CLA HA . -29.00 -12.03 12.44
C11 CLA HA . -30.21 -11.80 11.56
C12 CLA HA . -30.16 -12.62 10.29
C13 CLA HA . -31.47 -12.60 9.53
C14 CLA HA . -31.64 -13.86 8.69
C15 CLA HA . -31.64 -11.33 8.69
C16 CLA HA . -31.07 -11.39 7.29
C17 CLA HA . -31.17 -10.02 6.63
C18 CLA HA . -31.43 -10.06 5.13
C19 CLA HA . -30.41 -10.91 4.40
C20 CLA HA . -32.84 -10.53 4.81
MG CLA IA . -40.06 -3.74 25.01
CHA CLA IA . -38.06 -5.41 27.30
CHB CLA IA . -37.44 -1.61 24.36
CHC CLA IA . -41.67 -2.61 22.18
CHD CLA IA . -42.39 -6.41 25.21
NA CLA IA . -38.10 -3.53 25.75
C1A CLA IA . -37.46 -4.33 26.71
C2A CLA IA . -36.03 -3.83 26.99
C3A CLA IA . -36.03 -2.45 26.30
C4A CLA IA . -37.26 -2.52 25.38
CMA CLA IA . -36.14 -1.33 27.29
CAA CLA IA . -35.00 -4.85 26.51
CBA CLA IA . -34.35 -4.64 25.15
CGA CLA IA . -34.24 -5.94 24.42
O1A CLA IA . -34.98 -6.38 23.53
O2A CLA IA . -33.19 -6.72 24.82
NB CLA IA . -39.66 -2.35 23.61
C1B CLA IA . -38.53 -1.60 23.49
C2B CLA IA . -38.61 -0.72 22.28
C3B CLA IA . -39.80 -1.01 21.67
C4B CLA IA . -40.49 -2.03 22.49
CMB CLA IA . -37.54 0.17 21.89
CAB CLA IA . -40.36 -0.48 20.45
CBB CLA IA . -40.20 0.78 20.02
NC CLA IA . -41.75 -4.36 23.93
C1C CLA IA . -42.26 -3.71 22.85
C2C CLA IA . -43.50 -4.35 22.41
C3C CLA IA . -43.66 -5.48 23.21
C4C CLA IA . -42.57 -5.46 24.18
CMC CLA IA . -44.31 -3.91 21.28
CAC CLA IA . -44.75 -6.45 23.16
CBC CLA IA . -45.94 -6.01 24.00
ND CLA IA . -40.23 -5.52 25.95
C1D CLA IA . -41.30 -6.46 26.03
C2D CLA IA . -41.02 -7.43 27.12
C3D CLA IA . -39.80 -7.06 27.65
C4D CLA IA . -39.35 -5.88 26.88
CMD CLA IA . -41.89 -8.53 27.49
CAD CLA IA . -38.77 -7.36 28.62
OBD CLA IA . -38.73 -8.25 29.46
CBD CLA IA . -37.64 -6.31 28.44
CGD CLA IA . -37.48 -5.52 29.71
O1D CLA IA . -36.45 -5.22 30.29
O2D CLA IA . -38.67 -5.13 30.24
CED CLA IA . -38.80 -3.77 30.67
C1 CLA IA . -31.94 -6.64 24.10
C2 CLA IA . -32.18 -7.00 22.67
C3 CLA IA . -31.27 -6.75 21.71
C4 CLA IA . -29.99 -6.08 22.00
C5 CLA IA . -31.55 -7.12 20.28
C6 CLA IA . -31.44 -5.92 19.34
C7 CLA IA . -31.78 -6.29 17.90
C8 CLA IA . -30.68 -6.90 17.02
C9 CLA IA . -29.28 -6.88 17.61
C10 CLA IA . -30.65 -6.17 15.67
C11 CLA IA . -29.89 -6.92 14.59
C12 CLA IA . -30.10 -6.30 13.23
C13 CLA IA . -29.51 -7.14 12.10
C14 CLA IA . -28.03 -7.39 12.28
C15 CLA IA . -29.77 -6.49 10.75
C16 CLA IA . -30.72 -7.31 9.89
C17 CLA IA . -32.14 -7.25 10.42
C18 CLA IA . -33.15 -7.89 9.48
C19 CLA IA . -34.46 -8.17 10.19
C20 CLA IA . -33.40 -7.03 8.27
MG CLA JA . -34.83 2.51 24.18
CHA CLA JA . -36.03 5.69 23.50
CHB CLA JA . -34.75 1.87 20.81
CHC CLA JA . -32.94 -0.29 24.77
CHD CLA JA . -34.32 3.51 27.55
NA CLA JA . -35.33 3.61 22.47
C1A CLA JA . -35.81 4.92 22.39
C2A CLA JA . -36.07 5.34 20.95
C3A CLA JA . -35.86 4.03 20.16
C4A CLA JA . -35.26 3.08 21.20
CMA CLA JA . -37.15 3.50 19.60
CAA CLA JA . -35.11 6.43 20.51
CBA CLA JA . -35.44 6.95 19.12
CGA CLA JA . -35.87 8.38 19.19
O1A CLA JA . -35.16 9.39 19.15
O2A CLA JA . -37.22 8.53 19.33
NB CLA JA . -33.96 1.11 23.02
C1B CLA JA . -34.18 0.93 21.69
C2B CLA JA . -33.73 -0.43 21.28
C3B CLA JA . -33.23 -1.03 22.40
C4B CLA JA . -33.36 -0.06 23.51
CMB CLA JA . -33.84 -0.92 19.90
CAB CLA JA . -32.62 -2.31 22.61
CBB CLA JA . -33.08 -3.48 22.18
NC CLA JA . -33.85 1.75 25.86
C1C CLA JA . -33.16 0.56 25.90
C2C CLA JA . -32.65 0.30 27.23
C3C CLA JA . -33.00 1.40 28.01
C4C CLA JA . -33.76 2.29 27.14
CMC CLA JA . -31.87 -0.89 27.63
CAC CLA JA . -32.72 1.59 29.44
CBC CLA JA . -33.78 0.95 30.30
ND CLA JA . -35.13 4.15 25.33
C1D CLA JA . -34.95 4.40 26.70
C2D CLA JA . -35.57 5.70 27.05
C3D CLA JA . -36.03 6.22 25.85
C4D CLA JA . -35.69 5.24 24.81
CMD CLA JA . -35.63 6.26 28.40
CAD CLA JA . -36.73 7.31 25.21
OBD CLA JA . -37.32 8.26 25.71
CBD CLA JA . -36.64 7.06 23.67
CGD CLA JA . -37.99 7.11 23.02
O1D CLA JA . -38.29 7.66 21.94
O2D CLA JA . -38.97 6.49 23.71
CED CLA JA . -39.79 5.56 23.00
C1 CLA JA . -37.84 9.57 18.55
C2 CLA JA . -39.26 9.63 18.98
C3 CLA JA . -40.20 10.34 18.35
C4 CLA JA . -39.93 11.16 17.15
C5 CLA JA . -41.59 10.34 18.88
C6 CLA JA . -41.94 11.57 19.69
C7 CLA JA . -41.02 11.84 20.87
C8 CLA JA . -41.22 10.86 22.03
C9 CLA JA . -42.11 11.42 23.12
C10 CLA JA . -39.88 10.40 22.61
C11 CLA JA . -39.01 11.52 23.14
C12 CLA JA . -38.03 10.99 24.16
C13 CLA JA . -36.62 11.56 24.04
C14 CLA JA . -35.94 10.99 22.81
C15 CLA JA . -35.86 11.28 25.33
C16 CLA JA . -34.37 11.51 25.33
C17 CLA JA . -33.64 10.47 26.16
C18 CLA JA . -33.81 10.67 27.66
C19 CLA JA . -32.46 10.69 28.34
C20 CLA JA . -34.66 9.58 28.25
MG CLA KA . -21.27 10.70 20.46
CHA CLA KA . -18.56 11.52 22.46
CHB CLA KA . -23.30 12.44 22.61
CHC CLA KA . -23.74 10.80 18.08
CHD CLA KA . -18.95 9.77 17.93
NA CLA KA . -20.96 11.75 22.24
C1A CLA KA . -19.75 11.98 22.91
C2A CLA KA . -19.97 12.81 24.16
C3A CLA KA . -21.51 12.84 24.32
C4A CLA KA . -21.98 12.33 22.97
CMA CLA KA . -21.97 11.96 25.44
CAA CLA KA . -19.38 14.20 23.94
CBA CLA KA . -19.95 14.96 22.75
CGA CLA KA . -18.91 15.88 22.17
O1A CLA KA . -17.96 15.57 21.45
O2A CLA KA . -19.08 17.19 22.48
NB CLA KA . -23.12 11.51 20.34
C1B CLA KA . -23.83 12.00 21.40
C2B CLA KA . -25.28 12.03 21.09
C3B CLA KA . -25.43 11.56 19.81
C4B CLA KA . -24.05 11.23 19.31
CMB CLA KA . -26.29 12.53 22.03
CAB CLA KA . -26.60 11.43 19.00
CBB CLA KA . -27.82 11.14 19.44
NC CLA KA . -21.34 10.29 18.41
C1C CLA KA . -22.46 10.35 17.65
C2C CLA KA . -22.18 9.97 16.27
C3C CLA KA . -20.80 9.75 16.21
C4C CLA KA . -20.29 9.93 17.56
CMC CLA KA . -23.18 9.94 15.21
CAC CLA KA . -20.00 9.34 15.05
CBC CLA KA . -19.02 10.40 14.60
ND CLA KA . -19.26 10.53 20.23
C1D CLA KA . -18.45 10.05 19.18
C2D CLA KA . -17.05 9.92 19.66
C3D CLA KA . -17.04 10.43 20.94
C4D CLA KA . -18.44 10.86 21.21
CMD CLA KA . -15.95 9.35 18.87
CAD CLA KA . -16.25 10.73 22.12
OBD CLA KA . -15.09 10.44 22.37
CBD CLA KA . -17.18 11.54 23.08
CGD CLA KA . -17.20 10.95 24.46
O1D CLA KA . -18.16 10.51 25.08
O2D CLA KA . -15.97 10.91 25.06
CED CLA KA . -15.85 10.07 26.21
C1 CLA KA . -18.17 18.14 21.90
C2 CLA KA . -18.51 18.29 20.45
C3 CLA KA . -17.81 19.09 19.63
C4 CLA KA . -16.65 19.87 20.11
C5 CLA KA . -18.19 19.23 18.19
C6 CLA KA . -17.14 18.68 17.23
C7 CLA KA . -17.37 19.16 15.81
C8 CLA KA . -18.21 18.23 14.94
C9 CLA KA . -17.44 16.97 14.61
C10 CLA KA . -18.64 18.92 13.64
C11 CLA KA . -19.77 19.91 13.83
C12 CLA KA . -21.02 19.48 13.09
C13 CLA KA . -22.24 20.42 13.23
C14 CLA KA . -21.99 21.63 14.10
C15 CLA KA . -23.48 19.69 13.75
C16 CLA KA . -24.44 19.21 12.67
C17 CLA KA . -24.39 17.70 12.42
C18 CLA KA . -25.70 17.03 12.81
C19 CLA KA . -26.79 17.30 11.79
C20 CLA KA . -25.50 15.53 12.95
MG CLA LA . -28.33 13.74 24.17
CHA CLA LA . -30.84 12.00 22.50
CHB CLA LA . -28.43 16.14 21.74
CHC CLA LA . -25.54 15.18 25.52
CHD CLA LA . -27.89 10.93 26.28
NA CLA LA . -29.45 14.01 22.42
C1A CLA LA . -30.47 13.19 21.92
C2A CLA LA . -31.07 13.76 20.64
C3A CLA LA . -30.21 15.02 20.37
C4A CLA LA . -29.30 15.09 21.59
CMA CLA LA . -29.42 14.87 19.11
CAA CLA LA . -32.52 14.15 20.89
CBA CLA LA . -32.69 15.39 21.77
CGA CLA LA . -33.93 15.31 22.57
O1A CLA LA . -34.08 14.89 23.72
O2A CLA LA . -35.04 15.76 21.91
NB CLA LA . -27.19 15.33 23.69
C1B CLA LA . -27.50 16.28 22.78
C2B CLA LA . -26.68 17.50 23.00
C3B CLA LA . -25.86 17.23 24.08
C4B CLA LA . -26.16 15.84 24.50
CMB CLA LA . -26.75 18.70 22.17
CAB CLA LA . -24.84 18.03 24.71
CBB CLA LA . -24.81 19.36 24.74
NC CLA LA . -26.96 13.15 25.63
C1C CLA LA . -25.90 13.90 26.04
C2C CLA LA . -25.18 13.21 27.11
C3C CLA LA . -25.82 12.00 27.30
C4C CLA LA . -26.95 11.98 26.38
CMC CLA LA . -23.99 13.69 27.81
CAC CLA LA . -25.48 10.95 28.27
CBC CLA LA . -24.45 10.00 27.73
ND CLA LA . -29.11 11.88 24.38
C1D CLA LA . -28.91 10.87 25.36
C2D CLA LA . -29.91 9.81 25.17
C3D CLA LA . -30.66 10.18 24.08
C4D CLA LA . -30.12 11.48 23.62
CMD CLA LA . -30.05 8.61 26.00
CAD CLA LA . -31.77 9.83 23.20
OBD CLA LA . -32.49 8.84 23.23
CBD CLA LA . -31.91 10.98 22.16
CGD CLA LA . -31.76 10.46 20.76
O1D CLA LA . -32.55 10.55 19.83
O2D CLA LA . -30.57 9.82 20.54
CED CLA LA . -30.46 9.04 19.35
C1 CLA LA . -35.93 14.70 21.54
C2 CLA LA . -37.01 15.27 20.71
C3 CLA LA . -37.63 14.62 19.69
C4 CLA LA . -38.70 15.28 18.92
C5 CLA LA . -37.28 13.24 19.25
C6 CLA LA . -36.57 13.24 17.91
C7 CLA LA . -35.19 13.90 18.00
C8 CLA LA . -34.67 14.74 16.83
C9 CLA LA . -33.98 15.97 17.38
C10 CLA LA . -35.75 15.18 15.83
C11 CLA LA . -35.21 16.07 14.74
C12 CLA LA . -35.89 15.81 13.42
C13 CLA LA . -35.49 14.45 12.85
C14 CLA LA . -34.64 14.67 11.62
C15 CLA LA . -36.71 13.58 12.55
C16 CLA LA . -36.35 12.11 12.51
C17 CLA LA . -36.37 11.48 13.88
C18 CLA LA . -36.09 9.98 13.80
C19 CLA LA . -34.61 9.69 13.64
C20 CLA LA . -36.60 9.28 15.04
MG CLA MA . -28.48 17.54 15.60
CHA CLA MA . -25.72 18.62 17.37
CHB CLA MA . -27.77 14.32 16.49
CHC CLA MA . -30.98 16.45 13.53
CHD CLA MA . -28.85 20.81 14.28
NA CLA MA . -26.96 16.64 16.71
C1A CLA MA . -25.93 17.27 17.41
C2A CLA MA . -25.05 16.25 18.14
C3A CLA MA . -25.67 14.90 17.74
C4A CLA MA . -26.90 15.29 16.92
CMA CLA MA . -24.71 14.06 16.95
CAA CLA MA . -25.16 16.50 19.63
CBA CLA MA . -24.48 15.47 20.50
CGA CLA MA . -23.08 15.88 20.79
O1A CLA MA . -22.68 16.83 21.47
O2A CLA MA . -22.16 15.07 20.21
NB CLA MA . -29.20 15.73 15.08
C1B CLA MA . -28.91 14.55 15.70
C2B CLA MA . -29.97 13.54 15.42
C3B CLA MA . -30.87 14.14 14.58
C4B CLA MA . -30.38 15.53 14.34
CMB CLA MA . -29.95 12.17 15.92
CAB CLA MA . -32.05 13.64 13.95
CBB CLA MA . -32.31 12.36 13.68
NC CLA MA . -29.66 18.46 14.14
C1C CLA MA . -30.63 17.82 13.42
C2C CLA MA . -31.30 18.77 12.54
C3C CLA MA . -30.70 20.01 12.74
C4C CLA MA . -29.69 19.81 13.77
CMC CLA MA . -32.39 18.43 11.62
CAC CLA MA . -31.03 21.29 12.12
CBC CLA MA . -30.13 21.61 10.95
ND CLA MA . -27.49 19.30 15.65
C1D CLA MA . -27.83 20.60 15.17
C2D CLA MA . -26.91 21.59 15.76
C3D CLA MA . -26.08 20.89 16.60
C4D CLA MA . -26.49 19.47 16.50
CMD CLA MA . -26.93 23.02 15.46
CAD CLA MA . -24.94 20.95 17.48
OBD CLA MA . -24.21 21.90 17.71
CBD CLA MA . -24.75 19.53 18.10
CGD CLA MA . -23.32 19.07 18.03
O1D CLA MA . -22.45 19.22 18.90
O2D CLA MA . -22.98 18.42 16.90
CED CLA MA . -21.58 18.39 16.62
C1 CLA MA . -21.19 15.74 19.39
C2 CLA MA . -21.25 15.13 18.04
C3 CLA MA . -20.49 14.10 17.64
C4 CLA MA . -19.52 13.44 18.54
C5 CLA MA . -20.57 13.51 16.27
C6 CLA MA . -21.21 14.41 15.23
C7 CLA MA . -21.06 13.82 13.84
C8 CLA MA . -21.98 14.51 12.84
C9 CLA MA . -22.72 13.47 12.03
C10 CLA MA . -21.20 15.49 11.95
C11 CLA MA . -20.54 14.83 10.76
C12 CLA MA . -19.59 15.78 10.04
C13 CLA MA . -20.25 17.06 9.53
C14 CLA MA . -21.56 16.79 8.81
C15 CLA MA . -19.29 17.83 8.61
C16 CLA MA . -18.58 18.99 9.29
C17 CLA MA . -17.33 18.59 10.03
C18 CLA MA . -16.19 19.59 9.81
C19 CLA MA . -14.90 19.08 10.42
C20 CLA MA . -16.56 20.94 10.39
MG CLA NA . -21.19 22.70 23.58
CHA CLA NA . -19.75 23.87 26.51
CHB CLA NA . -24.25 22.74 25.16
CHC CLA NA . -22.76 22.50 20.53
CHD CLA NA . -18.13 23.34 21.92
NA CLA NA . -21.85 23.17 25.51
C1A CLA NA . -21.08 23.64 26.59
C2A CLA NA . -21.93 23.86 27.84
C3A CLA NA . -23.24 23.14 27.46
C4A CLA NA . -23.14 23.03 25.93
CMA CLA NA . -23.34 21.79 28.11
CAA CLA NA . -22.10 25.33 28.16
CBA CLA NA . -21.98 26.27 26.98
CGA CLA NA . -22.36 27.66 27.36
O1A CLA NA . -22.49 28.66 26.63
O2A CLA NA . -22.55 27.81 28.71
NB CLA NA . -23.11 22.58 22.98
C1B CLA NA . -24.23 22.60 23.76
C2B CLA NA . -25.46 22.46 22.93
C3B CLA NA . -25.03 22.39 21.62
C4B CLA NA . -23.55 22.48 21.63
CMB CLA NA . -26.82 22.47 23.47
CAB CLA NA . -25.81 22.30 20.41
CBB CLA NA . -26.97 21.66 20.27
NC CLA NA . -20.54 22.83 21.60
C1C CLA NA . -21.35 22.66 20.51
C2C CLA NA . -20.57 22.75 19.28
C3C CLA NA . -19.26 23.05 19.67
C4C CLA NA . -19.25 23.08 21.12
CMC CLA NA . -21.09 22.61 17.92
CAC CLA NA . -18.10 23.24 18.78
CBC CLA NA . -17.88 24.70 18.42
ND CLA NA . -19.36 23.41 24.03
C1D CLA NA . -18.15 23.51 23.28
C2D CLA NA . -17.04 23.82 24.19
C3D CLA NA . -17.60 24.01 25.44
C4D CLA NA . -19.03 23.74 25.28
CMD CLA NA . -15.64 23.96 23.79
CAD CLA NA . -17.36 24.31 26.84
OBD CLA NA . -16.30 24.57 27.41
CBD CLA NA . -18.74 24.26 27.57
CGD CLA NA . -18.75 23.31 28.73
O1D CLA NA . -19.34 22.24 28.81
O2D CLA NA . -18.01 23.72 29.80
CED CLA NA . -18.70 24.31 30.89
MG CLA OA . -40.00 12.87 29.80
CHA CLA OA . -37.90 14.38 27.51
CHB CLA OA . -42.71 14.20 28.14
CHC CLA OA . -42.05 12.07 32.45
CHD CLA OA . -37.18 12.26 31.86
NA CLA OA . -40.24 14.06 28.09
C1A CLA OA . -39.23 14.57 27.27
C2A CLA OA . -39.81 15.37 26.10
C3A CLA OA . -41.35 15.25 26.30
C4A CLA OA . -41.46 14.44 27.60
CMA CLA OA . -41.99 16.61 26.41
CAA CLA OA . -39.42 14.69 24.79
CBA CLA OA . -38.61 15.50 23.80
CGA CLA OA . -39.05 16.93 23.72
O1A CLA OA . -38.78 17.86 24.48
O2A CLA OA . -39.87 17.17 22.65
NB CLA OA . -41.98 13.09 30.21
C1B CLA OA . -42.94 13.53 29.35
C2B CLA OA . -44.30 13.26 29.89
C3B CLA OA . -44.11 12.65 31.11
C4B CLA OA . -42.64 12.55 31.32
CMB CLA OA . -45.54 13.65 29.24
CAB CLA OA . -45.08 12.22 32.09
CBB CLA OA . -46.23 12.83 32.34
NC CLA OA . -39.67 12.25 31.78
C1C CLA OA . -40.66 11.95 32.67
C2C CLA OA . -40.08 11.48 33.93
C3C CLA OA . -38.70 11.60 33.79
C4C CLA OA . -38.45 12.06 32.43
CMC CLA OA . -40.85 11.06 35.10
CAC CLA OA . -37.67 11.27 34.79
CBC CLA OA . -37.38 12.43 35.71
ND CLA OA . -38.01 13.20 29.76
C1D CLA OA . -36.96 12.79 30.62
C2D CLA OA . -35.66 13.06 29.95
C3D CLA OA . -35.97 13.67 28.76
C4D CLA OA . -37.44 13.75 28.70
CMD CLA OA . -34.36 12.74 30.53
CAD CLA OA . -35.45 14.27 27.55
OBD CLA OA . -34.29 14.40 27.18
CBD CLA OA . -36.68 14.78 26.73
CGD CLA OA . -36.62 16.27 26.55
O1D CLA OA . -37.14 17.13 27.27
O2D CLA OA . -35.91 16.69 25.47
CED CLA OA . -35.75 18.10 25.29
C1 CLA OA . -41.19 17.68 22.94
C2 CLA OA . -41.31 18.97 22.22
C3 CLA OA . -42.45 19.68 22.16
C4 CLA OA . -42.49 20.96 21.41
C5 CLA OA . -43.74 19.26 22.79
C6 CLA OA . -43.84 19.72 24.24
C7 CLA OA . -45.04 19.12 24.92
C8 CLA OA . -45.03 19.37 26.43
C9 CLA OA . -45.61 18.17 27.15
C10 CLA OA . -45.81 20.64 26.82
C11 CLA OA . -44.92 21.81 27.17
C12 CLA OA . -44.04 21.66 28.40
C13 CLA OA . -44.78 21.27 29.67
C14 CLA OA . -45.85 22.29 30.03
C15 CLA OA . -43.82 21.09 30.85
C16 CLA OA . -43.17 19.72 30.85
C17 CLA OA . -44.11 18.62 31.30
C18 CLA OA . -43.36 17.36 31.71
C19 CLA OA . -44.32 16.30 32.20
C20 CLA OA . -42.54 16.82 30.56
MG CLA PA . -39.78 21.51 32.24
CHA CLA PA . -41.02 23.55 34.76
CHB CLA PA . -40.84 23.84 29.94
CHC CLA PA . -39.39 19.20 29.72
CHD CLA PA . -39.48 18.90 34.63
NA CLA PA . -40.69 23.39 32.36
C1A CLA PA . -41.14 24.08 33.51
C2A CLA PA . -41.74 25.43 33.16
C3A CLA PA . -41.43 25.57 31.65
C4A CLA PA . -40.96 24.17 31.27
CMA CLA PA . -42.67 25.96 30.88
CAA CLA PA . -41.08 26.58 33.93
CBA CLA PA . -42.07 27.30 34.83
CGA CLA PA . -41.91 28.78 34.66
O1A CLA PA . -41.99 29.45 33.64
O2A CLA PA . -41.63 29.41 35.84
NB CLA PA . -40.06 21.52 30.24
C1B CLA PA . -40.42 22.59 29.48
C2B CLA PA . -40.36 22.24 28.03
C3B CLA PA . -39.94 20.93 27.96
C4B CLA PA . -39.75 20.45 29.36
CMB CLA PA . -40.70 23.17 26.95
CAB CLA PA . -39.75 20.11 26.80
CBB CLA PA . -40.47 20.22 25.68
NC CLA PA . -39.41 19.46 32.19
C1C CLA PA . -39.22 18.73 31.05
C2C CLA PA . -38.92 17.34 31.39
C3C CLA PA . -39.03 17.23 32.76
C4C CLA PA . -39.33 18.57 33.27
CMC CLA PA . -38.64 16.28 30.42
CAC CLA PA . -38.81 16.03 33.58
CBC CLA PA . -40.05 15.19 33.68
ND CLA PA . -40.04 21.26 34.23
C1D CLA PA . -39.83 20.14 35.09
C2D CLA PA . -40.05 20.58 36.49
C3D CLA PA . -40.49 21.88 36.43
C4D CLA PA . -40.51 22.23 35.00
CMD CLA PA . -39.86 19.73 37.67
CAD CLA PA . -40.90 23.06 37.17
OBD CLA PA . -40.92 23.25 38.38
CBD CLA PA . -41.38 24.11 36.12
CGD CLA PA . -42.85 24.37 36.23
O1D CLA PA . -43.77 23.81 35.62
O2D CLA PA . -43.18 25.36 37.11
CED CLA PA . -43.79 24.97 38.35
C1 CLA PA . -42.77 29.84 36.62
C2 CLA PA . -42.35 29.89 38.03
C3 CLA PA . -43.12 30.31 39.06
C4 CLA PA . -42.58 30.31 40.44
C5 CLA PA . -44.52 30.79 38.91
C6 CLA PA . -45.55 29.84 39.50
C7 CLA PA . -45.90 28.69 38.58
C8 CLA PA . -46.75 29.03 37.35
C9 CLA PA . -48.02 29.77 37.74
C10 CLA PA . -47.09 27.76 36.58
C11 CLA PA . -46.35 27.67 35.27
C12 CLA PA . -46.97 28.55 34.21
C13 CLA PA . -46.23 28.42 32.88
C14 CLA PA . -46.24 29.73 32.12
C15 CLA PA . -46.81 27.27 32.04
C16 CLA PA . -46.29 27.28 30.61
C17 CLA PA . -46.55 25.97 29.89
C18 CLA PA . -47.68 26.11 28.87
C19 CLA PA . -49.01 26.34 29.55
C20 CLA PA . -47.76 24.87 28.00
C1 BCR QA . -23.58 27.99 3.53
C2 BCR QA . -23.92 27.56 2.09
C3 BCR QA . -24.22 28.71 1.14
C4 BCR QA . -25.30 29.60 1.74
C5 BCR QA . -24.78 30.05 3.07
C6 BCR QA . -24.46 29.13 3.99
C7 BCR QA . -24.89 29.23 5.42
C8 BCR QA . -25.79 30.14 5.84
C9 BCR QA . -26.27 30.29 7.22
C10 BCR QA . -25.91 29.47 8.25
C11 BCR QA . -26.36 29.63 9.64
C33 BCR QA . -24.53 31.52 3.28
C31 BCR QA . -22.13 28.45 3.61
C32 BCR QA . -23.75 26.75 4.40
C34 BCR QA . -27.22 31.45 7.39
C12 BCR QA . -25.91 28.81 10.59
C13 BCR QA . -26.30 28.97 12.02
C14 BCR QA . -25.71 28.16 12.93
C15 BCR QA . -25.96 28.22 14.37
C16 BCR QA . -25.31 27.45 15.23
C17 BCR QA . -25.64 27.63 16.65
C18 BCR QA . -25.06 26.96 17.67
C19 BCR QA . -25.54 27.32 19.02
C20 BCR QA . -25.09 26.82 20.16
C21 BCR QA . -25.70 27.32 21.41
C22 BCR QA . -25.38 26.85 22.63
C23 BCR QA . -26.14 27.42 23.77
C24 BCR QA . -26.07 26.96 25.03
C25 BCR QA . -26.90 27.53 26.11
C26 BCR QA . -27.65 28.62 25.97
C27 BCR QA . -29.14 28.53 26.22
C28 BCR QA . -29.38 27.52 27.33
C29 BCR QA . -28.15 27.39 28.24
C30 BCR QA . -26.96 26.84 27.45
C35 BCR QA . -27.33 30.03 12.37
C36 BCR QA . -23.99 25.93 17.40
C37 BCR QA . -24.33 25.78 22.75
C38 BCR QA . -27.04 29.95 25.66
C39 BCR QA . -27.15 25.35 27.23
C40 BCR QA . -25.66 27.09 28.22
C1 BCR RA . -23.14 20.60 8.00
C2 BCR RA . -22.70 20.45 6.55
C3 BCR RA . -23.80 20.90 5.60
C4 BCR RA . -24.10 22.39 5.76
C5 BCR RA . -23.80 22.80 7.17
C6 BCR RA . -23.91 21.90 8.16
C7 BCR RA . -24.71 22.12 9.37
C8 BCR RA . -25.54 23.16 9.53
C9 BCR RA . -26.36 23.34 10.75
C10 BCR RA . -27.15 24.45 10.79
C11 BCR RA . -28.03 24.79 11.92
C33 BCR RA . -23.32 24.19 7.46
C31 BCR RA . -21.94 20.63 8.93
C32 BCR RA . -24.09 19.44 8.36
C34 BCR RA . -26.29 22.29 11.84
C12 BCR RA . -28.77 25.91 11.87
C13 BCR RA . -29.67 26.30 12.98
C14 BCR RA . -30.35 27.46 12.85
C15 BCR RA . -31.27 28.00 13.85
C16 BCR RA . -31.89 29.16 13.64
C17 BCR RA . -32.79 29.66 14.69
C18 BCR RA . -33.47 30.81 14.60
C19 BCR RA . -34.32 31.18 15.76
C20 BCR RA . -35.06 32.28 15.84
C21 BCR RA . -35.87 32.52 17.04
C22 BCR RA . -36.66 33.60 17.20
C23 BCR RA . -37.43 33.70 18.47
C24 BCR RA . -38.27 34.70 18.76
C25 BCR RA . -39.07 34.76 20.02
C26 BCR RA . -38.86 33.92 21.04
C27 BCR RA . -40.02 33.12 21.55
C28 BCR RA . -41.06 34.12 22.02
C29 BCR RA . -41.40 35.09 20.89
C30 BCR RA . -40.21 35.76 20.20
C35 BCR RA . -29.77 25.40 14.19
C36 BCR RA . -33.31 31.66 13.36
C37 BCR RA . -36.71 34.64 16.10
C38 BCR RA . -37.53 33.85 21.75
C39 BCR RA . -39.70 36.92 21.04
C40 BCR RA . -40.72 36.28 18.87
C1 BCR SA . -51.06 21.80 18.67
C2 BCR SA . -52.56 22.04 18.51
C3 BCR SA . -52.97 23.42 19.00
C4 BCR SA . -52.69 23.58 20.49
C5 BCR SA . -51.61 22.60 20.91
C6 BCR SA . -50.65 22.28 20.04
C7 BCR SA . -49.19 22.41 20.35
C8 BCR SA . -48.72 22.90 21.51
C9 BCR SA . -47.27 23.06 21.76
C10 BCR SA . -46.92 23.72 22.90
C11 BCR SA . -45.53 24.03 23.29
C33 BCR SA . -51.68 21.96 22.26
C31 BCR SA . -50.30 22.57 17.61
C32 BCR SA . -50.74 20.32 18.56
C34 BCR SA . -46.28 22.52 20.78
C12 BCR SA . -45.32 24.77 24.38
C13 BCR SA . -43.96 25.18 24.82
C14 BCR SA . -43.89 26.04 25.86
C15 BCR SA . -42.65 26.59 26.41
C16 BCR SA . -42.73 27.49 27.39
C17 BCR SA . -41.51 28.07 27.96
C18 BCR SA . -41.53 28.96 28.97
C19 BCR SA . -40.22 29.47 29.47
C20 BCR SA . -40.09 30.28 30.53
C21 BCR SA . -38.76 30.70 30.97
C22 BCR SA . -38.58 31.51 32.05
C23 BCR SA . -37.17 31.85 32.40
C24 BCR SA . -36.83 32.57 33.49
C25 BCR SA . -35.43 32.88 33.89
C26 BCR SA . -34.37 32.63 33.12
C27 BCR SA . -33.14 32.03 33.73
C28 BCR SA . -32.72 32.94 34.86
C29 BCR SA . -33.85 33.06 35.87
C30 BCR SA . -35.17 33.51 35.27
C35 BCR SA . -42.75 24.65 24.09
C36 BCR SA . -42.87 29.38 29.54
C37 BCR SA . -39.78 32.00 32.82
C38 BCR SA . -34.32 33.05 31.69
C39 BCR SA . -35.19 35.02 35.12
C40 BCR SA . -36.23 33.08 36.29
C1 LMG TA . -27.04 28.20 -4.75
O1 LMG TA . -26.25 27.23 -4.08
C2 LMG TA . -26.85 27.99 -6.26
O2 LMG TA . -25.52 28.34 -6.63
C3 LMG TA . -27.83 28.82 -7.07
O3 LMG TA . -27.77 28.47 -8.44
C4 LMG TA . -29.23 28.60 -6.53
O4 LMG TA . -29.62 27.22 -6.66
C5 LMG TA . -29.27 28.95 -5.05
O5 LMG TA . -31.25 27.57 -4.85
C6 LMG TA . -30.69 28.85 -4.51
O6 LMG TA . -28.40 28.04 -4.37
C7 LMG TA . -26.48 27.19 -2.67
C8 LMG TA . -25.47 26.24 -2.04
C9 LMG TA . -24.07 26.72 -2.36
O7 LMG TA . -25.63 26.21 -0.62
C10 LMG TA . -26.13 24.94 -0.13
O9 LMG TA . -26.96 24.32 -0.78
C11 LMG TA . -25.64 24.40 1.18
C12 LMG TA . -26.14 22.97 1.37
C13 LMG TA . -25.51 22.30 2.58
C14 LMG TA . -26.46 21.29 3.19
C15 LMG TA . -26.62 20.04 2.32
C16 LMG TA . -25.92 18.83 2.90
C17 LMG TA . -26.56 17.55 2.37
C18 LMG TA . -25.60 16.37 2.40
C19 LMG TA . -25.20 15.96 3.82
C20 LMG TA . -24.04 14.98 3.77
C21 LMG TA . -23.52 14.64 5.16
C22 LMG TA . -22.06 14.22 5.08
C23 LMG TA . -21.58 13.63 6.39
C24 LMG TA . -20.13 14.02 6.68
C25 LMG TA . -19.19 13.46 5.61
O8 LMG TA . -23.15 25.99 -1.56
C28 LMG TA . -21.72 26.19 -1.68
O10 LMG TA . -21.26 26.65 -2.71
C29 LMG TA . -20.83 25.82 -0.52
C30 LMG TA . -21.14 24.40 -0.05
C31 LMG TA . -20.57 24.17 1.33
C32 LMG TA . -20.99 22.81 1.87
C33 LMG TA . -20.50 22.63 3.31
C34 LMG TA . -20.91 21.25 3.84
O1 LHG UA . -7.16 12.01 23.29
C1 LHG UA . -6.84 10.81 22.58
C2 LHG UA . -6.70 9.66 23.56
O2 LHG UA . -6.21 8.50 22.86
C3 LHG UA . -8.05 9.34 24.19
O3 LHG UA . -8.92 8.79 23.20
P LHG UA . -10.50 8.61 23.49
O4 LHG UA . -10.70 7.34 24.27
O5 LHG UA . -11.05 9.92 24.01
O6 LHG UA . -11.05 8.38 22.00
C4 LHG UA . -11.99 9.27 21.40
C5 LHG UA . -11.88 9.12 19.89
C6 LHG UA . -12.34 7.74 19.46
O7 LHG UA . -12.61 10.14 19.22
C7 LHG UA . -11.82 11.35 19.08
O9 LHG UA . -10.87 11.55 19.81
C8 LHG UA . -12.19 12.38 18.04
C9 LHG UA . -12.01 11.79 16.64
C10 LHG UA . -12.06 12.88 15.58
O8 LHG UA . -12.18 7.61 18.04
C23 LHG UA . -11.72 6.36 17.45
O10 LHG UA . -11.50 5.39 18.16
C24 LHG UA . -11.51 6.26 15.96
C11 LHG UA . -11.33 12.45 14.32
C12 LHG UA . -11.32 13.58 13.31
C13 LHG UA . -10.67 13.13 12.01
C14 LHG UA . -11.10 14.02 10.84
C15 LHG UA . -12.48 13.61 10.34
C16 LHG UA . -12.90 14.45 9.14
C17 LHG UA . -12.02 14.14 7.94
C25 LHG UA . -11.03 7.59 15.37
C26 LHG UA . -11.49 7.76 13.93
C27 LHG UA . -12.93 8.23 13.87
C28 LHG UA . -13.44 8.24 12.43
C29 LHG UA . -14.91 8.62 12.40
C30 LHG UA . -15.37 9.01 11.00
C31 LHG UA . -16.22 10.28 11.05
C32 LHG UA . -15.34 11.52 11.25
C33 LHG UA . -15.99 12.52 12.19
C34 LHG UA . -15.82 12.12 13.65
C35 LHG UA . -16.25 13.24 14.58
C36 LHG UA . -16.09 12.87 16.05
C37 LHG UA . -16.43 14.06 16.94
C38 LHG UA . -16.19 13.75 18.40
C1 LMG VA . -35.76 -1.74 -5.92
O1 LMG VA . -35.72 -2.57 -4.76
C2 LMG VA . -35.70 -2.56 -7.19
O2 LMG VA . -34.50 -3.34 -7.22
C3 LMG VA . -35.74 -1.64 -8.41
O3 LMG VA . -35.81 -2.41 -9.61
C4 LMG VA . -36.96 -0.74 -8.32
O4 LMG VA . -38.15 -1.52 -8.47
C5 LMG VA . -37.00 -0.02 -6.99
O5 LMG VA . -38.29 1.78 -7.94
C6 LMG VA . -38.26 0.82 -6.88
O6 LMG VA . -36.96 -0.97 -5.92
C7 LMG VA . -35.64 -1.77 -3.58
C8 LMG VA . -35.47 -2.60 -2.30
C9 LMG VA . -34.24 -3.49 -2.37
O7 LMG VA . -35.25 -1.68 -1.24
C10 LMG VA . -35.91 -2.00 0.02
O9 LMG VA . -36.26 -3.14 0.24
C11 LMG VA . -36.14 -0.90 1.02
C12 LMG VA . -34.80 -0.31 1.44
C13 LMG VA . -34.46 -0.66 2.90
C14 LMG VA . -33.19 0.05 3.35
C15 LMG VA . -31.95 -0.69 2.87
C16 LMG VA . -30.70 0.17 2.98
C17 LMG VA . -30.68 1.27 1.92
C18 LMG VA . -29.28 1.86 1.78
C19 LMG VA . -29.32 3.17 1.01
C20 LMG VA . -29.83 2.98 -0.40
C21 LMG VA . -29.60 4.22 -1.25
C22 LMG VA . -28.13 4.39 -1.59
O8 LMG VA . -33.50 -3.27 -1.18
C28 LMG VA . -32.71 -4.31 -0.55
O10 LMG VA . -32.56 -5.38 -1.12
C29 LMG VA . -32.09 -4.06 0.80
C30 LMG VA . -31.48 -5.33 1.36
C31 LMG VA . -30.91 -5.08 2.74
C32 LMG VA . -30.35 -6.37 3.35
C33 LMG VA . -28.99 -6.72 2.76
C34 LMG VA . -27.87 -6.40 3.74
C35 LMG VA . -27.75 -7.47 4.81
C36 LMG VA . -27.54 -6.86 6.19
C37 LMG VA . -26.18 -6.19 6.31
C38 LMG VA . -26.06 -5.51 7.67
C39 LMG VA . -24.82 -4.64 7.75
C40 LMG VA . -24.90 -3.67 8.93
C41 LMG VA . -24.08 -2.42 8.68
C42 LMG VA . -24.50 -1.29 9.61
C43 LMG VA . -23.85 0.02 9.19
MG CLA WA . 34.34 -6.08 -19.57
CHA CLA WA . 32.20 -7.44 -21.95
CHB CLA WA . 32.48 -3.21 -19.66
CHC CLA WA . 35.76 -5.07 -16.60
CHD CLA WA . 35.58 -9.35 -18.97
NA CLA WA . 32.68 -5.44 -20.65
C1A CLA WA . 31.93 -6.16 -21.60
C2A CLA WA . 30.78 -5.34 -22.13
C3A CLA WA . 31.10 -3.91 -21.64
C4A CLA WA . 32.14 -4.18 -20.56
CMA CLA WA . 31.62 -3.01 -22.73
CAA CLA WA . 29.61 -5.99 -21.42
CBA CLA WA . 28.34 -5.19 -21.38
CGA CLA WA . 27.95 -4.88 -19.96
O1A CLA WA . 26.87 -5.10 -19.42
O2A CLA WA . 28.93 -4.29 -19.21
NB CLA WA . 34.12 -4.49 -18.35
C1B CLA WA . 33.42 -3.35 -18.64
C2B CLA WA . 33.79 -2.25 -17.70
C3B CLA WA . 34.70 -2.78 -16.83
C4B CLA WA . 34.93 -4.19 -17.23
CMB CLA WA . 33.18 -0.92 -17.75
CAB CLA WA . 35.37 -2.19 -15.71
CBB CLA WA . 35.69 -0.90 -15.62
NC CLA WA . 35.53 -7.01 -18.13
C1C CLA WA . 36.06 -6.38 -17.04
C2C CLA WA . 36.89 -7.29 -16.27
C3C CLA WA . 36.77 -8.54 -16.88
C4C CLA WA . 35.92 -8.36 -18.05
CMC CLA WA . 37.62 -6.93 -15.05
CAC CLA WA . 37.42 -9.80 -16.48
CBC CLA WA . 36.56 -10.60 -15.55
ND CLA WA . 34.13 -7.93 -20.34
C1D CLA WA . 34.73 -9.18 -20.04
C2D CLA WA . 34.29 -10.18 -21.04
C3D CLA WA . 33.36 -9.54 -21.84
C4D CLA WA . 33.24 -8.18 -21.30
CMD CLA WA . 34.78 -11.55 -21.12
CAD CLA WA . 32.46 -9.66 -22.97
OBD CLA WA . 32.36 -10.54 -23.81
CBD CLA WA . 31.58 -8.37 -22.97
CGD CLA WA . 31.50 -7.76 -24.34
O1D CLA WA . 30.51 -7.68 -25.06
O2D CLA WA . 32.67 -7.25 -24.81
CED CLA WA . 32.81 -7.13 -26.23
C1 CLA WA . 28.51 -3.84 -17.89
C2 CLA WA . 29.68 -3.23 -17.19
C3 CLA WA . 29.70 -2.92 -15.89
C4 CLA WA . 28.56 -3.18 -14.96
C5 CLA WA . 30.91 -2.33 -15.25
C6 CLA WA . 30.79 -0.85 -14.95
C7 CLA WA . 31.89 -0.42 -13.99
C8 CLA WA . 31.73 1.04 -13.56
C9 CLA WA . 32.75 1.94 -14.25
C10 CLA WA . 31.81 1.18 -12.04
C11 CLA WA . 33.19 0.84 -11.49
C12 CLA WA . 33.17 -0.17 -10.36
C13 CLA WA . 33.31 0.44 -8.96
C14 CLA WA . 32.18 1.42 -8.69
C15 CLA WA . 34.69 1.10 -8.75
C16 CLA WA . 35.59 0.35 -7.79
C17 CLA WA . 35.83 1.07 -6.48
C18 CLA WA . 37.19 1.75 -6.42
C19 CLA WA . 37.58 2.06 -4.99
C20 CLA WA . 37.18 3.03 -7.21
MG CLA XA . 23.73 -10.74 -13.43
CHA CLA XA . 25.32 -9.92 -16.39
CHB CLA XA . 22.95 -13.78 -14.72
CHC CLA XA . 22.66 -11.75 -10.32
CHD CLA XA . 25.12 -7.82 -11.96
NA CLA XA . 24.11 -11.69 -15.26
C1A CLA XA . 24.77 -11.16 -16.37
C2A CLA XA . 24.80 -12.17 -17.53
C3A CLA XA . 23.99 -13.36 -16.98
C4A CLA XA . 23.65 -12.94 -15.55
CMA CLA XA . 22.76 -13.63 -17.82
CAA CLA XA . 26.20 -12.60 -17.95
CBA CLA XA . 27.11 -13.08 -16.83
CGA CLA XA . 28.43 -12.38 -16.90
O1A CLA XA . 28.67 -11.20 -17.14
O2A CLA XA . 29.49 -13.21 -16.64
NB CLA XA . 23.02 -12.45 -12.66
C1B CLA XA . 22.59 -13.50 -13.40
C2B CLA XA . 21.69 -14.37 -12.60
C3B CLA XA . 21.60 -13.81 -11.35
C4B CLA XA . 22.44 -12.59 -11.36
CMB CLA XA . 21.10 -15.59 -13.14
CAB CLA XA . 20.86 -14.27 -10.21
CBB CLA XA . 19.57 -14.62 -10.26
NC CLA XA . 23.88 -9.94 -11.50
C1C CLA XA . 23.34 -10.50 -10.37
C2C CLA XA . 23.57 -9.64 -9.23
C3C CLA XA . 24.29 -8.54 -9.68
C4C CLA XA . 24.46 -8.72 -11.11
CMC CLA XA . 23.14 -9.92 -7.85
CAC CLA XA . 24.74 -7.38 -8.91
CBC CLA XA . 23.62 -6.39 -8.71
ND CLA XA . 24.96 -9.22 -13.96
C1D CLA XA . 25.37 -8.05 -13.29
C2D CLA XA . 26.07 -7.16 -14.25
C3D CLA XA . 26.06 -7.82 -15.45
C4D CLA XA . 25.37 -9.10 -15.22
CMD CLA XA . 26.62 -5.86 -13.90
CAD CLA XA . 26.46 -7.79 -16.85
OBD CLA XA . 27.07 -6.92 -17.47
CBD CLA XA . 25.99 -9.14 -17.48
CGD CLA XA . 25.05 -8.89 -18.62
O1D CLA XA . 24.75 -9.67 -19.53
O2D CLA XA . 24.49 -7.65 -18.61
CED CLA XA . 23.08 -7.56 -18.84
C1 CLA XA . 30.66 -12.55 -16.11
C2 CLA XA . 31.64 -13.59 -15.73
C3 CLA XA . 32.86 -13.26 -15.26
C4 CLA XA . 33.25 -11.84 -15.07
C5 CLA XA . 33.84 -14.31 -14.88
C6 CLA XA . 35.21 -14.22 -15.55
C7 CLA XA . 35.26 -14.89 -16.91
C8 CLA XA . 35.16 -13.93 -18.10
C9 CLA XA . 33.80 -14.18 -18.74
C10 CLA XA . 36.34 -14.01 -19.08
C11 CLA XA . 36.07 -14.60 -20.46
C12 CLA XA . 37.23 -14.32 -21.40
C13 CLA XA . 37.00 -14.78 -22.84
C14 CLA XA . 35.97 -13.94 -23.57
C15 CLA XA . 36.62 -16.26 -22.93
C16 CLA XA . 37.24 -16.91 -24.15
C17 CLA XA . 38.69 -17.28 -23.91
C18 CLA XA . 39.23 -18.21 -25.01
C19 CLA XA . 40.72 -18.06 -25.13
C20 CLA XA . 38.86 -19.65 -24.70
MG CLA YA . 32.42 -18.01 -17.31
CHA CLA YA . 29.65 -16.88 -19.07
CHB CLA YA . 34.23 -17.92 -20.22
CHC CLA YA . 35.30 -18.36 -15.49
CHD CLA YA . 30.67 -17.27 -14.30
NA CLA YA . 31.98 -17.52 -19.31
C1A CLA YA . 30.76 -17.08 -19.83
C2A CLA YA . 30.85 -16.85 -21.34
C3A CLA YA . 32.28 -17.31 -21.69
C4A CLA YA . 32.89 -17.62 -20.32
CMA CLA YA . 32.27 -18.51 -22.60
CAA CLA YA . 30.59 -15.40 -21.72
CBA CLA YA . 31.41 -14.38 -20.95
CGA CLA YA . 30.87 -13.02 -21.23
O1A CLA YA . 31.20 -12.23 -22.13
O2A CLA YA . 29.89 -12.67 -20.36
NB CLA YA . 34.38 -18.06 -17.77
C1B CLA YA . 34.90 -18.20 -19.01
C2B CLA YA . 36.32 -18.69 -18.95
C3B CLA YA . 36.62 -18.81 -17.61
C4B CLA YA . 35.40 -18.42 -16.86
CMB CLA YA . 37.16 -18.93 -20.11
CAB CLA YA . 37.84 -19.22 -16.97
CBB CLA YA . 39.06 -18.98 -17.44
NC CLA YA . 32.88 -17.89 -15.27
C1C CLA YA . 34.12 -18.12 -14.74
C2C CLA YA . 34.08 -18.03 -13.29
C3C CLA YA . 32.78 -17.66 -12.96
C4C CLA YA . 32.03 -17.58 -14.21
CMC CLA YA . 35.21 -18.24 -12.38
CAC CLA YA . 32.25 -17.44 -11.61
CBC CLA YA . 32.03 -15.97 -11.31
ND CLA YA . 30.58 -17.36 -16.74
C1D CLA YA . 29.97 -17.15 -15.48
C2D CLA YA . 28.54 -16.82 -15.68
C3D CLA YA . 28.36 -16.76 -17.04
C4D CLA YA . 29.67 -17.04 -17.65
CMD CLA YA . 27.57 -16.61 -14.61
CAD CLA YA . 27.42 -16.53 -18.13
OBD CLA YA . 26.20 -16.39 -18.08
CBD CLA YA . 28.24 -16.48 -19.44
CGD CLA YA . 27.67 -17.38 -20.49
O1D CLA YA . 27.48 -17.12 -21.67
O2D CLA YA . 27.31 -18.61 -20.02
CED CLA YA . 28.13 -19.72 -20.41
C1 CLA YA . 29.63 -11.27 -20.15
C2 CLA YA . 30.74 -10.72 -19.34
C3 CLA YA . 30.72 -9.47 -18.87
C4 CLA YA . 29.58 -8.57 -19.16
C5 CLA YA . 31.83 -8.90 -18.05
C6 CLA YA . 31.43 -8.44 -16.67
C7 CLA YA . 32.36 -7.34 -16.20
C8 CLA YA . 31.96 -6.79 -14.83
C9 CLA YA . 32.61 -5.44 -14.61
C10 CLA YA . 32.37 -7.76 -13.73
C11 CLA YA . 31.38 -8.01 -12.60
C12 CLA YA . 29.91 -8.03 -13.00
C13 CLA YA . 29.05 -8.86 -12.07
C14 CLA YA . 29.39 -8.65 -10.60
C15 CLA YA . 29.09 -10.34 -12.42
C16 CLA YA . 27.73 -10.78 -12.91
C17 CLA YA . 27.67 -12.25 -13.25
C18 CLA YA . 27.89 -13.15 -12.05
C19 CLA YA . 29.24 -13.84 -12.14
C20 CLA YA . 26.77 -14.17 -11.95
MG CLA ZA . 16.15 -17.48 -16.83
CHA CLA ZA . 13.81 -18.76 -19.06
CHB CLA ZA . 15.63 -14.37 -18.14
CHC CLA ZA . 17.72 -16.07 -14.13
CHD CLA ZA . 15.97 -20.57 -15.07
NA CLA ZA . 14.93 -16.72 -18.35
C1A CLA ZA . 14.02 -17.41 -19.16
C2A CLA ZA . 13.31 -16.49 -20.13
C3A CLA ZA . 14.06 -15.15 -19.95
C4A CLA ZA . 14.92 -15.41 -18.71
CMA CLA ZA . 14.87 -14.80 -21.16
CAA CLA ZA . 11.84 -16.37 -19.73
CBA CLA ZA . 11.61 -15.74 -18.37
CGA CLA ZA . 10.19 -15.98 -17.94
O1A CLA ZA . 9.17 -15.97 -18.63
O2A CLA ZA . 10.06 -16.21 -16.60
NB CLA ZA . 16.52 -15.60 -16.22
C1B CLA ZA . 16.44 -14.50 -17.02
C2B CLA ZA . 17.38 -13.44 -16.55
C3B CLA ZA . 17.97 -13.91 -15.41
C4B CLA ZA . 17.42 -15.28 -15.18
CMB CLA ZA . 17.53 -12.14 -17.21
CAB CLA ZA . 18.92 -13.28 -14.53
CBB CLA ZA . 18.59 -12.70 -13.37
NC CLA ZA . 16.76 -18.21 -14.96
C1C CLA ZA . 17.40 -17.45 -14.01
C2C CLA ZA . 17.68 -18.27 -12.84
C3C CLA ZA . 17.17 -19.54 -13.09
C4C CLA ZA . 16.59 -19.49 -14.43
CMC CLA ZA . 18.36 -17.81 -11.63
CAC CLA ZA . 17.20 -20.71 -12.22
CBC CLA ZA . 15.91 -20.90 -11.46
ND CLA ZA . 15.21 -19.28 -17.00
C1D CLA ZA . 15.32 -20.49 -16.27
C2D CLA ZA . 14.63 -21.57 -17.02
C3D CLA ZA . 14.08 -20.97 -18.13
C4D CLA ZA . 14.42 -19.54 -18.03
CMD CLA ZA . 14.60 -22.98 -16.63
CAD CLA ZA . 13.28 -21.15 -19.33
OBD CLA ZA . 12.86 -22.17 -19.85
CBD CLA ZA . 13.03 -19.72 -19.92
CGD CLA ZA . 13.47 -19.64 -21.36
O1D CLA ZA . 12.95 -18.99 -22.27
O2D CLA ZA . 14.57 -20.38 -21.65
CED CLA ZA . 14.90 -20.58 -23.02
C1 CLA ZA . 8.92 -15.59 -15.95
C2 CLA ZA . 9.10 -15.74 -14.49
C3 CLA ZA . 8.79 -14.81 -13.58
C4 CLA ZA . 8.22 -13.49 -13.95
C5 CLA ZA . 9.02 -15.05 -12.12
C6 CLA ZA . 9.91 -14.02 -11.45
C7 CLA ZA . 10.11 -14.38 -10.00
C8 CLA ZA . 10.58 -13.19 -9.15
C9 CLA ZA . 12.02 -12.87 -9.47
C10 CLA ZA . 10.40 -13.49 -7.66
C11 CLA ZA . 10.85 -12.33 -6.79
C12 CLA ZA . 10.67 -12.60 -5.30
C13 CLA ZA . 9.25 -12.61 -4.75
C14 CLA ZA . 8.32 -11.63 -5.44
C15 CLA ZA . 9.36 -12.35 -3.24
C16 CLA ZA . 8.05 -12.38 -2.47
C17 CLA ZA . 8.31 -12.16 -0.99
C18 CLA ZA . 7.15 -12.61 -0.10
C19 CLA ZA . 5.80 -12.25 -0.67
C20 CLA ZA . 7.23 -14.11 0.15
MG CLA AB . 27.09 4.50 0.46
CHA CLA AB . 29.19 4.64 3.23
CHB CLA AB . 24.56 5.78 2.41
CHC CLA AB . 25.31 5.25 -2.37
CHD CLA AB . 29.94 3.87 -1.56
NA CLA AB . 26.91 5.03 2.48
C1A CLA AB . 27.90 5.00 3.48
C2A CLA AB . 27.34 5.43 4.83
C3A CLA AB . 25.82 5.45 4.58
C4A CLA AB . 25.73 5.41 3.04
CMA CLA AB . 25.10 4.28 5.20
CAA CLA AB . 27.87 6.76 5.32
CBA CLA AB . 27.84 7.89 4.30
CGA CLA AB . 29.23 8.13 3.79
O1A CLA AB . 30.23 8.45 4.44
O2A CLA AB . 29.33 7.99 2.45
NB CLA AB . 25.26 5.26 0.10
C1B CLA AB . 24.41 5.80 1.02
C2B CLA AB . 23.26 6.47 0.33
C3B CLA AB . 23.46 6.32 -1.02
C4B CLA AB . 24.73 5.55 -1.18
CMB CLA AB . 22.19 7.18 1.04
CAB CLA AB . 22.70 6.79 -2.14
CBB CLA AB . 21.40 7.07 -2.13
NC CLA AB . 27.53 4.48 -1.59
C1C CLA AB . 26.62 4.74 -2.56
C2C CLA AB . 27.21 4.51 -3.88
C3C CLA AB . 28.55 4.24 -3.66
C4C CLA AB . 28.74 4.18 -2.21
CMC CLA AB . 26.50 4.69 -5.15
CAC CLA AB . 29.57 3.92 -4.67
CBC CLA AB . 29.53 2.46 -5.06
ND CLA AB . 29.09 4.30 0.70
C1D CLA AB . 30.13 3.93 -0.19
C2D CLA AB . 31.37 3.67 0.58
C3D CLA AB . 31.07 3.95 1.89
C4D CLA AB . 29.64 4.33 1.92
CMD CLA AB . 32.64 3.25 0.01
CAD CLA AB . 31.56 4.01 3.27
OBD CLA AB . 32.68 3.77 3.70
CBD CLA AB . 30.37 4.46 4.17
CGD CLA AB . 30.11 3.48 5.27
O1D CLA AB . 30.11 3.71 6.48
O2D CLA AB . 29.87 2.21 4.85
CED CLA AB . 30.22 1.15 5.74
C1 CLA AB . 28.98 9.15 1.66
C2 CLA AB . 28.08 8.69 0.58
C3 CLA AB . 28.41 8.62 -0.72
C4 CLA AB . 29.75 9.00 -1.25
C5 CLA AB . 27.42 8.14 -1.72
C6 CLA AB . 26.76 9.28 -2.48
C7 CLA AB . 25.71 9.97 -1.62
C8 CLA AB . 24.78 10.90 -2.40
C9 CLA AB . 23.88 10.12 -3.34
C10 CLA AB . 25.53 11.97 -3.17
C11 CLA AB . 24.61 12.81 -4.02
C12 CLA AB . 25.28 14.07 -4.50
C13 CLA AB . 26.31 13.79 -5.59
C14 CLA AB . 27.67 14.35 -5.22
C15 CLA AB . 25.85 14.27 -6.96
C16 CLA AB . 25.90 15.78 -7.13
C17 CLA AB . 25.38 16.17 -8.50
C18 CLA AB . 26.51 16.64 -9.41
C19 CLA AB . 27.48 15.52 -9.73
C20 CLA AB . 25.92 17.18 -10.70
MG CLA BB . 42.94 0.92 -5.15
CHA CLA BB . 44.00 3.20 -2.76
CHB CLA BB . 40.37 0.02 -3.06
CHC CLA BB . 41.33 -0.61 -7.79
CHD CLA BB . 45.19 2.40 -7.45
NA CLA BB . 42.33 1.50 -3.23
C1A CLA BB . 42.90 2.47 -2.40
C2A CLA BB . 42.18 2.56 -1.05
C3A CLA BB . 41.25 1.31 -1.08
C4A CLA BB . 41.29 0.91 -2.56
CMA CLA BB . 41.76 0.22 -0.19
CAA CLA BB . 41.50 3.92 -0.83
CBA CLA BB . 40.09 4.13 -1.37
CGA CLA BB . 40.09 4.31 -2.85
O1A CLA BB . 40.44 3.51 -3.73
O2A CLA BB . 39.64 5.54 -3.23
NB CLA BB . 41.20 -0.10 -5.37
C1B CLA BB . 40.32 -0.42 -4.39
C2B CLA BB . 39.26 -1.30 -4.93
C3B CLA BB . 39.52 -1.49 -6.27
C4B CLA BB . 40.76 -0.72 -6.56
CMB CLA BB . 38.19 -1.79 -4.06
CAB CLA BB . 38.81 -2.20 -7.29
CBB CLA BB . 37.49 -2.39 -7.38
NC CLA BB . 43.26 0.86 -7.22
C1C CLA BB . 42.51 0.12 -8.11
C2C CLA BB . 43.05 0.24 -9.45
C3C CLA BB . 44.10 1.16 -9.37
C4C CLA BB . 44.23 1.52 -7.97
CMC CLA BB . 42.52 -0.43 -10.64
CAC CLA BB . 44.97 1.61 -10.46
CBC CLA BB . 44.67 3.03 -10.88
ND CLA BB . 44.31 2.39 -5.17
C1D CLA BB . 45.24 2.84 -6.15
C2D CLA BB . 46.20 3.78 -5.54
C3D CLA BB . 45.78 3.94 -4.24
C4D CLA BB . 44.58 3.08 -4.07
CMD CLA BB . 47.32 4.39 -6.23
CAD CLA BB . 46.02 4.59 -2.96
OBD CLA BB . 46.94 5.34 -2.64
CBD CLA BB . 44.86 4.17 -2.00
CGD CLA BB . 45.39 3.56 -0.74
O1D CLA BB . 44.86 3.51 0.36
O2D CLA BB . 46.63 2.99 -0.88
CED CLA BB . 46.70 1.56 -0.90
C1 CLA BB . 38.21 5.74 -3.25
C2 CLA BB . 37.96 6.71 -4.34
C3 CLA BB . 38.39 7.99 -4.29
C4 CLA BB . 39.13 8.48 -3.10
C5 CLA BB . 38.16 8.99 -5.38
C6 CLA BB . 38.01 8.43 -6.78
C7 CLA BB . 38.75 9.28 -7.81
C8 CLA BB . 38.39 8.85 -9.22
C9 CLA BB . 39.61 8.92 -10.12
C10 CLA BB . 37.27 9.73 -9.77
C11 CLA BB . 36.73 9.22 -11.09
C12 CLA BB . 35.28 9.58 -11.28
C13 CLA BB . 34.75 9.10 -12.63
C14 CLA BB . 35.16 10.06 -13.74
C15 CLA BB . 33.24 8.92 -12.62
C16 CLA BB . 32.81 7.60 -12.05
C17 CLA BB . 31.33 7.35 -12.30
C18 CLA BB . 30.73 6.30 -11.37
C19 CLA BB . 30.33 6.91 -10.04
C20 CLA BB . 31.66 5.13 -11.16
MG CLA CB . 36.12 -3.53 -1.87
CHA CLA CB . 36.28 -6.36 -3.89
CHB CLA CB . 34.26 -1.97 -4.28
CHC CLA CB . 36.80 -0.48 -0.41
CHD CLA CB . 38.64 -4.99 0.16
NA CLA CB . 35.35 -4.11 -3.73
C1A CLA CB . 35.52 -5.34 -4.40
C2A CLA CB . 34.76 -5.35 -5.73
C3A CLA CB . 33.90 -4.06 -5.65
C4A CLA CB . 34.54 -3.31 -4.49
CMA CLA CB . 33.91 -3.34 -6.97
CAA CLA CB . 33.86 -6.56 -5.88
CBA CLA CB . 34.25 -7.42 -7.07
CGA CLA CB . 33.61 -6.90 -8.31
O1A CLA CB . 32.41 -6.71 -8.53
O2A CLA CB . 34.52 -6.63 -9.29
NB CLA CB . 35.67 -1.61 -2.31
C1B CLA CB . 34.79 -1.19 -3.25
C2B CLA CB . 34.45 0.26 -3.05
C3B CLA CB . 35.17 0.67 -1.96
C4B CLA CB . 35.95 -0.50 -1.48
CMB CLA CB . 33.53 1.00 -3.90
CAB CLA CB . 35.26 1.95 -1.31
CBB CLA CB . 35.38 3.13 -1.91
NC CLA CB . 37.40 -2.89 -0.35
C1C CLA CB . 37.47 -1.61 0.14
C2C CLA CB . 38.41 -1.53 1.25
C3C CLA CB . 38.99 -2.79 1.36
C4C CLA CB . 38.34 -3.64 0.37
CMC CLA CB . 38.72 -0.32 2.02
CAC CLA CB . 40.00 -3.23 2.34
CBC CLA CB . 41.42 -2.98 1.86
ND CLA CB . 37.10 -5.30 -1.71
C1D CLA CB . 38.08 -5.78 -0.80
C2D CLA CB . 38.37 -7.19 -1.10
C3D CLA CB . 37.70 -7.47 -2.27
C4D CLA CB . 36.97 -6.25 -2.64
CMD CLA CB . 39.24 -8.04 -0.31
CAD CLA CB . 37.37 -8.48 -3.26
OBD CLA CB . 37.62 -9.68 -3.26
CBD CLA CB . 36.61 -7.76 -4.40
CGD CLA CB . 37.45 -7.70 -5.64
O1D CLA CB . 37.92 -8.64 -6.28
O2D CLA CB . 37.73 -6.43 -6.07
CED CLA CB . 38.27 -6.29 -7.38
C1 CLA CB . 34.23 -5.53 -10.18
C2 CLA CB . 35.50 -4.78 -10.37
C3 CLA CB . 35.61 -3.76 -11.22
C4 CLA CB . 34.47 -3.31 -12.05
C5 CLA CB . 36.91 -3.02 -11.38
C6 CLA CB . 36.81 -1.54 -11.08
C7 CLA CB . 38.19 -0.95 -10.90
C8 CLA CB . 38.23 0.56 -11.10
C9 CLA CB . 38.70 0.87 -12.50
C10 CLA CB . 39.11 1.19 -10.03
C11 CLA CB . 39.52 2.62 -10.28
C12 CLA CB . 40.45 3.10 -9.19
C13 CLA CB . 40.68 4.61 -9.18
C14 CLA CB . 41.10 5.12 -10.54
C15 CLA CB . 41.71 4.99 -8.13
C16 CLA CB . 41.04 5.40 -6.83
C17 CLA CB . 42.07 5.81 -5.79
C18 CLA CB . 42.62 7.20 -6.07
C19 CLA CB . 42.25 8.17 -4.97
C20 CLA CB . 44.13 7.15 -6.22
MG CLA DB . 23.01 -9.24 3.70
CHA CLA DB . 22.15 -10.20 6.92
CHB CLA DB . 25.67 -11.39 3.82
CHC CLA DB . 23.37 -8.95 0.30
CHD CLA DB . 19.87 -7.58 3.45
NA CLA DB . 23.78 -10.53 5.14
C1A CLA DB . 23.28 -10.79 6.42
C2A CLA DB . 24.14 -11.79 7.17
C3A CLA DB . 25.38 -11.95 6.25
C4A CLA DB . 24.92 -11.26 4.96
CMA CLA DB . 26.60 -11.27 6.81
CAA CLA DB . 23.41 -13.11 7.36
CBA CLA DB . 22.51 -13.48 6.20
CGA CLA DB . 22.13 -14.92 6.29
O1A CLA DB . 22.44 -15.75 7.16
O2A CLA DB . 21.35 -15.34 5.25
NB CLA DB . 24.26 -10.04 2.33
C1B CLA DB . 25.34 -10.81 2.59
C2B CLA DB . 26.18 -10.96 1.35
C3B CLA DB . 25.53 -10.27 0.36
C4B CLA DB . 24.31 -9.67 0.96
CMB CLA DB . 27.41 -11.74 1.32
CAB CLA DB . 25.88 -10.11 -1.03
CBB CLA DB . 27.13 -10.05 -1.51
NC CLA DB . 21.86 -8.38 2.18
C1C CLA DB . 22.22 -8.34 0.87
C2C CLA DB . 21.23 -7.62 0.08
C3C CLA DB . 20.21 -7.27 0.95
C4C CLA DB . 20.62 -7.74 2.28
CMC CLA DB . 21.35 -7.42 -1.36
CAC CLA DB . 18.98 -6.51 0.66
CBC CLA DB . 17.81 -7.36 0.25
ND CLA DB . 21.40 -8.88 4.86
C1D CLA DB . 20.20 -8.13 4.66
C2D CLA DB . 19.47 -8.04 5.94
C3D CLA DB . 20.18 -8.81 6.85
C4D CLA DB . 21.35 -9.33 6.12
CMD CLA DB . 18.22 -7.30 6.10
CAD CLA DB . 20.27 -9.29 8.21
OBD CLA DB . 19.57 -9.03 9.18
CBD CLA DB . 21.49 -10.27 8.28
CGD CLA DB . 22.41 -9.90 9.40
O1D CLA DB . 22.22 -10.06 10.61
O2D CLA DB . 23.58 -9.34 9.01
CED CLA DB . 24.65 -9.27 9.96
C1 CLA DB . 20.02 -15.78 5.60
C2 CLA DB . 19.30 -16.03 4.33
C3 CLA DB . 17.98 -16.15 4.27
C4 CLA DB . 17.12 -16.07 5.47
C5 CLA DB . 17.29 -16.40 2.97
C6 CLA DB . 16.50 -15.19 2.50
C7 CLA DB . 15.62 -15.56 1.33
C8 CLA DB . 15.13 -14.34 0.56
C9 CLA DB . 14.36 -13.40 1.48
C10 CLA DB . 14.25 -14.76 -0.61
C11 CLA DB . 14.74 -14.19 -1.91
C12 CLA DB . 13.84 -14.63 -3.06
C13 CLA DB . 14.31 -14.15 -4.43
C14 CLA DB . 15.67 -14.73 -4.77
C15 CLA DB . 14.32 -12.63 -4.54
C16 CLA DB . 14.62 -12.19 -5.96
C17 CLA DB . 14.21 -10.75 -6.23
C18 CLA DB . 14.24 -10.42 -7.72
C19 CLA DB . 13.07 -9.55 -8.13
C20 CLA DB . 15.54 -9.76 -8.09
MG CLA EB . 30.54 -12.96 0.84
CHA CLA EB . 31.24 -11.00 -1.94
CHB CLA EB . 28.55 -14.95 -1.10
CHC CLA EB . 29.19 -14.37 3.66
CHD CLA EB . 32.06 -10.46 2.87
NA CLA EB . 30.01 -12.96 -1.18
C1A CLA EB . 30.42 -12.07 -2.18
C2A CLA EB . 29.82 -12.44 -3.54
C3A CLA EB . 29.08 -13.76 -3.24
C4A CLA EB . 29.21 -13.92 -1.73
CMA CLA EB . 27.63 -13.65 -3.66
CAA CLA EB . 30.91 -12.63 -4.58
CBA CLA EB . 30.47 -13.51 -5.73
CGA CLA EB . 31.18 -13.12 -6.99
O1A CLA EB . 32.27 -13.49 -7.42
O2A CLA EB . 30.45 -12.22 -7.72
NB CLA EB . 29.11 -14.34 1.21
C1B CLA EB . 28.58 -15.19 0.29
C2B CLA EB . 28.00 -16.40 0.94
C3B CLA EB . 28.19 -16.23 2.28
C4B CLA EB . 28.87 -14.92 2.47
CMB CLA EB . 27.34 -17.48 0.20
CAB CLA EB . 27.80 -17.05 3.40
CBB CLA EB . 27.46 -18.34 3.36
NC CLA EB . 30.62 -12.49 2.88
C1C CLA EB . 30.00 -13.22 3.86
C2C CLA EB . 30.28 -12.66 5.17
C3C CLA EB . 31.09 -11.54 4.95
C4C CLA EB . 31.30 -11.45 3.51
CMC CLA EB . 29.77 -13.19 6.42
CAC CLA EB . 31.62 -10.65 5.98
CBC CLA EB . 30.61 -9.63 6.44
ND CLA EB . 31.45 -11.17 0.61
C1D CLA EB . 32.14 -10.32 1.51
C2D CLA EB . 32.89 -9.29 0.74
C3D CLA EB . 32.56 -9.49 -0.59
C4D CLA EB . 31.66 -10.67 -0.61
CMD CLA EB . 33.75 -8.27 1.33
CAD CLA EB . 32.74 -9.06 -1.95
OBD CLA EB . 33.43 -8.14 -2.38
CBD CLA EB . 31.88 -9.99 -2.85
CGD CLA EB . 30.86 -9.21 -3.65
O1D CLA EB . 30.89 -8.98 -4.86
O2D CLA EB . 29.82 -8.73 -2.92
CED CLA EB . 28.87 -7.92 -3.59
C1 CLA EB . 31.20 -11.15 -8.31
C2 CLA EB . 31.51 -11.58 -9.69
C3 CLA EB . 32.50 -11.08 -10.46
C4 CLA EB . 32.72 -11.60 -11.83
C5 CLA EB . 33.44 -10.01 -10.02
C6 CLA EB . 34.88 -10.47 -9.97
C7 CLA EB . 35.09 -11.67 -9.06
C8 CLA EB . 35.94 -11.40 -7.82
C9 CLA EB . 37.21 -12.21 -7.84
C10 CLA EB . 35.12 -11.75 -6.58
C11 CLA EB . 35.95 -11.71 -5.32
C12 CLA EB . 35.06 -11.50 -4.12
C13 CLA EB . 35.45 -12.31 -2.91
C14 CLA EB . 34.51 -13.49 -2.78
C15 CLA EB . 35.45 -11.49 -1.63
C16 CLA EB . 36.33 -12.10 -0.57
C17 CLA EB . 36.43 -11.20 0.64
C18 CLA EB . 37.18 -11.82 1.81
C19 CLA EB . 38.59 -12.23 1.43
C20 CLA EB . 36.42 -12.99 2.39
MG CLA FB . 23.92 -15.84 -5.08
CHA CLA FB . 22.65 -16.64 -1.94
CHB CLA FB . 24.55 -12.68 -4.00
CHC CLA FB . 24.62 -14.89 -8.31
CHD CLA FB . 22.61 -18.90 -6.29
NA CLA FB . 23.63 -14.84 -3.27
C1A CLA FB . 23.12 -15.35 -2.07
C2A CLA FB . 23.10 -14.29 -0.97
C3A CLA FB . 23.63 -13.03 -1.69
C4A CLA FB . 23.98 -13.54 -3.08
CMA CLA FB . 22.59 -11.95 -1.76
CAA CLA FB . 24.07 -14.69 0.14
CBA CLA FB . 24.09 -13.71 1.29
CGA CLA FB . 23.32 -14.26 2.44
O1A CLA FB . 23.73 -14.95 3.39
O2A CLA FB . 21.99 -13.97 2.39
NB CLA FB . 24.38 -14.09 -5.99
C1B CLA FB . 24.87 -13.01 -5.31
C2B CLA FB . 25.78 -12.22 -6.18
C3B CLA FB . 25.80 -12.84 -7.40
C4B CLA FB . 24.90 -14.02 -7.30
CMB CLA FB . 26.45 -10.99 -5.77
CAB CLA FB . 26.48 -12.45 -8.61
CBB CLA FB . 26.63 -11.18 -8.99
NC CLA FB . 23.64 -16.73 -6.95
C1C CLA FB . 24.02 -16.17 -8.14
C2C CLA FB . 23.72 -17.08 -9.24
C3C CLA FB . 23.14 -18.20 -8.67
C4C CLA FB . 23.11 -17.99 -7.23
CMC CLA FB . 23.98 -16.79 -10.65
CAC CLA FB . 22.67 -19.40 -9.36
CBC CLA FB . 21.31 -19.18 -9.97
ND CLA FB . 22.90 -17.44 -4.37
C1D CLA FB . 22.50 -18.66 -4.95
C2D CLA FB . 21.97 -19.56 -3.89
C3D CLA FB . 22.02 -18.84 -2.72
C4D CLA FB . 22.58 -17.51 -3.08
CMD CLA FB . 21.49 -20.93 -4.12
CAD CLA FB . 21.75 -18.83 -1.29
OBD CLA FB . 21.35 -19.74 -0.58
CBD CLA FB . 22.08 -17.40 -0.77
CGD CLA FB . 20.87 -16.70 -0.23
O1D CLA FB . 20.42 -16.74 0.92
O2D CLA FB . 20.23 -15.93 -1.15
CED CLA FB . 18.93 -15.43 -0.82
C1 CLA FB . 21.60 -12.66 2.88
C2 CLA FB . 20.60 -12.17 1.89
C3 CLA FB . 19.32 -11.87 2.19
C4 CLA FB . 18.77 -11.97 3.56
C5 CLA FB . 18.33 -11.37 1.19
C6 CLA FB . 18.87 -11.23 -0.23
C7 CLA FB . 17.77 -10.79 -1.18
C8 CLA FB . 18.29 -10.62 -2.59
C9 CLA FB . 17.48 -9.59 -3.35
C10 CLA FB . 18.24 -11.96 -3.31
C11 CLA FB . 19.38 -12.17 -4.28
C12 CLA FB . 19.24 -13.54 -4.88
C13 CLA FB . 20.51 -14.06 -5.54
C14 CLA FB . 21.25 -12.96 -6.28
C15 CLA FB . 20.16 -15.20 -6.49
C16 CLA FB . 19.42 -16.33 -5.81
C17 CLA FB . 19.21 -17.50 -6.75
C18 CLA FB . 18.22 -18.53 -6.22
C19 CLA FB . 18.22 -18.64 -4.71
C20 CLA FB . 16.83 -18.21 -6.70
MG CLA GB . 24.79 -20.86 5.42
CHA CLA GB . 26.25 -22.28 8.22
CHB CLA GB . 27.44 -22.01 3.54
CHC CLA GB . 23.02 -20.25 2.52
CHD CLA GB . 21.77 -20.52 7.27
NA CLA GB . 26.54 -21.93 5.83
C1A CLA GB . 26.97 -22.43 7.07
C2A CLA GB . 28.31 -23.15 6.97
C3A CLA GB . 28.73 -22.91 5.50
C4A CLA GB . 27.49 -22.25 4.90
CMA CLA GB . 29.97 -22.05 5.43
CAA CLA GB . 28.14 -24.64 7.25
CBA CLA GB . 29.28 -25.18 8.07
CGA CLA GB . 29.01 -26.59 8.51
O1A CLA GB . 29.60 -27.24 9.38
O2A CLA GB . 27.97 -27.17 7.85
NB CLA GB . 25.15 -21.10 3.44
C1B CLA GB . 26.35 -21.43 2.88
C2B CLA GB . 26.34 -21.14 1.42
C3B CLA GB . 25.09 -20.65 1.13
C4B CLA GB . 24.32 -20.62 2.40
CMB CLA GB . 27.46 -21.41 0.53
CAB CLA GB . 24.54 -20.24 -0.14
CBB CLA GB . 24.24 -21.10 -1.12
NC CLA GB . 22.79 -20.41 4.99
C1C CLA GB . 22.29 -20.15 3.75
C2C CLA GB . 20.88 -19.81 3.82
C3C CLA GB . 20.51 -19.96 5.16
C4C CLA GB . 21.71 -20.31 5.88
CMC CLA GB . 20.04 -19.48 2.66
CAC CLA GB . 19.18 -19.73 5.75
CBC CLA GB . 18.47 -21.02 6.08
ND CLA GB . 24.12 -21.21 7.29
C1D CLA GB . 22.89 -20.95 7.95
C2D CLA GB . 23.06 -21.19 9.40
C3D CLA GB . 24.35 -21.65 9.56
C4D CLA GB . 24.95 -21.69 8.22
CMD CLA GB . 22.05 -20.99 10.43
CAD CLA GB . 25.35 -22.11 10.50
OBD CLA GB . 25.30 -22.09 11.72
CBD CLA GB . 26.56 -22.62 9.67
CGD CLA GB . 27.84 -22.02 10.17
O1D CLA GB . 28.99 -22.30 9.83
O2D CLA GB . 27.67 -21.08 11.12
CED CLA GB . 28.38 -21.25 12.35
C1 CLA GB . 26.81 -27.49 8.64
C2 CLA GB . 25.92 -28.32 7.78
C3 CLA GB . 26.02 -29.65 7.66
C4 CLA GB . 27.05 -30.43 8.40
C5 CLA GB . 25.09 -30.41 6.78
C6 CLA GB . 24.99 -29.85 5.38
C7 CLA GB . 24.84 -30.95 4.36
C8 CLA GB . 24.28 -30.47 3.03
C9 CLA GB . 22.92 -31.10 2.78
C10 CLA GB . 25.26 -30.79 1.90
C11 CLA GB . 24.77 -30.46 0.51
C12 CLA GB . 25.91 -30.68 -0.47
C13 CLA GB . 25.60 -30.56 -1.96
C14 CLA GB . 24.12 -30.57 -2.29
C15 CLA GB . 26.28 -31.66 -2.80
C16 CLA GB . 27.02 -31.14 -4.01
C17 CLA GB . 28.53 -31.14 -3.80
C18 CLA GB . 29.17 -32.46 -4.21
C19 CLA GB . 29.54 -32.45 -5.68
C20 CLA GB . 30.40 -32.74 -3.37
MG CLA HB . 41.04 -15.39 -3.82
CHA CLA HB . 37.96 -16.26 -5.11
CHB CLA HB . 42.44 -15.96 -6.91
CHC CLA HB . 44.22 -15.35 -2.44
CHD CLA HB . 39.72 -15.70 -0.56
NA CLA HB . 40.30 -15.97 -5.69
C1A CLA HB . 38.96 -16.26 -6.04
C2A CLA HB . 38.85 -16.61 -7.52
C3A CLA HB . 40.26 -16.34 -8.07
C4A CLA HB . 41.07 -16.07 -6.82
CMA CLA HB . 40.79 -17.53 -8.84
CAA CLA HB . 37.90 -15.69 -8.27
CBA CLA HB . 37.60 -16.20 -9.66
CGA CLA HB . 36.59 -15.30 -10.29
O1A CLA HB . 35.35 -15.37 -10.26
O2A CLA HB . 37.16 -14.28 -10.99
NB CLA HB . 42.93 -15.54 -4.55
C1B CLA HB . 43.30 -15.75 -5.83
C2B CLA HB . 44.78 -15.79 -5.97
C3B CLA HB . 45.29 -15.62 -4.71
C4B CLA HB . 44.13 -15.47 -3.79
CMB CLA HB . 45.46 -16.02 -7.24
CAB CLA HB . 46.65 -15.64 -4.25
CBB CLA HB . 47.61 -16.42 -4.74
NC CLA HB . 41.80 -15.44 -1.87
C1C CLA HB . 43.13 -15.34 -1.54
C2C CLA HB . 43.30 -15.29 -0.09
C3C CLA HB . 42.02 -15.51 0.45
C4C CLA HB . 41.10 -15.57 -0.68
CMC CLA HB . 44.59 -15.15 0.57
CAC CLA HB . 41.63 -15.55 1.87
CBC CLA HB . 41.32 -16.95 2.33
ND CLA HB . 39.28 -15.88 -2.96
C1D CLA HB . 38.85 -15.86 -1.61
C2D CLA HB . 37.38 -16.01 -1.58
C3D CLA HB . 36.98 -16.14 -2.89
C4D CLA HB . 38.21 -16.08 -3.71
CMD CLA HB . 36.60 -16.01 -0.35
CAD CLA HB . 35.87 -16.30 -3.82
OBD CLA HB . 34.67 -16.32 -3.60
CBD CLA HB . 36.46 -16.47 -5.24
CGD CLA HB . 36.16 -17.84 -5.79
O1D CLA HB . 36.09 -18.90 -5.16
O2D CLA HB . 35.92 -17.88 -7.13
CED CLA HB . 36.07 -19.15 -7.77
C1 CLA HB . 36.60 -13.94 -12.27
C2 CLA HB . 37.74 -13.64 -13.17
C3 CLA HB . 38.54 -14.59 -13.71
C4 CLA HB . 38.34 -16.03 -13.47
C5 CLA HB . 39.67 -14.16 -14.59
C6 CLA HB . 40.07 -15.14 -15.67
C7 CLA HB . 41.22 -16.04 -15.27
C8 CLA HB . 42.36 -16.07 -16.28
C9 CLA HB . 42.04 -17.10 -17.35
C10 CLA HB . 43.69 -16.39 -15.61
C11 CLA HB . 44.86 -16.33 -16.59
C12 CLA HB . 45.42 -17.71 -16.89
C13 CLA HB . 46.14 -17.77 -18.24
C14 CLA HB . 47.09 -16.61 -18.40
C15 CLA HB . 45.19 -17.84 -19.44
C16 CLA HB . 44.37 -19.10 -19.47
C17 CLA HB . 43.67 -19.30 -20.80
C18 CLA HB . 42.52 -20.30 -20.74
C19 CLA HB . 41.25 -19.66 -20.21
C20 CLA HB . 42.88 -21.51 -19.89
MG CLA IB . 41.18 -25.16 -1.10
CHA CLA IB . 43.57 -26.87 0.76
CHB CLA IB . 42.62 -22.21 -0.11
CHC CLA IB . 39.60 -23.52 -3.68
CHD CLA IB . 40.35 -28.25 -2.66
NA CLA IB . 42.78 -24.65 0.15
C1A CLA IB . 43.65 -25.51 0.83
C2A CLA IB . 44.68 -24.73 1.64
C3A CLA IB . 44.15 -23.28 1.57
C4A CLA IB . 43.12 -23.35 0.45
CMA CLA IB . 43.54 -22.81 2.86
CAA CLA IB . 46.08 -24.84 1.05
CBA CLA IB . 46.10 -24.87 -0.47
CGA CLA IB . 47.46 -24.51 -0.98
O1A CLA IB . 48.20 -23.60 -0.59
O2A CLA IB . 47.88 -25.30 -2.00
NB CLA IB . 41.17 -23.26 -1.79
C1B CLA IB . 41.67 -22.17 -1.14
C2B CLA IB . 41.10 -20.91 -1.69
C3B CLA IB . 40.24 -21.28 -2.69
C4B CLA IB . 40.28 -22.77 -2.78
CMB CLA IB . 41.45 -19.57 -1.20
CAB CLA IB . 39.45 -20.48 -3.59
CBB CLA IB . 39.72 -19.24 -3.97
NC CLA IB . 40.12 -25.77 -2.80
C1C CLA IB . 39.52 -24.93 -3.70
C2C CLA IB . 38.83 -25.68 -4.73
C3C CLA IB . 39.09 -27.03 -4.49
C4C CLA IB . 39.88 -27.08 -3.27
CMC CLA IB . 38.07 -25.07 -5.83
CAC CLA IB . 38.60 -28.18 -5.25
CBC CLA IB . 39.60 -28.64 -6.28
ND CLA IB . 41.67 -27.11 -0.94
C1D CLA IB . 41.19 -28.29 -1.58
C2D CLA IB . 41.76 -29.48 -0.90
C3D CLA IB . 42.67 -28.99 0.02
C4D CLA IB . 42.62 -27.51 -0.09
CMD CLA IB . 41.42 -30.87 -1.21
CAD CLA IB . 43.63 -29.31 1.06
OBD CLA IB . 43.89 -30.39 1.57
CBD CLA IB . 44.31 -27.97 1.48
CGD CLA IB . 44.29 -27.80 2.97
O1D CLA IB . 43.76 -26.91 3.63
O2D CLA IB . 44.96 -28.78 3.66
CED CLA IB . 46.36 -28.94 3.45
C1 CLA IB . 48.01 -24.70 -3.31
C2 CLA IB . 48.64 -25.72 -4.19
C3 CLA IB . 48.84 -25.59 -5.51
C4 CLA IB . 49.48 -26.69 -6.26
C5 CLA IB . 48.45 -24.38 -6.31
C6 CLA IB . 47.73 -24.70 -7.62
C7 CLA IB . 47.36 -23.43 -8.38
C8 CLA IB . 46.95 -23.71 -9.82
C9 CLA IB . 47.66 -22.74 -10.75
C10 CLA IB . 45.40 -23.76 -10.00
C11 CLA IB . 44.77 -22.77 -10.97
C12 CLA IB . 44.53 -21.41 -10.35
C13 CLA IB . 44.43 -20.30 -11.41
C14 CLA IB . 44.45 -18.94 -10.76
C15 CLA IB . 43.20 -20.45 -12.31
C16 CLA IB . 41.91 -19.98 -11.66
C17 CLA IB . 40.72 -20.75 -12.17
C18 CLA IB . 39.44 -19.94 -12.15
C19 CLA IB . 38.27 -20.77 -11.66
C20 CLA IB . 39.15 -19.43 -13.54
C1 BCR JB . 35.20 -31.59 -24.77
C2 BCR JB . 34.11 -31.39 -25.84
C3 BCR JB . 32.68 -31.71 -25.44
C4 BCR JB . 32.35 -31.10 -24.10
C5 BCR JB . 33.35 -31.72 -23.18
C6 BCR JB . 34.64 -31.49 -23.36
C7 BCR JB . 35.44 -31.26 -22.13
C8 BCR JB . 36.75 -31.50 -22.04
C9 BCR JB . 37.51 -31.43 -20.77
C10 BCR JB . 37.01 -30.88 -19.63
C11 BCR JB . 37.74 -30.81 -18.36
C33 BCR JB . 32.93 -32.69 -22.12
C31 BCR JB . 36.24 -30.51 -25.04
C32 BCR JB . 35.79 -32.98 -25.00
C34 BCR JB . 38.85 -32.11 -20.81
C12 BCR JB . 37.26 -30.05 -17.37
C13 BCR JB . 38.01 -29.86 -16.10
C14 BCR JB . 37.62 -28.83 -15.32
C15 BCR JB . 38.32 -28.44 -14.08
C16 BCR JB . 37.98 -27.31 -13.47
C17 BCR JB . 38.74 -26.90 -12.29
C18 BCR JB . 38.57 -25.72 -11.67
C19 BCR JB . 39.47 -25.46 -10.51
C20 BCR JB . 39.54 -24.30 -9.85
C21 BCR JB . 40.52 -24.19 -8.78
C22 BCR JB . 40.78 -23.05 -8.11
C23 BCR JB . 41.87 -23.12 -7.10
C24 BCR JB . 42.41 -22.04 -6.53
C25 BCR JB . 43.55 -22.07 -5.56
C26 BCR JB . 44.11 -23.21 -5.10
C27 BCR JB . 44.28 -23.36 -3.62
C28 BCR JB . 45.16 -22.20 -3.17
C29 BCR JB . 44.53 -20.88 -3.56
C30 BCR JB . 44.15 -20.78 -5.03
C35 BCR JB . 39.17 -30.76 -15.79
C36 BCR JB . 37.53 -24.76 -12.16
C37 BCR JB . 40.02 -21.79 -8.40
C38 BCR JB . 44.65 -24.31 -5.96
C39 BCR JB . 45.40 -20.50 -5.86
C40 BCR JB . 43.22 -19.59 -5.15
C1 BCR KB . 33.70 8.30 1.92
C2 BCR KB . 34.48 9.09 2.97
C3 BCR KB . 34.85 10.51 2.57
C4 BCR KB . 35.52 10.48 1.21
C5 BCR KB . 34.46 9.97 0.28
C6 BCR KB . 33.92 8.78 0.49
C7 BCR KB . 33.51 7.86 -0.60
C8 BCR KB . 33.89 7.99 -1.88
C9 BCR KB . 33.52 6.99 -2.92
C10 BCR KB . 34.07 7.16 -4.14
C11 BCR KB . 33.85 6.23 -5.26
C33 BCR KB . 33.95 10.91 -0.79
C31 BCR KB . 32.22 8.37 2.23
C32 BCR KB . 34.17 6.84 2.04
C34 BCR KB . 32.59 5.85 -2.59
C12 BCR KB . 34.49 6.42 -6.42
C13 BCR KB . 34.34 5.48 -7.57
C14 BCR KB . 35.17 5.66 -8.62
C15 BCR KB . 35.17 4.81 -9.82
C16 BCR KB . 36.02 5.04 -10.82
C17 BCR KB . 35.97 4.19 -12.00
C18 BCR KB . 36.71 4.38 -13.10
C19 BCR KB . 36.47 3.46 -14.24
C20 BCR KB . 36.96 3.66 -15.46
C21 BCR KB . 36.58 2.74 -16.54
C22 BCR KB . 36.85 2.97 -17.84
C23 BCR KB . 36.28 2.03 -18.83
C24 BCR KB . 36.19 2.34 -20.13
C25 BCR KB . 35.52 1.48 -21.12
C26 BCR KB . 35.09 0.25 -20.89
C27 BCR KB . 33.67 -0.07 -21.26
C28 BCR KB . 33.54 0.11 -22.76
C29 BCR KB . 34.72 0.86 -23.37
C30 BCR KB . 35.21 2.01 -22.49
C35 BCR KB . 33.33 4.37 -7.47
C36 BCR KB . 37.68 5.54 -13.17
C37 BCR KB . 37.66 4.17 -18.29
C38 BCR KB . 36.00 -0.85 -20.40
C39 BCR KB . 34.10 3.05 -22.35
C40 BCR KB . 36.42 2.68 -23.12
C1 BCR LB . 24.64 -34.28 -19.29
C2 BCR LB . 24.10 -33.54 -20.52
C3 BCR LB . 25.18 -32.96 -21.42
C4 BCR LB . 26.08 -32.08 -20.59
C5 BCR LB . 26.75 -32.98 -19.60
C6 BCR LB . 26.01 -33.81 -18.85
C7 BCR LB . 26.45 -34.26 -17.50
C8 BCR LB . 27.24 -33.48 -16.74
C9 BCR LB . 27.51 -33.82 -15.32
C10 BCR LB . 27.96 -32.82 -14.54
C11 BCR LB . 28.14 -32.91 -13.10
C33 BCR LB . 28.25 -32.99 -19.59
C31 BCR LB . 24.65 -35.77 -19.58
C32 BCR LB . 23.67 -33.95 -18.16
C34 BCR LB . 27.25 -35.22 -14.81
C12 BCR LB . 28.31 -31.78 -12.42
C13 BCR LB . 28.40 -31.74 -10.94
C14 BCR LB . 28.34 -30.51 -10.38
C15 BCR LB . 28.36 -30.25 -8.94
C16 BCR LB . 28.18 -29.01 -8.51
C17 BCR LB . 28.16 -28.73 -7.08
C18 BCR LB . 27.85 -27.53 -6.56
C19 BCR LB . 27.81 -27.44 -5.08
C20 BCR LB . 27.30 -26.41 -4.41
C21 BCR LB . 27.23 -26.50 -2.94
C22 BCR LB . 26.60 -25.60 -2.18
C23 BCR LB . 26.55 -25.87 -0.73
C24 BCR LB . 25.75 -25.21 0.12
C25 BCR LB . 25.62 -25.61 1.55
C26 BCR LB . 26.61 -26.26 2.18
C27 BCR LB . 26.30 -27.25 3.26
C28 BCR LB . 25.40 -26.52 4.23
C29 BCR LB . 24.11 -26.15 3.53
C30 BCR LB . 24.30 -25.32 2.26
C35 BCR LB . 28.55 -33.01 -10.15
C36 BCR LB . 27.57 -26.35 -7.46
C37 BCR LB . 25.97 -24.39 -2.82
C38 BCR LB . 28.06 -25.92 1.95
C39 BCR LB . 24.25 -23.86 2.63
C40 BCR LB . 23.13 -25.65 1.35
C1A DGD MB . 19.53 8.44 -17.71
C2A DGD MB . 19.37 9.30 -16.48
C3A DGD MB . 20.54 9.07 -15.53
C4A DGD MB . 20.45 10.02 -14.34
C5A DGD MB . 21.65 9.87 -13.42
C6A DGD MB . 21.55 8.61 -12.58
C7A DGD MB . 22.54 8.65 -11.42
O1A DGD MB . 18.84 8.67 -18.70
C1B DGD MB . 23.82 5.52 -17.81
C2B DGD MB . 24.50 4.65 -16.79
C3B DGD MB . 23.49 3.98 -15.86
C4B DGD MB . 22.62 4.97 -15.10
C5B DGD MB . 21.70 4.20 -14.16
C6B DGD MB . 20.60 5.09 -13.60
C7B DGD MB . 19.36 4.26 -13.29
C8B DGD MB . 18.47 4.97 -12.27
C9B DGD MB . 18.88 4.59 -10.85
CAB DGD MB . 18.19 5.50 -9.84
CBB DGD MB . 18.17 4.87 -8.45
CCB DGD MB . 17.18 3.72 -8.37
CDB DGD MB . 16.55 3.63 -6.97
CEB DGD MB . 17.57 3.20 -5.92
CFB DGD MB . 16.95 3.24 -4.53
CGB DGD MB . 17.20 4.60 -3.88
O1B DGD MB . 24.39 6.55 -18.16
O1G DGD MB . 20.48 7.35 -17.73
C1G DGD MB . 20.49 6.39 -18.80
C2G DGD MB . 21.92 6.13 -19.22
O2G DGD MB . 22.53 5.15 -18.37
C3G DGD MB . 21.91 5.67 -20.67
O3G DGD MB . 21.59 6.83 -21.46
C1D DGD MB . 21.26 6.56 -22.81
C2D DGD MB . 20.58 7.79 -23.40
O2D DGD MB . 19.36 8.06 -22.71
C3D DGD MB . 20.29 7.60 -24.87
O3D DGD MB . 19.81 8.84 -25.44
C4D DGD MB . 21.55 7.16 -25.59
O4D DGD MB . 22.52 8.20 -25.57
C5D DGD MB . 22.11 5.92 -24.91
O5D DGD MB . 22.78 4.61 -26.74
C6D DGD MB . 23.31 5.40 -25.68
O6D DGD MB . 22.43 6.24 -23.56
C1E DGD MB . 23.10 5.04 -28.06
C2E DGD MB . 21.94 4.66 -28.96
O2E DGD MB . 20.76 5.37 -28.56
C3E DGD MB . 21.70 3.17 -28.85
O3E DGD MB . 20.62 2.76 -29.69
C4E DGD MB . 22.98 2.44 -29.24
O4E DGD MB . 23.24 2.62 -30.63
C5E DGD MB . 24.18 2.96 -28.45
O6E DGD MB . 24.28 4.38 -28.52
C6E DGD MB . 25.47 2.37 -29.00
O5E DGD MB . 25.55 2.64 -30.40
C1A DGD NB . 6.43 -21.27 -14.61
C2A DGD NB . 5.74 -22.15 -13.59
C3A DGD NB . 6.70 -22.60 -12.49
C4A DGD NB . 7.36 -21.42 -11.78
C5A DGD NB . 6.32 -20.46 -11.20
C6A DGD NB . 6.88 -19.64 -10.04
C7A DGD NB . 7.81 -18.54 -10.52
C8A DGD NB . 8.77 -18.11 -9.42
C9A DGD NB . 8.06 -17.39 -8.29
CAA DGD NB . 8.98 -17.22 -7.08
CBA DGD NB . 8.22 -16.68 -5.88
CCA DGD NB . 8.97 -16.98 -4.59
CDA DGD NB . 8.18 -16.49 -3.37
CEA DGD NB . 8.63 -17.18 -2.09
CFA DGD NB . 10.05 -16.81 -1.68
CGA DGD NB . 10.13 -15.35 -1.23
O1A DGD NB . 6.49 -20.06 -14.44
C1B DGD NB . 10.22 -20.08 -17.23
C2B DGD NB . 11.38 -19.91 -16.29
C3B DGD NB . 10.86 -19.45 -14.93
C4B DGD NB . 12.01 -19.04 -14.02
C5B DGD NB . 12.52 -17.64 -14.32
C6B DGD NB . 13.68 -17.28 -13.42
C7B DGD NB . 13.57 -15.87 -12.87
C8B DGD NB . 13.64 -14.83 -13.99
C9B DGD NB . 13.87 -13.46 -13.38
CAB DGD NB . 13.27 -12.33 -14.21
CBB DGD NB . 13.09 -11.08 -13.34
CCB DGD NB . 12.26 -10.03 -14.07
CDB DGD NB . 11.83 -8.91 -13.14
CEB DGD NB . 10.70 -9.29 -12.18
CFB DGD NB . 9.40 -9.58 -12.92
CGB DGD NB . 8.22 -9.60 -11.95
O1B DGD NB . 10.19 -19.46 -18.27
O1G DGD NB . 7.04 -21.85 -15.79
C1G DGD NB . 6.76 -21.24 -17.04
C2G DGD NB . 8.05 -20.97 -17.80
O2G DGD NB . 9.13 -20.98 -16.87
C3G DGD NB . 8.28 -22.02 -18.89
O3G DGD NB . 7.19 -22.00 -19.81
C1D DGD NB . 7.56 -21.41 -21.05
C2D DGD NB . 6.33 -21.37 -21.96
O2D DGD NB . 6.04 -22.69 -22.43
C3D DGD NB . 6.52 -20.45 -23.15
O3D DGD NB . 5.29 -20.28 -23.86
C4D DGD NB . 7.04 -19.11 -22.66
O4D DGD NB . 6.11 -18.53 -21.74
C5D DGD NB . 8.36 -19.37 -21.96
O5D DGD NB . 9.18 -17.20 -22.72
C6D DGD NB . 9.15 -18.12 -21.62
O6D DGD NB . 8.08 -20.11 -20.78
C1E DGD NB . 10.48 -17.06 -23.31
C2E DGD NB . 10.63 -15.69 -23.97
O2E DGD NB . 10.05 -14.69 -23.12
C3E DGD NB . 9.99 -15.54 -25.35
O3E DGD NB . 10.67 -14.50 -26.05
C4E DGD NB . 10.05 -16.81 -26.19
O4E DGD NB . 11.34 -16.95 -26.77
C5E DGD NB . 9.74 -18.03 -25.35
O6E DGD NB . 10.67 -18.10 -24.27
C6E DGD NB . 9.82 -19.31 -26.19
O5E DGD NB . 8.96 -19.19 -27.32
C1 LMG OB . 10.10 -24.20 -22.52
O1 LMG OB . 10.57 -24.56 -21.22
C2 LMG OB . 10.92 -23.02 -23.05
O2 LMG OB . 10.71 -21.87 -22.23
C3 LMG OB . 10.55 -22.69 -24.48
O3 LMG OB . 11.46 -21.73 -25.01
C4 LMG OB . 10.56 -23.95 -25.33
O4 LMG OB . 11.92 -24.42 -25.48
C5 LMG OB . 9.72 -25.04 -24.69
O5 LMG OB . 8.95 -27.32 -24.86
C6 LMG OB . 9.72 -26.31 -25.52
O6 LMG OB . 10.22 -25.32 -23.39
C7 LMG OB . 9.64 -25.40 -20.53
C8 LMG OB . 10.40 -26.33 -19.59
C9 LMG OB . 11.23 -25.54 -18.59
O7 LMG OB . 9.47 -27.15 -18.87
C10 LMG OB . 9.31 -28.48 -19.42
O9 LMG OB . 9.48 -28.67 -20.62
C11 LMG OB . 8.92 -29.63 -18.52
C12 LMG OB . 10.06 -29.96 -17.57
C13 LMG OB . 10.15 -28.97 -16.41
C14 LMG OB . 11.34 -29.30 -15.51
C15 LMG OB . 11.52 -28.27 -14.41
C16 LMG OB . 10.39 -28.35 -13.39
C17 LMG OB . 10.76 -27.63 -12.10
C18 LMG OB . 9.70 -27.87 -11.03
C19 LMG OB . 10.18 -27.43 -9.65
C20 LMG OB . 10.19 -25.92 -9.51
C21 LMG OB . 10.53 -25.50 -8.08
C22 LMG OB . 10.21 -24.04 -7.83
C23 LMG OB . 10.28 -23.71 -6.34
C24 LMG OB . 9.80 -22.29 -6.06
C25 LMG OB . 9.77 -22.01 -4.57
O8 LMG OB . 10.40 -25.02 -17.55
C28 LMG OB . 11.02 -24.60 -16.30
O10 LMG OB . 12.22 -24.72 -16.18
C29 LMG OB . 10.18 -24.02 -15.19
C30 LMG OB . 11.07 -23.71 -13.99
C31 LMG OB . 10.21 -23.36 -12.78
C32 LMG OB . 11.04 -23.00 -11.57
C33 LMG OB . 11.52 -21.55 -11.62
C34 LMG OB . 11.92 -21.06 -10.23
C35 LMG OB . 12.20 -19.56 -10.26
C36 LMG OB . 12.40 -19.00 -8.86
C37 LMG OB . 12.65 -17.50 -8.93
C38 LMG OB . 14.13 -17.21 -9.19
C39 LMG OB . 14.42 -15.71 -9.08
C40 LMG OB . 15.92 -15.44 -9.14
C41 LMG OB . 16.22 -13.95 -9.10
C42 LMG OB . 16.10 -13.33 -10.49
C43 LMG OB . 16.47 -11.86 -10.47
C1B LMU PB . 36.93 -24.25 -33.22
C2B LMU PB . 37.50 -23.78 -34.55
C3B LMU PB . 36.43 -23.26 -35.42
C4B LMU PB . 35.35 -24.27 -35.64
C5B LMU PB . 34.81 -24.83 -34.33
C6B LMU PB . 33.92 -26.00 -34.63
O1B LMU PB . 36.38 -23.16 -32.59
O2B LMU PB . 38.47 -22.74 -34.31
O3B LMU PB . 37.02 -22.91 -36.72
O4' LMU PB . 34.27 -23.63 -36.34
O5B LMU PB . 35.87 -25.29 -33.42
O6B LMU PB . 32.84 -25.57 -35.40
C1' LMU PB . 36.53 -23.29 -28.48
C2' LMU PB . 35.73 -24.43 -29.12
C3' LMU PB . 35.94 -24.51 -30.60
C4' LMU PB . 36.39 -23.19 -31.15
C5' LMU PB . 37.78 -22.84 -30.60
C6' LMU PB . 38.09 -21.41 -30.88
O1' LMU PB . 36.72 -23.59 -27.16
O2' LMU PB . 36.13 -25.67 -28.53
O3' LMU PB . 34.70 -24.90 -31.23
O5' LMU PB . 37.87 -23.09 -29.14
O6' LMU PB . 38.88 -20.89 -29.86
C1 LMU PB . 36.48 -22.50 -26.27
C2 LMU PB . 34.96 -22.27 -26.08
C3 LMU PB . 34.73 -21.22 -24.96
C4 LMU PB . 34.41 -21.93 -23.60
C5 LMU PB . 35.20 -21.26 -22.43
C6 LMU PB . 34.49 -21.57 -21.07
C7 LMU PB . 35.49 -22.18 -20.08
C8 LMU PB . 34.74 -22.53 -18.79
C9 LMU PB . 35.67 -22.44 -17.58
C10 LMU PB . 34.84 -22.40 -16.30
C11 LMU PB . 35.75 -22.17 -15.09
C12 LMU PB . 34.90 -21.76 -13.88
MG CLA QB . 0.60 11.57 -4.70
CHA CLA QB . -2.46 12.05 -3.16
CHB CLA QB . 1.97 13.86 -2.56
CHC CLA QB . 3.74 10.34 -5.40
CHD CLA QB . -0.80 8.70 -6.27
NA CLA QB . -0.15 12.80 -3.20
C1A CLA QB . -1.45 12.83 -2.68
C2A CLA QB . -1.59 13.89 -1.58
C3A CLA QB . -0.27 14.68 -1.72
C4A CLA QB . 0.60 13.72 -2.54
CMA CLA QB . -0.51 16.00 -2.42
CAA CLA QB . -1.81 13.24 -0.22
CBA CLA QB . -0.61 12.64 0.48
CGA CLA QB . -0.78 11.16 0.67
O1A CLA QB . -1.48 10.38 0.04
O2A CLA QB . 0.00 10.66 1.69
NB CLA QB . 2.47 11.97 -4.05
C1B CLA QB . 2.84 13.03 -3.28
C2B CLA QB . 4.32 13.19 -3.29
C3B CLA QB . 4.82 12.19 -4.09
C4B CLA QB . 3.66 11.41 -4.59
CMB CLA QB . 5.01 14.23 -2.54
CAB CLA QB . 6.17 11.85 -4.46
CBB CLA QB . 7.21 12.69 -4.52
NC CLA QB . 1.32 9.91 -5.75
C1C CLA QB . 2.64 9.63 -5.96
C2C CLA QB . 2.79 8.44 -6.79
C3C CLA QB . 1.51 7.93 -6.95
C4C CLA QB . 0.59 8.85 -6.31
CMC CLA QB . 4.05 7.87 -7.27
CAC CLA QB . 1.15 6.75 -7.74
CBC CLA QB . 1.34 7.05 -9.21
ND CLA QB . -1.22 10.71 -4.93
C1D CLA QB . -1.65 9.54 -5.61
C2D CLA QB . -3.13 9.44 -5.51
C3D CLA QB . -3.49 10.41 -4.61
C4D CLA QB . -2.26 11.11 -4.21
CMD CLA QB . -3.96 8.46 -6.20
CAD CLA QB . -4.58 11.10 -3.93
OBD CLA QB . -5.79 11.07 -4.16
CBD CLA QB . -3.93 11.96 -2.81
CGD CLA QB . -4.60 13.29 -2.64
O1D CLA QB . -5.30 13.64 -1.69
O2D CLA QB . -4.40 14.18 -3.64
CED CLA QB . -4.79 15.52 -3.33
C1 CLA QB . -0.49 10.80 3.04
C2 CLA QB . 0.31 11.89 3.67
C3 CLA QB . 1.62 11.75 3.93
C4 CLA QB . 2.32 10.48 3.63
C5 CLA QB . 2.42 12.85 4.56
C6 CLA QB . 2.11 14.24 4.06
C7 CLA QB . 2.35 14.39 2.57
C8 CLA QB . 2.08 15.80 2.05
C9 CLA QB . 0.59 16.07 1.98
C10 CLA QB . 2.75 15.99 0.69
C11 CLA QB . 2.47 17.34 0.08
C12 CLA QB . 3.49 17.73 -0.98
C13 CLA QB . 3.18 19.12 -1.52
C14 CLA QB . 3.36 19.17 -3.02
C15 CLA QB . 4.01 20.19 -0.81
C16 CLA QB . 5.38 20.38 -1.41
C17 CLA QB . 6.38 20.97 -0.43
C18 CLA QB . 5.92 22.26 0.23
C19 CLA QB . 6.94 22.71 1.26
C20 CLA QB . 5.71 23.36 -0.78
CHA PHO RB . -8.88 -7.65 10.65
CHB PHO RB . -8.56 -8.71 5.95
CHC PHO RB . -7.84 -3.99 4.88
CHD PHO RB . -8.02 -2.86 9.63
NA PHO RB . -8.47 -7.92 8.29
C1A PHO RB . -8.93 -8.43 9.54
C2A PHO RB . -9.42 -9.85 9.39
C3A PHO RB . -8.85 -10.25 8.00
C4A PHO RB . -8.61 -8.87 7.38
CMA PHO RB . -7.60 -11.06 8.09
CAA PHO RB . -10.92 -9.97 9.44
CBA PHO RB . -11.37 -11.22 10.18
CGA PHO RB . -11.81 -12.30 9.24
O1A PHO RB . -11.21 -13.33 8.91
O2A PHO RB . -13.04 -12.05 8.71
NB PHO RB . -8.30 -6.25 5.79
C1B PHO RB . -8.34 -7.55 5.28
C2B PHO RB . -8.11 -7.45 3.81
C3B PHO RB . -7.91 -6.13 3.50
C4B PHO RB . -8.02 -5.33 4.76
CMB PHO RB . -8.06 -8.62 2.94
CAB PHO RB . -7.61 -5.52 2.23
CBB PHO RB . -8.11 -5.94 1.06
NC PHO RB . -7.99 -3.76 7.32
C1C PHO RB . -7.82 -3.24 6.11
C2C PHO RB . -7.59 -1.77 6.20
C3C PHO RB . -7.64 -1.45 7.53
C4C PHO RB . -7.91 -2.71 8.28
CMC PHO RB . -7.35 -0.92 5.03
CAC PHO RB . -7.47 -0.14 8.19
CBC PHO RB . -8.74 0.38 8.82
ND PHO RB . -8.82 -5.22 9.67
C1D PHO RB . -8.44 -4.03 10.31
C2D PHO RB . -8.55 -4.23 11.73
C3D PHO RB . -8.80 -5.61 11.91
C4D PHO RB . -8.83 -6.20 10.61
CMD PHO RB . -8.43 -3.20 12.77
CAD PHO RB . -9.03 -6.65 12.89
OBD PHO RB . -9.29 -6.58 14.08
CBD PHO RB . -8.88 -8.01 12.12
CGD PHO RB . -7.62 -8.69 12.57
O1D PHO RB . -7.40 -9.33 13.59
O2D PHO RB . -6.60 -8.53 11.67
CED PHO RB . -5.78 -9.67 11.39
C1 PHO RB . -14.17 -12.61 9.40
C2 PHO RB . -15.35 -12.40 8.53
C3 PHO RB . -15.45 -12.93 7.30
C4 PHO RB . -14.39 -13.78 6.71
C5 PHO RB . -16.65 -12.68 6.44
C6 PHO RB . -16.38 -11.59 5.41
C7 PHO RB . -16.22 -12.16 4.04
C8 PHO RB . -15.94 -11.09 2.99
C9 PHO RB . -17.20 -10.39 2.54
C10 PHO RB . -15.22 -11.71 1.80
C11 PHO RB . -15.89 -12.98 1.29
C12 PHO RB . -15.35 -13.41 -0.06
C13 PHO RB . -13.92 -13.95 -0.09
C14 PHO RB . -13.47 -14.62 1.19
C15 PHO RB . -12.94 -12.85 -0.49
C16 PHO RB . -12.89 -12.57 -1.98
C17 PHO RB . -11.53 -12.06 -2.38
C18 PHO RB . -11.45 -11.62 -3.84
C19 PHO RB . -10.03 -11.68 -4.33
C20 PHO RB . -11.99 -10.21 -4.00
C BCT SB . 4.78 -0.38 21.94
O1 BCT SB . 4.60 -0.78 23.09
O2 BCT SB . 5.11 0.69 21.46
O3 BCT SB . 4.35 -1.31 20.93
MG CLA TB . -8.64 3.62 -4.18
CHA CLA TB . -11.14 2.03 -2.39
CHB CLA TB . -6.67 3.55 -1.40
CHC CLA TB . -5.96 4.57 -6.11
CHD CLA TB . -10.55 3.17 -7.12
NA CLA TB . -8.89 2.94 -2.23
C1A CLA TB . -10.03 2.32 -1.67
C2A CLA TB . -9.80 2.01 -0.20
C3A CLA TB . -8.53 2.81 0.13
C4A CLA TB . -7.96 3.11 -1.25
CMA CLA TB . -8.83 4.06 0.90
CAA CLA TB . -9.63 0.53 0.04
CBA CLA TB . -10.22 0.15 1.38
CGA CLA TB . -9.95 -1.29 1.66
O1A CLA TB . -8.99 -1.77 2.27
O2A CLA TB . -10.90 -2.13 1.15
NB CLA TB . -6.72 4.10 -3.79
C1B CLA TB . -6.06 3.86 -2.62
C2B CLA TB . -4.59 3.99 -2.82
C3B CLA TB . -4.40 4.27 -4.15
C4B CLA TB . -5.74 4.35 -4.79
CMB CLA TB . -3.61 3.78 -1.77
CAB CLA TB . -3.18 4.47 -4.90
CBB CLA TB . -2.24 5.34 -4.57
NC CLA TB . -8.34 3.87 -6.24
C1C CLA TB . -7.18 4.34 -6.80
C2C CLA TB . -7.36 4.52 -8.23
C3C CLA TB . -8.62 4.04 -8.54
C4C CLA TB . -9.24 3.68 -7.27
CMC CLA TB . -6.32 5.03 -9.14
CAC CLA TB . -9.30 4.09 -9.85
CBC CLA TB . -10.55 4.94 -9.79
ND CLA TB . -10.36 2.71 -4.73
C1D CLA TB . -11.07 2.70 -5.94
C2D CLA TB . -12.42 2.13 -5.72
C3D CLA TB . -12.49 1.85 -4.37
C4D CLA TB . -11.19 2.24 -3.80
CMD CLA TB . -13.42 1.93 -6.75
CAD CLA TB . -13.31 1.31 -3.31
OBD CLA TB . -14.42 0.80 -3.35
CBD CLA TB . -12.49 1.47 -1.99
CGD CLA TB . -13.24 2.41 -1.09
O1D CLA TB . -13.35 3.63 -1.23
O2D CLA TB . -13.87 1.82 -0.03
CED CLA TB . -14.94 2.54 0.59
C1 CLA TB . -10.69 -3.54 1.31
C2 CLA TB . -11.26 -3.91 2.64
C3 CLA TB . -12.55 -4.24 2.82
C4 CLA TB . -13.54 -4.23 1.72
C5 CLA TB . -13.06 -4.59 4.17
C6 CLA TB . -13.53 -6.02 4.32
C7 CLA TB . -12.35 -6.98 4.40
C8 CLA TB . -12.72 -8.27 5.10
C9 CLA TB . -12.38 -8.17 6.57
C10 CLA TB . -12.00 -9.45 4.44
C11 CLA TB . -12.43 -10.81 4.95
C12 CLA TB . -11.29 -11.69 5.47
C13 CLA TB . -11.12 -13.00 4.72
C14 CLA TB . -10.75 -14.12 5.68
C15 CLA TB . -10.07 -12.88 3.62
C16 CLA TB . -9.90 -14.15 2.81
C17 CLA TB . -9.03 -13.92 1.58
C18 CLA TB . -9.20 -15.02 0.54
C19 CLA TB . -8.10 -14.92 -0.51
C20 CLA TB . -9.17 -16.40 1.17
MG CLA UB . -27.43 -18.52 5.80
CHA CLA UB . -29.22 -17.27 3.10
CHB CLA UB . -28.00 -15.57 7.47
CHC CLA UB . -26.55 -20.03 8.77
CHD CLA UB . -27.58 -21.73 4.28
NA CLA UB . -28.41 -16.73 5.33
C1A CLA UB . -29.11 -16.41 4.15
C2A CLA UB . -29.66 -15.00 4.21
C3A CLA UB . -29.00 -14.41 5.47
C4A CLA UB . -28.44 -15.65 6.16
CMA CLA UB . -27.90 -13.44 5.14
CAA CLA UB . -31.18 -15.00 4.27
CBA CLA UB . -31.76 -15.89 5.35
CGA CLA UB . -33.17 -15.47 5.63
O1A CLA UB . -33.66 -14.34 5.61
O2A CLA UB . -34.00 -16.52 5.96
NB CLA UB . -27.35 -17.93 7.73
C1B CLA UB . -27.46 -16.65 8.17
C2B CLA UB . -26.93 -16.52 9.55
C3B CLA UB . -26.51 -17.77 9.94
C4B CLA UB . -26.78 -18.68 8.79
CMB CLA UB . -26.93 -15.25 10.28
CAB CLA UB . -25.94 -18.21 11.17
CBB CLA UB . -26.55 -19.02 12.05
NC CLA UB . -27.08 -20.50 6.40
C1C CLA UB . -26.70 -20.88 7.65
C2C CLA UB . -26.49 -22.32 7.71
C3C CLA UB . -26.84 -22.82 6.45
C4C CLA UB . -27.19 -21.66 5.63
CMC CLA UB . -26.08 -23.05 8.91
CAC CLA UB . -26.81 -24.21 5.99
CBC CLA UB . -28.19 -24.82 5.95
ND CLA UB . -28.12 -19.34 4.09
C1D CLA UB . -28.03 -20.65 3.55
C2D CLA UB . -28.49 -20.63 2.13
C3D CLA UB . -28.95 -19.35 1.91
C4D CLA UB . -28.73 -18.61 3.17
CMD CLA UB . -28.48 -21.78 1.23
CAD CLA UB . -29.52 -18.41 0.96
OBD CLA UB . -29.75 -18.56 -0.24
CBD CLA UB . -29.82 -17.09 1.72
CGD CLA UB . -29.25 -15.91 0.99
O1D CLA UB . -29.52 -14.72 1.13
O2D CLA UB . -28.31 -16.22 0.05
CED CLA UB . -28.26 -15.37 -1.10
C1 CLA UB . -33.85 -17.11 7.26
C2 CLA UB . -34.45 -16.19 8.27
C3 CLA UB . -35.23 -16.55 9.30
C4 CLA UB . -35.61 -17.96 9.60
C5 CLA UB . -35.76 -15.52 10.23
C6 CLA UB . -35.36 -15.75 11.69
C7 CLA UB . -36.37 -15.17 12.67
C8 CLA UB . -37.12 -16.21 13.50
C9 CLA UB . -36.17 -17.10 14.30
C10 CLA UB . -38.07 -17.05 12.65
C11 CLA UB . -39.52 -16.86 13.07
C12 CLA UB . -39.85 -17.60 14.35
C13 CLA UB . -41.25 -17.29 14.83
C14 CLA UB . -41.42 -17.68 16.29
C15 CLA UB . -42.31 -17.98 13.98
C16 CLA UB . -43.19 -16.96 13.28
C17 CLA UB . -44.38 -17.62 12.60
C18 CLA UB . -45.06 -16.65 11.64
C19 CLA UB . -46.57 -16.72 11.77
C20 CLA UB . -44.66 -16.93 10.21
C1 BCR VB . -22.77 -24.44 -0.90
C2 BCR VB . -24.25 -24.21 -1.21
C3 BCR VB . -24.84 -23.11 -0.35
C4 BCR VB . -24.86 -23.54 1.11
C5 BCR VB . -23.72 -24.49 1.36
C6 BCR VB . -22.62 -24.42 0.62
C7 BCR VB . -21.32 -24.39 1.35
C8 BCR VB . -20.12 -24.57 0.79
C9 BCR VB . -18.86 -24.56 1.57
C10 BCR VB . -17.72 -24.73 0.86
C11 BCR VB . -16.37 -24.72 1.43
C33 BCR VB . -23.87 -25.55 2.41
C31 BCR VB . -21.99 -23.30 -1.54
C32 BCR VB . -22.37 -25.79 -1.47
C34 BCR VB . -18.92 -24.36 3.07
C12 BCR VB . -15.34 -24.81 0.59
C13 BCR VB . -13.92 -24.74 1.03
C14 BCR VB . -13.00 -24.78 0.04
C15 BCR VB . -11.55 -24.67 0.24
C16 BCR VB . -10.76 -24.61 -0.82
C17 BCR VB . -9.32 -24.44 -0.62
C18 BCR VB . -8.45 -24.29 -1.62
C19 BCR VB . -7.03 -24.06 -1.23
C20 BCR VB . -6.03 -23.82 -2.09
C21 BCR VB . -4.70 -23.56 -1.55
C22 BCR VB . -3.63 -23.26 -2.31
C23 BCR VB . -2.37 -22.99 -1.57
C24 BCR VB . -1.23 -22.59 -2.16
C25 BCR VB . 0.06 -22.33 -1.46
C26 BCR VB . 1.13 -22.15 -2.24
C27 BCR VB . 2.09 -21.06 -1.89
C28 BCR VB . 2.73 -21.58 -0.62
C29 BCR VB . 1.69 -21.81 0.48
C30 BCR VB . 0.27 -22.23 0.04
C35 BCR VB . -13.58 -24.60 2.49
C36 BCR VB . -8.93 -24.33 -3.04
C37 BCR VB . -3.75 -23.19 -3.82
C38 BCR VB . 1.40 -23.06 -3.41
C39 BCR VB . -0.64 -21.12 0.58
C40 BCR VB . -0.14 -23.56 0.70
C2 PL9 WB . 7.69 6.96 15.26
C3 PL9 WB . 7.76 8.32 15.15
C4 PL9 WB . 8.04 9.12 16.31
C5 PL9 WB . 8.23 8.43 17.58
C6 PL9 WB . 8.15 7.06 17.66
C1 PL9 WB . 7.88 6.28 16.49
C7 PL9 WB . 7.56 8.92 13.83
C8 PL9 WB . 6.35 9.78 13.65
C9 PL9 WB . 6.32 10.85 12.84
C10 PL9 WB . 7.49 11.71 12.57
C11 PL9 WB . 5.06 11.19 12.14
C12 PL9 WB . 5.24 10.98 10.63
C13 PL9 WB . 3.87 10.96 10.04
C14 PL9 WB . 3.59 11.41 8.81
C15 PL9 WB . 4.65 11.96 7.92
C16 PL9 WB . 2.24 11.37 8.17
C17 PL9 WB . 1.11 10.77 9.00
C18 PL9 WB . -0.15 10.70 8.17
C19 PL9 WB . -1.05 11.67 8.02
C20 PL9 WB . -0.78 13.04 8.47
C21 PL9 WB . -2.27 11.39 7.20
C22 PL9 WB . -3.57 11.72 7.95
C23 PL9 WB . -4.72 11.12 7.19
C24 PL9 WB . -5.96 11.16 7.70
C25 PL9 WB . -6.24 11.56 9.09
C26 PL9 WB . -7.06 10.52 6.94
C27 PL9 WB . -8.16 11.53 6.64
C28 PL9 WB . -7.67 12.47 5.59
C29 PL9 WB . -7.63 13.79 5.76
C30 PL9 WB . -8.27 14.47 6.92
C31 PL9 WB . -6.96 14.75 4.82
C32 PL9 WB . -5.97 14.09 3.85
C33 PL9 WB . -5.45 15.23 3.03
C34 PL9 WB . -5.62 15.34 1.70
C35 PL9 WB . -6.46 14.46 0.88
C36 PL9 WB . -5.22 16.64 1.11
C37 PL9 WB . -3.87 16.52 0.43
C38 PL9 WB . -3.75 17.72 -0.46
C39 PL9 WB . -2.94 18.74 -0.22
C40 PL9 WB . -2.38 19.00 1.12
C41 PL9 WB . -2.61 19.66 -1.34
C42 PL9 WB . -1.12 19.55 -1.65
C43 PL9 WB . -0.94 19.36 -3.11
C44 PL9 WB . -0.52 20.31 -3.94
C45 PL9 WB . -0.85 20.28 -5.38
C46 PL9 WB . 0.67 21.13 -3.64
C47 PL9 WB . 0.38 22.61 -3.49
C48 PL9 WB . 1.32 23.33 -4.41
C49 PL9 WB . 1.82 24.53 -4.13
C50 PL9 WB . 2.49 24.70 -2.82
C51 PL9 WB . 1.80 25.69 -5.03
C52 PL9 WB . 8.51 9.26 18.76
C53 PL9 WB . 8.33 6.32 18.90
O1 PL9 WB . 8.10 10.34 16.18
O2 PL9 WB . 7.79 5.05 16.47
O1 LHG XB . -1.61 13.08 23.98
C1 LHG XB . -1.12 14.25 24.65
C2 LHG XB . -0.51 15.21 23.62
O2 LHG XB . -1.45 15.47 22.58
C3 LHG XB . 0.76 14.60 23.04
O3 LHG XB . 1.18 15.38 21.92
P LHG XB . 2.60 15.11 21.20
O4 LHG XB . 3.66 15.91 21.90
O5 LHG XB . 2.77 13.61 21.05
O6 LHG XB . 2.35 15.73 19.74
C4 LHG XB . 3.30 15.56 18.70
C5 LHG XB . 2.67 15.99 17.37
C6 LHG XB . 2.51 17.51 17.33
O7 LHG XB . 3.50 15.59 16.28
C7 LHG XB . 3.01 14.48 15.49
O9 LHG XB . 2.05 13.82 15.88
C8 LHG XB . 3.68 14.13 14.19
C9 LHG XB . 2.66 13.76 13.13
C10 LHG XB . 2.91 14.53 11.83
O8 LHG XB . 1.76 17.82 16.16
C23 LHG XB . 1.44 19.20 15.81
O10 LHG XB . 1.99 20.11 16.41
C24 LHG XB . 0.43 19.47 14.74
C11 LHG XB . 1.83 14.22 10.80
C12 LHG XB . 1.72 15.31 9.74
C13 LHG XB . 2.87 15.25 8.75
C14 LHG XB . 2.43 15.60 7.34
C15 LHG XB . 1.78 16.98 7.22
C16 LHG XB . 1.49 17.27 5.75
C17 LHG XB . 0.93 18.68 5.51
C18 LHG XB . 0.78 18.91 4.02
C19 LHG XB . 0.34 20.33 3.69
C20 LHG XB . 0.85 20.75 2.32
C21 LHG XB . 0.45 22.18 1.98
C22 LHG XB . 1.00 22.60 0.64
C25 LHG XB . 0.84 18.78 13.45
C26 LHG XB . 1.96 19.55 12.76
C27 LHG XB . 2.55 18.75 11.60
C28 LHG XB . 3.64 19.56 10.90
C29 LHG XB . 4.49 18.67 9.99
C30 LHG XB . 5.43 19.51 9.17
C31 LHG XB . 6.57 18.69 8.59
C32 LHG XB . 7.54 19.60 7.83
C33 LHG XB . 8.79 18.86 7.38
C34 LHG XB . 9.93 19.84 7.15
C35 LHG XB . 11.22 19.10 6.82
C36 LHG XB . 12.40 20.07 6.76
C37 LHG XB . 13.74 19.35 6.92
C38 LHG XB . 13.96 18.35 5.82
C1 LMG YB . -6.07 -22.70 -13.48
O1 LMG YB . -5.22 -22.52 -12.35
C2 LMG YB . -5.30 -22.66 -14.79
O2 LMG YB . -4.55 -21.44 -14.88
C3 LMG YB . -6.29 -22.75 -15.93
O3 LMG YB . -5.66 -22.80 -17.21
C4 LMG YB . -7.13 -24.02 -15.79
O4 LMG YB . -6.29 -25.16 -15.99
C5 LMG YB . -7.74 -24.09 -14.40
O5 LMG YB . -9.32 -25.61 -15.37
C6 LMG YB . -8.46 -25.41 -14.25
O6 LMG YB . -6.73 -23.96 -13.40
C7 LMG YB . -5.90 -22.87 -11.14
C8 LMG YB . -5.44 -22.01 -9.96
C9 LMG YB . -6.28 -22.40 -8.75
O7 LMG YB . -4.06 -22.24 -9.68
C10 LMG YB . -3.18 -21.08 -9.82
O9 LMG YB . -3.56 -20.08 -10.40
C11 LMG YB . -1.77 -21.15 -9.28
C12 LMG YB . -1.47 -19.92 -8.44
C13 LMG YB . -2.08 -20.05 -7.04
C14 LMG YB . -1.90 -18.76 -6.25
C15 LMG YB . -2.33 -18.96 -4.80
C16 LMG YB . -2.70 -17.63 -4.13
C17 LMG YB . -1.48 -16.78 -3.84
C18 LMG YB . -1.86 -15.35 -3.44
C19 LMG YB . -2.74 -15.28 -2.20
C20 LMG YB . -2.02 -15.79 -0.95
C21 LMG YB . -2.88 -15.60 0.30
C22 LMG YB . -4.10 -16.51 0.29
C23 LMG YB . -4.40 -17.07 1.67
C24 LMG YB . -4.75 -15.94 2.65
C25 LMG YB . -5.27 -16.52 3.97
O8 LMG YB . -5.70 -21.92 -7.54
C28 LMG YB . -6.52 -21.18 -6.59
O10 LMG YB . -6.79 -20.02 -6.81
C29 LMG YB . -7.05 -21.88 -5.35
C30 LMG YB . -7.51 -20.84 -4.32
C31 LMG YB . -6.33 -20.15 -3.65
C32 LMG YB . -6.80 -19.00 -2.76
C33 LMG YB . -6.49 -19.25 -1.29
C34 LMG YB . -7.42 -20.31 -0.71
C35 LMG YB . -7.22 -20.44 0.80
C36 LMG YB . -8.21 -21.45 1.37
C37 LMG YB . -8.17 -21.46 2.90
C38 LMG YB . -9.20 -22.43 3.46
O1 LHG ZB . -27.20 -11.99 33.16
C1 LHG ZB . -25.98 -11.37 32.72
C2 LHG ZB . -24.82 -12.33 32.93
O2 LHG ZB . -24.65 -12.59 34.33
C3 LHG ZB . -23.55 -11.74 32.35
O3 LHG ZB . -23.76 -11.38 30.98
P LHG ZB . -22.61 -11.63 29.89
O4 LHG ZB . -21.56 -10.55 30.07
O5 LHG ZB . -22.20 -13.09 29.95
O6 LHG ZB . -23.38 -11.34 28.51
C4 LHG ZB . -23.97 -12.39 27.74
C5 LHG ZB . -23.60 -12.23 26.27
C6 LHG ZB . -22.09 -12.44 26.14
O7 LHG ZB . -24.29 -13.22 25.50
C7 LHG ZB . -25.47 -12.73 24.80
O9 LHG ZB . -25.53 -11.58 24.40
C8 LHG ZB . -26.64 -13.66 24.55
C9 LHG ZB . -27.06 -13.60 23.09
C10 LHG ZB . -28.26 -14.48 22.81
O8 LHG ZB . -21.42 -11.27 26.62
C23 LHG ZB . -20.07 -11.34 27.14
O10 LHG ZB . -19.55 -12.42 27.30
C24 LHG ZB . -19.31 -10.08 27.48
C11 LHG ZB . -28.74 -14.32 21.37
C12 LHG ZB . -30.04 -13.52 21.26
C13 LHG ZB . -29.96 -12.10 21.82
C14 LHG ZB . -29.08 -11.18 20.99
C15 LHG ZB . -28.90 -9.83 21.65
C16 LHG ZB . -27.84 -9.88 22.75
C17 LHG ZB . -27.64 -8.52 23.40
C18 LHG ZB . -26.36 -8.50 24.22
C19 LHG ZB . -26.17 -7.14 24.88
C20 LHG ZB . -24.78 -7.00 25.49
C21 LHG ZB . -24.60 -7.95 26.67
C22 LHG ZB . -23.44 -7.50 27.53
C25 LHG ZB . -20.20 -8.84 27.40
C26 LHG ZB . -20.03 -8.09 26.09
C27 LHG ZB . -20.70 -8.84 24.95
C28 LHG ZB . -20.48 -8.16 23.60
C29 LHG ZB . -21.45 -8.72 22.56
C30 LHG ZB . -21.16 -10.18 22.25
C31 LHG ZB . -22.13 -10.73 21.20
C32 LHG ZB . -23.56 -10.76 21.72
C33 LHG ZB . -24.41 -11.76 20.96
C34 LHG ZB . -24.36 -11.51 19.46
C35 LHG ZB . -25.70 -11.81 18.80
C36 LHG ZB . -26.07 -13.28 18.83
C37 LHG ZB . -25.34 -14.05 17.73
C38 LHG ZB . -25.87 -15.46 17.62
O1 LHG AC . -38.58 -24.01 1.65
C1 LHG AC . -39.16 -25.28 1.97
C2 LHG AC . -40.47 -25.46 1.20
O2 LHG AC . -40.89 -26.82 1.30
C3 LHG AC . -40.25 -25.09 -0.26
O3 LHG AC . -39.07 -25.73 -0.73
P LHG AC . -38.18 -25.08 -1.90
O4 LHG AC . -38.63 -25.67 -3.22
O5 LHG AC . -38.15 -23.59 -1.71
O6 LHG AC . -36.72 -25.66 -1.55
C4 LHG AC . -35.68 -24.77 -1.19
C5 LHG AC . -34.46 -25.56 -0.72
C6 LHG AC . -33.61 -26.03 -1.89
O7 LHG AC . -33.67 -24.72 0.14
C7 LHG AC . -33.53 -25.28 1.47
O9 LHG AC . -33.22 -26.44 1.60
C8 LHG AC . -33.75 -24.41 2.68
C9 LHG AC . -32.73 -23.25 2.68
C10 LHG AC . -31.59 -23.46 3.67
O8 LHG AC . -32.24 -25.81 -1.55
C23 LHG AC . -31.18 -26.51 -2.26
O10 LHG AC . -31.47 -27.39 -3.05
C24 LHG AC . -29.74 -26.17 -1.97
C11 LHG AC . -32.00 -23.50 5.14
C12 LHG AC . -32.78 -22.27 5.62
C13 LHG AC . -31.98 -20.98 5.56
C14 LHG AC . -30.77 -21.06 6.47
C15 LHG AC . -30.42 -19.70 7.08
C16 LHG AC . -31.18 -19.48 8.40
C17 LHG AC . -30.65 -18.25 9.12
C18 LHG AC . -31.53 -17.90 10.31
C19 LHG AC . -30.99 -16.69 11.05
C20 LHG AC . -30.12 -17.09 12.24
C21 LHG AC . -29.53 -15.86 12.91
C22 LHG AC . -28.51 -16.22 13.96
C25 LHG AC . -29.52 -26.14 -0.45
C26 LHG AC . -28.06 -25.84 -0.11
C27 LHG AC . -27.20 -27.10 -0.19
C28 LHG AC . -27.28 -27.92 1.09
C29 LHG AC . -26.88 -29.37 0.85
C30 LHG AC . -25.40 -29.51 0.52
C31 LHG AC . -25.08 -30.94 0.06
C32 LHG AC . -23.74 -30.99 -0.66
C33 LHG AC . -23.89 -30.97 -2.19
C34 LHG AC . -24.11 -29.55 -2.74
C35 LHG AC . -25.60 -29.26 -2.98
C36 LHG AC . -26.09 -29.89 -4.27
C37 LHG AC . -27.57 -29.62 -4.48
C38 LHG AC . -28.09 -30.31 -5.72
CHA HEM BC . -7.93 -35.99 13.82
CHB HEM BC . -11.32 -38.36 11.28
CHC HEM BC . -10.24 -35.70 7.37
CHD HEM BC . -6.59 -33.62 9.81
C1A HEM BC . -8.86 -36.92 13.46
C2A HEM BC . -9.26 -38.09 14.22
C3A HEM BC . -10.20 -38.74 13.52
C4A HEM BC . -10.43 -38.01 12.28
CMA HEM BC . -10.92 -40.04 13.95
CAA HEM BC . -8.71 -38.50 15.61
CBA HEM BC . -9.06 -37.43 16.64
CGA HEM BC . -8.63 -37.90 18.00
O1A HEM BC . -7.97 -38.97 18.09
O2A HEM BC . -8.94 -37.20 19.00
C1B HEM BC . -11.38 -37.77 10.03
C2B HEM BC . -12.45 -37.95 9.06
C3B HEM BC . -12.15 -37.22 7.98
C4B HEM BC . -10.90 -36.55 8.23
CMB HEM BC . -13.68 -38.86 9.31
CAB HEM BC . -12.95 -37.06 6.67
CBB HEM BC . -14.23 -37.43 6.55
C1C HEM BC . -9.10 -34.97 7.66
C2C HEM BC . -8.28 -34.25 6.71
C3C HEM BC . -7.27 -33.68 7.38
C4C HEM BC . -7.43 -34.02 8.78
CMC HEM BC . -8.57 -34.20 5.19
CAC HEM BC . -6.11 -32.79 6.86
CBC HEM BC . -6.05 -32.32 5.61
C1D HEM BC . -6.73 -33.97 11.13
C2D HEM BC . -6.15 -33.29 12.27
C3D HEM BC . -6.52 -33.94 13.37
C4D HEM BC . -7.34 -35.07 12.98
CMD HEM BC . -5.27 -32.03 12.21
CAD HEM BC . -6.15 -33.58 14.82
CBD HEM BC . -7.40 -33.08 15.54
CGD HEM BC . -7.15 -32.96 17.01
O1D HEM BC . -6.01 -33.24 17.46
O2D HEM BC . -8.09 -32.56 17.75
NA HEM BC . -9.59 -36.91 12.28
NB HEM BC . -10.45 -36.91 9.49
NC HEM BC . -8.54 -34.81 8.92
ND HEM BC . -7.46 -35.06 11.60
FE HEM BC . -9.10 -35.83 10.61
C1 BCR CC . -37.51 -3.95 19.51
C2 BCR CC . -36.71 -3.56 20.74
C3 BCR CC . -36.53 -4.69 21.73
C4 BCR CC . -37.89 -5.28 22.10
C5 BCR CC . -38.53 -5.74 20.81
C6 BCR CC . -38.70 -4.84 19.84
C7 BCR CC . -39.93 -4.72 19.01
C8 BCR CC . -40.99 -5.55 19.04
C9 BCR CC . -42.09 -5.38 18.07
C10 BCR CC . -42.82 -6.47 17.78
C11 BCR CC . -43.81 -6.51 16.72
C33 BCR CC . -38.85 -7.20 20.72
C31 BCR CC . -36.62 -4.75 18.57
C32 BCR CC . -37.88 -2.65 18.82
C34 BCR CC . -42.32 -4.06 17.38
C12 BCR CC . -44.27 -7.68 16.30
C13 BCR CC . -45.17 -7.79 15.13
C14 BCR CC . -45.31 -9.01 14.58
C15 BCR CC . -46.08 -9.29 13.37
C16 BCR CC . -46.04 -10.52 12.86
C17 BCR CC . -46.77 -10.81 11.62
C18 BCR CC . -46.77 -12.01 11.04
C19 BCR CC . -47.58 -12.16 9.81
C20 BCR CC . -47.75 -13.32 9.16
C21 BCR CC . -48.61 -13.37 7.97
C22 BCR CC . -48.91 -14.52 7.33
C23 BCR CC . -49.87 -14.43 6.19
C24 BCR CC . -50.37 -15.51 5.57
C25 BCR CC . -51.40 -15.49 4.49
C26 BCR CC . -51.80 -14.37 3.87
C27 BCR CC . -53.24 -14.23 3.50
C28 BCR CC . -53.53 -15.37 2.56
C29 BCR CC . -53.33 -16.69 3.29
C30 BCR CC . -52.05 -16.82 4.12
C35 BCR CC . -45.81 -6.56 14.56
C36 BCR CC . -45.99 -13.13 11.67
C37 BCR CC . -48.31 -15.82 7.81
C38 BCR CC . -50.85 -13.30 3.42
C39 BCR CC . -51.03 -17.64 3.35
C40 BCR CC . -52.46 -17.58 5.37
C1A DGD DC . -0.98 -16.92 -12.74
C2A DGD DC . -0.91 -16.01 -11.54
C3A DGD DC . 0.14 -16.53 -10.57
C4A DGD DC . 0.90 -15.41 -9.87
C5A DGD DC . 0.04 -14.67 -8.84
C6A DGD DC . 0.93 -13.81 -7.95
C7A DGD DC . 0.13 -12.96 -6.98
C8A DGD DC . 1.11 -12.11 -6.14
C9A DGD DC . 0.38 -11.10 -5.26
CAA DGD DC . 0.10 -11.66 -3.88
CBA DGD DC . -0.44 -10.57 -2.95
CCA DGD DC . -0.69 -11.11 -1.55
CDA DGD DC . 0.61 -11.34 -0.80
O1A DGD DC . -1.95 -17.64 -12.92
C1B DGD DC . 3.51 -17.14 -15.92
C2B DGD DC . 4.90 -17.30 -15.37
C3B DGD DC . 5.30 -16.05 -14.59
C4B DGD DC . 4.59 -15.98 -13.25
C5B DGD DC . 5.04 -14.74 -12.48
C6B DGD DC . 4.68 -14.85 -11.01
C7B DGD DC . 5.46 -13.84 -10.18
C8B DGD DC . 4.94 -13.81 -8.75
C9B DGD DC . 5.69 -12.78 -7.92
CAB DGD DC . 5.03 -12.59 -6.55
CBB DGD DC . 5.37 -13.75 -5.61
CCB DGD DC . 4.61 -13.60 -4.30
CDB DGD DC . 4.81 -14.84 -3.41
CEB DGD DC . 3.75 -14.91 -2.32
CFB DGD DC . 2.45 -15.49 -2.84
CGB DGD DC . 1.48 -15.75 -1.70
O1B DGD DC . 3.33 -16.44 -16.89
O1G DGD DC . 0.10 -16.94 -13.71
C1G DGD DC . 0.02 -17.79 -14.86
C2G DGD DC . 1.13 -17.45 -15.85
O2G DGD DC . 2.39 -17.82 -15.28
C3G DGD DC . 0.90 -18.18 -17.17
O3G DGD DC . -0.22 -17.59 -17.82
C1D DGD DC . -0.49 -18.14 -19.12
C2D DGD DC . -1.95 -17.82 -19.44
O2D DGD DC . -2.80 -18.63 -18.62
C3D DGD DC . -2.29 -18.07 -20.89
O3D DGD DC . -3.59 -17.54 -21.19
C4D DGD DC . -1.26 -17.40 -21.78
O4D DGD DC . -1.25 -15.98 -21.55
C5D DGD DC . 0.10 -17.96 -21.43
O5D DGD DC . 0.64 -17.49 -23.74
C6D DGD DC . 1.17 -17.46 -22.42
O6D DGD DC . 0.41 -17.58 -20.09
C1E DGD DC . 1.65 -17.43 -24.76
C2E DGD DC . 0.99 -17.19 -26.11
O2E DGD DC . 0.12 -16.06 -26.04
C3E DGD DC . 0.19 -18.40 -26.58
O3E DGD DC . -0.24 -18.21 -27.93
C4E DGD DC . 1.03 -19.66 -26.46
O4E DGD DC . 2.13 -19.60 -27.38
C5E DGD DC . 1.56 -19.79 -25.05
O6E DGD DC . 2.38 -18.66 -24.76
C6E DGD DC . 2.35 -21.08 -24.88
O5E DGD DC . 2.80 -21.18 -23.53
C1 BCR EC . 22.34 -35.33 -11.33
C2 BCR EC . 23.10 -35.97 -12.48
C3 BCR EC . 24.59 -36.11 -12.18
C4 BCR EC . 25.24 -34.79 -11.78
C5 BCR EC . 24.16 -33.76 -11.59
C6 BCR EC . 23.09 -34.09 -10.88
C7 BCR EC . 22.63 -33.35 -9.68
C8 BCR EC . 23.31 -32.31 -9.19
C9 BCR EC . 22.89 -31.53 -8.00
C10 BCR EC . 21.79 -31.81 -7.28
C11 BCR EC . 21.37 -31.01 -6.13
C33 BCR EC . 24.26 -32.42 -12.25
C31 BCR EC . 22.25 -36.30 -10.16
C32 BCR EC . 20.95 -34.93 -11.78
C34 BCR EC . 23.80 -30.39 -7.62
C12 BCR EC . 20.20 -31.28 -5.54
C13 BCR EC . 19.66 -30.49 -4.42
C14 BCR EC . 18.42 -30.81 -4.01
C15 BCR EC . 17.69 -30.10 -2.96
C16 BCR EC . 16.43 -30.41 -2.68
C17 BCR EC . 15.77 -29.62 -1.64
C18 BCR EC . 14.49 -29.77 -1.28
C19 BCR EC . 14.00 -28.84 -0.24
C20 BCR EC . 12.76 -28.80 0.24
C21 BCR EC . 12.47 -27.79 1.27
C22 BCR EC . 11.27 -27.67 1.86
C23 BCR EC . 11.16 -26.60 2.90
C24 BCR EC . 10.05 -26.36 3.62
C25 BCR EC . 10.02 -25.33 4.69
C26 BCR EC . 10.98 -24.42 4.83
C27 BCR EC . 11.67 -24.29 6.15
C28 BCR EC . 10.57 -23.93 7.14
C29 BCR EC . 9.47 -24.98 7.11
C30 BCR EC . 8.90 -25.28 5.72
C35 BCR EC . 20.51 -29.37 -3.85
C36 BCR EC . 13.64 -30.82 -1.95
C37 BCR EC . 10.15 -28.59 1.45
C38 BCR EC . 11.31 -23.45 3.72
C39 BCR EC . 7.91 -24.20 5.31
C40 BCR EC . 8.19 -26.62 5.84
O1 LHG FC . -7.22 17.08 23.79
C1 LHG FC . -6.82 17.96 24.84
C2 LHG FC . -6.18 17.16 25.97
O2 LHG FC . -5.49 18.04 26.87
C3 LHG FC . -5.20 16.16 25.37
O3 LHG FC . -5.86 15.48 24.32
P LHG FC . -5.06 14.79 23.10
O4 LHG FC . -3.85 15.63 22.77
O5 LHG FC . -4.91 13.32 23.41
O6 LHG FC . -6.14 14.95 21.92
C4 LHG FC . -5.86 14.54 20.58
C5 LHG FC . -6.87 15.21 19.65
C6 LHG FC . -6.46 16.65 19.33
O7 LHG FC . -6.97 14.49 18.44
C7 LHG FC . -8.06 13.53 18.46
O9 LHG FC . -8.40 13.01 19.50
C8 LHG FC . -8.76 13.18 17.16
C9 LHG FC . -7.79 13.37 16.00
C10 LHG FC . -7.71 14.83 15.57
O8 LHG FC . -6.95 16.95 18.03
C23 LHG FC . -7.20 18.32 17.63
O10 LHG FC . -6.90 19.24 18.36
C24 LHG FC . -7.86 18.58 16.29
C11 LHG FC . -6.31 15.20 15.12
C12 LHG FC . -5.88 14.45 13.86
C13 LHG FC . -6.56 15.01 12.62
C14 LHG FC . -6.05 14.32 11.34
C15 LHG FC . -4.71 14.90 10.90
C16 LHG FC . -4.88 16.14 10.05
C17 LHG FC . -5.15 15.80 8.58
C18 LHG FC . -4.46 16.78 7.65
C19 LHG FC . -2.95 16.57 7.65
C20 LHG FC . -2.39 16.37 6.26
C21 LHG FC . -2.78 15.00 5.70
C22 LHG FC . -2.27 14.83 4.28
C25 LHG FC . -8.98 19.60 16.45
C26 LHG FC . -9.93 19.57 15.26
C27 LHG FC . -10.97 20.67 15.36
C28 LHG FC . -11.86 20.69 14.12
C29 LHG FC . -12.88 21.82 14.19
C30 LHG FC . -14.00 21.49 15.17
C31 LHG FC . -15.15 22.49 15.10
C32 LHG FC . -15.88 22.39 13.76
C33 LHG FC . -17.31 22.91 13.87
C34 LHG FC . -17.33 24.39 14.26
C35 LHG FC . -18.74 24.96 14.09
C36 LHG FC . -18.83 26.38 14.65
C37 LHG FC . -20.16 27.04 14.30
C38 LHG FC . -21.32 26.31 14.96
#